data_6PSM
#
_entry.id   6PSM
#
_cell.length_a   93.050
_cell.length_b   93.050
_cell.length_c   300.210
_cell.angle_alpha   90.000
_cell.angle_beta   90.000
_cell.angle_gamma   120.000
#
_symmetry.space_group_name_H-M   'P 31'
#
loop_
_entity.id
_entity.type
_entity.pdbx_description
1 polymer 'exo-4S-kappa carrageenan S1 sulfatase'
2 non-polymer 'CALCIUM ION'
3 non-polymer 4-O-sulfo-beta-D-galactopyranose
4 non-polymer 3,6-anhydro-D-galactose
5 non-polymer 'CHLORIDE ION'
6 non-polymer 'ZINC ION'
7 non-polymer 1,2-ETHANEDIOL
8 water water
#
_entity_poly.entity_id   1
_entity_poly.type   'polypeptide(L)'
_entity_poly.pdbx_seq_one_letter_code
;MGSSHHHHHHSSGLVPRGSHMASKPNIVLIFADDAGFGDFGFQGSTQLKTPNLDKLAQSGVRFTQGYVSDSTSGPSRAGL
MTGKYQQRFGYEEINVPGFMSGNSALKGADMGLPLDQKTMGDYLKEQGYKTAVFGKWHLGDADRFHPLKRGFDTFLGFRG
GDRSYFNYSEQEMKNGNKHFFDKKLERDFGNYEEPKEYLTDVLGKEAAKYIEQNKDEPFFIYLAFNAVHTPLESDPKDLA
KFPNLTGKRKELAAMTLGLDRASGYVLDKLKELGLDDNTIVVFSNDNGGPSDKNASNNAPLAGTKSNQLEGGIRVPFLIS
WPKHIKPGSTYDYPVSTLDLLPTFYSAAKGKALGSDIDGVDLLPYIQGENTARPHKVMYWKKENRAVIRDNDWKLIRYPD
RPAELYDLSSDISEQTDLAAKNPERVKTMFKSLFEWELTLERPRWLLKRKYEKYDIDRMDKYRLPATQP
;
_entity_poly.pdbx_strand_id   A,B,C,D,E,F
#
loop_
_chem_comp.id
_chem_comp.type
_chem_comp.name
_chem_comp.formula
9RN non-polymer 3,6-anhydro-D-galactose 'C6 H10 O5'
CA non-polymer 'CALCIUM ION' 'Ca 2'
CL non-polymer 'CHLORIDE ION' 'Cl -1'
EDO non-polymer 1,2-ETHANEDIOL 'C2 H6 O2'
G4S D-saccharide, beta linking 4-O-sulfo-beta-D-galactopyranose 'C6 H12 O9 S'
ZN non-polymer 'ZINC ION' 'Zn 2'
#
# COMPACT_ATOMS: atom_id res chain seq x y z
N SER A 23 -15.11 59.99 -4.63
CA SER A 23 -14.61 59.29 -5.85
C SER A 23 -13.35 58.48 -5.45
N LYS A 24 -13.21 57.24 -5.95
CA LYS A 24 -12.08 56.34 -5.59
C LYS A 24 -10.79 57.00 -6.06
N PRO A 25 -9.77 57.19 -5.20
CA PRO A 25 -8.51 57.80 -5.62
C PRO A 25 -7.62 56.89 -6.46
N ASN A 26 -6.81 57.47 -7.34
CA ASN A 26 -5.69 56.73 -7.97
C ASN A 26 -4.66 56.47 -6.87
N ILE A 27 -3.85 55.44 -7.05
CA ILE A 27 -2.80 55.05 -6.06
C ILE A 27 -1.53 54.81 -6.84
N VAL A 28 -0.45 55.50 -6.47
CA VAL A 28 0.89 55.29 -7.07
C VAL A 28 1.86 55.01 -5.94
N LEU A 29 2.38 53.79 -5.88
CA LEU A 29 3.39 53.36 -4.88
C LEU A 29 4.75 53.33 -5.56
N ILE A 30 5.61 54.28 -5.22
CA ILE A 30 7.02 54.37 -5.74
C ILE A 30 7.91 53.76 -4.68
N PHE A 31 8.63 52.71 -5.05
CA PHE A 31 9.40 51.87 -4.11
C PHE A 31 10.82 51.75 -4.66
N ALA A 32 11.78 52.43 -4.02
CA ALA A 32 13.21 52.35 -4.39
C ALA A 32 13.81 51.08 -3.82
N ASP A 33 15.04 50.77 -4.22
CA ASP A 33 15.81 49.57 -3.83
C ASP A 33 17.14 50.04 -3.21
N ASP A 34 17.45 49.62 -1.98
CA ASP A 34 18.81 49.73 -1.37
C ASP A 34 19.22 51.20 -1.17
N ALA A 35 18.28 52.13 -1.03
CA ALA A 35 18.60 53.56 -0.79
C ALA A 35 19.04 53.75 0.66
N GLY A 36 19.99 54.64 0.88
CA GLY A 36 20.41 55.07 2.22
C GLY A 36 19.33 55.91 2.89
N PHE A 37 19.12 55.71 4.18
CA PHE A 37 18.14 56.51 4.97
C PHE A 37 18.41 58.01 4.80
N GLY A 38 19.69 58.43 4.74
CA GLY A 38 20.06 59.84 4.69
C GLY A 38 20.27 60.37 3.29
N ASP A 39 19.98 59.60 2.24
CA ASP A 39 20.47 59.89 0.86
C ASP A 39 19.34 60.51 0.02
N PHE A 40 18.56 61.40 0.64
CA PHE A 40 17.52 62.22 -0.02
C PHE A 40 17.59 63.62 0.61
N GLY A 41 17.28 64.66 -0.16
CA GLY A 41 17.15 66.04 0.35
C GLY A 41 16.24 66.10 1.57
N PHE A 42 15.07 65.48 1.50
CA PHE A 42 14.03 65.54 2.57
C PHE A 42 14.47 64.73 3.80
N GLN A 43 15.52 63.90 3.67
CA GLN A 43 16.09 63.10 4.78
C GLN A 43 17.37 63.76 5.33
N GLY A 44 17.78 64.91 4.78
CA GLY A 44 18.91 65.70 5.29
C GLY A 44 20.19 65.61 4.47
N SER A 45 20.17 65.04 3.27
CA SER A 45 21.37 65.05 2.38
C SER A 45 21.57 66.45 1.82
N THR A 46 22.79 66.97 1.86
CA THR A 46 23.22 68.18 1.09
C THR A 46 24.00 67.73 -0.15
N GLN A 47 24.63 66.54 -0.08
CA GLN A 47 25.53 66.02 -1.13
C GLN A 47 24.70 65.49 -2.32
N LEU A 48 23.60 64.77 -2.07
CA LEU A 48 22.77 64.16 -3.13
C LEU A 48 21.61 65.11 -3.45
N LYS A 49 21.09 65.01 -4.68
CA LYS A 49 20.02 65.90 -5.19
C LYS A 49 18.80 65.03 -5.52
N THR A 50 17.67 65.30 -4.86
CA THR A 50 16.36 64.68 -5.13
C THR A 50 15.27 65.75 -5.12
N PRO A 51 15.32 66.72 -6.07
CA PRO A 51 14.35 67.85 -6.06
C PRO A 51 12.88 67.41 -6.22
N ASN A 52 12.60 66.42 -7.08
CA ASN A 52 11.20 65.97 -7.32
C ASN A 52 10.65 65.29 -6.07
N LEU A 53 11.44 64.44 -5.41
CA LEU A 53 10.98 63.72 -4.20
C LEU A 53 10.93 64.68 -3.00
N ASP A 54 11.78 65.71 -2.97
CA ASP A 54 11.72 66.77 -1.91
C ASP A 54 10.38 67.50 -2.03
N LYS A 55 9.93 67.80 -3.25
CA LYS A 55 8.63 68.47 -3.51
C LYS A 55 7.50 67.52 -3.09
N LEU A 56 7.61 66.24 -3.41
CA LEU A 56 6.62 65.24 -2.95
C LEU A 56 6.52 65.27 -1.42
N ALA A 57 7.65 65.23 -0.72
CA ALA A 57 7.67 65.27 0.77
C ALA A 57 6.92 66.52 1.26
N GLN A 58 7.19 67.68 0.66
CA GLN A 58 6.58 68.99 1.05
C GLN A 58 5.06 68.97 0.77
N SER A 59 4.61 68.22 -0.24
CA SER A 59 3.18 68.14 -0.67
C SER A 59 2.33 67.30 0.30
N GLY A 60 2.95 66.53 1.21
CA GLY A 60 2.21 65.58 2.05
C GLY A 60 2.84 65.38 3.40
N VAL A 61 2.78 64.13 3.90
CA VAL A 61 3.31 63.80 5.24
C VAL A 61 4.59 62.97 5.06
N ARG A 62 5.63 63.32 5.82
CA ARG A 62 6.91 62.58 5.93
C ARG A 62 6.88 61.83 7.27
N PHE A 63 7.11 60.52 7.22
CA PHE A 63 7.18 59.66 8.41
C PHE A 63 8.64 59.60 8.85
N THR A 64 8.91 59.95 10.12
CA THR A 64 10.28 59.97 10.68
C THR A 64 10.64 58.56 11.19
N GLN A 65 9.64 57.69 11.37
CA GLN A 65 9.77 56.30 11.87
C GLN A 65 8.96 55.35 10.98
N GLY A 66 9.25 55.35 9.68
CA GLY A 66 8.68 54.40 8.70
C GLY A 66 9.54 53.16 8.61
N TYR A 67 8.93 51.97 8.67
CA TYR A 67 9.66 50.67 8.68
C TYR A 67 9.20 49.77 7.53
N VAL A 68 10.15 49.01 7.00
CA VAL A 68 9.87 47.80 6.19
C VAL A 68 9.69 46.62 7.16
N SER A 69 9.19 45.49 6.64
CA SER A 69 8.92 44.27 7.43
C SER A 69 10.14 43.35 7.44
N ASP A 70 11.20 43.70 6.72
CA ASP A 70 12.50 42.98 6.73
C ASP A 70 13.62 43.87 6.19
N SER A 71 14.87 43.55 6.52
CA SER A 71 16.08 44.32 6.13
C SER A 71 16.63 43.84 4.77
N THR A 72 15.89 43.01 4.04
CA THR A 72 16.21 42.55 2.65
C THR A 72 14.97 42.57 1.76
N SER A 73 15.21 42.59 0.45
CA SER A 73 14.26 42.91 -0.64
C SER A 73 13.05 41.96 -0.66
N GLY A 74 13.30 40.67 -0.81
CA GLY A 74 12.22 39.70 -1.09
C GLY A 74 11.21 39.68 0.04
N PRO A 75 11.63 39.39 1.29
CA PRO A 75 10.70 39.35 2.43
C PRO A 75 10.01 40.71 2.66
N SER A 76 10.73 41.80 2.46
CA SER A 76 10.17 43.17 2.57
C SER A 76 9.02 43.33 1.58
N ARG A 77 9.23 42.94 0.33
CA ARG A 77 8.20 43.06 -0.74
C ARG A 77 7.05 42.09 -0.46
N ALA A 78 7.31 40.92 0.11
CA ALA A 78 6.25 39.94 0.44
C ALA A 78 5.32 40.54 1.51
N GLY A 79 5.88 41.20 2.52
CA GLY A 79 5.12 41.94 3.54
C GLY A 79 4.30 43.06 2.92
N LEU A 80 4.96 43.91 2.13
CA LEU A 80 4.31 45.06 1.44
C LEU A 80 3.10 44.57 0.63
N MET A 81 3.31 43.52 -0.17
N MET A 81 3.31 43.52 -0.17
CA MET A 81 2.28 43.06 -1.14
CA MET A 81 2.30 43.05 -1.14
C MET A 81 1.10 42.40 -0.43
C MET A 81 1.10 42.40 -0.43
N THR A 82 1.25 41.92 0.80
CA THR A 82 0.19 41.14 1.50
C THR A 82 -0.42 41.85 2.71
N GLY A 83 0.23 42.90 3.24
CA GLY A 83 -0.18 43.55 4.50
C GLY A 83 0.02 42.64 5.70
N LYS A 84 0.86 41.61 5.56
CA LYS A 84 1.06 40.55 6.59
C LYS A 84 2.55 40.41 6.91
N TYR A 85 2.86 40.06 8.15
CA TYR A 85 4.20 39.53 8.52
C TYR A 85 4.46 38.32 7.62
N GLN A 86 5.42 38.47 6.72
CA GLN A 86 5.73 37.49 5.65
C GLN A 86 6.19 36.16 6.25
N GLN A 87 6.71 36.17 7.48
CA GLN A 87 7.16 34.94 8.16
C GLN A 87 5.96 34.04 8.49
N ARG A 88 4.75 34.62 8.53
CA ARG A 88 3.52 33.84 8.82
C ARG A 88 3.26 32.84 7.68
N PHE A 89 3.73 33.09 6.47
CA PHE A 89 3.59 32.15 5.33
C PHE A 89 4.99 31.69 4.86
N GLY A 90 5.98 31.75 5.75
CA GLY A 90 7.27 31.06 5.56
C GLY A 90 8.23 31.82 4.69
N TYR A 91 7.97 33.09 4.39
CA TYR A 91 8.83 33.90 3.50
C TYR A 91 9.82 34.68 4.38
N GLU A 92 10.75 33.97 5.00
CA GLU A 92 11.56 34.53 6.11
C GLU A 92 12.93 34.98 5.61
N GLU A 93 13.62 34.11 4.87
CA GLU A 93 14.96 34.42 4.28
C GLU A 93 14.76 34.90 2.85
N ILE A 94 15.67 35.70 2.35
CA ILE A 94 15.58 36.27 0.98
C ILE A 94 15.74 35.16 -0.06
N ASN A 95 14.91 35.25 -1.10
CA ASN A 95 14.96 34.44 -2.34
C ASN A 95 16.02 35.03 -3.28
N VAL A 96 17.24 34.48 -3.30
CA VAL A 96 18.26 34.86 -4.33
C VAL A 96 18.75 33.58 -4.99
N PRO A 97 18.25 33.25 -6.20
CA PRO A 97 18.72 32.08 -6.92
C PRO A 97 20.26 32.09 -6.99
N GLY A 98 20.91 30.98 -6.63
CA GLY A 98 22.37 30.84 -6.59
C GLY A 98 22.96 31.11 -5.21
N PHE A 99 22.19 31.69 -4.29
CA PHE A 99 22.67 31.95 -2.89
C PHE A 99 22.08 30.92 -1.92
N MET A 100 21.27 29.98 -2.42
CA MET A 100 20.43 29.12 -1.54
C MET A 100 21.19 27.85 -1.14
N SER A 101 21.01 27.40 0.10
CA SER A 101 21.53 26.12 0.64
C SER A 101 21.20 24.97 -0.31
N GLY A 102 22.16 24.06 -0.51
CA GLY A 102 21.92 22.76 -1.18
C GLY A 102 20.77 21.99 -0.51
N ASN A 103 20.45 22.30 0.74
CA ASN A 103 19.42 21.61 1.54
C ASN A 103 18.09 22.39 1.50
N SER A 104 18.03 23.54 0.83
CA SER A 104 16.83 24.41 0.79
C SER A 104 15.65 23.65 0.17
N ALA A 105 14.46 23.76 0.76
CA ALA A 105 13.24 23.09 0.29
C ALA A 105 12.91 23.54 -1.13
N LEU A 106 13.01 24.84 -1.38
CA LEU A 106 12.74 25.43 -2.72
C LEU A 106 14.00 26.19 -3.15
N LYS A 107 14.32 26.11 -4.43
CA LYS A 107 15.48 26.76 -5.08
C LYS A 107 14.99 27.42 -6.38
N GLY A 108 15.84 28.25 -6.96
CA GLY A 108 15.66 28.84 -8.30
C GLY A 108 14.28 29.46 -8.46
N ALA A 109 13.58 29.03 -9.50
CA ALA A 109 12.32 29.61 -9.97
C ALA A 109 11.18 29.25 -9.00
N ASP A 110 11.35 28.26 -8.13
CA ASP A 110 10.27 27.74 -7.24
C ASP A 110 10.12 28.62 -5.99
N MET A 111 11.09 29.47 -5.68
CA MET A 111 10.98 30.42 -4.55
C MET A 111 10.08 31.57 -5.02
N GLY A 112 9.01 31.84 -4.29
CA GLY A 112 8.04 32.88 -4.68
C GLY A 112 6.97 33.06 -3.62
N LEU A 113 6.27 34.18 -3.68
CA LEU A 113 5.16 34.51 -2.76
C LEU A 113 4.14 33.38 -2.85
N PRO A 114 3.85 32.66 -1.75
CA PRO A 114 2.89 31.56 -1.80
C PRO A 114 1.58 31.97 -2.48
N LEU A 115 1.06 31.06 -3.31
CA LEU A 115 -0.08 31.34 -4.23
C LEU A 115 -1.37 31.56 -3.43
N ASP A 116 -1.45 31.07 -2.20
CA ASP A 116 -2.65 31.22 -1.34
C ASP A 116 -2.70 32.63 -0.74
N GLN A 117 -1.69 33.49 -0.97
CA GLN A 117 -1.70 34.87 -0.42
C GLN A 117 -2.39 35.82 -1.41
N LYS A 118 -3.17 36.74 -0.87
CA LYS A 118 -3.89 37.79 -1.63
C LYS A 118 -3.04 39.05 -1.63
N THR A 119 -2.82 39.63 -2.81
CA THR A 119 -1.92 40.79 -2.97
C THR A 119 -2.73 42.10 -2.95
N MET A 120 -1.99 43.20 -2.77
CA MET A 120 -2.47 44.59 -2.98
C MET A 120 -3.19 44.69 -4.33
N GLY A 121 -2.59 44.14 -5.39
CA GLY A 121 -3.19 44.06 -6.74
C GLY A 121 -4.56 43.40 -6.72
N ASP A 122 -4.67 42.21 -6.12
CA ASP A 122 -5.94 41.45 -6.04
C ASP A 122 -7.02 42.31 -5.36
N TYR A 123 -6.70 42.93 -4.22
CA TYR A 123 -7.67 43.72 -3.41
C TYR A 123 -8.16 44.94 -4.20
N LEU A 124 -7.28 45.63 -4.93
CA LEU A 124 -7.64 46.84 -5.70
C LEU A 124 -8.38 46.44 -6.99
N LYS A 125 -8.04 45.29 -7.60
CA LYS A 125 -8.83 44.74 -8.75
C LYS A 125 -10.28 44.51 -8.29
N GLU A 126 -10.51 43.98 -7.09
CA GLU A 126 -11.87 43.76 -6.51
C GLU A 126 -12.62 45.10 -6.40
N GLN A 127 -11.92 46.21 -6.22
CA GLN A 127 -12.53 47.55 -6.07
C GLN A 127 -12.63 48.25 -7.42
N GLY A 128 -12.34 47.54 -8.52
CA GLY A 128 -12.55 48.00 -9.91
C GLY A 128 -11.40 48.83 -10.44
N TYR A 129 -10.20 48.69 -9.86
CA TYR A 129 -8.99 49.42 -10.31
C TYR A 129 -8.35 48.67 -11.47
N LYS A 130 -7.80 49.40 -12.43
CA LYS A 130 -6.73 48.95 -13.33
C LYS A 130 -5.43 48.90 -12.51
N THR A 131 -4.67 47.82 -12.63
CA THR A 131 -3.46 47.57 -11.79
C THR A 131 -2.26 47.32 -12.70
N ALA A 132 -1.12 47.92 -12.37
CA ALA A 132 0.13 47.76 -13.13
C ALA A 132 1.32 47.72 -12.18
N VAL A 133 2.32 46.93 -12.54
CA VAL A 133 3.66 46.97 -11.87
C VAL A 133 4.72 47.23 -12.92
N PHE A 134 5.64 48.13 -12.60
CA PHE A 134 6.81 48.49 -13.41
C PHE A 134 8.05 48.25 -12.58
N GLY A 135 9.00 47.51 -13.15
CA GLY A 135 10.34 47.37 -12.56
C GLY A 135 10.50 46.05 -11.86
N LYS A 136 11.13 46.07 -10.69
CA LYS A 136 11.59 44.87 -9.97
C LYS A 136 10.39 44.17 -9.33
N TRP A 137 10.24 42.88 -9.57
CA TRP A 137 9.15 42.05 -8.98
C TRP A 137 9.71 41.35 -7.74
N HIS A 138 10.60 40.36 -7.94
CA HIS A 138 11.34 39.65 -6.89
C HIS A 138 10.38 38.87 -5.97
N LEU A 139 9.21 38.48 -6.46
CA LEU A 139 8.26 37.66 -5.67
C LEU A 139 8.01 36.32 -6.37
N GLY A 140 8.98 35.88 -7.16
CA GLY A 140 9.06 34.51 -7.73
C GLY A 140 9.30 34.57 -9.22
N ASP A 141 10.15 33.69 -9.73
CA ASP A 141 10.59 33.67 -11.14
C ASP A 141 9.74 32.71 -12.01
N ALA A 142 9.17 31.66 -11.45
CA ALA A 142 8.32 30.72 -12.21
C ALA A 142 7.08 31.46 -12.72
N ASP A 143 6.51 30.99 -13.83
CA ASP A 143 5.32 31.56 -14.49
C ASP A 143 4.16 31.75 -13.49
N ARG A 144 3.95 30.80 -12.56
CA ARG A 144 2.80 30.84 -11.63
C ARG A 144 2.94 32.02 -10.63
N PHE A 145 4.15 32.61 -10.47
CA PHE A 145 4.41 33.73 -9.54
C PHE A 145 4.34 35.07 -10.27
N HIS A 146 4.08 35.04 -11.58
CA HIS A 146 4.13 36.24 -12.46
C HIS A 146 3.12 37.27 -11.98
N PRO A 147 3.44 38.57 -12.03
CA PRO A 147 2.49 39.62 -11.62
C PRO A 147 1.10 39.52 -12.24
N LEU A 148 0.98 39.06 -13.49
CA LEU A 148 -0.32 38.94 -14.19
C LEU A 148 -1.14 37.77 -13.63
N LYS A 149 -0.57 36.91 -12.80
CA LYS A 149 -1.34 35.89 -12.03
C LYS A 149 -1.65 36.41 -10.61
N ARG A 150 -1.09 37.56 -10.21
CA ARG A 150 -1.13 38.01 -8.80
C ARG A 150 -1.86 39.35 -8.68
N GLY A 151 -2.81 39.63 -9.59
CA GLY A 151 -3.72 40.77 -9.48
C GLY A 151 -3.26 42.02 -10.25
N PHE A 152 -2.25 41.91 -11.11
CA PHE A 152 -1.77 43.01 -11.98
C PHE A 152 -2.23 42.75 -13.41
N ASP A 153 -2.83 43.76 -14.05
CA ASP A 153 -3.25 43.71 -15.47
C ASP A 153 -2.03 43.89 -16.37
N THR A 154 -1.08 44.73 -15.97
CA THR A 154 0.03 45.19 -16.84
C THR A 154 1.34 45.07 -16.08
N PHE A 155 2.41 44.73 -16.80
CA PHE A 155 3.78 44.58 -16.29
C PHE A 155 4.76 45.11 -17.34
N LEU A 156 5.70 45.95 -16.94
CA LEU A 156 6.99 46.08 -17.67
C LEU A 156 8.09 46.08 -16.61
N GLY A 157 8.87 45.02 -16.55
CA GLY A 157 9.91 44.90 -15.53
C GLY A 157 10.62 43.58 -15.62
N PHE A 158 11.20 43.14 -14.51
CA PHE A 158 11.97 41.88 -14.48
C PHE A 158 11.53 41.11 -13.24
N ARG A 159 11.46 39.78 -13.40
CA ARG A 159 10.95 38.87 -12.36
C ARG A 159 11.90 38.86 -11.16
N GLY A 160 13.20 39.01 -11.39
CA GLY A 160 14.25 38.72 -10.40
C GLY A 160 14.56 39.89 -9.48
N GLY A 161 15.79 39.93 -8.98
CA GLY A 161 16.19 40.77 -7.83
C GLY A 161 17.18 41.88 -8.21
N ASP A 162 17.88 41.73 -9.34
CA ASP A 162 18.83 42.78 -9.79
C ASP A 162 19.11 42.57 -11.28
N ARG A 163 19.47 43.64 -11.97
CA ARG A 163 19.84 43.59 -13.40
C ARG A 163 20.54 44.90 -13.80
N SER A 164 21.16 44.88 -14.96
CA SER A 164 21.82 46.03 -15.61
C SER A 164 20.82 47.15 -15.87
N TYR A 165 21.26 48.39 -15.72
CA TYR A 165 20.49 49.62 -16.07
C TYR A 165 20.51 49.84 -17.59
N PHE A 166 21.30 49.05 -18.34
CA PHE A 166 21.33 49.10 -19.82
C PHE A 166 20.96 47.74 -20.41
N ASN A 167 20.69 47.72 -21.71
CA ASN A 167 20.30 46.50 -22.45
C ASN A 167 21.41 45.45 -22.36
N TYR A 168 21.02 44.20 -22.16
CA TYR A 168 21.85 42.99 -22.36
C TYR A 168 21.86 42.70 -23.86
N SER A 169 22.99 42.30 -24.42
CA SER A 169 23.11 41.79 -25.82
C SER A 169 22.42 40.44 -25.93
N GLU A 170 22.12 39.98 -27.15
CA GLU A 170 21.61 38.63 -27.45
C GLU A 170 22.57 37.59 -26.85
N GLN A 171 23.88 37.78 -26.99
CA GLN A 171 24.91 36.81 -26.49
C GLN A 171 24.87 36.73 -24.96
N GLU A 172 24.73 37.85 -24.27
CA GLU A 172 24.66 37.87 -22.77
C GLU A 172 23.40 37.13 -22.32
N MET A 173 22.27 37.31 -23.00
CA MET A 173 20.99 36.68 -22.59
C MET A 173 20.99 35.17 -22.90
N LYS A 174 21.52 34.78 -24.07
CA LYS A 174 21.66 33.37 -24.49
C LYS A 174 22.63 32.63 -23.56
N ASN A 175 23.66 33.29 -23.03
CA ASN A 175 24.80 32.60 -22.38
C ASN A 175 24.77 32.75 -20.86
N GLY A 176 23.70 33.35 -20.33
CA GLY A 176 23.52 33.50 -18.88
C GLY A 176 23.40 32.13 -18.21
N ASN A 177 23.74 32.05 -16.93
CA ASN A 177 23.54 30.84 -16.09
C ASN A 177 22.03 30.56 -16.04
N LYS A 178 21.64 29.47 -15.39
CA LYS A 178 20.23 28.95 -15.44
C LYS A 178 19.27 29.92 -14.69
N HIS A 179 19.79 30.84 -13.87
CA HIS A 179 18.97 31.83 -13.10
C HIS A 179 18.84 33.17 -13.83
N PHE A 180 19.68 33.40 -14.85
CA PHE A 180 19.85 34.71 -15.52
C PHE A 180 18.55 35.21 -16.16
N PHE A 181 17.68 34.31 -16.63
CA PHE A 181 16.45 34.67 -17.38
C PHE A 181 15.57 35.64 -16.55
N ASP A 182 15.68 35.61 -15.21
CA ASP A 182 14.83 36.47 -14.32
C ASP A 182 15.29 37.94 -14.40
N LYS A 183 16.40 38.23 -15.08
CA LYS A 183 16.95 39.60 -15.22
C LYS A 183 16.40 40.25 -16.50
N LYS A 184 15.76 39.49 -17.38
CA LYS A 184 15.35 39.98 -18.72
C LYS A 184 14.14 40.89 -18.57
N LEU A 185 14.18 42.06 -19.21
CA LEU A 185 13.03 43.02 -19.17
C LEU A 185 11.91 42.43 -20.02
N GLU A 186 10.69 42.48 -19.48
CA GLU A 186 9.53 41.68 -19.91
C GLU A 186 8.30 42.57 -19.95
N ARG A 187 7.53 42.52 -21.03
CA ARG A 187 6.22 43.21 -21.15
C ARG A 187 5.12 42.18 -20.94
N ASP A 188 4.22 42.44 -20.00
CA ASP A 188 3.11 41.52 -19.67
C ASP A 188 3.70 40.11 -19.52
N PHE A 189 3.11 39.09 -20.16
CA PHE A 189 3.41 37.67 -19.88
C PHE A 189 4.34 37.13 -20.97
N GLY A 190 5.65 37.24 -20.74
CA GLY A 190 6.70 36.58 -21.54
C GLY A 190 7.06 37.29 -22.83
N ASN A 191 6.71 38.57 -23.01
CA ASN A 191 7.13 39.36 -24.20
C ASN A 191 8.43 40.10 -23.86
N TYR A 192 9.57 39.50 -24.17
CA TYR A 192 10.89 39.98 -23.71
C TYR A 192 11.37 41.08 -24.66
N GLU A 193 11.85 42.18 -24.10
CA GLU A 193 12.28 43.40 -24.84
C GLU A 193 13.22 44.21 -23.94
N GLU A 194 14.49 44.29 -24.28
CA GLU A 194 15.51 44.98 -23.47
C GLU A 194 15.25 46.49 -23.50
N PRO A 195 15.67 47.24 -22.46
CA PRO A 195 15.43 48.68 -22.43
C PRO A 195 16.22 49.39 -23.53
N LYS A 196 15.60 50.36 -24.19
CA LYS A 196 16.20 51.14 -25.32
C LYS A 196 16.97 52.34 -24.77
N GLU A 197 16.89 52.59 -23.47
CA GLU A 197 17.44 53.77 -22.75
C GLU A 197 17.79 53.30 -21.33
N TYR A 198 18.48 54.13 -20.56
CA TYR A 198 18.75 53.94 -19.12
C TYR A 198 17.47 53.43 -18.44
N LEU A 199 17.58 52.28 -17.75
CA LEU A 199 16.38 51.54 -17.28
C LEU A 199 15.52 52.43 -16.35
N THR A 200 16.13 53.21 -15.46
CA THR A 200 15.37 54.07 -14.51
C THR A 200 14.44 55.01 -15.30
N ASP A 201 14.94 55.62 -16.37
CA ASP A 201 14.12 56.50 -17.26
C ASP A 201 13.04 55.67 -17.94
N VAL A 202 13.35 54.46 -18.40
CA VAL A 202 12.34 53.60 -19.09
C VAL A 202 11.16 53.36 -18.13
N LEU A 203 11.44 52.99 -16.89
CA LEU A 203 10.37 52.59 -15.92
C LEU A 203 9.48 53.81 -15.60
N GLY A 204 10.08 54.97 -15.35
CA GLY A 204 9.35 56.23 -15.07
C GLY A 204 8.47 56.65 -16.23
N LYS A 205 9.00 56.61 -17.46
CA LYS A 205 8.24 56.98 -18.69
C LYS A 205 7.11 55.97 -18.93
N GLU A 206 7.33 54.69 -18.68
CA GLU A 206 6.27 53.67 -18.89
C GLU A 206 5.13 53.88 -17.88
N ALA A 207 5.46 54.17 -16.62
CA ALA A 207 4.46 54.50 -15.58
C ALA A 207 3.65 55.73 -16.02
N ALA A 208 4.32 56.77 -16.52
CA ALA A 208 3.69 58.03 -17.02
C ALA A 208 2.75 57.73 -18.21
N LYS A 209 3.17 56.89 -19.15
CA LYS A 209 2.33 56.45 -20.31
C LYS A 209 1.08 55.73 -19.79
N TYR A 210 1.23 54.88 -18.78
CA TYR A 210 0.10 54.10 -18.20
C TYR A 210 -0.93 55.08 -17.61
N ILE A 211 -0.46 56.11 -16.91
CA ILE A 211 -1.36 57.15 -16.31
C ILE A 211 -2.15 57.80 -17.46
N GLU A 212 -1.44 58.25 -18.51
CA GLU A 212 -2.03 58.87 -19.72
C GLU A 212 -3.12 57.97 -20.28
N GLN A 213 -2.83 56.69 -20.51
CA GLN A 213 -3.75 55.70 -21.14
C GLN A 213 -4.97 55.44 -20.24
N ASN A 214 -4.85 55.59 -18.92
CA ASN A 214 -5.90 55.13 -17.95
C ASN A 214 -6.41 56.31 -17.12
N LYS A 215 -6.26 57.53 -17.64
CA LYS A 215 -6.53 58.79 -16.87
C LYS A 215 -8.02 58.92 -16.49
N ASP A 216 -8.94 58.22 -17.15
CA ASP A 216 -10.41 58.38 -16.96
C ASP A 216 -10.98 57.35 -15.99
N GLU A 217 -10.16 56.47 -15.41
CA GLU A 217 -10.63 55.39 -14.49
C GLU A 217 -9.64 55.27 -13.33
N PRO A 218 -10.08 54.72 -12.18
CA PRO A 218 -9.18 54.47 -11.05
C PRO A 218 -8.06 53.49 -11.45
N PHE A 219 -6.82 53.82 -11.12
CA PHE A 219 -5.66 52.95 -11.39
C PHE A 219 -4.77 52.90 -10.16
N PHE A 220 -4.07 51.78 -10.07
CA PHE A 220 -3.02 51.47 -9.08
C PHE A 220 -1.75 51.16 -9.85
N ILE A 221 -0.69 51.90 -9.59
CA ILE A 221 0.67 51.67 -10.14
C ILE A 221 1.62 51.36 -9.00
N TYR A 222 2.29 50.21 -9.11
CA TYR A 222 3.42 49.80 -8.26
C TYR A 222 4.68 50.04 -9.09
N LEU A 223 5.39 51.12 -8.81
CA LEU A 223 6.61 51.50 -9.54
C LEU A 223 7.81 51.09 -8.69
N ALA A 224 8.34 49.91 -8.97
CA ALA A 224 9.43 49.29 -8.20
C ALA A 224 10.74 49.49 -8.94
N PHE A 225 11.40 50.62 -8.72
CA PHE A 225 12.70 50.91 -9.39
C PHE A 225 13.74 49.90 -8.94
N ASN A 226 14.68 49.54 -9.81
CA ASN A 226 15.88 48.82 -9.33
C ASN A 226 16.88 49.82 -8.75
N ALA A 227 16.82 51.10 -9.14
CA ALA A 227 17.64 52.17 -8.51
C ALA A 227 17.36 52.15 -7.01
N VAL A 228 18.38 52.20 -6.15
CA VAL A 228 19.79 52.42 -6.45
C VAL A 228 20.61 51.17 -6.11
N HIS A 229 20.09 49.99 -6.47
CA HIS A 229 20.77 48.68 -6.34
C HIS A 229 21.96 48.62 -7.32
N THR A 230 23.00 47.88 -6.96
CA THR A 230 24.07 47.42 -7.88
C THR A 230 23.41 46.72 -9.06
N PRO A 231 24.04 46.69 -10.26
CA PRO A 231 25.34 47.32 -10.50
C PRO A 231 25.29 48.85 -10.60
N LEU A 232 26.41 49.51 -10.26
CA LEU A 232 26.57 50.98 -10.20
C LEU A 232 26.75 51.51 -11.62
N GLU A 233 25.64 51.65 -12.34
CA GLU A 233 25.63 52.09 -13.75
C GLU A 233 24.73 53.33 -13.80
N SER A 234 25.20 54.35 -14.51
CA SER A 234 24.53 55.66 -14.57
C SER A 234 24.51 56.18 -16.01
N ASP A 235 23.61 57.11 -16.28
CA ASP A 235 23.66 58.00 -17.46
C ASP A 235 24.91 58.87 -17.32
N PRO A 236 25.85 58.88 -18.29
CA PRO A 236 27.02 59.77 -18.23
C PRO A 236 26.68 61.24 -17.94
N LYS A 237 25.55 61.74 -18.43
CA LYS A 237 25.10 63.14 -18.19
C LYS A 237 24.80 63.35 -16.71
N ASP A 238 24.31 62.30 -16.00
CA ASP A 238 24.07 62.36 -14.53
C ASP A 238 25.40 62.31 -13.79
N LEU A 239 26.34 61.47 -14.22
CA LEU A 239 27.69 61.36 -13.60
C LEU A 239 28.35 62.74 -13.60
N ALA A 240 28.21 63.48 -14.71
CA ALA A 240 28.88 64.76 -14.98
C ALA A 240 28.33 65.88 -14.09
N LYS A 241 27.18 65.66 -13.41
CA LYS A 241 26.60 66.66 -12.47
C LYS A 241 27.28 66.55 -11.10
N PHE A 242 28.16 65.58 -10.87
CA PHE A 242 28.80 65.36 -9.54
C PHE A 242 30.32 65.32 -9.68
N PRO A 243 30.94 66.39 -10.23
CA PRO A 243 32.40 66.42 -10.44
C PRO A 243 33.23 66.33 -9.15
N ASN A 244 32.65 66.71 -8.01
CA ASN A 244 33.32 66.76 -6.68
C ASN A 244 33.28 65.38 -5.99
N LEU A 245 32.45 64.45 -6.44
CA LEU A 245 32.36 63.09 -5.86
C LEU A 245 33.23 62.14 -6.69
N THR A 246 33.69 61.05 -6.05
CA THR A 246 34.60 60.05 -6.68
C THR A 246 34.03 58.64 -6.45
N GLY A 247 34.39 57.70 -7.35
CA GLY A 247 34.15 56.26 -7.22
C GLY A 247 32.67 55.93 -7.03
N LYS A 248 32.36 55.03 -6.11
CA LYS A 248 31.01 54.45 -5.91
C LYS A 248 30.02 55.55 -5.50
N ARG A 249 30.45 56.49 -4.67
CA ARG A 249 29.60 57.62 -4.18
C ARG A 249 29.17 58.49 -5.36
N LYS A 250 30.05 58.75 -6.32
CA LYS A 250 29.72 59.52 -7.54
C LYS A 250 28.63 58.79 -8.35
N GLU A 251 28.78 57.46 -8.51
CA GLU A 251 27.78 56.61 -9.24
C GLU A 251 26.45 56.67 -8.49
N LEU A 252 26.47 56.54 -7.16
CA LEU A 252 25.22 56.57 -6.36
C LEU A 252 24.50 57.91 -6.57
N ALA A 253 25.24 59.02 -6.52
CA ALA A 253 24.71 60.38 -6.73
C ALA A 253 23.97 60.44 -8.07
N ALA A 254 24.61 59.95 -9.14
CA ALA A 254 24.05 59.94 -10.50
C ALA A 254 22.80 59.05 -10.55
N MET A 255 22.87 57.87 -9.94
CA MET A 255 21.75 56.88 -9.93
C MET A 255 20.56 57.48 -9.15
N THR A 256 20.85 58.17 -8.06
CA THR A 256 19.85 58.86 -7.20
C THR A 256 19.19 60.00 -7.97
N LEU A 257 19.97 60.79 -8.72
CA LEU A 257 19.42 61.85 -9.60
C LEU A 257 18.47 61.23 -10.62
N GLY A 258 18.85 60.09 -11.21
CA GLY A 258 18.00 59.35 -12.16
C GLY A 258 16.71 58.88 -11.53
N LEU A 259 16.79 58.26 -10.36
CA LEU A 259 15.59 57.82 -9.57
C LEU A 259 14.65 59.01 -9.37
N ASP A 260 15.20 60.15 -8.95
CA ASP A 260 14.42 61.37 -8.66
C ASP A 260 13.78 61.91 -9.93
N ARG A 261 14.53 61.92 -11.05
CA ARG A 261 14.03 62.41 -12.36
C ARG A 261 12.89 61.51 -12.85
N ALA A 262 13.05 60.19 -12.77
CA ALA A 262 12.06 59.22 -13.27
C ALA A 262 10.79 59.31 -12.41
N SER A 263 10.95 59.48 -11.10
CA SER A 263 9.81 59.74 -10.18
C SER A 263 9.11 61.02 -10.63
N GLY A 264 9.89 62.04 -11.01
CA GLY A 264 9.39 63.31 -11.59
C GLY A 264 8.48 63.11 -12.79
N TYR A 265 8.80 62.19 -13.71
CA TYR A 265 7.94 61.94 -14.90
C TYR A 265 6.53 61.57 -14.44
N VAL A 266 6.45 60.74 -13.40
CA VAL A 266 5.14 60.23 -12.88
C VAL A 266 4.42 61.37 -12.17
N LEU A 267 5.09 62.06 -11.24
CA LEU A 267 4.48 63.17 -10.45
C LEU A 267 4.03 64.28 -11.40
N ASP A 268 4.83 64.59 -12.43
CA ASP A 268 4.55 65.67 -13.42
C ASP A 268 3.36 65.26 -14.29
N LYS A 269 3.23 63.98 -14.66
CA LYS A 269 2.07 63.51 -15.45
C LYS A 269 0.78 63.64 -14.62
N LEU A 270 0.78 63.24 -13.35
CA LEU A 270 -0.41 63.42 -12.47
C LEU A 270 -0.82 64.90 -12.42
N LYS A 271 0.14 65.80 -12.22
CA LYS A 271 -0.07 67.27 -12.11
C LYS A 271 -0.67 67.79 -13.43
N GLU A 272 -0.04 67.46 -14.57
CA GLU A 272 -0.40 67.93 -15.92
C GLU A 272 -1.82 67.50 -16.27
N LEU A 273 -2.25 66.31 -15.86
CA LEU A 273 -3.60 65.80 -16.22
C LEU A 273 -4.64 66.18 -15.14
N GLY A 274 -4.25 66.91 -14.10
CA GLY A 274 -5.18 67.29 -13.00
C GLY A 274 -5.67 66.06 -12.23
N LEU A 275 -4.79 65.10 -11.97
CA LEU A 275 -5.11 63.84 -11.25
C LEU A 275 -4.51 63.82 -9.84
N ASP A 276 -3.53 64.68 -9.54
CA ASP A 276 -2.74 64.53 -8.28
C ASP A 276 -3.61 64.82 -7.06
N ASP A 277 -4.64 65.67 -7.14
CA ASP A 277 -5.46 66.03 -5.96
C ASP A 277 -6.08 64.77 -5.36
N ASN A 278 -6.59 63.88 -6.22
CA ASN A 278 -7.24 62.62 -5.78
C ASN A 278 -6.38 61.41 -6.17
N THR A 279 -5.06 61.53 -6.04
CA THR A 279 -4.11 60.39 -6.14
C THR A 279 -3.35 60.28 -4.81
N ILE A 280 -3.30 59.07 -4.26
CA ILE A 280 -2.40 58.74 -3.13
C ILE A 280 -1.05 58.38 -3.75
N VAL A 281 -0.04 59.19 -3.47
CA VAL A 281 1.35 58.87 -3.86
C VAL A 281 2.12 58.49 -2.61
N VAL A 282 2.72 57.30 -2.65
CA VAL A 282 3.61 56.83 -1.57
C VAL A 282 5.01 56.71 -2.17
N PHE A 283 6.00 57.20 -1.44
CA PHE A 283 7.42 56.92 -1.74
C PHE A 283 8.04 56.21 -0.55
N SER A 284 8.64 55.05 -0.79
CA SER A 284 9.47 54.36 0.22
C SER A 284 10.55 53.53 -0.48
N ASN A 285 11.15 52.61 0.28
CA ASN A 285 12.45 51.96 0.00
C ASN A 285 12.36 50.55 0.58
N ASP A 286 12.88 49.53 -0.11
CA ASP A 286 12.62 48.11 0.23
C ASP A 286 13.41 47.70 1.48
N ASN A 287 14.54 48.32 1.74
CA ASN A 287 15.41 48.00 2.89
C ASN A 287 16.45 49.11 3.06
N GLY A 288 17.14 49.11 4.19
CA GLY A 288 18.22 50.08 4.48
C GLY A 288 19.37 49.98 3.47
N GLY A 289 20.22 51.00 3.40
CA GLY A 289 21.29 51.08 2.39
C GLY A 289 22.40 50.09 2.68
N PRO A 290 22.86 49.30 1.66
CA PRO A 290 24.05 48.47 1.83
C PRO A 290 25.30 49.34 1.62
N SER A 291 25.76 49.95 2.72
CA SER A 291 26.79 51.03 2.68
C SER A 291 28.08 50.52 2.00
N ASP A 292 28.38 49.22 2.10
CA ASP A 292 29.62 48.60 1.54
C ASP A 292 29.46 48.30 0.03
N LYS A 293 28.25 48.33 -0.53
CA LYS A 293 28.03 47.94 -1.95
C LYS A 293 27.78 49.14 -2.85
N ASN A 294 26.93 50.09 -2.45
CA ASN A 294 26.49 51.18 -3.35
C ASN A 294 26.78 52.54 -2.73
N ALA A 295 27.61 52.58 -1.69
CA ALA A 295 28.08 53.80 -0.99
C ALA A 295 26.90 54.56 -0.36
N SER A 296 25.78 53.86 -0.12
CA SER A 296 24.59 54.44 0.55
C SER A 296 24.99 54.82 1.98
N ASN A 297 24.34 55.87 2.50
CA ASN A 297 24.61 56.43 3.85
C ASN A 297 23.29 56.46 4.63
N ASN A 298 23.21 55.77 5.76
CA ASN A 298 21.97 55.62 6.55
C ASN A 298 21.90 56.65 7.69
N ALA A 299 22.67 57.75 7.61
CA ALA A 299 22.71 58.76 8.69
C ALA A 299 21.28 59.21 9.03
N PRO A 300 20.93 59.41 10.32
CA PRO A 300 21.85 59.25 11.45
C PRO A 300 21.89 57.86 12.10
N LEU A 301 21.47 56.81 11.36
CA LEU A 301 21.26 55.46 11.95
C LEU A 301 22.54 54.61 11.89
N ALA A 302 22.63 53.67 12.81
CA ALA A 302 23.64 52.57 12.80
C ALA A 302 23.11 51.45 11.90
N GLY A 303 24.00 50.70 11.28
CA GLY A 303 23.64 49.48 10.53
C GLY A 303 23.27 49.77 9.09
N THR A 304 22.75 48.75 8.42
CA THR A 304 22.65 48.65 6.95
C THR A 304 21.61 47.61 6.60
N LYS A 305 21.35 47.49 5.30
CA LYS A 305 20.77 46.29 4.65
C LYS A 305 21.23 45.03 5.40
N SER A 306 20.27 44.11 5.64
CA SER A 306 20.44 42.70 6.07
C SER A 306 20.82 42.61 7.54
N ASN A 307 20.80 43.72 8.30
CA ASN A 307 20.77 43.65 9.78
C ASN A 307 19.56 44.44 10.29
N GLN A 308 19.21 44.26 11.57
CA GLN A 308 17.94 44.73 12.18
C GLN A 308 18.19 45.91 13.12
N LEU A 309 19.39 46.50 13.05
CA LEU A 309 19.60 47.89 13.55
C LEU A 309 18.71 48.82 12.71
N GLU A 310 18.42 50.02 13.22
CA GLU A 310 17.50 50.97 12.56
C GLU A 310 17.92 51.17 11.10
N GLY A 311 19.23 51.18 10.84
CA GLY A 311 19.80 51.41 9.49
C GLY A 311 19.35 50.38 8.47
N GLY A 312 18.90 49.20 8.90
CA GLY A 312 18.41 48.17 7.97
C GLY A 312 16.89 48.18 7.80
N ILE A 313 16.13 48.61 8.81
CA ILE A 313 14.65 48.40 8.84
C ILE A 313 13.89 49.73 8.75
N ARG A 314 14.50 50.84 9.18
CA ARG A 314 13.85 52.18 9.05
C ARG A 314 14.17 52.73 7.65
N VAL A 315 13.18 53.29 6.96
CA VAL A 315 13.31 53.73 5.55
C VAL A 315 12.66 55.09 5.37
N PRO A 316 13.08 55.85 4.34
CA PRO A 316 12.35 57.02 3.90
C PRO A 316 10.92 56.58 3.55
N PHE A 317 9.92 57.39 3.91
CA PHE A 317 8.50 56.99 3.87
C PHE A 317 7.65 58.26 3.76
N LEU A 318 7.09 58.52 2.57
CA LEU A 318 6.26 59.72 2.28
C LEU A 318 4.88 59.27 1.82
N ILE A 319 3.81 59.95 2.27
CA ILE A 319 2.46 59.81 1.66
C ILE A 319 1.94 61.21 1.31
N SER A 320 1.48 61.39 0.08
CA SER A 320 0.80 62.62 -0.38
C SER A 320 -0.59 62.26 -0.90
N TRP A 321 -1.60 63.01 -0.48
CA TRP A 321 -3.00 62.89 -0.94
C TRP A 321 -3.70 64.22 -0.66
N PRO A 322 -3.54 65.19 -1.58
CA PRO A 322 -3.94 66.59 -1.28
C PRO A 322 -5.36 66.77 -0.77
N LYS A 323 -6.31 65.94 -1.20
CA LYS A 323 -7.72 66.03 -0.73
C LYS A 323 -7.82 65.74 0.77
N HIS A 324 -6.88 65.01 1.39
CA HIS A 324 -7.03 64.54 2.79
C HIS A 324 -5.80 64.76 3.67
N ILE A 325 -4.63 65.04 3.12
CA ILE A 325 -3.40 65.13 3.95
C ILE A 325 -2.79 66.52 3.75
N LYS A 326 -2.58 67.22 4.86
CA LYS A 326 -2.01 68.59 4.92
C LYS A 326 -0.57 68.54 4.42
N PRO A 327 -0.15 69.51 3.57
CA PRO A 327 1.22 69.56 3.09
C PRO A 327 2.19 69.99 4.21
N GLY A 328 3.45 69.59 4.11
CA GLY A 328 4.56 69.97 5.02
C GLY A 328 4.42 69.35 6.39
N SER A 329 3.64 68.27 6.52
CA SER A 329 3.35 67.66 7.84
C SER A 329 4.34 66.50 8.08
N THR A 330 4.54 66.17 9.34
CA THR A 330 5.37 65.03 9.77
C THR A 330 4.55 64.19 10.73
N TYR A 331 4.76 62.87 10.69
CA TYR A 331 4.12 61.92 11.62
C TYR A 331 5.25 61.10 12.26
N ASP A 332 5.27 61.02 13.59
CA ASP A 332 6.47 60.63 14.37
C ASP A 332 6.27 59.29 15.10
N TYR A 333 5.08 58.67 15.07
CA TYR A 333 4.91 57.31 15.63
C TYR A 333 5.32 56.27 14.57
N PRO A 334 5.83 55.09 14.97
CA PRO A 334 6.20 54.06 14.01
C PRO A 334 5.04 53.62 13.10
N VAL A 335 5.33 53.51 11.81
CA VAL A 335 4.41 52.94 10.78
C VAL A 335 5.21 51.91 9.97
N SER A 336 4.50 51.12 9.19
CA SER A 336 5.07 49.96 8.48
C SER A 336 4.55 49.96 7.05
N THR A 337 5.36 49.44 6.13
CA THR A 337 4.89 49.08 4.77
C THR A 337 3.71 48.12 4.89
N LEU A 338 3.60 47.36 5.98
CA LEU A 338 2.45 46.44 6.21
C LEU A 338 1.13 47.22 6.23
N ASP A 339 1.19 48.52 6.56
CA ASP A 339 0.01 49.40 6.69
C ASP A 339 -0.50 49.83 5.30
N LEU A 340 0.30 49.66 4.23
CA LEU A 340 -0.05 50.28 2.94
C LEU A 340 -1.24 49.56 2.31
N LEU A 341 -1.30 48.23 2.34
CA LEU A 341 -2.45 47.48 1.79
C LEU A 341 -3.77 47.94 2.43
N PRO A 342 -3.96 47.87 3.77
CA PRO A 342 -5.21 48.32 4.38
C PRO A 342 -5.52 49.82 4.17
N THR A 343 -4.49 50.67 4.12
CA THR A 343 -4.62 52.12 3.84
C THR A 343 -5.18 52.30 2.42
N PHE A 344 -4.58 51.64 1.43
CA PHE A 344 -5.02 51.68 0.03
C PHE A 344 -6.45 51.12 -0.09
N TYR A 345 -6.71 49.98 0.55
CA TYR A 345 -7.99 49.25 0.39
C TYR A 345 -9.14 50.10 1.00
N SER A 346 -8.91 50.74 2.15
CA SER A 346 -9.88 51.65 2.79
C SER A 346 -10.18 52.83 1.84
N ALA A 347 -9.14 53.44 1.26
CA ALA A 347 -9.27 54.59 0.33
C ALA A 347 -10.05 54.16 -0.92
N ALA A 348 -9.90 52.90 -1.34
CA ALA A 348 -10.62 52.32 -2.49
C ALA A 348 -12.05 51.88 -2.12
N LYS A 349 -12.52 52.20 -0.92
CA LYS A 349 -13.91 51.96 -0.42
C LYS A 349 -14.12 50.47 -0.14
N GLY A 350 -13.04 49.73 0.13
CA GLY A 350 -13.11 48.30 0.47
C GLY A 350 -13.77 48.07 1.83
N LYS A 351 -14.64 47.08 1.92
CA LYS A 351 -15.43 46.73 3.14
C LYS A 351 -15.24 45.25 3.52
N ALA A 352 -14.35 44.52 2.83
CA ALA A 352 -14.16 43.06 3.02
C ALA A 352 -12.66 42.75 3.15
N LEU A 353 -11.98 43.42 4.06
CA LEU A 353 -10.53 43.21 4.37
C LEU A 353 -10.40 41.86 5.09
N GLY A 354 -9.51 40.98 4.62
CA GLY A 354 -9.20 39.71 5.32
C GLY A 354 -8.92 39.95 6.80
N SER A 355 -9.29 39.03 7.68
CA SER A 355 -9.07 39.06 9.15
C SER A 355 -7.58 38.83 9.48
N ASP A 356 -6.78 38.40 8.51
CA ASP A 356 -5.37 37.99 8.71
C ASP A 356 -4.39 39.18 8.49
N ILE A 357 -4.86 40.41 8.32
CA ILE A 357 -4.00 41.58 7.95
C ILE A 357 -3.34 42.13 9.21
N ASP A 358 -2.03 42.38 9.17
CA ASP A 358 -1.22 42.88 10.31
C ASP A 358 -1.12 44.40 10.26
N GLY A 359 -1.19 45.00 9.08
CA GLY A 359 -1.16 46.46 8.92
C GLY A 359 -2.47 47.09 9.39
N VAL A 360 -2.46 48.40 9.59
CA VAL A 360 -3.68 49.20 9.89
C VAL A 360 -3.82 50.31 8.83
N ASP A 361 -5.04 50.79 8.64
CA ASP A 361 -5.35 51.99 7.83
C ASP A 361 -4.75 53.20 8.53
N LEU A 362 -3.80 53.88 7.88
CA LEU A 362 -3.06 55.00 8.49
C LEU A 362 -3.85 56.32 8.46
N LEU A 363 -4.87 56.46 7.60
CA LEU A 363 -5.46 57.80 7.36
C LEU A 363 -5.99 58.41 8.67
N PRO A 364 -6.74 57.68 9.53
CA PRO A 364 -7.21 58.25 10.79
C PRO A 364 -6.07 58.72 11.72
N TYR A 365 -4.93 58.03 11.66
CA TYR A 365 -3.74 58.38 12.48
C TYR A 365 -3.11 59.65 11.90
N ILE A 366 -2.93 59.68 10.58
CA ILE A 366 -2.34 60.86 9.86
C ILE A 366 -3.21 62.10 10.18
N GLN A 367 -4.54 61.94 10.14
CA GLN A 367 -5.49 63.08 10.28
C GLN A 367 -5.66 63.48 11.76
N GLY A 368 -5.16 62.69 12.70
CA GLY A 368 -5.26 62.98 14.14
C GLY A 368 -6.62 62.58 14.70
N GLU A 369 -7.42 61.81 13.96
CA GLU A 369 -8.70 61.24 14.48
C GLU A 369 -8.39 60.14 15.52
N ASN A 370 -7.31 59.41 15.31
CA ASN A 370 -6.81 58.35 16.23
C ASN A 370 -5.43 58.80 16.70
N THR A 371 -5.31 59.14 17.99
CA THR A 371 -4.08 59.74 18.58
C THR A 371 -3.17 58.65 19.17
N ALA A 372 -3.61 57.37 19.14
CA ALA A 372 -2.80 56.23 19.60
C ALA A 372 -1.71 55.90 18.57
N ARG A 373 -0.77 55.04 18.96
CA ARG A 373 0.25 54.45 18.07
C ARG A 373 -0.45 53.49 17.13
N PRO A 374 -0.19 53.57 15.80
CA PRO A 374 -0.65 52.55 14.86
C PRO A 374 -0.19 51.14 15.28
N HIS A 375 1.02 51.03 15.84
CA HIS A 375 1.64 49.74 16.27
C HIS A 375 2.41 49.94 17.58
N LYS A 376 1.82 49.52 18.69
CA LYS A 376 2.50 49.45 20.01
C LYS A 376 3.66 48.46 19.90
N VAL A 377 3.42 47.28 19.32
CA VAL A 377 4.41 46.18 19.26
C VAL A 377 4.69 45.89 17.78
N MET A 378 5.97 45.83 17.41
CA MET A 378 6.43 45.50 16.05
C MET A 378 7.53 44.45 16.15
N TYR A 379 7.65 43.61 15.11
CA TYR A 379 8.53 42.44 15.10
C TYR A 379 9.36 42.39 13.82
N TRP A 380 10.56 41.86 13.94
CA TRP A 380 11.43 41.48 12.80
C TRP A 380 12.06 40.14 13.13
N LYS A 381 12.29 39.33 12.11
CA LYS A 381 12.95 38.02 12.32
C LYS A 381 13.59 37.51 11.04
N LYS A 382 14.83 37.05 11.16
CA LYS A 382 15.56 36.19 10.19
C LYS A 382 16.32 35.18 11.04
N GLU A 383 15.83 33.94 11.09
CA GLU A 383 16.51 32.82 11.80
C GLU A 383 16.63 33.22 13.28
N ASN A 384 17.84 33.28 13.82
CA ASN A 384 18.11 33.57 15.25
C ASN A 384 18.09 35.10 15.49
N ARG A 385 18.26 35.91 14.46
CA ARG A 385 18.21 37.38 14.57
C ARG A 385 16.75 37.83 14.58
N ALA A 386 16.33 38.50 15.65
CA ALA A 386 14.95 38.98 15.77
C ALA A 386 14.94 40.25 16.62
N VAL A 387 13.90 41.03 16.43
CA VAL A 387 13.64 42.28 17.17
C VAL A 387 12.18 42.26 17.63
N ILE A 388 11.95 42.66 18.87
CA ILE A 388 10.60 43.08 19.33
C ILE A 388 10.76 44.53 19.80
N ARG A 389 9.90 45.38 19.26
CA ARG A 389 9.76 46.78 19.69
C ARG A 389 8.43 46.93 20.39
N ASP A 390 8.45 47.53 21.57
CA ASP A 390 7.26 47.81 22.43
C ASP A 390 7.33 49.30 22.79
N ASN A 391 6.42 50.12 22.22
CA ASN A 391 6.51 51.60 22.27
C ASN A 391 7.88 51.97 21.72
N ASP A 392 8.78 52.55 22.53
CA ASP A 392 10.12 52.96 22.02
C ASP A 392 11.23 52.04 22.54
N TRP A 393 10.90 50.98 23.30
CA TRP A 393 11.86 49.94 23.70
C TRP A 393 12.11 48.99 22.52
N LYS A 394 13.37 48.71 22.21
CA LYS A 394 13.77 47.77 21.14
C LYS A 394 14.70 46.70 21.74
N LEU A 395 14.22 45.44 21.78
CA LEU A 395 15.03 44.26 22.17
C LEU A 395 15.54 43.60 20.89
N ILE A 396 16.86 43.46 20.76
CA ILE A 396 17.53 42.80 19.60
C ILE A 396 18.17 41.51 20.09
N ARG A 397 17.75 40.39 19.50
CA ARG A 397 18.30 39.05 19.78
C ARG A 397 19.29 38.72 18.65
N TYR A 398 20.41 38.12 19.00
CA TYR A 398 21.51 37.73 18.08
C TYR A 398 21.91 36.29 18.36
N PRO A 399 22.53 35.59 17.38
CA PRO A 399 23.09 34.27 17.61
C PRO A 399 24.44 34.26 18.35
N ASP A 400 25.15 35.39 18.34
CA ASP A 400 26.61 35.45 18.66
C ASP A 400 26.94 36.46 19.78
N ARG A 401 25.94 37.01 20.48
CA ARG A 401 26.16 37.96 21.58
C ARG A 401 24.86 38.07 22.38
N PRO A 402 24.93 38.50 23.66
CA PRO A 402 23.73 38.66 24.46
C PRO A 402 22.76 39.66 23.81
N ALA A 403 21.46 39.46 24.04
CA ALA A 403 20.38 40.34 23.58
C ALA A 403 20.62 41.77 24.13
N GLU A 404 20.36 42.79 23.31
CA GLU A 404 20.57 44.22 23.68
C GLU A 404 19.21 44.91 23.73
N LEU A 405 19.08 45.90 24.61
CA LEU A 405 17.85 46.69 24.79
C LEU A 405 18.16 48.18 24.57
N TYR A 406 17.40 48.83 23.69
CA TYR A 406 17.56 50.26 23.34
C TYR A 406 16.26 51.01 23.64
N ASP A 407 16.41 52.25 24.09
CA ASP A 407 15.32 53.26 24.18
C ASP A 407 15.48 54.18 22.96
N LEU A 408 14.68 53.97 21.93
CA LEU A 408 14.82 54.70 20.65
C LEU A 408 14.40 56.17 20.82
N SER A 409 13.63 56.49 21.86
CA SER A 409 13.22 57.90 22.12
C SER A 409 14.44 58.74 22.54
N SER A 410 15.50 58.14 23.09
CA SER A 410 16.71 58.89 23.54
C SER A 410 17.99 58.41 22.85
N ASP A 411 17.93 57.37 22.00
CA ASP A 411 19.16 56.68 21.48
C ASP A 411 18.84 56.12 20.09
N ILE A 412 18.56 57.01 19.14
CA ILE A 412 18.18 56.67 17.74
C ILE A 412 19.27 55.77 17.14
N SER A 413 20.53 55.92 17.57
CA SER A 413 21.70 55.25 16.94
C SER A 413 22.08 53.96 17.67
N GLU A 414 21.33 53.56 18.70
CA GLU A 414 21.44 52.24 19.36
C GLU A 414 22.87 52.03 19.85
N GLN A 415 23.41 53.01 20.59
CA GLN A 415 24.80 52.97 21.13
C GLN A 415 24.79 52.64 22.62
N THR A 416 23.67 52.79 23.33
CA THR A 416 23.60 52.61 24.82
C THR A 416 22.70 51.43 25.18
N ASP A 417 23.32 50.27 25.41
CA ASP A 417 22.62 49.02 25.77
C ASP A 417 22.09 49.14 27.20
N LEU A 418 20.79 48.95 27.39
CA LEU A 418 20.10 49.12 28.69
C LEU A 418 19.66 47.77 29.25
N ALA A 419 20.11 46.66 28.68
CA ALA A 419 19.65 45.29 29.04
C ALA A 419 19.96 45.01 30.52
N ALA A 420 21.20 45.30 30.95
CA ALA A 420 21.70 45.05 32.32
C ALA A 420 20.84 45.79 33.35
N LYS A 421 20.35 46.99 33.02
CA LYS A 421 19.65 47.88 33.97
C LYS A 421 18.13 47.62 33.93
N ASN A 422 17.64 46.77 33.02
CA ASN A 422 16.19 46.53 32.85
C ASN A 422 15.95 45.04 32.68
N PRO A 423 16.40 44.18 33.61
CA PRO A 423 16.37 42.73 33.39
C PRO A 423 14.94 42.17 33.31
N GLU A 424 13.98 42.73 34.08
CA GLU A 424 12.56 42.27 34.06
C GLU A 424 11.96 42.59 32.68
N ARG A 425 12.21 43.77 32.13
CA ARG A 425 11.66 44.17 30.79
C ARG A 425 12.28 43.27 29.70
N VAL A 426 13.60 43.02 29.76
CA VAL A 426 14.29 42.08 28.84
C VAL A 426 13.56 40.74 28.85
N LYS A 427 13.24 40.19 30.04
CA LYS A 427 12.58 38.87 30.16
C LYS A 427 11.17 38.92 29.56
N THR A 428 10.38 39.95 29.87
CA THR A 428 8.97 40.05 29.40
CA THR A 428 8.97 40.04 29.40
C THR A 428 8.97 40.19 27.87
N MET A 429 9.90 40.98 27.32
CA MET A 429 9.96 41.25 25.86
C MET A 429 10.44 39.99 25.12
N PHE A 430 11.39 39.25 25.67
CA PHE A 430 11.82 37.91 25.19
C PHE A 430 10.61 36.97 25.06
N LYS A 431 9.75 36.89 26.09
CA LYS A 431 8.57 35.97 26.09
C LYS A 431 7.59 36.40 24.99
N SER A 432 7.33 37.70 24.85
CA SER A 432 6.43 38.29 23.82
C SER A 432 6.97 37.97 22.42
N LEU A 433 8.29 38.13 22.22
CA LEU A 433 8.95 37.81 20.93
C LEU A 433 8.67 36.35 20.58
N PHE A 434 8.94 35.43 21.50
CA PHE A 434 8.79 33.97 21.24
C PHE A 434 7.32 33.63 20.99
N GLU A 435 6.38 34.23 21.72
CA GLU A 435 4.91 34.07 21.51
C GLU A 435 4.58 34.43 20.05
N TRP A 436 5.12 35.51 19.51
CA TRP A 436 4.90 35.89 18.09
C TRP A 436 5.56 34.85 17.17
N GLU A 437 6.78 34.41 17.48
CA GLU A 437 7.52 33.39 16.67
C GLU A 437 6.69 32.10 16.54
N LEU A 438 5.96 31.71 17.59
CA LEU A 438 5.07 30.51 17.57
C LEU A 438 3.87 30.69 16.62
N THR A 439 3.56 31.89 16.13
CA THR A 439 2.47 32.11 15.14
C THR A 439 3.01 31.99 13.71
N LEU A 440 4.32 31.81 13.52
CA LEU A 440 4.96 31.81 12.18
C LEU A 440 5.08 30.38 11.64
N GLU A 441 5.13 30.26 10.31
CA GLU A 441 5.52 29.00 9.64
C GLU A 441 7.05 28.87 9.71
N ARG A 442 7.54 27.65 9.48
CA ARG A 442 8.97 27.42 9.23
C ARG A 442 9.28 28.05 7.87
N PRO A 443 10.52 28.49 7.63
CA PRO A 443 10.90 29.07 6.33
C PRO A 443 10.70 28.10 5.15
N ARG A 444 10.36 28.62 3.98
CA ARG A 444 10.13 27.81 2.76
C ARG A 444 11.45 27.58 1.99
N TRP A 445 12.49 28.37 2.30
CA TRP A 445 13.81 28.26 1.63
C TRP A 445 14.84 28.85 2.57
N LEU A 446 16.10 28.45 2.42
CA LEU A 446 17.19 28.84 3.35
C LEU A 446 18.42 29.24 2.53
N LEU A 447 19.05 30.34 2.93
CA LEU A 447 20.34 30.82 2.40
C LEU A 447 21.46 29.84 2.76
N LYS A 448 22.51 29.82 1.95
CA LYS A 448 23.81 29.21 2.33
C LYS A 448 24.23 29.78 3.68
N ARG A 449 24.87 28.96 4.52
CA ARG A 449 25.26 29.34 5.90
C ARG A 449 26.16 30.59 5.88
N LYS A 450 27.03 30.75 4.89
CA LYS A 450 28.07 31.82 4.87
C LYS A 450 27.41 33.22 4.93
N TYR A 451 26.17 33.41 4.44
CA TYR A 451 25.54 34.76 4.37
C TYR A 451 25.25 35.30 5.78
N GLU A 452 25.10 34.45 6.79
CA GLU A 452 24.85 34.91 8.18
C GLU A 452 26.14 35.56 8.72
N LYS A 453 27.31 35.04 8.37
CA LYS A 453 28.61 35.66 8.74
C LYS A 453 28.69 37.04 8.07
N TYR A 454 28.40 37.13 6.78
CA TYR A 454 28.41 38.38 6.02
C TYR A 454 27.46 39.41 6.68
N ASP A 455 26.23 38.99 6.99
CA ASP A 455 25.19 39.89 7.58
C ASP A 455 25.72 40.45 8.90
N ILE A 456 26.27 39.61 9.77
CA ILE A 456 26.73 40.03 11.13
C ILE A 456 28.01 40.89 10.99
N ASP A 457 28.95 40.51 10.14
CA ASP A 457 30.23 41.27 9.94
C ASP A 457 29.91 42.65 9.39
N ARG A 458 29.01 42.78 8.42
CA ARG A 458 28.63 44.10 7.88
C ARG A 458 27.98 44.94 9.00
N MET A 459 27.11 44.35 9.81
CA MET A 459 26.48 45.03 10.96
C MET A 459 27.58 45.60 11.87
N ASP A 460 28.60 44.82 12.18
CA ASP A 460 29.69 45.24 13.11
C ASP A 460 30.54 46.33 12.45
N LYS A 461 30.77 46.26 11.14
CA LYS A 461 31.50 47.31 10.39
C LYS A 461 30.75 48.64 10.51
N TYR A 462 29.42 48.63 10.51
CA TYR A 462 28.59 49.87 10.51
C TYR A 462 27.85 49.97 11.84
N ARG A 463 28.49 49.56 12.95
CA ARG A 463 27.84 49.52 14.28
C ARG A 463 27.73 50.94 14.84
N LEU A 464 28.59 51.87 14.42
CA LEU A 464 28.58 53.29 14.90
C LEU A 464 27.53 54.03 14.09
N PRO A 465 26.99 55.17 14.60
CA PRO A 465 26.03 55.98 13.86
C PRO A 465 26.67 56.50 12.57
N ALA A 466 25.98 56.42 11.44
CA ALA A 466 26.39 57.07 10.19
C ALA A 466 26.17 58.58 10.35
N THR A 467 26.92 59.40 9.63
CA THR A 467 26.79 60.87 9.64
C THR A 467 26.79 61.37 8.19
N GLN A 468 26.07 62.46 7.94
CA GLN A 468 26.04 63.15 6.62
C GLN A 468 27.45 63.65 6.32
N PRO A 469 27.94 63.51 5.07
CA PRO A 469 29.26 64.03 4.71
N SER B 23 44.57 -9.69 18.93
CA SER B 23 43.47 -10.01 17.99
C SER B 23 42.43 -8.88 18.04
N LYS B 24 41.78 -8.62 16.90
CA LYS B 24 40.68 -7.63 16.78
C LYS B 24 39.56 -8.01 17.72
N PRO B 25 39.11 -7.12 18.64
CA PRO B 25 38.02 -7.46 19.56
C PRO B 25 36.65 -7.48 18.89
N ASN B 26 35.72 -8.26 19.43
CA ASN B 26 34.30 -8.13 19.11
C ASN B 26 33.81 -6.80 19.71
N ILE B 27 32.77 -6.22 19.13
CA ILE B 27 32.20 -4.94 19.61
C ILE B 27 30.69 -5.11 19.69
N VAL B 28 30.12 -4.84 20.86
CA VAL B 28 28.65 -4.88 21.07
C VAL B 28 28.25 -3.53 21.65
N LEU B 29 27.49 -2.76 20.89
CA LEU B 29 26.96 -1.45 21.32
C LEU B 29 25.48 -1.64 21.66
N ILE B 30 25.16 -1.59 22.96
CA ILE B 30 23.77 -1.70 23.46
C ILE B 30 23.27 -0.28 23.73
N PHE B 31 22.22 0.13 23.04
CA PHE B 31 21.77 1.55 22.99
C PHE B 31 20.27 1.54 23.30
N ALA B 32 19.92 2.02 24.49
CA ALA B 32 18.51 2.13 24.92
C ALA B 32 17.91 3.41 24.31
N ASP B 33 16.61 3.57 24.47
CA ASP B 33 15.77 4.69 23.96
C ASP B 33 15.05 5.34 25.15
N ASP B 34 15.23 6.64 25.37
CA ASP B 34 14.37 7.46 26.28
C ASP B 34 14.49 7.02 27.74
N ALA B 35 15.62 6.42 28.15
CA ALA B 35 15.82 5.98 29.55
C ALA B 35 16.14 7.21 30.41
N GLY B 36 15.64 7.20 31.65
CA GLY B 36 16.00 8.21 32.65
C GLY B 36 17.44 8.04 33.10
N PHE B 37 18.15 9.15 33.30
CA PHE B 37 19.53 9.15 33.81
C PHE B 37 19.61 8.36 35.13
N GLY B 38 18.60 8.43 35.99
CA GLY B 38 18.64 7.80 37.34
C GLY B 38 18.00 6.43 37.37
N ASP B 39 17.59 5.86 36.23
CA ASP B 39 16.65 4.71 36.21
C ASP B 39 17.40 3.40 35.94
N PHE B 40 18.59 3.27 36.54
CA PHE B 40 19.41 2.04 36.53
C PHE B 40 19.99 1.86 37.93
N GLY B 41 20.18 0.63 38.39
CA GLY B 41 20.88 0.33 39.65
C GLY B 41 22.21 1.06 39.73
N PHE B 42 23.02 1.00 38.67
CA PHE B 42 24.39 1.57 38.64
C PHE B 42 24.34 3.10 38.61
N GLN B 43 23.17 3.69 38.35
CA GLN B 43 22.95 5.17 38.34
C GLN B 43 22.28 5.60 39.66
N GLY B 44 21.98 4.67 40.57
CA GLY B 44 21.46 4.98 41.92
C GLY B 44 19.99 4.66 42.12
N SER B 45 19.32 3.95 41.20
CA SER B 45 17.90 3.55 41.42
C SER B 45 17.85 2.42 42.46
N THR B 46 16.95 2.51 43.44
CA THR B 46 16.56 1.37 44.31
C THR B 46 15.19 0.86 43.87
N GLN B 47 14.39 1.69 43.20
CA GLN B 47 12.99 1.36 42.78
C GLN B 47 13.03 0.44 41.56
N LEU B 48 13.90 0.70 40.58
CA LEU B 48 13.98 -0.11 39.34
C LEU B 48 15.10 -1.14 39.53
N LYS B 49 15.01 -2.28 38.84
CA LYS B 49 16.00 -3.38 38.92
C LYS B 49 16.65 -3.56 37.55
N THR B 50 17.97 -3.43 37.49
CA THR B 50 18.79 -3.72 36.30
C THR B 50 20.02 -4.55 36.71
N PRO B 51 19.84 -5.78 37.23
CA PRO B 51 20.96 -6.58 37.73
C PRO B 51 22.03 -6.92 36.67
N ASN B 52 21.64 -7.22 35.44
CA ASN B 52 22.61 -7.58 34.37
C ASN B 52 23.44 -6.36 33.99
N LEU B 53 22.83 -5.18 33.84
CA LEU B 53 23.56 -3.95 33.47
C LEU B 53 24.38 -3.46 34.66
N ASP B 54 23.94 -3.69 35.90
CA ASP B 54 24.73 -3.36 37.13
C ASP B 54 26.03 -4.18 37.12
N LYS B 55 25.96 -5.46 36.74
CA LYS B 55 27.15 -6.35 36.64
C LYS B 55 28.03 -5.85 35.50
N LEU B 56 27.46 -5.45 34.37
CA LEU B 56 28.24 -4.84 33.27
C LEU B 56 29.00 -3.62 33.80
N ALA B 57 28.34 -2.71 34.51
CA ALA B 57 28.99 -1.49 35.08
C ALA B 57 30.17 -1.91 35.96
N GLN B 58 29.98 -2.92 36.82
CA GLN B 58 31.02 -3.42 37.78
C GLN B 58 32.19 -4.05 36.99
N SER B 59 31.95 -4.61 35.81
CA SER B 59 32.97 -5.30 34.96
C SER B 59 33.88 -4.31 34.23
N GLY B 60 33.53 -3.02 34.19
CA GLY B 60 34.25 -2.04 33.36
C GLY B 60 34.24 -0.64 33.95
N VAL B 61 34.14 0.37 33.08
CA VAL B 61 34.18 1.79 33.51
C VAL B 61 32.80 2.41 33.32
N ARG B 62 32.35 3.17 34.33
CA ARG B 62 31.11 3.97 34.30
C ARG B 62 31.49 5.44 34.12
N PHE B 63 30.93 6.08 33.10
CA PHE B 63 31.17 7.52 32.82
C PHE B 63 30.10 8.34 33.55
N THR B 64 30.53 9.28 34.39
CA THR B 64 29.62 10.11 35.22
C THR B 64 29.19 11.33 34.39
N GLN B 65 29.89 11.63 33.29
CA GLN B 65 29.59 12.74 32.37
C GLN B 65 29.62 12.24 30.91
N GLY B 66 28.82 11.24 30.60
CA GLY B 66 28.63 10.74 29.21
C GLY B 66 27.51 11.50 28.51
N TYR B 67 27.74 11.97 27.28
CA TYR B 67 26.79 12.81 26.52
C TYR B 67 26.44 12.20 25.17
N VAL B 68 25.19 12.40 24.76
CA VAL B 68 24.76 12.24 23.34
C VAL B 68 24.99 13.56 22.62
N SER B 69 24.88 13.56 21.28
CA SER B 69 25.13 14.74 20.42
C SER B 69 23.85 15.53 20.20
N ASP B 70 22.72 15.03 20.72
CA ASP B 70 21.42 15.76 20.69
C ASP B 70 20.47 15.18 21.74
N SER B 71 19.45 15.95 22.13
CA SER B 71 18.45 15.56 23.16
C SER B 71 17.25 14.82 22.55
N THR B 72 17.33 14.42 21.28
CA THR B 72 16.32 13.58 20.58
C THR B 72 17.01 12.50 19.73
N SER B 73 16.24 11.47 19.40
CA SER B 73 16.67 10.14 18.87
C SER B 73 17.44 10.27 17.55
N GLY B 74 16.80 10.83 16.54
CA GLY B 74 17.32 10.77 15.16
C GLY B 74 18.69 11.43 15.07
N PRO B 75 18.79 12.72 15.44
CA PRO B 75 20.07 13.43 15.39
C PRO B 75 21.14 12.77 16.28
N SER B 76 20.73 12.29 17.46
CA SER B 76 21.64 11.58 18.38
C SER B 76 22.25 10.35 17.66
N ARG B 77 21.41 9.56 17.00
CA ARG B 77 21.84 8.34 16.30
C ARG B 77 22.70 8.71 15.08
N ALA B 78 22.42 9.82 14.41
CA ALA B 78 23.20 10.29 13.24
C ALA B 78 24.62 10.63 13.70
N GLY B 79 24.76 11.31 14.84
CA GLY B 79 26.06 11.59 15.48
C GLY B 79 26.79 10.31 15.84
N LEU B 80 26.12 9.42 16.55
CA LEU B 80 26.68 8.11 17.00
C LEU B 80 27.23 7.35 15.79
N MET B 81 26.42 7.25 14.72
CA MET B 81 26.73 6.38 13.58
C MET B 81 27.88 6.96 12.75
N THR B 82 28.17 8.26 12.84
CA THR B 82 29.16 8.93 11.96
C THR B 82 30.40 9.43 12.69
N GLY B 83 30.37 9.53 14.04
CA GLY B 83 31.45 10.15 14.81
C GLY B 83 31.56 11.65 14.54
N LYS B 84 30.50 12.25 14.01
CA LYS B 84 30.49 13.67 13.58
C LYS B 84 29.32 14.41 14.22
N TYR B 85 29.49 15.71 14.48
CA TYR B 85 28.36 16.65 14.74
C TYR B 85 27.40 16.55 13.56
N GLN B 86 26.23 15.99 13.80
CA GLN B 86 25.23 15.65 12.75
C GLN B 86 24.73 16.93 12.05
N GLN B 87 24.81 18.09 12.71
CA GLN B 87 24.39 19.37 12.11
C GLN B 87 25.32 19.73 10.94
N ARG B 88 26.53 19.17 10.91
CA ARG B 88 27.51 19.45 9.84
C ARG B 88 26.97 18.92 8.49
N PHE B 89 26.09 17.92 8.50
CA PHE B 89 25.46 17.40 7.26
C PHE B 89 23.94 17.62 7.32
N GLY B 90 23.49 18.60 8.11
CA GLY B 90 22.10 19.12 8.05
C GLY B 90 21.10 18.25 8.80
N TYR B 91 21.55 17.34 9.64
CA TYR B 91 20.67 16.43 10.41
C TYR B 91 20.41 17.07 11.78
N GLU B 92 19.70 18.18 11.82
CA GLU B 92 19.66 19.06 13.02
C GLU B 92 18.40 18.77 13.83
N GLU B 93 17.24 18.78 13.18
CA GLU B 93 15.92 18.55 13.82
C GLU B 93 15.57 17.06 13.64
N ILE B 94 14.77 16.52 14.53
CA ILE B 94 14.41 15.09 14.51
C ILE B 94 13.50 14.80 13.30
N ASN B 95 13.78 13.67 12.65
CA ASN B 95 12.97 13.06 11.58
C ASN B 95 11.81 12.26 12.21
N VAL B 96 10.61 12.85 12.30
CA VAL B 96 9.38 12.09 12.69
C VAL B 96 8.32 12.33 11.62
N PRO B 97 8.12 11.35 10.72
CA PRO B 97 7.06 11.45 9.72
C PRO B 97 5.73 11.79 10.40
N GLY B 98 5.02 12.80 9.90
CA GLY B 98 3.75 13.29 10.46
C GLY B 98 3.95 14.49 11.39
N PHE B 99 5.18 14.77 11.85
CA PHE B 99 5.48 15.91 12.75
C PHE B 99 6.13 17.07 11.97
N MET B 100 6.34 16.91 10.67
CA MET B 100 7.20 17.83 9.89
C MET B 100 6.38 19.00 9.31
N SER B 101 6.98 20.19 9.28
CA SER B 101 6.42 21.40 8.64
C SER B 101 5.97 21.09 7.21
N GLY B 102 4.83 21.61 6.79
CA GLY B 102 4.37 21.59 5.39
C GLY B 102 5.41 22.22 4.46
N ASN B 103 6.31 23.04 5.01
CA ASN B 103 7.38 23.72 4.23
C ASN B 103 8.70 22.94 4.28
N SER B 104 8.76 21.82 4.98
CA SER B 104 10.02 21.03 5.14
C SER B 104 10.55 20.58 3.78
N ALA B 105 11.87 20.71 3.56
CA ALA B 105 12.55 20.30 2.31
C ALA B 105 12.33 18.80 2.06
N LEU B 106 12.46 17.99 3.11
CA LEU B 106 12.27 16.52 3.03
C LEU B 106 11.19 16.13 4.05
N LYS B 107 10.34 15.20 3.66
CA LYS B 107 9.24 14.64 4.49
C LYS B 107 9.24 13.12 4.38
N GLY B 108 8.50 12.46 5.25
CA GLY B 108 8.24 11.01 5.22
C GLY B 108 9.51 10.21 5.06
N ALA B 109 9.54 9.35 4.03
CA ALA B 109 10.58 8.34 3.81
C ALA B 109 11.88 9.02 3.34
N ASP B 110 11.85 10.27 2.90
CA ASP B 110 13.03 10.97 2.33
C ASP B 110 13.95 11.54 3.41
N MET B 111 13.47 11.62 4.65
CA MET B 111 14.32 12.05 5.78
C MET B 111 15.21 10.86 6.18
N GLY B 112 16.52 11.04 6.16
CA GLY B 112 17.48 9.95 6.42
C GLY B 112 18.89 10.45 6.47
N LEU B 113 19.79 9.65 7.05
CA LEU B 113 21.23 9.97 7.14
C LEU B 113 21.75 10.19 5.73
N PRO B 114 22.26 11.38 5.37
CA PRO B 114 22.75 11.60 4.00
C PRO B 114 23.70 10.47 3.55
N LEU B 115 23.54 10.04 2.30
CA LEU B 115 24.20 8.85 1.71
C LEU B 115 25.71 9.09 1.59
N ASP B 116 26.18 10.34 1.58
CA ASP B 116 27.63 10.62 1.47
C ASP B 116 28.33 10.42 2.83
N GLN B 117 27.60 10.08 3.90
CA GLN B 117 28.22 9.87 5.24
C GLN B 117 28.64 8.40 5.38
N LYS B 118 29.79 8.18 5.98
CA LYS B 118 30.37 6.85 6.29
C LYS B 118 29.98 6.47 7.71
N THR B 119 29.41 5.27 7.88
CA THR B 119 28.91 4.81 9.20
C THR B 119 29.97 3.98 9.93
N MET B 120 29.71 3.79 11.22
CA MET B 120 30.38 2.81 12.11
C MET B 120 30.45 1.44 11.41
N GLY B 121 29.33 0.99 10.83
CA GLY B 121 29.23 -0.25 10.04
C GLY B 121 30.24 -0.29 8.92
N ASP B 122 30.28 0.75 8.09
CA ASP B 122 31.21 0.85 6.93
C ASP B 122 32.66 0.71 7.41
N TYR B 123 33.05 1.42 8.47
CA TYR B 123 34.44 1.45 8.97
C TYR B 123 34.85 0.08 9.51
N LEU B 124 33.95 -0.61 10.21
CA LEU B 124 34.26 -1.93 10.79
C LEU B 124 34.23 -3.02 9.70
N LYS B 125 33.36 -2.89 8.68
CA LYS B 125 33.38 -3.78 7.49
C LYS B 125 34.75 -3.69 6.82
N GLU B 126 35.34 -2.49 6.69
CA GLU B 126 36.69 -2.27 6.10
C GLU B 126 37.75 -3.02 6.91
N GLN B 127 37.52 -3.23 8.21
CA GLN B 127 38.48 -3.91 9.12
C GLN B 127 38.15 -5.40 9.20
N GLY B 128 37.24 -5.90 8.36
CA GLY B 128 36.95 -7.34 8.17
C GLY B 128 35.92 -7.87 9.16
N TYR B 129 35.12 -7.00 9.78
CA TYR B 129 34.08 -7.38 10.76
C TYR B 129 32.81 -7.80 10.03
N LYS B 130 32.14 -8.81 10.56
CA LYS B 130 30.69 -9.08 10.33
C LYS B 130 29.92 -8.03 11.14
N THR B 131 28.92 -7.41 10.53
CA THR B 131 28.20 -6.25 11.13
C THR B 131 26.71 -6.53 11.13
N ALA B 132 26.04 -6.24 12.24
CA ALA B 132 24.60 -6.45 12.39
C ALA B 132 24.00 -5.32 13.23
N VAL B 133 22.76 -4.97 12.90
CA VAL B 133 21.93 -4.05 13.72
C VAL B 133 20.62 -4.75 14.05
N PHE B 134 20.24 -4.69 15.30
CA PHE B 134 18.97 -5.23 15.83
C PHE B 134 18.20 -4.09 16.45
N GLY B 135 16.94 -3.92 16.06
CA GLY B 135 16.02 -3.00 16.73
C GLY B 135 15.84 -1.72 15.94
N LYS B 136 15.83 -0.60 16.64
CA LYS B 136 15.42 0.73 16.11
C LYS B 136 16.51 1.29 15.22
N TRP B 137 16.17 1.65 13.99
CA TRP B 137 17.13 2.26 13.04
C TRP B 137 17.01 3.79 13.12
N HIS B 138 15.90 4.33 12.62
CA HIS B 138 15.53 5.77 12.72
C HIS B 138 16.53 6.65 11.97
N LEU B 139 17.22 6.10 10.97
CA LEU B 139 18.18 6.89 10.16
C LEU B 139 17.72 6.88 8.69
N GLY B 140 16.41 6.71 8.47
CA GLY B 140 15.74 6.91 7.17
C GLY B 140 14.88 5.71 6.83
N ASP B 141 13.70 5.96 6.29
CA ASP B 141 12.67 4.92 5.98
C ASP B 141 12.77 4.46 4.51
N ALA B 142 13.20 5.29 3.58
CA ALA B 142 13.35 4.88 2.16
C ALA B 142 14.39 3.75 2.05
N ASP B 143 14.24 2.91 1.02
CA ASP B 143 15.13 1.75 0.75
C ASP B 143 16.61 2.17 0.74
N ARG B 144 16.94 3.33 0.17
CA ARG B 144 18.34 3.78 0.03
C ARG B 144 18.99 4.03 1.42
N PHE B 145 18.20 4.21 2.48
CA PHE B 145 18.69 4.51 3.85
C PHE B 145 18.79 3.25 4.69
N HIS B 146 18.42 2.11 4.11
CA HIS B 146 18.33 0.81 4.80
C HIS B 146 19.69 0.43 5.38
N PRO B 147 19.76 -0.16 6.61
CA PRO B 147 21.04 -0.58 7.18
C PRO B 147 21.92 -1.43 6.27
N LEU B 148 21.33 -2.29 5.42
CA LEU B 148 22.11 -3.17 4.50
C LEU B 148 22.74 -2.36 3.37
N LYS B 149 22.40 -1.08 3.19
CA LYS B 149 23.13 -0.18 2.28
C LYS B 149 24.14 0.67 3.06
N ARG B 150 24.14 0.60 4.39
CA ARG B 150 24.92 1.54 5.25
C ARG B 150 25.97 0.78 6.08
N GLY B 151 26.44 -0.36 5.60
CA GLY B 151 27.60 -1.09 6.15
C GLY B 151 27.20 -2.20 7.11
N PHE B 152 25.93 -2.59 7.17
CA PHE B 152 25.44 -3.72 8.01
C PHE B 152 25.13 -4.90 7.10
N ASP B 153 25.64 -6.08 7.45
CA ASP B 153 25.36 -7.36 6.72
C ASP B 153 23.96 -7.85 7.10
N THR B 154 23.56 -7.67 8.35
CA THR B 154 22.36 -8.29 8.94
C THR B 154 21.54 -7.25 9.68
N PHE B 155 20.21 -7.38 9.61
CA PHE B 155 19.22 -6.51 10.27
C PHE B 155 18.07 -7.38 10.76
N LEU B 156 17.65 -7.21 12.01
CA LEU B 156 16.26 -7.50 12.43
C LEU B 156 15.79 -6.34 13.28
N GLY B 157 14.85 -5.55 12.76
CA GLY B 157 14.39 -4.35 13.48
C GLY B 157 13.39 -3.58 12.67
N PHE B 158 13.27 -2.29 12.94
CA PHE B 158 12.27 -1.43 12.26
C PHE B 158 12.97 -0.15 11.82
N ARG B 159 12.57 0.36 10.66
CA ARG B 159 13.23 1.52 10.01
C ARG B 159 12.95 2.78 10.83
N GLY B 160 11.77 2.88 11.45
CA GLY B 160 11.24 4.13 12.02
C GLY B 160 11.69 4.38 13.44
N GLY B 161 10.87 5.13 14.19
CA GLY B 161 11.28 5.74 15.47
C GLY B 161 10.60 5.16 16.69
N ASP B 162 9.47 4.48 16.51
CA ASP B 162 8.75 3.86 17.65
C ASP B 162 7.78 2.82 17.11
N ARG B 163 7.49 1.81 17.94
CA ARG B 163 6.55 0.73 17.57
C ARG B 163 6.14 -0.03 18.80
N SER B 164 5.08 -0.84 18.65
CA SER B 164 4.55 -1.75 19.69
C SER B 164 5.62 -2.77 20.08
N TYR B 165 5.65 -3.13 21.35
CA TYR B 165 6.48 -4.22 21.91
C TYR B 165 5.86 -5.58 21.62
N PHE B 166 4.65 -5.62 21.07
CA PHE B 166 3.99 -6.87 20.63
C PHE B 166 3.72 -6.81 19.15
N ASN B 167 3.36 -7.96 18.59
CA ASN B 167 2.96 -8.09 17.17
C ASN B 167 1.81 -7.14 16.87
N TYR B 168 1.86 -6.49 15.70
CA TYR B 168 0.72 -5.80 15.07
C TYR B 168 -0.16 -6.88 14.44
N SER B 169 -1.47 -6.74 14.58
CA SER B 169 -2.48 -7.58 13.89
C SER B 169 -2.52 -7.16 12.42
N GLU B 170 -3.08 -8.00 11.56
CA GLU B 170 -3.35 -7.64 10.13
C GLU B 170 -4.23 -6.38 10.09
N GLN B 171 -5.21 -6.25 10.97
CA GLN B 171 -6.14 -5.08 11.03
C GLN B 171 -5.36 -3.79 11.36
N GLU B 172 -4.43 -3.84 12.31
CA GLU B 172 -3.60 -2.66 12.70
C GLU B 172 -2.73 -2.24 11.50
N MET B 173 -2.16 -3.18 10.77
CA MET B 173 -1.23 -2.88 9.64
C MET B 173 -2.02 -2.36 8.43
N LYS B 174 -3.19 -2.93 8.15
CA LYS B 174 -4.13 -2.50 7.07
C LYS B 174 -4.68 -1.09 7.38
N ASN B 175 -4.83 -0.70 8.64
CA ASN B 175 -5.43 0.59 9.07
C ASN B 175 -4.35 1.66 9.39
N GLY B 176 -3.07 1.35 9.22
CA GLY B 176 -1.98 2.30 9.46
C GLY B 176 -1.97 3.41 8.43
N ASN B 177 -1.61 4.63 8.83
CA ASN B 177 -1.44 5.78 7.90
C ASN B 177 -0.25 5.46 6.98
N LYS B 178 0.07 6.37 6.06
CA LYS B 178 1.09 6.19 5.00
C LYS B 178 2.51 6.11 5.59
N HIS B 179 2.73 6.51 6.85
CA HIS B 179 4.05 6.48 7.55
C HIS B 179 4.22 5.20 8.37
N PHE B 180 3.12 4.47 8.62
CA PHE B 180 3.05 3.30 9.54
C PHE B 180 4.02 2.18 9.11
N PHE B 181 4.30 2.02 7.82
CA PHE B 181 5.14 0.90 7.30
C PHE B 181 6.52 0.89 8.00
N ASP B 182 7.01 2.05 8.49
CA ASP B 182 8.36 2.14 9.11
C ASP B 182 8.34 1.49 10.50
N LYS B 183 7.18 1.10 11.01
CA LYS B 183 7.05 0.45 12.34
C LYS B 183 7.13 -1.08 12.20
N LYS B 184 7.08 -1.61 10.98
CA LYS B 184 6.97 -3.08 10.75
C LYS B 184 8.33 -3.72 11.01
N LEU B 185 8.34 -4.82 11.77
CA LEU B 185 9.60 -5.55 12.04
C LEU B 185 10.04 -6.27 10.76
N GLU B 186 11.33 -6.19 10.46
CA GLU B 186 11.91 -6.51 9.13
C GLU B 186 13.19 -7.30 9.32
N ARG B 187 13.34 -8.40 8.57
CA ARG B 187 14.58 -9.19 8.54
C ARG B 187 15.35 -8.83 7.26
N ASP B 188 16.60 -8.43 7.41
CA ASP B 188 17.44 -8.01 6.26
C ASP B 188 16.62 -7.03 5.40
N PHE B 189 16.56 -7.22 4.09
CA PHE B 189 16.04 -6.21 3.13
C PHE B 189 14.61 -6.59 2.72
N GLY B 190 13.63 -6.11 3.47
CA GLY B 190 12.20 -6.14 3.10
C GLY B 190 11.50 -7.46 3.40
N ASN B 191 12.07 -8.33 4.25
CA ASN B 191 11.40 -9.58 4.69
C ASN B 191 10.66 -9.27 5.98
N TYR B 192 9.38 -8.92 5.89
CA TYR B 192 8.58 -8.41 7.03
C TYR B 192 8.04 -9.60 7.82
N GLU B 193 8.19 -9.54 9.14
CA GLU B 193 7.89 -10.65 10.09
C GLU B 193 7.71 -10.04 11.47
N GLU B 194 6.50 -10.05 12.00
CA GLU B 194 6.17 -9.43 13.31
C GLU B 194 6.84 -10.24 14.43
N PRO B 195 7.14 -9.63 15.59
CA PRO B 195 7.78 -10.34 16.67
C PRO B 195 6.86 -11.44 17.24
N LYS B 196 7.45 -12.60 17.53
CA LYS B 196 6.75 -13.81 18.00
C LYS B 196 6.54 -13.77 19.52
N GLU B 197 7.19 -12.82 20.19
CA GLU B 197 7.08 -12.60 21.64
C GLU B 197 7.44 -11.14 21.91
N TYR B 198 7.43 -10.71 23.17
CA TYR B 198 7.77 -9.35 23.61
C TYR B 198 9.03 -8.89 22.86
N LEU B 199 8.95 -7.73 22.21
CA LEU B 199 9.97 -7.27 21.23
C LEU B 199 11.35 -7.20 21.91
N THR B 200 11.43 -6.70 23.13
CA THR B 200 12.72 -6.54 23.83
C THR B 200 13.42 -7.91 23.93
N ASP B 201 12.68 -8.97 24.27
CA ASP B 201 13.23 -10.35 24.32
C ASP B 201 13.65 -10.80 22.92
N VAL B 202 12.86 -10.49 21.88
CA VAL B 202 13.19 -10.91 20.49
C VAL B 202 14.55 -10.32 20.12
N LEU B 203 14.76 -9.03 20.38
CA LEU B 203 15.99 -8.31 19.92
C LEU B 203 17.21 -8.91 20.64
N GLY B 204 17.13 -9.11 21.95
CA GLY B 204 18.22 -9.70 22.76
C GLY B 204 18.56 -11.11 22.32
N LYS B 205 17.57 -11.96 22.10
CA LYS B 205 17.76 -13.37 21.66
C LYS B 205 18.36 -13.38 20.25
N GLU B 206 17.93 -12.48 19.35
CA GLU B 206 18.48 -12.47 17.98
C GLU B 206 19.95 -12.03 18.02
N ALA B 207 20.30 -11.03 18.83
CA ALA B 207 21.69 -10.61 19.04
C ALA B 207 22.53 -11.80 19.56
N ALA B 208 22.03 -12.53 20.54
CA ALA B 208 22.69 -13.74 21.13
C ALA B 208 22.89 -14.83 20.06
N LYS B 209 21.89 -15.09 19.21
CA LYS B 209 21.99 -16.07 18.09
C LYS B 209 23.10 -15.62 17.12
N TYR B 210 23.19 -14.32 16.84
CA TYR B 210 24.19 -13.77 15.90
C TYR B 210 25.58 -14.02 16.47
N ILE B 211 25.77 -13.81 17.78
CA ILE B 211 27.07 -14.07 18.45
C ILE B 211 27.43 -15.55 18.24
N GLU B 212 26.51 -16.45 18.56
CA GLU B 212 26.66 -17.92 18.40
C GLU B 212 27.10 -18.23 16.97
N GLN B 213 26.40 -17.71 15.96
CA GLN B 213 26.65 -18.01 14.53
C GLN B 213 28.02 -17.47 14.09
N ASN B 214 28.54 -16.41 14.71
CA ASN B 214 29.71 -15.66 14.21
C ASN B 214 30.83 -15.70 15.26
N LYS B 215 30.81 -16.68 16.17
CA LYS B 215 31.71 -16.72 17.37
C LYS B 215 33.18 -16.87 16.98
N ASP B 216 33.50 -17.34 15.77
CA ASP B 216 34.90 -17.65 15.36
C ASP B 216 35.52 -16.49 14.57
N GLU B 217 34.82 -15.38 14.38
CA GLU B 217 35.33 -14.21 13.60
C GLU B 217 34.96 -12.91 14.32
N PRO B 218 35.68 -11.81 14.07
CA PRO B 218 35.33 -10.51 14.63
C PRO B 218 33.93 -10.08 14.17
N PHE B 219 33.10 -9.62 15.11
CA PHE B 219 31.75 -9.12 14.78
C PHE B 219 31.49 -7.82 15.54
N PHE B 220 30.62 -7.02 14.95
CA PHE B 220 30.08 -5.76 15.50
C PHE B 220 28.57 -5.91 15.54
N ILE B 221 27.98 -5.77 16.73
CA ILE B 221 26.51 -5.75 16.92
C ILE B 221 26.11 -4.38 17.47
N TYR B 222 25.20 -3.72 16.77
CA TYR B 222 24.49 -2.50 17.22
C TYR B 222 23.10 -2.96 17.67
N LEU B 223 22.92 -3.08 18.98
CA LEU B 223 21.66 -3.55 19.58
C LEU B 223 20.90 -2.31 20.06
N ALA B 224 19.99 -1.84 19.22
CA ALA B 224 19.24 -0.58 19.42
C ALA B 224 17.85 -0.92 19.92
N PHE B 225 17.70 -1.11 21.22
CA PHE B 225 16.37 -1.44 21.81
C PHE B 225 15.44 -0.26 21.58
N ASN B 226 14.15 -0.53 21.38
CA ASN B 226 13.14 0.55 21.47
C ASN B 226 12.81 0.79 22.95
N ALA B 227 13.05 -0.17 23.85
CA ALA B 227 12.92 0.03 25.31
C ALA B 227 13.80 1.22 25.70
N VAL B 228 13.31 2.18 26.49
CA VAL B 228 12.04 2.20 27.18
C VAL B 228 11.15 3.32 26.62
N HIS B 229 11.11 3.45 25.30
CA HIS B 229 10.23 4.38 24.57
C HIS B 229 8.75 3.94 24.69
N THR B 230 7.83 4.89 24.66
CA THR B 230 6.38 4.63 24.44
C THR B 230 6.24 3.82 23.16
N PRO B 231 5.17 3.01 22.99
CA PRO B 231 4.10 2.85 23.99
C PRO B 231 4.52 1.98 25.20
N LEU B 232 3.89 2.24 26.35
CA LEU B 232 4.19 1.61 27.65
C LEU B 232 3.56 0.22 27.70
N GLU B 233 4.22 -0.74 27.08
CA GLU B 233 3.75 -2.14 26.95
C GLU B 233 4.81 -3.04 27.58
N SER B 234 4.39 -4.02 28.38
CA SER B 234 5.31 -4.87 29.16
C SER B 234 4.85 -6.33 29.10
N ASP B 235 5.77 -7.24 29.37
CA ASP B 235 5.46 -8.65 29.72
C ASP B 235 4.70 -8.62 31.05
N PRO B 236 3.49 -9.22 31.15
CA PRO B 236 2.77 -9.30 32.43
C PRO B 236 3.61 -9.86 33.59
N LYS B 237 4.52 -10.81 33.33
CA LYS B 237 5.40 -11.38 34.38
C LYS B 237 6.35 -10.31 34.92
N ASP B 238 6.77 -9.35 34.09
CA ASP B 238 7.63 -8.22 34.53
C ASP B 238 6.79 -7.22 35.33
N LEU B 239 5.56 -6.93 34.89
CA LEU B 239 4.63 -6.01 35.61
C LEU B 239 4.45 -6.50 37.05
N ALA B 240 4.33 -7.82 37.23
CA ALA B 240 4.01 -8.49 38.50
C ALA B 240 5.18 -8.38 39.50
N LYS B 241 6.38 -8.02 39.04
CA LYS B 241 7.56 -7.83 39.92
C LYS B 241 7.54 -6.44 40.58
N PHE B 242 6.59 -5.56 40.23
CA PHE B 242 6.53 -4.17 40.76
C PHE B 242 5.15 -3.87 41.35
N PRO B 243 4.70 -4.69 42.33
CA PRO B 243 3.33 -4.59 42.86
C PRO B 243 3.06 -3.23 43.55
N ASN B 244 4.09 -2.56 44.06
CA ASN B 244 3.96 -1.28 44.81
C ASN B 244 3.96 -0.06 43.89
N LEU B 245 4.29 -0.22 42.62
CA LEU B 245 4.24 0.89 41.63
C LEU B 245 2.90 0.86 40.90
N THR B 246 2.46 2.02 40.41
CA THR B 246 1.17 2.20 39.71
C THR B 246 1.40 2.95 38.38
N GLY B 247 0.48 2.75 37.43
CA GLY B 247 0.36 3.52 36.17
C GLY B 247 1.65 3.46 35.36
N LYS B 248 2.07 4.61 34.81
CA LYS B 248 3.19 4.69 33.82
C LYS B 248 4.49 4.21 34.47
N ARG B 249 4.74 4.56 35.73
CA ARG B 249 5.97 4.19 36.47
C ARG B 249 6.06 2.66 36.58
N LYS B 250 4.94 1.97 36.84
CA LYS B 250 4.92 0.49 36.94
C LYS B 250 5.32 -0.11 35.59
N GLU B 251 4.77 0.42 34.49
CA GLU B 251 5.07 -0.05 33.10
C GLU B 251 6.56 0.20 32.83
N LEU B 252 7.09 1.37 33.18
CA LEU B 252 8.51 1.71 32.93
C LEU B 252 9.41 0.69 33.66
N ALA B 253 9.09 0.40 34.94
CA ALA B 253 9.84 -0.57 35.76
C ALA B 253 9.90 -1.92 35.02
N ALA B 254 8.77 -2.40 34.54
CA ALA B 254 8.65 -3.69 33.82
C ALA B 254 9.45 -3.64 32.51
N MET B 255 9.34 -2.54 31.77
CA MET B 255 10.05 -2.36 30.49
C MET B 255 11.56 -2.34 30.73
N THR B 256 12.00 -1.70 31.81
CA THR B 256 13.40 -1.58 32.23
C THR B 256 13.94 -2.96 32.64
N LEU B 257 13.15 -3.74 33.39
CA LEU B 257 13.51 -5.14 33.74
C LEU B 257 13.70 -5.96 32.46
N GLY B 258 12.83 -5.79 31.47
CA GLY B 258 12.90 -6.47 30.16
C GLY B 258 14.17 -6.08 29.41
N LEU B 259 14.48 -4.78 29.35
CA LEU B 259 15.72 -4.23 28.73
C LEU B 259 16.92 -4.90 29.38
N ASP B 260 16.94 -4.96 30.71
CA ASP B 260 18.07 -5.54 31.48
C ASP B 260 18.18 -7.04 31.20
N ARG B 261 17.06 -7.76 31.14
CA ARG B 261 17.04 -9.22 30.89
C ARG B 261 17.55 -9.52 29.48
N ALA B 262 17.08 -8.75 28.48
CA ALA B 262 17.46 -8.98 27.06
C ALA B 262 18.94 -8.64 26.87
N SER B 263 19.43 -7.59 27.53
CA SER B 263 20.88 -7.26 27.58
C SER B 263 21.64 -8.45 28.18
N GLY B 264 21.08 -9.04 29.24
CA GLY B 264 21.60 -10.26 29.88
C GLY B 264 21.79 -11.43 28.92
N TYR B 265 20.85 -11.67 27.98
CA TYR B 265 21.01 -12.76 26.98
C TYR B 265 22.32 -12.57 26.22
N VAL B 266 22.63 -11.34 25.85
CA VAL B 266 23.83 -11.01 25.03
C VAL B 266 25.08 -11.16 25.92
N LEU B 267 25.09 -10.55 27.10
CA LEU B 267 26.25 -10.59 28.03
C LEU B 267 26.52 -12.05 28.45
N ASP B 268 25.47 -12.83 28.70
CA ASP B 268 25.58 -14.25 29.11
C ASP B 268 26.11 -15.10 27.95
N LYS B 269 25.70 -14.82 26.71
CA LYS B 269 26.21 -15.57 25.53
C LYS B 269 27.72 -15.29 25.37
N LEU B 270 28.17 -14.05 25.49
CA LEU B 270 29.62 -13.72 25.41
C LEU B 270 30.39 -14.51 26.48
N LYS B 271 29.90 -14.53 27.71
CA LYS B 271 30.54 -15.20 28.88
C LYS B 271 30.62 -16.72 28.58
N GLU B 272 29.51 -17.33 28.19
CA GLU B 272 29.35 -18.79 27.96
C GLU B 272 30.30 -19.24 26.85
N LEU B 273 30.52 -18.43 25.82
CA LEU B 273 31.38 -18.82 24.67
C LEU B 273 32.84 -18.41 24.91
N GLY B 274 33.16 -17.79 26.05
CA GLY B 274 34.53 -17.32 26.33
C GLY B 274 34.96 -16.22 25.38
N LEU B 275 34.05 -15.30 25.05
CA LEU B 275 34.31 -14.15 24.14
C LEU B 275 34.38 -12.83 24.89
N ASP B 276 33.92 -12.74 26.13
CA ASP B 276 33.72 -11.41 26.78
C ASP B 276 35.08 -10.75 27.07
N ASP B 277 36.15 -11.52 27.32
CA ASP B 277 37.48 -10.93 27.65
C ASP B 277 37.91 -10.00 26.52
N ASN B 278 37.74 -10.41 25.26
CA ASN B 278 38.15 -9.61 24.09
C ASN B 278 36.92 -9.11 23.32
N THR B 279 35.88 -8.69 24.04
CA THR B 279 34.72 -7.96 23.46
C THR B 279 34.63 -6.60 24.14
N ILE B 280 34.49 -5.54 23.36
CA ILE B 280 34.13 -4.19 23.87
C ILE B 280 32.60 -4.16 23.95
N VAL B 281 32.07 -4.06 25.16
CA VAL B 281 30.61 -3.84 25.36
C VAL B 281 30.42 -2.39 25.81
N VAL B 282 29.56 -1.69 25.07
CA VAL B 282 29.14 -0.31 25.46
C VAL B 282 27.65 -0.39 25.77
N PHE B 283 27.24 0.23 26.87
CA PHE B 283 25.84 0.51 27.16
C PHE B 283 25.64 2.02 27.24
N SER B 284 24.71 2.53 26.43
CA SER B 284 24.27 3.95 26.55
C SER B 284 22.82 4.07 26.10
N ASN B 285 22.40 5.31 25.85
CA ASN B 285 20.99 5.76 25.78
C ASN B 285 20.95 6.91 24.77
N ASP B 286 19.92 6.98 23.93
CA ASP B 286 19.91 7.89 22.74
C ASP B 286 19.67 9.34 23.18
N ASN B 287 18.98 9.55 24.31
CA ASN B 287 18.67 10.90 24.82
C ASN B 287 18.14 10.77 26.24
N GLY B 288 18.05 11.88 26.96
CA GLY B 288 17.50 11.94 28.34
C GLY B 288 16.05 11.48 28.41
N GLY B 289 15.58 11.15 29.62
CA GLY B 289 14.24 10.57 29.80
C GLY B 289 13.14 11.60 29.55
N PRO B 290 12.08 11.26 28.75
CA PRO B 290 10.90 12.12 28.65
C PRO B 290 9.97 11.87 29.84
N SER B 291 10.22 12.59 30.94
CA SER B 291 9.61 12.31 32.27
C SER B 291 8.07 12.37 32.18
N ASP B 292 7.51 13.16 31.26
CA ASP B 292 6.03 13.33 31.10
C ASP B 292 5.42 12.20 30.27
N LYS B 293 6.23 11.42 29.55
CA LYS B 293 5.70 10.39 28.60
C LYS B 293 5.85 8.97 29.16
N ASN B 294 7.00 8.61 29.74
CA ASN B 294 7.27 7.21 30.12
C ASN B 294 7.65 7.12 31.60
N ALA B 295 7.43 8.20 32.36
CA ALA B 295 7.67 8.31 33.83
C ALA B 295 9.15 8.13 34.15
N SER B 296 10.04 8.33 33.17
CA SER B 296 11.50 8.28 33.38
C SER B 296 11.92 9.38 34.35
N ASN B 297 12.95 9.12 35.13
CA ASN B 297 13.48 10.02 36.18
C ASN B 297 14.96 10.29 35.91
N ASN B 298 15.33 11.55 35.70
CA ASN B 298 16.71 11.93 35.31
C ASN B 298 17.55 12.34 36.53
N ALA B 299 17.16 11.93 37.75
CA ALA B 299 17.89 12.33 38.99
C ALA B 299 19.38 12.03 38.84
N PRO B 300 20.30 12.91 39.29
CA PRO B 300 19.95 14.16 39.97
C PRO B 300 19.82 15.40 39.06
N LEU B 301 19.56 15.18 37.76
CA LEU B 301 19.62 16.27 36.74
C LEU B 301 18.27 16.98 36.59
N ALA B 302 18.33 18.23 36.16
CA ALA B 302 17.16 19.01 35.71
C ALA B 302 16.92 18.69 34.23
N GLY B 303 15.68 18.81 33.77
CA GLY B 303 15.34 18.70 32.35
C GLY B 303 15.11 17.27 31.91
N THR B 304 14.94 17.10 30.60
CA THR B 304 14.38 15.89 29.96
C THR B 304 14.83 15.84 28.51
N LYS B 305 14.45 14.75 27.85
CA LYS B 305 14.37 14.66 26.37
C LYS B 305 13.95 16.01 25.78
N SER B 306 14.61 16.39 24.69
CA SER B 306 14.26 17.49 23.75
C SER B 306 14.55 18.87 24.36
N ASN B 307 15.21 18.95 25.53
CA ASN B 307 15.88 20.19 25.97
C ASN B 307 17.36 19.88 26.25
N GLN B 308 18.17 20.92 26.38
CA GLN B 308 19.66 20.83 26.43
C GLN B 308 20.17 21.11 27.84
N LEU B 309 19.28 21.12 28.83
CA LEU B 309 19.68 20.88 30.25
C LEU B 309 20.32 19.50 30.34
N GLU B 310 21.11 19.25 31.38
CA GLU B 310 21.88 17.99 31.54
C GLU B 310 20.94 16.80 31.39
N GLY B 311 19.71 16.93 31.89
CA GLY B 311 18.68 15.87 31.86
C GLY B 311 18.34 15.40 30.46
N GLY B 312 18.61 16.21 29.43
CA GLY B 312 18.34 15.83 28.03
C GLY B 312 19.55 15.25 27.32
N ILE B 313 20.76 15.65 27.69
CA ILE B 313 21.98 15.39 26.87
C ILE B 313 22.94 14.46 27.62
N ARG B 314 22.89 14.42 28.95
CA ARG B 314 23.76 13.50 29.76
C ARG B 314 23.04 12.17 29.92
N VAL B 315 23.74 11.06 29.66
CA VAL B 315 23.10 9.73 29.58
C VAL B 315 23.95 8.72 30.35
N PRO B 316 23.33 7.61 30.82
CA PRO B 316 24.10 6.48 31.33
C PRO B 316 25.04 6.02 30.21
N PHE B 317 26.27 5.66 30.57
CA PHE B 317 27.36 5.42 29.61
C PHE B 317 28.37 4.46 30.28
N LEU B 318 28.42 3.21 29.83
CA LEU B 318 29.33 2.15 30.35
C LEU B 318 30.20 1.64 29.21
N ILE B 319 31.50 1.38 29.48
CA ILE B 319 32.35 0.58 28.56
C ILE B 319 33.03 -0.54 29.36
N SER B 320 32.90 -1.78 28.90
CA SER B 320 33.61 -2.96 29.46
C SER B 320 34.47 -3.60 28.36
N TRP B 321 35.72 -3.90 28.68
CA TRP B 321 36.71 -4.57 27.81
C TRP B 321 37.77 -5.19 28.71
N PRO B 322 37.50 -6.38 29.29
CA PRO B 322 38.35 -6.91 30.37
C PRO B 322 39.85 -6.96 30.07
N LYS B 323 40.25 -7.17 28.82
CA LYS B 323 41.69 -7.21 28.45
C LYS B 323 42.35 -5.84 28.66
N HIS B 324 41.60 -4.72 28.67
CA HIS B 324 42.22 -3.36 28.69
C HIS B 324 41.58 -2.41 29.71
N ILE B 325 40.42 -2.71 30.29
CA ILE B 325 39.73 -1.75 31.19
C ILE B 325 39.54 -2.41 32.55
N LYS B 326 40.03 -1.73 33.59
CA LYS B 326 39.96 -2.18 35.01
C LYS B 326 38.49 -2.22 35.44
N PRO B 327 38.05 -3.29 36.14
CA PRO B 327 36.67 -3.38 36.60
C PRO B 327 36.42 -2.41 37.77
N GLY B 328 35.17 -1.98 37.95
CA GLY B 328 34.70 -1.16 39.08
C GLY B 328 35.21 0.26 39.01
N SER B 329 35.65 0.71 37.83
CA SER B 329 36.29 2.05 37.67
C SER B 329 35.23 3.08 37.21
N THR B 330 35.53 4.35 37.45
CA THR B 330 34.71 5.50 36.99
C THR B 330 35.62 6.48 36.27
N TYR B 331 35.10 7.16 35.25
CA TYR B 331 35.80 8.22 34.49
C TYR B 331 34.92 9.46 34.52
N ASP B 332 35.47 10.61 34.89
CA ASP B 332 34.68 11.78 35.38
C ASP B 332 34.79 12.97 34.43
N TYR B 333 35.62 12.93 33.38
CA TYR B 333 35.64 14.01 32.36
C TYR B 333 34.54 13.74 31.33
N PRO B 334 33.97 14.79 30.69
CA PRO B 334 32.97 14.60 29.64
C PRO B 334 33.45 13.72 28.48
N VAL B 335 32.60 12.78 28.07
CA VAL B 335 32.78 11.96 26.84
C VAL B 335 31.47 12.04 26.03
N SER B 336 31.54 11.63 24.78
CA SER B 336 30.43 11.75 23.81
C SER B 336 30.24 10.43 23.10
N THR B 337 29.01 10.13 22.71
CA THR B 337 28.71 9.06 21.74
C THR B 337 29.51 9.32 20.46
N LEU B 338 29.87 10.57 20.16
CA LEU B 338 30.71 10.89 18.97
C LEU B 338 32.06 10.18 19.05
N ASP B 339 32.49 9.83 20.27
CA ASP B 339 33.80 9.17 20.52
C ASP B 339 33.75 7.68 20.18
N LEU B 340 32.56 7.10 20.02
CA LEU B 340 32.46 5.61 19.92
C LEU B 340 33.01 5.12 18.58
N LEU B 341 32.73 5.80 17.48
CA LEU B 341 33.27 5.38 16.16
C LEU B 341 34.80 5.33 16.19
N PRO B 342 35.54 6.42 16.52
CA PRO B 342 37.00 6.36 16.55
C PRO B 342 37.56 5.37 17.60
N THR B 343 36.89 5.20 18.74
CA THR B 343 37.26 4.23 19.79
C THR B 343 37.17 2.81 19.19
N PHE B 344 36.03 2.47 18.56
CA PHE B 344 35.82 1.16 17.92
C PHE B 344 36.84 0.96 16.79
N TYR B 345 37.05 1.97 15.96
CA TYR B 345 37.89 1.86 14.75
C TYR B 345 39.35 1.63 15.16
N SER B 346 39.83 2.32 16.19
CA SER B 346 41.21 2.15 16.74
C SER B 346 41.35 0.73 17.26
N ALA B 347 40.37 0.22 18.02
CA ALA B 347 40.37 -1.14 18.60
C ALA B 347 40.39 -2.18 17.48
N ALA B 348 39.73 -1.89 16.35
CA ALA B 348 39.68 -2.75 15.15
C ALA B 348 40.95 -2.61 14.29
N LYS B 349 41.97 -1.90 14.78
CA LYS B 349 43.32 -1.76 14.16
C LYS B 349 43.23 -0.84 12.93
N GLY B 350 42.22 0.01 12.87
CA GLY B 350 42.04 0.97 11.76
C GLY B 350 43.12 2.05 11.77
N LYS B 351 43.67 2.38 10.60
CA LYS B 351 44.75 3.39 10.44
C LYS B 351 44.39 4.37 9.33
N ALA B 352 43.14 4.38 8.86
CA ALA B 352 42.65 5.29 7.78
C ALA B 352 41.35 5.99 8.23
N LEU B 353 41.36 6.61 9.41
CA LEU B 353 40.20 7.38 9.97
C LEU B 353 40.01 8.66 9.15
N GLY B 354 38.80 8.92 8.65
CA GLY B 354 38.44 10.18 7.97
C GLY B 354 38.94 11.38 8.77
N SER B 355 39.37 12.45 8.08
CA SER B 355 39.83 13.74 8.65
C SER B 355 38.67 14.52 9.27
N ASP B 356 37.42 14.13 8.98
CA ASP B 356 36.20 14.90 9.34
C ASP B 356 35.61 14.42 10.69
N ILE B 357 36.28 13.55 11.45
CA ILE B 357 35.70 12.91 12.67
C ILE B 357 35.84 13.87 13.85
N ASP B 358 34.79 14.06 14.64
CA ASP B 358 34.73 15.00 15.78
C ASP B 358 35.04 14.24 17.08
N GLY B 359 34.71 12.95 17.15
CA GLY B 359 35.01 12.12 18.34
C GLY B 359 36.50 11.83 18.46
N VAL B 360 36.93 11.37 19.63
CA VAL B 360 38.33 10.90 19.86
C VAL B 360 38.27 9.46 20.35
N ASP B 361 39.36 8.72 20.14
CA ASP B 361 39.59 7.39 20.75
C ASP B 361 39.71 7.55 22.28
N LEU B 362 38.80 6.94 23.03
CA LEU B 362 38.71 7.07 24.50
C LEU B 362 39.73 6.19 25.24
N LEU B 363 40.28 5.15 24.62
CA LEU B 363 41.02 4.11 25.39
C LEU B 363 42.22 4.72 26.12
N PRO B 364 43.05 5.60 25.49
CA PRO B 364 44.15 6.23 26.22
C PRO B 364 43.70 7.05 27.43
N TYR B 365 42.51 7.67 27.35
CA TYR B 365 41.94 8.48 28.44
C TYR B 365 41.48 7.54 29.57
N ILE B 366 40.74 6.49 29.20
CA ILE B 366 40.24 5.47 30.17
C ILE B 366 41.44 4.87 30.92
N GLN B 367 42.53 4.56 30.21
CA GLN B 367 43.71 3.85 30.78
C GLN B 367 44.60 4.82 31.58
N GLY B 368 44.37 6.12 31.50
CA GLY B 368 45.18 7.13 32.20
C GLY B 368 46.48 7.43 31.48
N GLU B 369 46.66 6.99 30.21
CA GLU B 369 47.82 7.36 29.37
C GLU B 369 47.72 8.85 29.01
N ASN B 370 46.49 9.34 28.81
CA ASN B 370 46.19 10.76 28.51
C ASN B 370 45.31 11.28 29.65
N THR B 371 45.85 12.18 30.47
CA THR B 371 45.17 12.71 31.69
C THR B 371 44.43 14.00 31.37
N ALA B 372 44.51 14.50 30.14
CA ALA B 372 43.73 15.69 29.69
C ALA B 372 42.26 15.31 29.42
N ARG B 373 41.41 16.34 29.23
CA ARG B 373 39.99 16.18 28.86
C ARG B 373 39.91 15.68 27.42
N PRO B 374 39.13 14.63 27.14
CA PRO B 374 38.86 14.22 25.76
C PRO B 374 38.27 15.38 24.92
N HIS B 375 37.45 16.23 25.54
CA HIS B 375 36.75 17.38 24.90
C HIS B 375 36.75 18.60 25.84
N LYS B 376 37.62 19.55 25.58
CA LYS B 376 37.60 20.88 26.24
C LYS B 376 36.29 21.58 25.88
N VAL B 377 35.93 21.59 24.59
CA VAL B 377 34.74 22.32 24.08
C VAL B 377 33.75 21.33 23.47
N MET B 378 32.48 21.41 23.87
CA MET B 378 31.39 20.56 23.31
C MET B 378 30.22 21.46 22.94
N TYR B 379 29.42 21.04 21.96
CA TYR B 379 28.34 21.86 21.37
C TYR B 379 27.06 21.04 21.23
N TRP B 380 25.93 21.73 21.37
CA TRP B 380 24.58 21.20 21.08
C TRP B 380 23.80 22.29 20.35
N LYS B 381 22.92 21.90 19.43
CA LYS B 381 22.11 22.89 18.69
C LYS B 381 20.87 22.25 18.09
N LYS B 382 19.72 22.90 18.30
CA LYS B 382 18.46 22.72 17.56
C LYS B 382 17.89 24.13 17.35
N GLU B 383 17.99 24.65 16.13
CA GLU B 383 17.43 25.97 15.73
C GLU B 383 18.07 27.04 16.64
N ASN B 384 17.28 27.79 17.41
CA ASN B 384 17.78 28.88 18.29
C ASN B 384 18.33 28.33 19.61
N ARG B 385 17.94 27.11 20.00
CA ARG B 385 18.44 26.49 21.25
C ARG B 385 19.81 25.87 20.99
N ALA B 386 20.83 26.32 21.72
CA ALA B 386 22.20 25.83 21.54
C ALA B 386 22.93 25.92 22.87
N VAL B 387 23.98 25.11 22.99
CA VAL B 387 24.85 25.05 24.18
C VAL B 387 26.29 25.04 23.68
N ILE B 388 27.14 25.84 24.32
CA ILE B 388 28.61 25.61 24.26
C ILE B 388 29.09 25.34 25.69
N ARG B 389 29.83 24.26 25.83
CA ARG B 389 30.50 23.87 27.09
C ARG B 389 32.00 24.01 26.88
N ASP B 390 32.66 24.70 27.82
CA ASP B 390 34.12 24.96 27.82
C ASP B 390 34.63 24.55 29.20
N ASN B 391 35.38 23.43 29.29
CA ASN B 391 35.71 22.78 30.59
C ASN B 391 34.40 22.52 31.31
N ASP B 392 34.12 23.15 32.45
CA ASP B 392 32.87 22.90 33.20
C ASP B 392 31.90 24.10 33.11
N TRP B 393 32.23 25.14 32.34
CA TRP B 393 31.31 26.25 32.01
C TRP B 393 30.32 25.79 30.93
N LYS B 394 29.03 26.01 31.15
CA LYS B 394 27.98 25.66 30.17
C LYS B 394 27.14 26.92 29.90
N LEU B 395 27.22 27.45 28.67
CA LEU B 395 26.39 28.57 28.18
C LEU B 395 25.21 27.98 27.41
N ILE B 396 23.98 28.29 27.85
CA ILE B 396 22.72 27.83 27.19
C ILE B 396 22.04 29.04 26.55
N ARG B 397 21.84 28.99 25.25
CA ARG B 397 21.10 30.00 24.46
C ARG B 397 19.68 29.50 24.24
N TYR B 398 18.71 30.40 24.35
CA TYR B 398 17.26 30.14 24.20
C TYR B 398 16.65 31.18 23.26
N PRO B 399 15.50 30.86 22.63
CA PRO B 399 14.77 31.86 21.84
C PRO B 399 13.92 32.83 22.69
N ASP B 400 13.63 32.47 23.95
CA ASP B 400 12.54 33.13 24.75
C ASP B 400 13.04 33.67 26.11
N ARG B 401 14.36 33.71 26.35
CA ARG B 401 14.91 34.23 27.62
C ARG B 401 16.40 34.48 27.43
N PRO B 402 17.02 35.34 28.27
CA PRO B 402 18.47 35.58 28.17
C PRO B 402 19.25 34.29 28.36
N ALA B 403 20.42 34.22 27.71
CA ALA B 403 21.37 33.10 27.79
C ALA B 403 21.77 32.91 29.26
N GLU B 404 21.91 31.66 29.70
CA GLU B 404 22.28 31.32 31.10
C GLU B 404 23.66 30.67 31.09
N LEU B 405 24.42 30.86 32.16
CA LEU B 405 25.78 30.29 32.33
C LEU B 405 25.80 29.47 33.62
N TYR B 406 26.24 28.21 33.53
CA TYR B 406 26.33 27.27 34.68
C TYR B 406 27.78 26.81 34.84
N ASP B 407 28.19 26.65 36.09
CA ASP B 407 29.42 25.93 36.49
C ASP B 407 29.01 24.51 36.89
N LEU B 408 29.20 23.54 36.01
CA LEU B 408 28.72 22.15 36.23
C LEU B 408 29.57 21.48 37.33
N SER B 409 30.77 21.98 37.62
CA SER B 409 31.63 21.40 38.69
C SER B 409 30.99 21.65 40.07
N SER B 410 30.16 22.68 40.24
CA SER B 410 29.52 23.00 41.54
C SER B 410 27.98 22.99 41.46
N ASP B 411 27.38 22.78 40.29
CA ASP B 411 25.93 23.00 40.07
C ASP B 411 25.45 22.03 39.00
N ILE B 412 25.51 20.73 39.29
CA ILE B 412 25.12 19.64 38.37
C ILE B 412 23.68 19.86 37.88
N SER B 413 22.83 20.48 38.71
CA SER B 413 21.37 20.61 38.46
C SER B 413 21.02 21.96 37.81
N GLU B 414 22.00 22.79 37.47
CA GLU B 414 21.83 24.04 36.67
C GLU B 414 20.76 24.93 37.33
N GLN B 415 20.90 25.21 38.63
CA GLN B 415 19.96 26.04 39.42
C GLN B 415 20.53 27.44 39.64
N THR B 416 21.84 27.65 39.46
CA THR B 416 22.51 28.94 39.80
C THR B 416 23.09 29.59 38.54
N ASP B 417 22.34 30.51 37.93
CA ASP B 417 22.74 31.25 36.71
C ASP B 417 23.86 32.22 37.07
N LEU B 418 24.99 32.13 36.38
CA LEU B 418 26.21 32.95 36.66
C LEU B 418 26.46 33.98 35.56
N ALA B 419 25.52 34.14 34.62
CA ALA B 419 25.71 34.97 33.39
C ALA B 419 26.01 36.43 33.78
N ALA B 420 25.21 37.00 34.70
CA ALA B 420 25.31 38.42 35.11
C ALA B 420 26.70 38.70 35.72
N LYS B 421 27.28 37.72 36.43
CA LYS B 421 28.55 37.90 37.20
C LYS B 421 29.76 37.55 36.33
N ASN B 422 29.56 37.05 35.11
CA ASN B 422 30.66 36.63 34.21
C ASN B 422 30.42 37.14 32.80
N PRO B 423 30.20 38.47 32.61
CA PRO B 423 29.75 38.99 31.31
C PRO B 423 30.79 38.81 30.20
N GLU B 424 32.10 38.92 30.51
CA GLU B 424 33.19 38.76 29.50
C GLU B 424 33.17 37.30 29.00
N ARG B 425 33.06 36.32 29.90
CA ARG B 425 33.07 34.88 29.53
C ARG B 425 31.81 34.57 28.69
N VAL B 426 30.64 35.08 29.09
CA VAL B 426 29.38 34.95 28.31
C VAL B 426 29.62 35.42 26.87
N LYS B 427 30.24 36.59 26.68
CA LYS B 427 30.49 37.16 25.34
C LYS B 427 31.45 36.27 24.54
N THR B 428 32.55 35.82 25.15
CA THR B 428 33.58 35.02 24.43
C THR B 428 32.96 33.66 24.03
N MET B 429 32.15 33.08 24.91
CA MET B 429 31.52 31.75 24.66
C MET B 429 30.43 31.87 23.58
N PHE B 430 29.65 32.96 23.58
CA PHE B 430 28.71 33.32 22.51
C PHE B 430 29.43 33.35 21.14
N LYS B 431 30.59 34.02 21.04
CA LYS B 431 31.36 34.13 19.78
C LYS B 431 31.83 32.74 19.31
N SER B 432 32.35 31.93 20.22
CA SER B 432 32.83 30.54 19.97
C SER B 432 31.66 29.68 19.47
N LEU B 433 30.49 29.79 20.11
CA LEU B 433 29.28 29.05 19.69
C LEU B 433 28.95 29.39 18.23
N PHE B 434 28.88 30.67 17.89
CA PHE B 434 28.51 31.12 16.53
C PHE B 434 29.55 30.67 15.51
N GLU B 435 30.85 30.75 15.86
CA GLU B 435 31.95 30.24 15.01
C GLU B 435 31.70 28.76 14.66
N TRP B 436 31.30 27.93 15.63
CA TRP B 436 30.97 26.51 15.35
C TRP B 436 29.71 26.42 14.47
N GLU B 437 28.69 27.22 14.74
CA GLU B 437 27.42 27.25 13.95
C GLU B 437 27.73 27.55 12.47
N LEU B 438 28.73 28.38 12.16
CA LEU B 438 29.14 28.73 10.78
C LEU B 438 29.79 27.52 10.07
N THR B 439 30.16 26.46 10.77
CA THR B 439 30.71 25.23 10.13
C THR B 439 29.58 24.26 9.76
N LEU B 440 28.33 24.55 10.13
CA LEU B 440 27.18 23.62 9.95
C LEU B 440 26.47 23.91 8.62
N GLU B 441 25.83 22.88 8.06
CA GLU B 441 24.86 23.02 6.96
C GLU B 441 23.55 23.55 7.52
N ARG B 442 22.70 24.10 6.64
CA ARG B 442 21.29 24.39 6.99
C ARG B 442 20.60 23.04 7.18
N PRO B 443 19.55 22.97 8.01
CA PRO B 443 18.83 21.72 8.24
C PRO B 443 18.21 21.15 6.96
N ARG B 444 18.11 19.83 6.86
CA ARG B 444 17.53 19.15 5.67
C ARG B 444 16.02 18.98 5.82
N TRP B 445 15.48 19.14 7.02
CA TRP B 445 14.02 19.01 7.31
C TRP B 445 13.73 19.78 8.57
N LEU B 446 12.48 20.20 8.75
CA LEU B 446 12.06 21.09 9.86
C LEU B 446 10.77 20.56 10.48
N LEU B 447 10.73 20.53 11.80
CA LEU B 447 9.53 20.21 12.60
C LEU B 447 8.47 21.29 12.41
N LYS B 448 7.21 20.93 12.60
CA LYS B 448 6.10 21.90 12.78
C LYS B 448 6.51 22.86 13.89
N ARG B 449 6.12 24.12 13.77
CA ARG B 449 6.46 25.19 14.73
C ARG B 449 6.00 24.81 16.16
N LYS B 450 4.84 24.15 16.31
CA LYS B 450 4.25 23.91 17.67
C LYS B 450 5.21 23.09 18.56
N TYR B 451 6.12 22.28 18.01
CA TYR B 451 6.98 21.39 18.85
C TYR B 451 7.99 22.21 19.66
N GLU B 452 8.34 23.41 19.21
CA GLU B 452 9.28 24.27 19.98
C GLU B 452 8.60 24.75 21.28
N LYS B 453 7.30 25.04 21.23
CA LYS B 453 6.53 25.39 22.46
C LYS B 453 6.54 24.20 23.41
N TYR B 454 6.23 23.01 22.91
CA TYR B 454 6.24 21.77 23.72
C TYR B 454 7.62 21.56 24.36
N ASP B 455 8.69 21.66 23.57
CA ASP B 455 10.08 21.42 24.06
C ASP B 455 10.38 22.39 25.22
N ILE B 456 10.08 23.67 25.06
CA ILE B 456 10.41 24.72 26.07
C ILE B 456 9.50 24.54 27.32
N ASP B 457 8.22 24.28 27.13
CA ASP B 457 7.25 24.11 28.25
C ASP B 457 7.65 22.87 29.07
N ARG B 458 8.04 21.77 28.44
CA ARG B 458 8.47 20.55 29.17
C ARG B 458 9.74 20.87 29.96
N MET B 459 10.69 21.61 29.37
CA MET B 459 11.92 22.03 30.06
C MET B 459 11.55 22.80 31.35
N ASP B 460 10.59 23.73 31.25
CA ASP B 460 10.19 24.58 32.41
C ASP B 460 9.47 23.71 33.46
N LYS B 461 8.65 22.75 33.05
CA LYS B 461 7.97 21.80 33.97
C LYS B 461 9.02 21.02 34.78
N TYR B 462 10.16 20.67 34.18
CA TYR B 462 11.18 19.82 34.85
C TYR B 462 12.43 20.65 35.12
N ARG B 463 12.26 21.93 35.47
CA ARG B 463 13.40 22.88 35.63
C ARG B 463 14.13 22.60 36.94
N LEU B 464 13.47 22.02 37.93
CA LEU B 464 14.07 21.71 39.26
C LEU B 464 14.82 20.39 39.13
N PRO B 465 15.82 20.13 40.01
CA PRO B 465 16.54 18.86 40.00
C PRO B 465 15.58 17.69 40.26
N ALA B 466 15.67 16.61 39.48
CA ALA B 466 14.93 15.36 39.77
C ALA B 466 15.62 14.68 40.97
N THR B 467 14.88 13.87 41.72
CA THR B 467 15.40 13.09 42.87
C THR B 467 14.89 11.65 42.76
N GLN B 468 15.66 10.69 43.27
CA GLN B 468 15.26 9.26 43.35
C GLN B 468 14.02 9.14 44.23
N PRO B 469 13.02 8.32 43.84
CA PRO B 469 11.83 8.11 44.67
C PRO B 469 12.07 7.07 45.76
N ALA C 22 -3.23 17.27 -54.95
CA ALA C 22 -3.13 18.77 -54.76
C ALA C 22 -1.86 19.12 -53.95
N SER C 23 -1.97 19.89 -52.86
CA SER C 23 -0.85 20.18 -51.92
C SER C 23 -0.74 19.03 -50.90
N LYS C 24 0.48 18.75 -50.44
CA LYS C 24 0.76 17.78 -49.35
C LYS C 24 -0.04 18.18 -48.11
N PRO C 25 -0.87 17.28 -47.55
CA PRO C 25 -1.66 17.63 -46.36
C PRO C 25 -0.83 17.62 -45.06
N ASN C 26 -1.24 18.42 -44.08
CA ASN C 26 -0.72 18.26 -42.70
C ASN C 26 -1.27 16.94 -42.15
N ILE C 27 -0.58 16.36 -41.18
CA ILE C 27 -0.99 15.08 -40.56
C ILE C 27 -0.90 15.26 -39.06
N VAL C 28 -1.99 14.99 -38.35
CA VAL C 28 -2.01 15.03 -36.87
C VAL C 28 -2.55 13.69 -36.38
N LEU C 29 -1.69 12.90 -35.75
CA LEU C 29 -2.07 11.59 -35.16
C LEU C 29 -2.22 11.77 -33.65
N ILE C 30 -3.45 11.73 -33.16
CA ILE C 30 -3.79 11.81 -31.72
C ILE C 30 -3.97 10.38 -31.23
N PHE C 31 -3.18 9.99 -30.25
CA PHE C 31 -3.07 8.58 -29.80
C PHE C 31 -3.20 8.61 -28.28
N ALA C 32 -4.34 8.15 -27.77
CA ALA C 32 -4.60 8.04 -26.32
C ALA C 32 -3.93 6.77 -25.79
N ASP C 33 -3.95 6.61 -24.47
CA ASP C 33 -3.31 5.50 -23.72
C ASP C 33 -4.41 4.85 -22.86
N ASP C 34 -4.64 3.54 -23.00
CA ASP C 34 -5.43 2.72 -22.03
C ASP C 34 -6.90 3.17 -21.98
N ALA C 35 -7.45 3.77 -23.04
CA ALA C 35 -8.86 4.18 -23.08
C ALA C 35 -9.75 2.94 -23.30
N GLY C 36 -10.92 2.96 -22.68
CA GLY C 36 -11.95 1.94 -22.91
C GLY C 36 -12.59 2.08 -24.28
N PHE C 37 -12.85 0.97 -24.95
CA PHE C 37 -13.53 0.96 -26.27
C PHE C 37 -14.83 1.75 -26.21
N GLY C 38 -15.59 1.65 -25.11
CA GLY C 38 -16.93 2.27 -25.00
C GLY C 38 -16.90 3.65 -24.36
N ASP C 39 -15.72 4.23 -24.09
CA ASP C 39 -15.61 5.39 -23.15
C ASP C 39 -15.44 6.70 -23.92
N PHE C 40 -16.17 6.83 -25.03
CA PHE C 40 -16.26 8.06 -25.86
C PHE C 40 -17.72 8.21 -26.27
N GLY C 41 -18.21 9.44 -26.41
CA GLY C 41 -19.55 9.72 -26.97
C GLY C 41 -19.77 8.98 -28.28
N PHE C 42 -18.81 9.05 -29.21
CA PHE C 42 -18.96 8.47 -30.57
C PHE C 42 -18.90 6.93 -30.53
N GLN C 43 -18.49 6.35 -29.39
CA GLN C 43 -18.43 4.88 -29.15
C GLN C 43 -19.63 4.41 -28.35
N GLY C 44 -20.54 5.32 -27.96
CA GLY C 44 -21.82 4.99 -27.31
C GLY C 44 -21.83 5.28 -25.81
N SER C 45 -20.85 6.01 -25.25
CA SER C 45 -20.92 6.41 -23.82
C SER C 45 -21.97 7.52 -23.68
N THR C 46 -22.86 7.42 -22.70
CA THR C 46 -23.72 8.55 -22.25
C THR C 46 -23.17 9.10 -20.94
N GLN C 47 -22.41 8.28 -20.19
CA GLN C 47 -21.85 8.68 -18.87
C GLN C 47 -20.64 9.62 -19.06
N LEU C 48 -19.75 9.35 -20.00
CA LEU C 48 -18.52 10.17 -20.22
C LEU C 48 -18.79 11.20 -21.30
N LYS C 49 -18.05 12.30 -21.29
CA LYS C 49 -18.28 13.47 -22.19
C LYS C 49 -17.02 13.68 -23.01
N THR C 50 -17.11 13.57 -24.33
CA THR C 50 -16.00 13.85 -25.28
C THR C 50 -16.55 14.66 -26.45
N PRO C 51 -17.00 15.91 -26.21
CA PRO C 51 -17.64 16.72 -27.26
C PRO C 51 -16.72 17.02 -28.46
N ASN C 52 -15.44 17.33 -28.21
CA ASN C 52 -14.49 17.69 -29.30
C ASN C 52 -14.23 16.46 -30.18
N LEU C 53 -14.01 15.30 -29.58
CA LEU C 53 -13.72 14.06 -30.36
C LEU C 53 -15.02 13.56 -31.03
N ASP C 54 -16.18 13.81 -30.44
CA ASP C 54 -17.48 13.46 -31.08
C ASP C 54 -17.64 14.27 -32.37
N LYS C 55 -17.27 15.55 -32.35
CA LYS C 55 -17.31 16.44 -33.54
C LYS C 55 -16.28 15.94 -34.56
N LEU C 56 -15.08 15.55 -34.12
CA LEU C 56 -14.08 14.95 -35.03
C LEU C 56 -14.69 13.72 -35.72
N ALA C 57 -15.31 12.82 -34.98
CA ALA C 57 -15.93 11.59 -35.54
C ALA C 57 -16.94 11.99 -36.63
N GLN C 58 -17.79 12.99 -36.34
CA GLN C 58 -18.84 13.46 -37.27
C GLN C 58 -18.23 14.10 -38.52
N SER C 59 -17.04 14.69 -38.42
CA SER C 59 -16.32 15.38 -39.52
C SER C 59 -15.69 14.40 -40.52
N GLY C 60 -15.60 13.11 -40.20
CA GLY C 60 -14.85 12.14 -41.01
C GLY C 60 -15.42 10.75 -40.93
N VAL C 61 -14.53 9.75 -40.94
CA VAL C 61 -14.96 8.32 -40.94
C VAL C 61 -14.63 7.72 -39.58
N ARG C 62 -15.60 6.99 -39.01
CA ARG C 62 -15.45 6.18 -37.77
C ARG C 62 -15.30 4.71 -38.18
N PHE C 63 -14.25 4.06 -37.71
CA PHE C 63 -14.00 2.62 -37.96
C PHE C 63 -14.61 1.84 -36.80
N THR C 64 -15.46 0.88 -37.11
CA THR C 64 -16.15 0.02 -36.11
C THR C 64 -15.25 -1.16 -35.74
N GLN C 65 -14.24 -1.45 -36.57
CA GLN C 65 -13.28 -2.58 -36.40
C GLN C 65 -11.84 -2.08 -36.63
N GLY C 66 -11.43 -1.09 -35.86
CA GLY C 66 -10.03 -0.61 -35.85
C GLY C 66 -9.20 -1.36 -34.82
N TYR C 67 -8.01 -1.83 -35.21
CA TYR C 67 -7.14 -2.66 -34.34
C TYR C 67 -5.76 -2.05 -34.16
N VAL C 68 -5.21 -2.25 -32.97
CA VAL C 68 -3.77 -2.09 -32.70
C VAL C 68 -3.06 -3.42 -33.03
N SER C 69 -1.73 -3.39 -33.09
CA SER C 69 -0.90 -4.57 -33.44
C SER C 69 -0.52 -5.36 -32.20
N ASP C 70 -0.89 -4.86 -31.01
CA ASP C 70 -0.71 -5.58 -29.73
C ASP C 70 -1.64 -5.00 -28.65
N SER C 71 -1.90 -5.76 -27.60
CA SER C 71 -2.82 -5.38 -26.48
C SER C 71 -2.06 -4.63 -25.38
N THR C 72 -0.80 -4.23 -25.61
CA THR C 72 0.02 -3.40 -24.70
C THR C 72 0.77 -2.31 -25.48
N SER C 73 1.19 -1.28 -24.75
CA SER C 73 1.66 0.04 -25.25
C SER C 73 2.88 -0.09 -26.16
N GLY C 74 3.97 -0.65 -25.65
CA GLY C 74 5.27 -0.60 -26.34
C GLY C 74 5.19 -1.26 -27.71
N PRO C 75 4.81 -2.56 -27.77
CA PRO C 75 4.69 -3.27 -29.05
C PRO C 75 3.68 -2.62 -29.99
N SER C 76 2.57 -2.12 -29.45
CA SER C 76 1.54 -1.41 -30.24
C SER C 76 2.18 -0.19 -30.93
N ARG C 77 2.91 0.60 -30.18
CA ARG C 77 3.59 1.82 -30.70
C ARG C 77 4.69 1.45 -31.68
N ALA C 78 5.39 0.34 -31.48
CA ALA C 78 6.45 -0.13 -32.40
C ALA C 78 5.83 -0.47 -33.76
N GLY C 79 4.68 -1.17 -33.75
CA GLY C 79 3.89 -1.45 -34.97
C GLY C 79 3.44 -0.16 -35.65
N LEU C 80 2.82 0.74 -34.90
CA LEU C 80 2.32 2.04 -35.42
C LEU C 80 3.46 2.80 -36.10
N MET C 81 4.60 2.91 -35.43
CA MET C 81 5.72 3.77 -35.87
C MET C 81 6.39 3.17 -37.12
N THR C 82 6.26 1.88 -37.39
CA THR C 82 7.03 1.18 -38.48
C THR C 82 6.12 0.69 -39.62
N GLY C 83 4.81 0.60 -39.42
CA GLY C 83 3.89 -0.03 -40.40
C GLY C 83 4.13 -1.51 -40.53
N LYS C 84 4.78 -2.13 -39.54
CA LYS C 84 5.20 -3.55 -39.61
C LYS C 84 4.72 -4.29 -38.37
N TYR C 85 4.43 -5.58 -38.52
CA TYR C 85 4.31 -6.51 -37.36
C TYR C 85 5.61 -6.41 -36.55
N GLN C 86 5.52 -5.85 -35.35
CA GLN C 86 6.68 -5.51 -34.49
C GLN C 86 7.43 -6.79 -34.07
N GLN C 87 6.77 -7.94 -34.09
CA GLN C 87 7.41 -9.25 -33.75
C GLN C 87 8.44 -9.61 -34.83
N ARG C 88 8.32 -9.05 -36.02
CA ARG C 88 9.27 -9.33 -37.13
C ARG C 88 10.66 -8.80 -36.77
N PHE C 89 10.77 -7.78 -35.88
CA PHE C 89 12.07 -7.27 -35.42
C PHE C 89 12.23 -7.50 -33.91
N GLY C 90 11.49 -8.47 -33.36
CA GLY C 90 11.73 -8.97 -32.00
C GLY C 90 11.12 -8.09 -30.91
N TYR C 91 10.23 -7.17 -31.25
CA TYR C 91 9.59 -6.27 -30.24
C TYR C 91 8.25 -6.89 -29.83
N GLU C 92 8.29 -8.03 -29.16
CA GLU C 92 7.09 -8.88 -28.95
C GLU C 92 6.47 -8.62 -27.58
N GLU C 93 7.30 -8.61 -26.53
CA GLU C 93 6.83 -8.36 -25.15
C GLU C 93 7.06 -6.87 -24.83
N ILE C 94 6.26 -6.34 -23.91
CA ILE C 94 6.34 -4.91 -23.56
C ILE C 94 7.65 -4.63 -22.80
N ASN C 95 8.27 -3.51 -23.15
CA ASN C 95 9.42 -2.88 -22.49
C ASN C 95 8.92 -2.09 -21.26
N VAL C 96 8.99 -2.67 -20.06
CA VAL C 96 8.74 -1.91 -18.80
C VAL C 96 9.93 -2.13 -17.88
N PRO C 97 10.85 -1.14 -17.79
CA PRO C 97 11.97 -1.24 -16.86
C PRO C 97 11.48 -1.59 -15.45
N GLY C 98 12.08 -2.61 -14.83
CA GLY C 98 11.68 -3.10 -13.49
C GLY C 98 10.73 -4.30 -13.57
N PHE C 99 10.13 -4.57 -14.73
CA PHE C 99 9.20 -5.73 -14.92
C PHE C 99 9.89 -6.87 -15.67
N MET C 100 11.16 -6.69 -16.05
CA MET C 100 11.82 -7.61 -17.01
C MET C 100 12.52 -8.77 -16.27
N SER C 101 12.48 -9.96 -16.84
CA SER C 101 13.20 -11.18 -16.37
C SER C 101 14.68 -10.85 -16.15
N GLY C 102 15.25 -11.39 -15.05
CA GLY C 102 16.69 -11.38 -14.80
C GLY C 102 17.45 -12.02 -15.95
N ASN C 103 16.79 -12.85 -16.77
CA ASN C 103 17.40 -13.54 -17.94
C ASN C 103 17.19 -12.76 -19.24
N SER C 104 16.50 -11.63 -19.21
CA SER C 104 16.18 -10.82 -20.42
C SER C 104 17.48 -10.39 -21.11
N ALA C 105 17.55 -10.50 -22.44
CA ALA C 105 18.71 -10.10 -23.26
C ALA C 105 19.00 -8.60 -23.06
N LEU C 106 17.94 -7.79 -23.05
CA LEU C 106 18.04 -6.32 -22.89
C LEU C 106 17.16 -5.94 -21.70
N LYS C 107 17.65 -4.99 -20.90
CA LYS C 107 16.95 -4.47 -19.70
C LYS C 107 17.05 -2.95 -19.69
N GLY C 108 16.28 -2.31 -18.82
CA GLY C 108 16.29 -0.85 -18.58
C GLY C 108 16.33 -0.04 -19.87
N ALA C 109 17.32 0.82 -20.00
CA ALA C 109 17.42 1.84 -21.07
C ALA C 109 17.75 1.18 -22.41
N ASP C 110 18.21 -0.08 -22.43
CA ASP C 110 18.65 -0.77 -23.66
C ASP C 110 17.45 -1.34 -24.45
N MET C 111 16.28 -1.43 -23.84
CA MET C 111 15.05 -1.88 -24.56
C MET C 111 14.55 -0.70 -25.38
N GLY C 112 14.39 -0.87 -26.67
CA GLY C 112 13.99 0.22 -27.58
C GLY C 112 13.75 -0.28 -28.98
N LEU C 113 13.02 0.51 -29.77
CA LEU C 113 12.75 0.20 -31.21
C LEU C 113 14.10 -0.01 -31.89
N PRO C 114 14.38 -1.20 -32.47
CA PRO C 114 15.67 -1.44 -33.09
C PRO C 114 16.04 -0.32 -34.08
N LEU C 115 17.30 0.10 -34.06
CA LEU C 115 17.79 1.30 -34.78
C LEU C 115 17.73 1.09 -36.29
N ASP C 116 17.70 -0.17 -36.76
CA ASP C 116 17.63 -0.48 -38.22
C ASP C 116 16.19 -0.28 -38.74
N GLN C 117 15.21 0.06 -37.90
CA GLN C 117 13.81 0.26 -38.37
C GLN C 117 13.63 1.74 -38.77
N LYS C 118 12.90 1.98 -39.85
CA LYS C 118 12.51 3.30 -40.38
C LYS C 118 11.14 3.67 -39.82
N THR C 119 11.01 4.87 -39.25
CA THR C 119 9.78 5.32 -38.58
C THR C 119 8.91 6.15 -39.52
N MET C 120 7.66 6.34 -39.10
CA MET C 120 6.68 7.32 -39.66
C MET C 120 7.36 8.68 -39.83
N GLY C 121 8.05 9.14 -38.78
CA GLY C 121 8.82 10.39 -38.80
C GLY C 121 9.85 10.43 -39.93
N ASP C 122 10.68 9.40 -40.05
CA ASP C 122 11.72 9.30 -41.11
C ASP C 122 11.07 9.44 -42.49
N TYR C 123 9.99 8.71 -42.75
CA TYR C 123 9.32 8.67 -44.08
C TYR C 123 8.75 10.05 -44.43
N LEU C 124 8.14 10.74 -43.46
CA LEU C 124 7.52 12.07 -43.70
C LEU C 124 8.61 13.15 -43.78
N LYS C 125 9.72 13.03 -43.02
CA LYS C 125 10.89 13.94 -43.19
C LYS C 125 11.41 13.85 -44.64
N GLU C 126 11.49 12.65 -45.23
CA GLU C 126 11.92 12.44 -46.65
C GLU C 126 10.98 13.19 -47.60
N GLN C 127 9.71 13.39 -47.23
CA GLN C 127 8.69 14.06 -48.08
C GLN C 127 8.65 15.55 -47.74
N GLY C 128 9.59 16.06 -46.95
CA GLY C 128 9.78 17.49 -46.67
C GLY C 128 8.92 18.00 -45.52
N TYR C 129 8.41 17.12 -44.66
CA TYR C 129 7.56 17.50 -43.50
C TYR C 129 8.45 17.93 -42.33
N LYS C 130 8.01 18.94 -41.59
CA LYS C 130 8.39 19.20 -40.18
C LYS C 130 7.68 18.15 -39.32
N THR C 131 8.41 17.53 -38.39
CA THR C 131 7.90 16.38 -37.60
C THR C 131 8.07 16.67 -36.12
N ALA C 132 7.05 16.38 -35.32
CA ALA C 132 7.08 16.59 -33.86
C ALA C 132 6.33 15.45 -33.17
N VAL C 133 6.81 15.10 -31.98
CA VAL C 133 6.10 14.19 -31.06
C VAL C 133 5.92 14.89 -29.71
N PHE C 134 4.69 14.82 -29.20
CA PHE C 134 4.32 15.37 -27.87
C PHE C 134 3.80 14.23 -27.03
N GLY C 135 4.33 14.07 -25.84
CA GLY C 135 3.80 13.13 -24.84
C GLY C 135 4.63 11.86 -24.77
N LYS C 136 3.96 10.74 -24.69
CA LYS C 136 4.53 9.43 -24.33
C LYS C 136 5.29 8.88 -25.55
N TRP C 137 6.55 8.50 -25.35
CA TRP C 137 7.38 7.90 -26.42
C TRP C 137 7.32 6.38 -26.27
N HIS C 138 7.95 5.83 -25.23
CA HIS C 138 7.90 4.41 -24.86
C HIS C 138 8.54 3.53 -25.94
N LEU C 139 9.44 4.07 -26.75
CA LEU C 139 10.15 3.29 -27.80
C LEU C 139 11.66 3.27 -27.50
N GLY C 140 12.02 3.44 -26.22
CA GLY C 140 13.40 3.26 -25.73
C GLY C 140 13.84 4.46 -24.94
N ASP C 141 14.53 4.22 -23.83
CA ASP C 141 14.95 5.26 -22.84
C ASP C 141 16.38 5.75 -23.12
N ALA C 142 17.25 4.93 -23.68
CA ALA C 142 18.64 5.36 -23.98
C ALA C 142 18.62 6.49 -25.00
N ASP C 143 19.64 7.34 -24.96
CA ASP C 143 19.82 8.50 -25.88
C ASP C 143 19.66 8.08 -27.35
N ARG C 144 20.19 6.91 -27.74
CA ARG C 144 20.19 6.46 -29.16
C ARG C 144 18.75 6.19 -29.64
N PHE C 145 17.77 6.00 -28.74
CA PHE C 145 16.35 5.68 -29.07
C PHE C 145 15.50 6.95 -29.08
N HIS C 146 16.13 8.10 -28.80
CA HIS C 146 15.41 9.39 -28.61
C HIS C 146 14.66 9.76 -29.88
N PRO C 147 13.44 10.32 -29.78
CA PRO C 147 12.69 10.74 -30.98
C PRO C 147 13.48 11.59 -31.98
N LEU C 148 14.38 12.45 -31.50
CA LEU C 148 15.18 13.34 -32.38
C LEU C 148 16.24 12.55 -33.17
N LYS C 149 16.47 11.28 -32.85
CA LYS C 149 17.31 10.37 -33.68
C LYS C 149 16.42 9.51 -34.58
N ARG C 150 15.10 9.57 -34.43
CA ARG C 150 14.17 8.62 -35.11
C ARG C 150 13.21 9.36 -36.03
N GLY C 151 13.63 10.51 -36.57
CA GLY C 151 12.90 11.24 -37.62
C GLY C 151 11.98 12.33 -37.11
N PHE C 152 12.09 12.72 -35.84
CA PHE C 152 11.32 13.86 -35.24
C PHE C 152 12.27 15.05 -35.05
N ASP C 153 11.86 16.23 -35.50
CA ASP C 153 12.61 17.50 -35.33
C ASP C 153 12.40 18.00 -33.89
N THR C 154 11.20 17.81 -33.33
CA THR C 154 10.77 18.46 -32.09
C THR C 154 10.14 17.42 -31.17
N PHE C 155 10.35 17.57 -29.86
CA PHE C 155 9.82 16.70 -28.80
C PHE C 155 9.44 17.57 -27.61
N LEU C 156 8.25 17.38 -27.05
CA LEU C 156 7.99 17.69 -25.62
C LEU C 156 7.22 16.51 -25.05
N GLY C 157 7.87 15.74 -24.18
CA GLY C 157 7.22 14.53 -23.64
C GLY C 157 8.15 13.78 -22.75
N PHE C 158 7.90 12.49 -22.57
CA PHE C 158 8.71 11.64 -21.67
C PHE C 158 9.06 10.36 -22.43
N ARG C 159 10.28 9.87 -22.21
CA ARG C 159 10.82 8.70 -22.93
C ARG C 159 10.05 7.44 -22.55
N GLY C 160 9.57 7.34 -21.31
CA GLY C 160 9.08 6.09 -20.71
C GLY C 160 7.61 5.83 -20.97
N GLY C 161 6.98 5.09 -20.06
CA GLY C 161 5.68 4.44 -20.29
C GLY C 161 4.55 5.01 -19.46
N ASP C 162 4.84 5.68 -18.35
CA ASP C 162 3.80 6.33 -17.52
C ASP C 162 4.44 7.38 -16.61
N ARG C 163 3.68 8.38 -16.22
CA ARG C 163 4.17 9.44 -15.30
C ARG C 163 2.99 10.21 -14.72
N SER C 164 3.29 11.01 -13.69
CA SER C 164 2.31 11.92 -13.05
C SER C 164 1.79 12.96 -14.05
N TYR C 165 0.52 13.32 -13.92
CA TYR C 165 -0.15 14.40 -14.68
C TYR C 165 0.25 15.77 -14.10
N PHE C 166 0.95 15.80 -12.97
CA PHE C 166 1.47 17.06 -12.37
C PHE C 166 2.98 16.98 -12.23
N ASN C 167 3.60 18.13 -11.93
CA ASN C 167 5.08 18.25 -11.79
C ASN C 167 5.54 17.34 -10.65
N TYR C 168 6.68 16.68 -10.86
CA TYR C 168 7.48 15.99 -9.82
C TYR C 168 8.25 17.07 -9.07
N SER C 169 8.39 16.93 -7.75
CA SER C 169 9.25 17.76 -6.87
C SER C 169 10.72 17.48 -7.19
N GLU C 170 11.62 18.37 -6.75
CA GLU C 170 13.10 18.16 -6.80
C GLU C 170 13.44 16.81 -6.16
N GLN C 171 12.86 16.52 -5.00
CA GLN C 171 13.20 15.28 -4.24
C GLN C 171 12.71 14.05 -4.99
N GLU C 172 11.54 14.07 -5.63
CA GLU C 172 11.03 12.92 -6.43
C GLU C 172 11.99 12.65 -7.60
N MET C 173 12.49 13.69 -8.27
CA MET C 173 13.37 13.53 -9.46
C MET C 173 14.76 13.07 -9.04
N LYS C 174 15.31 13.61 -7.95
CA LYS C 174 16.63 13.22 -7.38
C LYS C 174 16.57 11.76 -6.87
N ASN C 175 15.43 11.34 -6.34
CA ASN C 175 15.30 10.22 -5.36
C ASN C 175 14.61 9.04 -6.04
N GLY C 176 14.28 9.14 -7.33
CA GLY C 176 13.72 8.02 -8.09
C GLY C 176 14.75 6.92 -8.22
N ASN C 177 14.29 5.68 -8.43
CA ASN C 177 15.15 4.51 -8.76
C ASN C 177 15.86 4.81 -10.10
N LYS C 178 16.73 3.90 -10.53
CA LYS C 178 17.58 4.08 -11.74
C LYS C 178 16.73 4.11 -13.03
N HIS C 179 15.45 3.70 -13.01
CA HIS C 179 14.55 3.71 -14.21
C HIS C 179 13.70 4.99 -14.26
N PHE C 180 13.61 5.72 -13.13
CA PHE C 180 12.67 6.85 -12.93
C PHE C 180 12.93 7.98 -13.95
N PHE C 181 14.17 8.16 -14.41
CA PHE C 181 14.55 9.30 -15.28
C PHE C 181 13.69 9.33 -16.55
N ASP C 182 13.16 8.17 -16.99
CA ASP C 182 12.35 8.09 -18.24
C ASP C 182 10.98 8.74 -18.04
N LYS C 183 10.62 9.13 -16.82
CA LYS C 183 9.32 9.78 -16.52
C LYS C 183 9.43 11.30 -16.61
N LYS C 184 10.65 11.84 -16.68
CA LYS C 184 10.86 13.32 -16.61
C LYS C 184 10.41 13.96 -17.92
N LEU C 185 9.63 15.03 -17.86
CA LEU C 185 9.19 15.78 -19.06
C LEU C 185 10.41 16.51 -19.65
N GLU C 186 10.53 16.45 -20.96
CA GLU C 186 11.78 16.73 -21.69
C GLU C 186 11.44 17.52 -22.95
N ARG C 187 12.17 18.61 -23.18
CA ARG C 187 12.05 19.42 -24.42
C ARG C 187 13.23 19.03 -25.32
N ASP C 188 12.93 18.65 -26.56
CA ASP C 188 13.98 18.21 -27.52
C ASP C 188 14.91 17.22 -26.81
N PHE C 189 16.22 17.41 -26.90
CA PHE C 189 17.25 16.42 -26.49
C PHE C 189 17.80 16.84 -25.12
N GLY C 190 17.19 16.34 -24.05
CA GLY C 190 17.73 16.38 -22.67
C GLY C 190 17.50 17.71 -21.96
N ASN C 191 16.57 18.57 -22.42
CA ASN C 191 16.22 19.84 -21.73
C ASN C 191 15.04 19.55 -20.82
N TYR C 192 15.29 19.22 -19.55
CA TYR C 192 14.25 18.67 -18.65
C TYR C 192 13.52 19.86 -18.02
N GLU C 193 12.19 19.81 -18.02
CA GLU C 193 11.29 20.91 -17.62
C GLU C 193 9.92 20.30 -17.30
N GLU C 194 9.56 20.30 -16.02
CA GLU C 194 8.32 19.65 -15.53
C GLU C 194 7.12 20.45 -16.02
N PRO C 195 5.93 19.82 -16.15
CA PRO C 195 4.75 20.53 -16.61
C PRO C 195 4.32 21.60 -15.59
N LYS C 196 3.93 22.77 -16.09
CA LYS C 196 3.54 23.97 -15.29
C LYS C 196 2.04 23.88 -14.96
N GLU C 197 1.33 22.94 -15.55
CA GLU C 197 -0.15 22.78 -15.52
C GLU C 197 -0.42 21.28 -15.67
N TYR C 198 -1.65 20.84 -15.50
CA TYR C 198 -2.11 19.47 -15.80
C TYR C 198 -1.49 19.00 -17.12
N LEU C 199 -0.82 17.86 -17.12
CA LEU C 199 0.03 17.42 -18.25
C LEU C 199 -0.80 17.31 -19.53
N THR C 200 -2.02 16.79 -19.46
CA THR C 200 -2.89 16.66 -20.67
C THR C 200 -3.06 18.02 -21.34
N ASP C 201 -3.32 19.08 -20.57
CA ASP C 201 -3.44 20.46 -21.11
C ASP C 201 -2.10 20.92 -21.69
N VAL C 202 -0.99 20.62 -21.02
CA VAL C 202 0.36 21.04 -21.51
C VAL C 202 0.58 20.45 -22.90
N LEU C 203 0.31 19.15 -23.08
CA LEU C 203 0.61 18.46 -24.36
C LEU C 203 -0.25 19.04 -25.50
N GLY C 204 -1.54 19.24 -25.26
CA GLY C 204 -2.46 19.81 -26.25
C GLY C 204 -2.06 21.22 -26.65
N LYS C 205 -1.75 22.08 -25.67
CA LYS C 205 -1.32 23.49 -25.93
C LYS C 205 0.01 23.51 -26.67
N GLU C 206 0.93 22.61 -26.35
CA GLU C 206 2.24 22.60 -27.04
C GLU C 206 2.06 22.18 -28.50
N ALA C 207 1.22 21.18 -28.76
CA ALA C 207 0.87 20.76 -30.14
C ALA C 207 0.25 21.94 -30.91
N ALA C 208 -0.66 22.69 -30.28
CA ALA C 208 -1.34 23.87 -30.87
C ALA C 208 -0.31 24.96 -31.19
N LYS C 209 0.64 25.23 -30.28
CA LYS C 209 1.74 26.20 -30.53
C LYS C 209 2.58 25.75 -31.75
N TYR C 210 2.87 24.46 -31.86
CA TYR C 210 3.66 23.89 -32.99
C TYR C 210 2.93 24.14 -34.31
N ILE C 211 1.60 23.94 -34.33
CA ILE C 211 0.77 24.22 -35.54
C ILE C 211 0.93 25.69 -35.93
N GLU C 212 0.75 26.58 -34.96
CA GLU C 212 0.90 28.05 -35.12
C GLU C 212 2.26 28.37 -35.74
N GLN C 213 3.34 27.84 -35.17
CA GLN C 213 4.74 28.12 -35.59
C GLN C 213 5.01 27.57 -37.01
N ASN C 214 4.30 26.53 -37.45
CA ASN C 214 4.62 25.79 -38.69
C ASN C 214 3.46 25.85 -39.68
N LYS C 215 2.58 26.84 -39.54
CA LYS C 215 1.28 26.93 -40.27
C LYS C 215 1.49 27.07 -41.79
N ASP C 216 2.64 27.53 -42.26
CA ASP C 216 2.87 27.83 -43.70
C ASP C 216 3.50 26.64 -44.44
N GLU C 217 3.82 25.53 -43.76
CA GLU C 217 4.55 24.38 -44.39
C GLU C 217 3.97 23.07 -43.89
N PRO C 218 4.12 21.96 -44.66
CA PRO C 218 3.60 20.66 -44.25
C PRO C 218 4.23 20.19 -42.93
N PHE C 219 3.40 19.75 -41.98
CA PHE C 219 3.88 19.24 -40.69
C PHE C 219 3.15 17.94 -40.35
N PHE C 220 3.84 17.13 -39.56
CA PHE C 220 3.35 15.87 -38.96
C PHE C 220 3.50 16.01 -37.44
N ILE C 221 2.38 15.88 -36.73
CA ILE C 221 2.36 15.86 -35.24
C ILE C 221 1.86 14.49 -34.78
N TYR C 222 2.66 13.84 -33.95
CA TYR C 222 2.32 12.63 -33.19
C TYR C 222 2.03 13.08 -31.76
N LEU C 223 0.74 13.18 -31.42
CA LEU C 223 0.30 13.67 -30.10
C LEU C 223 -0.08 12.44 -29.29
N ALA C 224 0.87 11.95 -28.49
CA ALA C 224 0.77 10.72 -27.71
C ALA C 224 0.44 11.08 -26.26
N PHE C 225 -0.84 11.28 -25.96
CA PHE C 225 -1.28 11.60 -24.57
C PHE C 225 -0.94 10.44 -23.66
N ASN C 226 -0.58 10.72 -22.39
CA ASN C 226 -0.55 9.63 -21.38
C ASN C 226 -1.98 9.40 -20.87
N ALA C 227 -2.90 10.37 -20.99
CA ALA C 227 -4.34 10.14 -20.69
C ALA C 227 -4.82 8.96 -21.53
N VAL C 228 -5.54 7.99 -20.95
CA VAL C 228 -6.09 7.98 -19.60
C VAL C 228 -5.41 6.86 -18.77
N HIS C 229 -4.10 6.72 -18.91
CA HIS C 229 -3.25 5.80 -18.12
C HIS C 229 -3.21 6.24 -16.65
N THR C 230 -3.06 5.28 -15.74
CA THR C 230 -2.68 5.54 -14.32
C THR C 230 -1.40 6.35 -14.32
N PRO C 231 -1.11 7.17 -13.28
CA PRO C 231 -1.99 7.33 -12.12
C PRO C 231 -3.25 8.17 -12.38
N LEU C 232 -4.30 7.91 -11.61
CA LEU C 232 -5.65 8.55 -11.76
C LEU C 232 -5.60 9.93 -11.12
N GLU C 233 -5.05 10.90 -11.85
CA GLU C 233 -4.88 12.29 -11.39
C GLU C 233 -5.62 13.17 -12.39
N SER C 234 -6.37 14.14 -11.90
CA SER C 234 -7.25 15.00 -12.72
C SER C 234 -7.13 16.45 -12.27
N ASP C 235 -7.52 17.36 -13.15
CA ASP C 235 -7.80 18.78 -12.81
C ASP C 235 -9.02 18.78 -11.88
N PRO C 236 -8.94 19.39 -10.68
CA PRO C 236 -10.11 19.49 -9.79
C PRO C 236 -11.37 20.02 -10.47
N LYS C 237 -11.23 20.96 -11.41
CA LYS C 237 -12.38 21.57 -12.14
C LYS C 237 -13.03 20.50 -13.02
N ASP C 238 -12.26 19.53 -13.55
CA ASP C 238 -12.82 18.40 -14.34
C ASP C 238 -13.53 17.42 -13.40
N LEU C 239 -12.95 17.12 -12.24
CA LEU C 239 -13.57 16.22 -11.23
C LEU C 239 -14.96 16.74 -10.87
N ALA C 240 -15.09 18.05 -10.72
CA ALA C 240 -16.30 18.76 -10.26
C ALA C 240 -17.42 18.68 -11.31
N LYS C 241 -17.13 18.30 -12.55
CA LYS C 241 -18.14 18.13 -13.63
C LYS C 241 -18.80 16.76 -13.54
N PHE C 242 -18.36 15.87 -12.65
CA PHE C 242 -18.91 14.48 -12.54
C PHE C 242 -19.31 14.17 -11.11
N PRO C 243 -20.19 15.02 -10.49
CA PRO C 243 -20.63 14.79 -9.11
C PRO C 243 -21.37 13.46 -8.90
N ASN C 244 -21.96 12.92 -9.95
CA ASN C 244 -22.75 11.66 -10.02
C ASN C 244 -21.86 10.40 -9.99
N LEU C 245 -20.58 10.51 -10.35
CA LEU C 245 -19.65 9.36 -10.39
C LEU C 245 -18.83 9.34 -9.11
N THR C 246 -18.31 8.17 -8.74
CA THR C 246 -17.50 7.95 -7.51
C THR C 246 -16.21 7.18 -7.87
N GLY C 247 -15.18 7.35 -7.04
CA GLY C 247 -13.92 6.58 -7.05
C GLY C 247 -13.22 6.65 -8.40
N LYS C 248 -12.73 5.52 -8.89
CA LYS C 248 -11.83 5.47 -10.08
C LYS C 248 -12.60 5.93 -11.32
N ARG C 249 -13.88 5.58 -11.43
CA ARG C 249 -14.73 5.96 -12.59
C ARG C 249 -14.85 7.50 -12.67
N LYS C 250 -14.99 8.18 -11.54
CA LYS C 250 -15.06 9.67 -11.50
C LYS C 250 -13.74 10.25 -12.02
N GLU C 251 -12.60 9.72 -11.60
CA GLU C 251 -11.25 10.16 -12.03
C GLU C 251 -11.13 9.92 -13.55
N LEU C 252 -11.56 8.75 -14.04
CA LEU C 252 -11.48 8.44 -15.48
C LEU C 252 -12.30 9.47 -16.28
N ALA C 253 -13.52 9.77 -15.83
CA ALA C 253 -14.42 10.75 -16.46
C ALA C 253 -13.69 12.09 -16.59
N ALA C 254 -13.06 12.56 -15.52
CA ALA C 254 -12.34 13.86 -15.48
C ALA C 254 -11.14 13.79 -16.43
N MET C 255 -10.39 12.69 -16.40
CA MET C 255 -9.19 12.50 -17.25
C MET C 255 -9.60 12.48 -18.73
N THR C 256 -10.73 11.84 -19.04
CA THR C 256 -11.30 11.73 -20.40
C THR C 256 -11.77 13.11 -20.88
N LEU C 257 -12.43 13.89 -20.01
CA LEU C 257 -12.83 15.29 -20.33
C LEU C 257 -11.57 16.10 -20.66
N GLY C 258 -10.48 15.92 -19.90
CA GLY C 258 -9.19 16.61 -20.14
C GLY C 258 -8.60 16.21 -21.48
N LEU C 259 -8.55 14.90 -21.78
CA LEU C 259 -8.08 14.36 -23.09
C LEU C 259 -8.87 15.03 -24.22
N ASP C 260 -10.19 15.09 -24.08
CA ASP C 260 -11.09 15.66 -25.11
C ASP C 260 -10.83 17.16 -25.26
N ARG C 261 -10.65 17.88 -24.15
CA ARG C 261 -10.39 19.35 -24.16
C ARG C 261 -9.03 19.64 -24.82
N ALA C 262 -7.99 18.88 -24.49
CA ALA C 262 -6.63 19.06 -25.03
C ALA C 262 -6.62 18.73 -26.52
N SER C 263 -7.34 17.68 -26.92
CA SER C 263 -7.56 17.35 -28.35
C SER C 263 -8.23 18.54 -29.03
N GLY C 264 -9.22 19.14 -28.35
CA GLY C 264 -9.91 20.37 -28.81
C GLY C 264 -8.96 21.53 -29.09
N TYR C 265 -7.91 21.75 -28.29
CA TYR C 265 -6.95 22.85 -28.55
C TYR C 265 -6.34 22.66 -29.94
N VAL C 266 -6.01 21.41 -30.29
CA VAL C 266 -5.36 21.09 -31.58
C VAL C 266 -6.38 21.26 -32.71
N LEU C 267 -7.56 20.64 -32.58
CA LEU C 267 -8.63 20.72 -33.62
C LEU C 267 -9.04 22.19 -33.83
N ASP C 268 -9.17 22.96 -32.75
CA ASP C 268 -9.59 24.40 -32.79
C ASP C 268 -8.50 25.24 -33.46
N LYS C 269 -7.22 24.94 -33.22
CA LYS C 269 -6.12 25.68 -33.87
C LYS C 269 -6.13 25.42 -35.38
N LEU C 270 -6.31 24.17 -35.82
CA LEU C 270 -6.39 23.85 -37.27
C LEU C 270 -7.55 24.65 -37.91
N LYS C 271 -8.72 24.66 -37.27
CA LYS C 271 -9.93 25.37 -37.75
C LYS C 271 -9.63 26.89 -37.88
N GLU C 272 -9.10 27.48 -36.81
CA GLU C 272 -8.84 28.94 -36.66
C GLU C 272 -7.86 29.40 -37.76
N LEU C 273 -6.86 28.58 -38.11
CA LEU C 273 -5.81 28.97 -39.08
C LEU C 273 -6.21 28.54 -40.50
N GLY C 274 -7.39 27.96 -40.70
CA GLY C 274 -7.84 27.51 -42.04
C GLY C 274 -6.97 26.36 -42.56
N LEU C 275 -6.56 25.44 -41.69
CA LEU C 275 -5.68 24.29 -42.05
C LEU C 275 -6.43 22.96 -42.03
N ASP C 276 -7.62 22.88 -41.44
CA ASP C 276 -8.25 21.56 -41.17
C ASP C 276 -8.72 20.92 -42.48
N ASP C 277 -9.09 21.71 -43.52
CA ASP C 277 -9.62 21.10 -44.78
C ASP C 277 -8.55 20.18 -45.37
N ASN C 278 -7.27 20.61 -45.34
CA ASN C 278 -6.17 19.80 -45.90
C ASN C 278 -5.25 19.28 -44.78
N THR C 279 -5.84 18.84 -43.65
CA THR C 279 -5.11 18.10 -42.59
C THR C 279 -5.78 16.74 -42.42
N ILE C 280 -4.97 15.69 -42.39
CA ILE C 280 -5.43 14.33 -41.98
C ILE C 280 -5.33 14.30 -40.46
N VAL C 281 -6.46 14.18 -39.79
CA VAL C 281 -6.49 13.98 -38.32
C VAL C 281 -6.92 12.53 -38.05
N VAL C 282 -6.09 11.84 -37.29
CA VAL C 282 -6.40 10.47 -36.84
C VAL C 282 -6.53 10.51 -35.32
N PHE C 283 -7.57 9.88 -34.80
CA PHE C 283 -7.70 9.63 -33.34
C PHE C 283 -7.77 8.12 -33.14
N SER C 284 -6.86 7.60 -32.31
CA SER C 284 -6.95 6.20 -31.85
C SER C 284 -6.30 6.08 -30.46
N ASN C 285 -5.99 4.84 -30.08
CA ASN C 285 -5.73 4.42 -28.67
C ASN C 285 -4.72 3.26 -28.76
N ASP C 286 -3.77 3.17 -27.84
CA ASP C 286 -2.59 2.28 -27.97
C ASP C 286 -2.99 0.84 -27.67
N ASN C 287 -4.00 0.62 -26.85
CA ASN C 287 -4.48 -0.74 -26.48
C ASN C 287 -5.83 -0.60 -25.77
N GLY C 288 -6.52 -1.72 -25.59
CA GLY C 288 -7.84 -1.78 -24.90
C GLY C 288 -7.75 -1.32 -23.46
N GLY C 289 -8.89 -0.99 -22.85
CA GLY C 289 -8.91 -0.40 -21.50
C GLY C 289 -8.53 -1.42 -20.44
N PRO C 290 -7.63 -1.08 -19.49
CA PRO C 290 -7.37 -1.94 -18.33
C PRO C 290 -8.45 -1.69 -17.27
N SER C 291 -9.56 -2.41 -17.39
CA SER C 291 -10.81 -2.13 -16.62
C SER C 291 -10.54 -2.17 -15.11
N ASP C 292 -9.57 -2.96 -14.65
CA ASP C 292 -9.23 -3.13 -13.20
C ASP C 292 -8.34 -1.98 -12.70
N LYS C 293 -7.73 -1.19 -13.58
CA LYS C 293 -6.75 -0.14 -13.19
C LYS C 293 -7.35 1.27 -13.27
N ASN C 294 -8.06 1.61 -14.34
CA ASN C 294 -8.50 3.01 -14.58
C ASN C 294 -10.01 3.08 -14.77
N ALA C 295 -10.73 2.00 -14.47
CA ALA C 295 -12.21 1.87 -14.53
C ALA C 295 -12.70 2.05 -15.97
N SER C 296 -11.83 1.85 -16.95
CA SER C 296 -12.19 1.90 -18.39
C SER C 296 -13.20 0.77 -18.66
N ASN C 297 -14.08 1.00 -19.62
CA ASN C 297 -15.19 0.08 -19.99
C ASN C 297 -15.08 -0.18 -21.50
N ASN C 298 -14.91 -1.44 -21.88
CA ASN C 298 -14.67 -1.83 -23.30
C ASN C 298 -15.98 -2.26 -23.97
N ALA C 299 -17.14 -1.86 -23.44
CA ALA C 299 -18.45 -2.26 -24.01
C ALA C 299 -18.50 -1.96 -25.51
N PRO C 300 -19.05 -2.86 -26.36
CA PRO C 300 -19.65 -4.11 -25.93
C PRO C 300 -18.73 -5.35 -25.88
N LEU C 301 -17.42 -5.13 -25.78
CA LEU C 301 -16.41 -6.20 -25.97
C LEU C 301 -16.09 -6.91 -24.64
N ALA C 302 -15.68 -8.15 -24.74
CA ALA C 302 -15.05 -8.93 -23.66
C ALA C 302 -13.56 -8.59 -23.62
N GLY C 303 -12.96 -8.71 -22.44
CA GLY C 303 -11.51 -8.58 -22.25
C GLY C 303 -11.07 -7.13 -22.08
N THR C 304 -9.75 -6.95 -22.10
CA THR C 304 -9.06 -5.74 -21.60
C THR C 304 -7.67 -5.66 -22.23
N LYS C 305 -6.98 -4.58 -21.95
CA LYS C 305 -5.52 -4.48 -22.03
C LYS C 305 -4.86 -5.81 -21.68
N SER C 306 -3.84 -6.17 -22.47
CA SER C 306 -2.87 -7.27 -22.24
C SER C 306 -3.50 -8.65 -22.46
N ASN C 307 -4.73 -8.73 -22.97
CA ASN C 307 -5.25 -10.00 -23.56
C ASN C 307 -5.71 -9.73 -24.99
N GLN C 308 -5.94 -10.78 -25.77
CA GLN C 308 -6.16 -10.68 -27.24
C GLN C 308 -7.63 -10.96 -27.59
N LEU C 309 -8.51 -10.97 -26.59
CA LEU C 309 -9.97 -10.76 -26.82
C LEU C 309 -10.13 -9.36 -27.47
N GLU C 310 -11.26 -9.13 -28.12
CA GLU C 310 -11.52 -7.87 -28.86
C GLU C 310 -11.26 -6.67 -27.93
N GLY C 311 -11.59 -6.80 -26.65
CA GLY C 311 -11.45 -5.74 -25.64
C GLY C 311 -10.03 -5.26 -25.48
N GLY C 312 -9.02 -6.07 -25.87
CA GLY C 312 -7.62 -5.67 -25.76
C GLY C 312 -7.06 -5.09 -27.06
N ILE C 313 -7.58 -5.50 -28.21
CA ILE C 313 -6.92 -5.24 -29.51
C ILE C 313 -7.77 -4.30 -30.38
N ARG C 314 -9.09 -4.24 -30.16
CA ARG C 314 -10.00 -3.35 -30.93
C ARG C 314 -10.06 -2.01 -30.20
N VAL C 315 -9.88 -0.92 -30.92
CA VAL C 315 -9.75 0.43 -30.31
C VAL C 315 -10.61 1.42 -31.07
N PRO C 316 -11.01 2.53 -30.42
CA PRO C 316 -11.62 3.66 -31.11
C PRO C 316 -10.65 4.12 -32.20
N PHE C 317 -11.18 4.47 -33.37
CA PHE C 317 -10.33 4.73 -34.58
C PHE C 317 -11.10 5.67 -35.50
N LEU C 318 -10.66 6.92 -35.61
CA LEU C 318 -11.28 7.97 -36.46
C LEU C 318 -10.25 8.49 -37.46
N ILE C 319 -10.67 8.74 -38.71
CA ILE C 319 -9.86 9.54 -39.67
C ILE C 319 -10.74 10.65 -40.24
N SER C 320 -10.25 11.89 -40.20
CA SER C 320 -10.91 13.07 -40.81
C SER C 320 -9.93 13.71 -41.80
N TRP C 321 -10.40 14.03 -42.99
CA TRP C 321 -9.65 14.74 -44.06
C TRP C 321 -10.70 15.37 -44.99
N PRO C 322 -11.23 16.55 -44.62
CA PRO C 322 -12.43 17.09 -45.28
C PRO C 322 -12.35 17.17 -46.81
N LYS C 323 -11.17 17.41 -47.39
CA LYS C 323 -11.03 17.46 -48.87
C LYS C 323 -11.35 16.10 -49.51
N HIS C 324 -11.24 14.98 -48.80
CA HIS C 324 -11.28 13.63 -49.44
C HIS C 324 -12.15 12.62 -48.70
N ILE C 325 -12.57 12.90 -47.45
CA ILE C 325 -13.37 11.90 -46.69
C ILE C 325 -14.70 12.55 -46.33
N LYS C 326 -15.80 11.87 -46.69
CA LYS C 326 -17.18 12.33 -46.46
C LYS C 326 -17.43 12.38 -44.95
N PRO C 327 -18.09 13.44 -44.42
CA PRO C 327 -18.37 13.50 -43.00
C PRO C 327 -19.51 12.52 -42.64
N GLY C 328 -19.54 12.05 -41.39
CA GLY C 328 -20.60 11.19 -40.86
C GLY C 328 -20.56 9.79 -41.42
N SER C 329 -19.43 9.37 -41.98
CA SER C 329 -19.30 8.05 -42.63
C SER C 329 -18.74 7.03 -41.63
N THR C 330 -19.01 5.76 -41.88
CA THR C 330 -18.50 4.62 -41.08
C THR C 330 -17.89 3.61 -42.04
N TYR C 331 -16.83 2.93 -41.60
CA TYR C 331 -16.16 1.87 -42.37
C TYR C 331 -16.09 0.63 -41.48
N ASP C 332 -16.53 -0.52 -41.98
CA ASP C 332 -16.89 -1.68 -41.11
C ASP C 332 -15.94 -2.87 -41.34
N TYR C 333 -15.00 -2.81 -42.30
CA TYR C 333 -14.00 -3.90 -42.45
C TYR C 333 -12.85 -3.64 -41.48
N PRO C 334 -12.16 -4.68 -40.97
CA PRO C 334 -10.99 -4.48 -40.11
C PRO C 334 -9.89 -3.62 -40.73
N VAL C 335 -9.38 -2.68 -39.94
CA VAL C 335 -8.19 -1.86 -40.27
C VAL C 335 -7.24 -1.93 -39.08
N SER C 336 -6.01 -1.48 -39.29
CA SER C 336 -4.92 -1.61 -38.30
C SER C 336 -4.19 -0.28 -38.19
N THR C 337 -3.65 0.00 -37.02
CA THR C 337 -2.65 1.07 -36.85
C THR C 337 -1.48 0.82 -37.80
N LEU C 338 -1.22 -0.43 -38.19
CA LEU C 338 -0.15 -0.77 -39.17
C LEU C 338 -0.40 -0.06 -40.51
N ASP C 339 -1.66 0.31 -40.79
CA ASP C 339 -2.06 0.95 -42.06
C ASP C 339 -1.73 2.45 -42.05
N LEU C 340 -1.43 3.04 -40.89
CA LEU C 340 -1.32 4.52 -40.79
C LEU C 340 -0.06 5.00 -41.50
N LEU C 341 1.08 4.31 -41.35
CA LEU C 341 2.33 4.74 -42.04
C LEU C 341 2.12 4.80 -43.56
N PRO C 342 1.70 3.71 -44.25
CA PRO C 342 1.50 3.78 -45.70
C PRO C 342 0.40 4.77 -46.13
N THR C 343 -0.65 4.94 -45.32
CA THR C 343 -1.73 5.92 -45.56
C THR C 343 -1.14 7.34 -45.55
N PHE C 344 -0.38 7.67 -44.50
CA PHE C 344 0.28 8.98 -44.36
C PHE C 344 1.28 9.19 -45.51
N TYR C 345 2.08 8.18 -45.82
CA TYR C 345 3.19 8.30 -46.78
C TYR C 345 2.61 8.53 -48.19
N SER C 346 1.54 7.82 -48.56
CA SER C 346 0.82 8.01 -49.85
C SER C 346 0.29 9.43 -49.94
N ALA C 347 -0.35 9.93 -48.87
CA ALA C 347 -0.93 11.30 -48.83
C ALA C 347 0.19 12.33 -48.97
N ALA C 348 1.39 12.03 -48.47
CA ALA C 348 2.59 12.90 -48.54
C ALA C 348 3.30 12.75 -49.90
N LYS C 349 2.69 12.04 -50.87
CA LYS C 349 3.16 11.89 -52.28
C LYS C 349 4.39 10.97 -52.32
N GLY C 350 4.56 10.12 -51.31
CA GLY C 350 5.67 9.15 -51.25
C GLY C 350 5.51 8.07 -52.31
N LYS C 351 6.61 7.72 -52.99
CA LYS C 351 6.65 6.76 -54.12
C LYS C 351 7.72 5.69 -53.86
N ALA C 352 8.36 5.68 -52.69
CA ALA C 352 9.48 4.76 -52.34
C ALA C 352 9.20 4.09 -50.99
N LEU C 353 8.02 3.47 -50.84
CA LEU C 353 7.60 2.72 -49.62
C LEU C 353 8.43 1.43 -49.56
N GLY C 354 9.09 1.14 -48.43
CA GLY C 354 9.85 -0.12 -48.22
C GLY C 354 8.95 -1.31 -48.59
N SER C 355 9.52 -2.40 -49.12
CA SER C 355 8.79 -3.64 -49.51
C SER C 355 8.38 -4.45 -48.26
N ASP C 356 8.87 -4.07 -47.09
CA ASP C 356 8.69 -4.81 -45.81
C ASP C 356 7.45 -4.31 -45.04
N ILE C 357 6.61 -3.45 -45.60
CA ILE C 357 5.48 -2.79 -44.85
C ILE C 357 4.29 -3.74 -44.86
N ASP C 358 3.64 -3.95 -43.70
CA ASP C 358 2.50 -4.89 -43.53
C ASP C 358 1.18 -4.12 -43.64
N GLY C 359 1.16 -2.83 -43.32
CA GLY C 359 -0.04 -2.00 -43.51
C GLY C 359 -0.33 -1.72 -44.97
N VAL C 360 -1.53 -1.25 -45.28
CA VAL C 360 -1.93 -0.78 -46.64
C VAL C 360 -2.42 0.67 -46.52
N ASP C 361 -2.34 1.41 -47.61
CA ASP C 361 -2.95 2.75 -47.78
C ASP C 361 -4.48 2.59 -47.70
N LEU C 362 -5.11 3.20 -46.71
CA LEU C 362 -6.56 3.05 -46.46
C LEU C 362 -7.40 3.96 -47.34
N LEU C 363 -6.85 5.00 -47.96
CA LEU C 363 -7.69 6.03 -48.60
C LEU C 363 -8.57 5.41 -49.70
N PRO C 364 -8.06 4.55 -50.60
CA PRO C 364 -8.92 3.92 -51.62
C PRO C 364 -10.07 3.10 -51.01
N TYR C 365 -9.85 2.48 -49.85
CA TYR C 365 -10.86 1.65 -49.16
C TYR C 365 -11.90 2.60 -48.55
N ILE C 366 -11.45 3.64 -47.86
CA ILE C 366 -12.36 4.66 -47.23
C ILE C 366 -13.25 5.27 -48.32
N GLN C 367 -12.67 5.59 -49.48
CA GLN C 367 -13.38 6.31 -50.58
C GLN C 367 -14.27 5.34 -51.38
N GLY C 368 -14.17 4.03 -51.16
CA GLY C 368 -14.97 3.02 -51.88
C GLY C 368 -14.42 2.74 -53.27
N GLU C 369 -13.19 3.18 -53.58
CA GLU C 369 -12.50 2.82 -54.86
C GLU C 369 -12.10 1.35 -54.82
N ASN C 370 -11.74 0.84 -53.65
CA ASN C 370 -11.37 -0.58 -53.41
C ASN C 370 -12.39 -1.15 -52.43
N THR C 371 -13.23 -2.07 -52.89
CA THR C 371 -14.37 -2.61 -52.11
C THR C 371 -13.95 -3.89 -51.36
N ALA C 372 -12.73 -4.37 -51.55
CA ALA C 372 -12.18 -5.55 -50.84
C ALA C 372 -11.83 -5.18 -49.37
N ARG C 373 -11.57 -6.20 -48.56
CA ARG C 373 -11.03 -6.03 -47.17
C ARG C 373 -9.60 -5.54 -47.26
N PRO C 374 -9.23 -4.48 -46.53
CA PRO C 374 -7.82 -4.08 -46.41
C PRO C 374 -6.94 -5.25 -45.91
N HIS C 375 -7.47 -6.09 -45.02
CA HIS C 375 -6.77 -7.24 -44.39
C HIS C 375 -7.71 -8.43 -44.28
N LYS C 376 -7.56 -9.39 -45.17
CA LYS C 376 -8.24 -10.71 -45.06
C LYS C 376 -7.72 -11.42 -43.81
N VAL C 377 -6.40 -11.45 -43.62
CA VAL C 377 -5.76 -12.20 -42.50
C VAL C 377 -5.02 -11.20 -41.60
N MET C 378 -5.24 -11.29 -40.29
CA MET C 378 -4.55 -10.45 -39.29
C MET C 378 -4.05 -11.36 -38.17
N TYR C 379 -2.97 -10.93 -37.51
CA TYR C 379 -2.24 -11.75 -36.51
C TYR C 379 -1.97 -10.92 -35.25
N TRP C 380 -1.95 -11.61 -34.11
CA TRP C 380 -1.47 -11.06 -32.82
C TRP C 380 -0.65 -12.15 -32.15
N LYS C 381 0.36 -11.75 -31.40
CA LYS C 381 1.17 -12.75 -30.67
C LYS C 381 1.92 -12.09 -29.50
N LYS C 382 1.86 -12.73 -28.35
CA LYS C 382 2.74 -12.54 -27.18
C LYS C 382 3.02 -13.95 -26.64
N GLU C 383 4.22 -14.47 -26.90
CA GLU C 383 4.68 -15.79 -26.39
C GLU C 383 3.69 -16.85 -26.90
N ASN C 384 3.03 -17.59 -26.01
CA ASN C 384 2.11 -18.71 -26.37
C ASN C 384 0.73 -18.17 -26.76
N ARG C 385 0.39 -16.95 -26.33
CA ARG C 385 -0.90 -16.32 -26.68
C ARG C 385 -0.81 -15.71 -28.08
N ALA C 386 -1.66 -16.17 -28.99
CA ALA C 386 -1.66 -15.68 -30.37
C ALA C 386 -3.07 -15.77 -30.94
N VAL C 387 -3.32 -14.97 -31.96
CA VAL C 387 -4.59 -14.91 -32.69
C VAL C 387 -4.28 -14.90 -34.18
N ILE C 388 -5.03 -15.67 -34.94
CA ILE C 388 -5.15 -15.48 -36.41
C ILE C 388 -6.62 -15.20 -36.69
N ARG C 389 -6.86 -14.12 -37.41
CA ARG C 389 -8.19 -13.75 -37.92
C ARG C 389 -8.16 -13.89 -39.44
N ASP C 390 -9.18 -14.55 -40.00
CA ASP C 390 -9.35 -14.81 -41.44
C ASP C 390 -10.79 -14.40 -41.78
N ASN C 391 -10.98 -13.30 -42.52
CA ASN C 391 -12.30 -12.63 -42.68
C ASN C 391 -12.83 -12.35 -41.27
N ASP C 392 -13.92 -12.99 -40.85
CA ASP C 392 -14.52 -12.75 -39.51
C ASP C 392 -14.30 -13.95 -38.58
N TRP C 393 -13.59 -15.00 -39.02
CA TRP C 393 -13.16 -16.11 -38.13
C TRP C 393 -11.96 -15.66 -37.29
N LYS C 394 -12.02 -15.90 -35.98
CA LYS C 394 -10.93 -15.56 -35.04
C LYS C 394 -10.55 -16.82 -34.26
N LEU C 395 -9.35 -17.34 -34.49
CA LEU C 395 -8.75 -18.47 -33.72
C LEU C 395 -7.84 -17.87 -32.66
N ILE C 396 -8.11 -18.20 -31.39
CA ILE C 396 -7.33 -17.72 -30.23
C ILE C 396 -6.61 -18.92 -29.61
N ARG C 397 -5.28 -18.85 -29.57
CA ARG C 397 -4.40 -19.86 -28.94
C ARG C 397 -4.01 -19.35 -27.55
N TYR C 398 -4.02 -20.25 -26.57
CA TYR C 398 -3.70 -19.97 -25.15
C TYR C 398 -2.68 -21.00 -24.66
N PRO C 399 -1.92 -20.68 -23.59
CA PRO C 399 -1.05 -21.68 -22.94
C PRO C 399 -1.80 -22.63 -22.00
N ASP C 400 -3.01 -22.26 -21.55
CA ASP C 400 -3.66 -22.89 -20.36
C ASP C 400 -5.07 -23.43 -20.66
N ARG C 401 -5.48 -23.50 -21.92
CA ARG C 401 -6.82 -24.00 -22.32
C ARG C 401 -6.79 -24.26 -23.82
N PRO C 402 -7.70 -25.12 -24.33
CA PRO C 402 -7.77 -25.40 -25.76
C PRO C 402 -8.00 -24.12 -26.56
N ALA C 403 -7.51 -24.09 -27.79
CA ALA C 403 -7.73 -22.99 -28.75
C ALA C 403 -9.23 -22.80 -28.98
N GLU C 404 -9.68 -21.55 -29.11
CA GLU C 404 -11.12 -21.21 -29.29
C GLU C 404 -11.28 -20.58 -30.68
N LEU C 405 -12.45 -20.77 -31.28
CA LEU C 405 -12.80 -20.18 -32.60
C LEU C 405 -14.08 -19.35 -32.45
N TYR C 406 -14.04 -18.10 -32.91
CA TYR C 406 -15.18 -17.17 -32.88
C TYR C 406 -15.52 -16.72 -34.29
N ASP C 407 -16.82 -16.55 -34.55
CA ASP C 407 -17.36 -15.82 -35.72
C ASP C 407 -17.72 -14.41 -35.26
N LEU C 408 -16.85 -13.44 -35.55
CA LEU C 408 -17.02 -12.04 -35.05
C LEU C 408 -18.21 -11.37 -35.76
N SER C 409 -18.65 -11.87 -36.91
CA SER C 409 -19.82 -11.29 -37.64
C SER C 409 -21.11 -11.54 -36.83
N SER C 410 -21.16 -12.58 -36.00
CA SER C 410 -22.38 -12.93 -35.22
C SER C 410 -22.13 -12.93 -33.70
N ASP C 411 -20.90 -12.70 -33.24
CA ASP C 411 -20.51 -12.92 -31.82
C ASP C 411 -19.38 -11.95 -31.47
N ILE C 412 -19.68 -10.65 -31.51
CA ILE C 412 -18.70 -9.55 -31.24
C ILE C 412 -18.05 -9.77 -29.87
N SER C 413 -18.78 -10.38 -28.92
CA SER C 413 -18.35 -10.50 -27.50
C SER C 413 -17.66 -11.84 -27.22
N GLU C 414 -17.46 -12.69 -28.25
CA GLU C 414 -16.63 -13.92 -28.17
C GLU C 414 -17.13 -14.81 -27.03
N GLN C 415 -18.44 -15.08 -26.99
CA GLN C 415 -19.09 -15.92 -25.94
C GLN C 415 -19.37 -17.33 -26.47
N THR C 416 -19.40 -17.55 -27.80
CA THR C 416 -19.81 -18.85 -28.39
C THR C 416 -18.62 -19.48 -29.13
N ASP C 417 -17.93 -20.41 -28.46
CA ASP C 417 -16.76 -21.13 -29.02
C ASP C 417 -17.27 -22.11 -30.09
N LEU C 418 -16.73 -22.01 -31.30
CA LEU C 418 -17.17 -22.81 -32.47
C LEU C 418 -16.11 -23.86 -32.85
N ALA C 419 -15.07 -24.03 -32.03
CA ALA C 419 -13.90 -24.88 -32.36
C ALA C 419 -14.34 -26.33 -32.61
N ALA C 420 -15.16 -26.89 -31.71
CA ALA C 420 -15.63 -28.30 -31.74
C ALA C 420 -16.41 -28.56 -33.04
N LYS C 421 -17.15 -27.58 -33.56
CA LYS C 421 -18.06 -27.73 -34.71
C LYS C 421 -17.34 -27.43 -36.03
N ASN C 422 -16.09 -26.95 -35.98
CA ASN C 422 -15.33 -26.53 -37.19
C ASN C 422 -13.90 -27.04 -37.08
N PRO C 423 -13.69 -28.37 -36.90
CA PRO C 423 -12.36 -28.89 -36.62
C PRO C 423 -11.37 -28.72 -37.80
N GLU C 424 -11.84 -28.81 -39.05
CA GLU C 424 -10.97 -28.64 -40.25
C GLU C 424 -10.47 -27.19 -40.30
N ARG C 425 -11.36 -26.21 -40.07
CA ARG C 425 -10.97 -24.77 -40.13
C ARG C 425 -10.00 -24.47 -38.97
N VAL C 426 -10.24 -24.99 -37.76
CA VAL C 426 -9.31 -24.85 -36.60
C VAL C 426 -7.92 -25.32 -37.03
N LYS C 427 -7.81 -26.51 -37.67
CA LYS C 427 -6.51 -27.06 -38.08
C LYS C 427 -5.84 -26.17 -39.13
N THR C 428 -6.58 -25.72 -40.16
CA THR C 428 -6.01 -24.91 -41.27
C THR C 428 -5.53 -23.57 -40.68
N MET C 429 -6.29 -22.97 -39.78
CA MET C 429 -5.96 -21.63 -39.19
C MET C 429 -4.74 -21.76 -38.26
N PHE C 430 -4.64 -22.86 -37.49
CA PHE C 430 -3.46 -23.22 -36.67
C PHE C 430 -2.20 -23.26 -37.56
N LYS C 431 -2.26 -23.91 -38.72
CA LYS C 431 -1.09 -24.06 -39.64
C LYS C 431 -0.68 -22.67 -40.18
N SER C 432 -1.67 -21.86 -40.57
CA SER C 432 -1.47 -20.47 -41.08
C SER C 432 -0.81 -19.60 -40.00
N LEU C 433 -1.30 -19.70 -38.77
CA LEU C 433 -0.73 -18.97 -37.60
C LEU C 433 0.75 -19.31 -37.47
N PHE C 434 1.09 -20.61 -37.42
CA PHE C 434 2.49 -21.06 -37.23
C PHE C 434 3.37 -20.61 -38.39
N GLU C 435 2.87 -20.68 -39.64
CA GLU C 435 3.58 -20.19 -40.85
C GLU C 435 3.94 -18.72 -40.65
N TRP C 436 3.04 -17.88 -40.12
CA TRP C 436 3.36 -16.45 -39.85
C TRP C 436 4.39 -16.35 -38.73
N GLU C 437 4.25 -17.15 -37.67
CA GLU C 437 5.20 -17.16 -36.51
C GLU C 437 6.63 -17.47 -36.99
N LEU C 438 6.80 -18.34 -38.01
CA LEU C 438 8.12 -18.67 -38.59
C LEU C 438 8.76 -17.48 -39.33
N THR C 439 8.01 -16.40 -39.62
CA THR C 439 8.58 -15.18 -40.27
C THR C 439 9.08 -14.19 -39.20
N LEU C 440 8.89 -14.47 -37.91
CA LEU C 440 9.21 -13.52 -36.82
C LEU C 440 10.62 -13.77 -36.28
N GLU C 441 11.25 -12.74 -35.70
CA GLU C 441 12.45 -12.89 -34.87
C GLU C 441 12.04 -13.43 -33.51
N ARG C 442 13.00 -13.98 -32.76
CA ARG C 442 12.80 -14.25 -31.32
C ARG C 442 12.74 -12.89 -30.63
N PRO C 443 12.04 -12.79 -29.49
CA PRO C 443 11.94 -11.55 -28.74
C PRO C 443 13.30 -11.00 -28.28
N ARG C 444 13.43 -9.68 -28.19
CA ARG C 444 14.69 -9.01 -27.76
C ARG C 444 14.74 -8.83 -26.25
N TRP C 445 13.60 -8.98 -25.56
CA TRP C 445 13.52 -8.85 -24.08
C TRP C 445 12.29 -9.62 -23.63
N LEU C 446 12.29 -10.05 -22.37
CA LEU C 446 11.23 -10.92 -21.81
C LEU C 446 10.81 -10.40 -20.45
N LEU C 447 9.49 -10.33 -20.24
CA LEU C 447 8.87 -10.02 -18.94
C LEU C 447 9.18 -11.10 -17.90
N LYS C 448 9.17 -10.72 -16.64
CA LYS C 448 9.11 -11.69 -15.51
C LYS C 448 7.92 -12.63 -15.75
N ARG C 449 8.08 -13.88 -15.36
CA ARG C 449 7.08 -14.96 -15.61
C ARG C 449 5.72 -14.58 -14.99
N LYS C 450 5.71 -13.90 -13.83
CA LYS C 450 4.45 -13.65 -13.07
C LYS C 450 3.44 -12.85 -13.91
N TYR C 451 3.87 -12.03 -14.88
CA TYR C 451 2.95 -11.15 -15.63
C TYR C 451 2.00 -11.97 -16.52
N GLU C 452 2.38 -13.18 -16.91
CA GLU C 452 1.51 -14.04 -17.74
C GLU C 452 0.32 -14.52 -16.89
N LYS C 453 0.53 -14.79 -15.61
CA LYS C 453 -0.58 -15.14 -14.68
C LYS C 453 -1.53 -13.94 -14.60
N TYR C 454 -1.00 -12.75 -14.38
CA TYR C 454 -1.80 -11.51 -14.27
C TYR C 454 -2.61 -11.31 -15.55
N ASP C 455 -1.97 -11.43 -16.72
CA ASP C 455 -2.64 -11.20 -18.03
C ASP C 455 -3.82 -12.18 -18.18
N ILE C 456 -3.62 -13.45 -17.88
CA ILE C 456 -4.68 -14.49 -18.06
C ILE C 456 -5.78 -14.30 -17.01
N ASP C 457 -5.43 -14.04 -15.76
CA ASP C 457 -6.43 -13.85 -14.66
C ASP C 457 -7.30 -12.63 -14.96
N ARG C 458 -6.71 -11.52 -15.43
CA ARG C 458 -7.50 -10.32 -15.78
C ARG C 458 -8.44 -10.67 -16.95
N MET C 459 -7.97 -11.40 -17.95
CA MET C 459 -8.80 -11.84 -19.09
C MET C 459 -10.03 -12.60 -18.55
N ASP C 460 -9.82 -13.53 -17.62
CA ASP C 460 -10.92 -14.37 -17.08
C ASP C 460 -11.87 -13.52 -16.24
N LYS C 461 -11.37 -12.54 -15.49
CA LYS C 461 -12.21 -11.60 -14.72
C LYS C 461 -13.14 -10.83 -15.67
N TYR C 462 -12.70 -10.49 -16.89
CA TYR C 462 -13.47 -9.67 -17.84
C TYR C 462 -13.88 -10.53 -19.04
N ARG C 463 -14.20 -11.80 -18.81
CA ARG C 463 -14.48 -12.75 -19.90
C ARG C 463 -15.89 -12.50 -20.48
N LEU C 464 -16.81 -11.94 -19.68
CA LEU C 464 -18.19 -11.62 -20.12
C LEU C 464 -18.16 -10.31 -20.90
N PRO C 465 -19.16 -10.04 -21.78
CA PRO C 465 -19.24 -8.79 -22.51
C PRO C 465 -19.38 -7.62 -21.51
N ALA C 466 -18.63 -6.54 -21.70
CA ALA C 466 -18.85 -5.28 -20.95
C ALA C 466 -20.14 -4.63 -21.49
N THR C 467 -20.81 -3.83 -20.68
CA THR C 467 -22.03 -3.09 -21.08
C THR C 467 -21.89 -1.65 -20.59
N GLN C 468 -22.48 -0.71 -21.32
CA GLN C 468 -22.52 0.73 -20.95
C GLN C 468 -23.28 0.85 -19.62
N PRO C 469 -22.79 1.66 -18.66
CA PRO C 469 -23.50 1.84 -17.39
N SER D 23 -2.68 -40.69 42.94
CA SER D 23 -1.77 -39.97 42.02
C SER D 23 -2.61 -39.16 41.02
N LYS D 24 -2.11 -38.02 40.56
CA LYS D 24 -2.68 -37.25 39.42
C LYS D 24 -2.75 -38.16 38.18
N PRO D 25 -3.92 -38.33 37.55
CA PRO D 25 -4.01 -39.19 36.37
C PRO D 25 -3.43 -38.55 35.09
N ASN D 26 -2.97 -39.38 34.16
CA ASN D 26 -2.71 -38.92 32.78
C ASN D 26 -4.07 -38.60 32.13
N ILE D 27 -4.08 -37.73 31.14
CA ILE D 27 -5.32 -37.32 30.44
C ILE D 27 -5.04 -37.37 28.95
N VAL D 28 -5.85 -38.12 28.20
CA VAL D 28 -5.74 -38.18 26.72
C VAL D 28 -7.12 -37.83 26.16
N LEU D 29 -7.22 -36.70 25.48
CA LEU D 29 -8.47 -36.24 24.82
C LEU D 29 -8.32 -36.48 23.33
N ILE D 30 -9.03 -37.47 22.81
CA ILE D 30 -9.05 -37.82 21.37
C ILE D 30 -10.30 -37.16 20.79
N PHE D 31 -10.11 -36.27 19.81
CA PHE D 31 -11.17 -35.40 19.28
C PHE D 31 -11.14 -35.54 17.76
N ALA D 32 -12.13 -36.22 17.19
CA ALA D 32 -12.28 -36.38 15.73
C ALA D 32 -12.89 -35.09 15.15
N ASP D 33 -12.93 -35.01 13.82
CA ASP D 33 -13.44 -33.86 13.03
C ASP D 33 -14.55 -34.39 12.09
N ASP D 34 -15.76 -33.82 12.16
CA ASP D 34 -16.82 -34.01 11.14
C ASP D 34 -17.30 -35.47 11.07
N ALA D 35 -17.19 -36.24 12.14
CA ALA D 35 -17.67 -37.64 12.16
C ALA D 35 -19.20 -37.65 12.29
N GLY D 36 -19.82 -38.63 11.63
CA GLY D 36 -21.27 -38.88 11.79
C GLY D 36 -21.57 -39.45 13.16
N PHE D 37 -22.67 -39.02 13.78
CA PHE D 37 -23.13 -39.55 15.08
C PHE D 37 -23.24 -41.08 15.02
N GLY D 38 -23.68 -41.65 13.89
CA GLY D 38 -23.94 -43.09 13.80
C GLY D 38 -22.78 -43.87 13.21
N ASP D 39 -21.62 -43.25 12.99
CA ASP D 39 -20.55 -43.83 12.14
C ASP D 39 -19.45 -44.45 13.02
N PHE D 40 -19.85 -45.10 14.09
CA PHE D 40 -18.97 -45.87 15.00
C PHE D 40 -19.71 -47.15 15.39
N GLY D 41 -18.99 -48.25 15.58
CA GLY D 41 -19.56 -49.51 16.11
C GLY D 41 -20.38 -49.26 17.37
N PHE D 42 -19.82 -48.54 18.33
CA PHE D 42 -20.46 -48.31 19.67
C PHE D 42 -21.67 -47.37 19.53
N GLN D 43 -21.84 -46.72 18.39
CA GLN D 43 -23.00 -45.81 18.09
C GLN D 43 -24.04 -46.54 17.22
N GLY D 44 -23.77 -47.80 16.84
CA GLY D 44 -24.73 -48.65 16.10
C GLY D 44 -24.41 -48.85 14.63
N SER D 45 -23.22 -48.47 14.15
CA SER D 45 -22.83 -48.78 12.75
C SER D 45 -22.54 -50.28 12.62
N THR D 46 -23.07 -50.94 11.59
CA THR D 46 -22.65 -52.30 11.16
C THR D 46 -21.76 -52.16 9.92
N GLN D 47 -21.92 -51.06 9.16
CA GLN D 47 -21.21 -50.83 7.87
C GLN D 47 -19.75 -50.42 8.13
N LEU D 48 -19.50 -49.54 9.11
CA LEU D 48 -18.15 -49.03 9.40
C LEU D 48 -17.55 -49.85 10.54
N LYS D 49 -16.22 -49.92 10.59
CA LYS D 49 -15.47 -50.72 11.59
C LYS D 49 -14.62 -49.77 12.44
N THR D 50 -14.86 -49.77 13.74
CA THR D 50 -14.06 -49.01 14.73
C THR D 50 -13.78 -49.91 15.94
N PRO D 51 -13.02 -51.03 15.76
CA PRO D 51 -12.80 -51.99 16.84
C PRO D 51 -12.08 -51.41 18.06
N ASN D 52 -11.08 -50.55 17.86
CA ASN D 52 -10.30 -49.96 18.99
C ASN D 52 -11.19 -49.02 19.81
N LEU D 53 -11.99 -48.19 19.15
CA LEU D 53 -12.88 -47.24 19.87
C LEU D 53 -14.06 -47.99 20.48
N ASP D 54 -14.51 -49.11 19.88
CA ASP D 54 -15.58 -49.97 20.47
C ASP D 54 -15.07 -50.55 21.80
N LYS D 55 -13.80 -50.96 21.85
CA LYS D 55 -13.18 -51.50 23.09
C LYS D 55 -13.04 -50.36 24.10
N LEU D 56 -12.65 -49.16 23.67
CA LEU D 56 -12.62 -47.98 24.58
C LEU D 56 -14.01 -47.79 25.20
N ALA D 57 -15.07 -47.77 24.38
CA ALA D 57 -16.45 -47.59 24.88
C ALA D 57 -16.75 -48.64 25.96
N GLN D 58 -16.40 -49.90 25.71
CA GLN D 58 -16.67 -51.04 26.63
C GLN D 58 -15.87 -50.88 27.93
N SER D 59 -14.70 -50.24 27.88
CA SER D 59 -13.81 -50.01 29.06
C SER D 59 -14.35 -48.91 29.99
N GLY D 60 -15.33 -48.11 29.59
CA GLY D 60 -15.75 -46.93 30.36
C GLY D 60 -17.22 -46.59 30.18
N VAL D 61 -17.54 -45.29 30.17
CA VAL D 61 -18.94 -44.81 30.09
C VAL D 61 -19.15 -44.19 28.71
N ARG D 62 -20.27 -44.53 28.09
CA ARG D 62 -20.75 -43.95 26.81
C ARG D 62 -21.90 -42.99 27.15
N PHE D 63 -21.77 -41.75 26.70
CA PHE D 63 -22.83 -40.72 26.89
C PHE D 63 -23.74 -40.77 25.67
N THR D 64 -25.04 -40.96 25.90
CA THR D 64 -26.06 -41.06 24.83
C THR D 64 -26.49 -39.64 24.45
N GLN D 65 -26.22 -38.64 25.31
CA GLN D 65 -26.57 -37.21 25.09
C GLN D 65 -25.35 -36.32 25.38
N GLY D 66 -24.25 -36.56 24.67
CA GLY D 66 -23.05 -35.72 24.70
C GLY D 66 -23.12 -34.63 23.65
N TYR D 67 -22.83 -33.38 24.02
CA TYR D 67 -22.96 -32.20 23.14
C TYR D 67 -21.64 -31.43 23.02
N VAL D 68 -21.42 -30.88 21.83
CA VAL D 68 -20.43 -29.80 21.61
C VAL D 68 -21.13 -28.46 21.87
N SER D 69 -20.36 -27.37 21.95
CA SER D 69 -20.88 -26.01 22.28
C SER D 69 -21.25 -25.26 21.00
N ASP D 70 -20.99 -25.84 19.83
CA ASP D 70 -21.39 -25.29 18.52
C ASP D 70 -21.35 -26.40 17.45
N SER D 71 -22.06 -26.19 16.34
CA SER D 71 -22.21 -27.15 15.23
C SER D 71 -21.10 -26.98 14.19
N THR D 72 -20.07 -26.18 14.48
CA THR D 72 -18.88 -26.00 13.62
C THR D 72 -17.60 -26.00 14.48
N SER D 73 -16.47 -26.24 13.82
CA SER D 73 -15.16 -26.64 14.39
C SER D 73 -14.61 -25.57 15.34
N GLY D 74 -14.41 -24.35 14.83
CA GLY D 74 -13.67 -23.32 15.56
C GLY D 74 -14.34 -22.99 16.90
N PRO D 75 -15.62 -22.56 16.87
CA PRO D 75 -16.34 -22.24 18.12
C PRO D 75 -16.46 -23.44 19.06
N SER D 76 -16.64 -24.63 18.51
CA SER D 76 -16.71 -25.88 19.31
C SER D 76 -15.40 -26.06 20.08
N ARG D 77 -14.27 -25.90 19.38
CA ARG D 77 -12.93 -26.08 20.00
C ARG D 77 -12.66 -24.96 21.00
N ALA D 78 -13.15 -23.75 20.75
CA ALA D 78 -12.98 -22.60 21.67
C ALA D 78 -13.70 -22.91 23.00
N GLY D 79 -14.91 -23.45 22.94
CA GLY D 79 -15.67 -23.90 24.11
C GLY D 79 -14.93 -25.01 24.85
N LEU D 80 -14.51 -26.05 24.12
CA LEU D 80 -13.78 -27.22 24.70
C LEU D 80 -12.55 -26.71 25.46
N MET D 81 -11.76 -25.85 24.81
CA MET D 81 -10.43 -25.43 25.34
C MET D 81 -10.60 -24.52 26.58
N THR D 82 -11.76 -23.88 26.78
CA THR D 82 -11.94 -22.86 27.85
C THR D 82 -12.91 -23.27 28.94
N GLY D 83 -13.74 -24.31 28.70
CA GLY D 83 -14.84 -24.68 29.62
C GLY D 83 -15.91 -23.61 29.69
N LYS D 84 -15.99 -22.73 28.69
CA LYS D 84 -16.89 -21.55 28.67
C LYS D 84 -17.70 -21.53 27.38
N TYR D 85 -18.92 -21.02 27.44
CA TYR D 85 -19.69 -20.61 26.24
C TYR D 85 -18.82 -19.61 25.47
N GLN D 86 -18.34 -20.03 24.31
CA GLN D 86 -17.35 -19.28 23.49
C GLN D 86 -17.91 -17.93 23.04
N GLN D 87 -19.24 -17.80 22.97
CA GLN D 87 -19.91 -16.53 22.58
C GLN D 87 -19.67 -15.47 23.67
N ARG D 88 -19.34 -15.89 24.88
CA ARG D 88 -19.09 -14.94 25.99
C ARG D 88 -17.83 -14.11 25.70
N PHE D 89 -16.91 -14.60 24.89
CA PHE D 89 -15.70 -13.83 24.47
C PHE D 89 -15.73 -13.62 22.95
N GLY D 90 -16.91 -13.67 22.34
CA GLY D 90 -17.13 -13.19 20.96
C GLY D 90 -16.72 -14.18 19.90
N TYR D 91 -16.49 -15.44 20.26
CA TYR D 91 -16.07 -16.49 19.29
C TYR D 91 -17.34 -17.22 18.83
N GLU D 92 -18.18 -16.55 18.07
CA GLU D 92 -19.56 -17.03 17.78
C GLU D 92 -19.61 -17.73 16.42
N GLU D 93 -19.08 -17.07 15.39
CA GLU D 93 -19.08 -17.59 13.99
C GLU D 93 -17.72 -18.26 13.76
N ILE D 94 -17.69 -19.24 12.85
CA ILE D 94 -16.45 -19.99 12.58
C ILE D 94 -15.42 -19.09 11.89
N ASN D 95 -14.17 -19.24 12.32
CA ASN D 95 -12.96 -18.65 11.71
C ASN D 95 -12.53 -19.51 10.50
N VAL D 96 -12.89 -19.11 9.28
CA VAL D 96 -12.38 -19.74 8.04
C VAL D 96 -11.82 -18.65 7.14
N PRO D 97 -10.47 -18.47 7.13
CA PRO D 97 -9.84 -17.51 6.24
C PRO D 97 -10.36 -17.71 4.81
N GLY D 98 -10.80 -16.64 4.15
CA GLY D 98 -11.35 -16.68 2.78
C GLY D 98 -12.87 -16.72 2.78
N PHE D 99 -13.52 -17.06 3.90
CA PHE D 99 -15.00 -17.17 3.98
C PHE D 99 -15.59 -15.94 4.69
N MET D 100 -14.76 -15.01 5.12
CA MET D 100 -15.19 -13.94 6.07
C MET D 100 -15.69 -12.69 5.28
N SER D 101 -16.71 -12.04 5.82
CA SER D 101 -17.28 -10.76 5.29
C SER D 101 -16.16 -9.73 5.09
N GLY D 102 -16.22 -8.98 4.01
CA GLY D 102 -15.40 -7.76 3.78
C GLY D 102 -15.55 -6.78 4.94
N ASN D 103 -16.65 -6.85 5.70
CA ASN D 103 -16.92 -5.95 6.85
C ASN D 103 -16.45 -6.55 8.19
N SER D 104 -15.92 -7.78 8.18
CA SER D 104 -15.51 -8.49 9.43
C SER D 104 -14.44 -7.70 10.18
N ALA D 105 -14.57 -7.55 11.50
CA ALA D 105 -13.58 -6.86 12.36
C ALA D 105 -12.19 -7.50 12.21
N LEU D 106 -12.14 -8.82 12.25
CA LEU D 106 -10.89 -9.60 12.14
C LEU D 106 -11.03 -10.58 10.97
N LYS D 107 -9.93 -10.71 10.22
CA LYS D 107 -9.84 -11.58 9.02
C LYS D 107 -8.52 -12.35 9.09
N GLY D 108 -8.40 -13.37 8.23
CA GLY D 108 -7.19 -14.19 8.06
C GLY D 108 -6.58 -14.62 9.38
N ALA D 109 -5.31 -14.31 9.60
CA ALA D 109 -4.50 -14.83 10.72
C ALA D 109 -4.94 -14.20 12.05
N ASP D 110 -5.69 -13.08 12.03
CA ASP D 110 -6.07 -12.33 13.25
C ASP D 110 -7.26 -12.99 13.97
N MET D 111 -7.98 -13.89 13.30
CA MET D 111 -9.09 -14.64 13.96
C MET D 111 -8.46 -15.76 14.79
N GLY D 112 -8.77 -15.79 16.08
CA GLY D 112 -8.16 -16.73 17.04
C GLY D 112 -8.77 -16.61 18.41
N LEU D 113 -8.59 -17.64 19.24
CA LEU D 113 -9.05 -17.66 20.63
C LEU D 113 -8.49 -16.44 21.35
N PRO D 114 -9.31 -15.50 21.85
CA PRO D 114 -8.78 -14.30 22.51
C PRO D 114 -7.74 -14.67 23.57
N LEU D 115 -6.67 -13.87 23.60
CA LEU D 115 -5.46 -14.15 24.41
C LEU D 115 -5.78 -14.07 25.90
N ASP D 116 -6.85 -13.40 26.31
CA ASP D 116 -7.19 -13.25 27.75
C ASP D 116 -7.89 -14.53 28.25
N GLN D 117 -8.12 -15.52 27.39
CA GLN D 117 -8.77 -16.80 27.84
C GLN D 117 -7.68 -17.77 28.30
N LYS D 118 -7.99 -18.51 29.37
CA LYS D 118 -7.14 -19.57 29.94
C LYS D 118 -7.61 -20.91 29.38
N THR D 119 -6.67 -21.70 28.85
CA THR D 119 -6.98 -22.98 28.19
C THR D 119 -6.85 -24.16 29.16
N MET D 120 -7.39 -25.28 28.74
CA MET D 120 -7.18 -26.63 29.34
C MET D 120 -5.68 -26.86 29.57
N GLY D 121 -4.86 -26.57 28.56
CA GLY D 121 -3.38 -26.63 28.61
C GLY D 121 -2.82 -25.83 29.79
N ASP D 122 -3.22 -24.55 29.89
CA ASP D 122 -2.75 -23.63 30.97
C ASP D 122 -3.10 -24.24 32.34
N TYR D 123 -4.33 -24.70 32.55
CA TYR D 123 -4.82 -25.20 33.84
C TYR D 123 -4.05 -26.47 34.24
N LEU D 124 -3.76 -27.36 33.30
CA LEU D 124 -3.05 -28.62 33.60
C LEU D 124 -1.55 -28.36 33.77
N LYS D 125 -0.97 -27.38 33.05
CA LYS D 125 0.44 -26.93 33.29
C LYS D 125 0.57 -26.45 34.74
N GLU D 126 -0.41 -25.69 35.26
CA GLU D 126 -0.45 -25.21 36.67
C GLU D 126 -0.42 -26.40 37.65
N GLN D 127 -0.97 -27.55 37.25
CA GLN D 127 -1.05 -28.76 38.11
C GLN D 127 0.16 -29.66 37.85
N GLY D 128 1.17 -29.19 37.10
CA GLY D 128 2.48 -29.85 36.93
C GLY D 128 2.49 -30.86 35.79
N TYR D 129 1.52 -30.79 34.86
CA TYR D 129 1.42 -31.73 33.71
C TYR D 129 2.35 -31.26 32.59
N LYS D 130 2.94 -32.24 31.90
CA LYS D 130 3.47 -32.08 30.52
C LYS D 130 2.25 -32.06 29.58
N THR D 131 2.22 -31.13 28.63
CA THR D 131 1.04 -30.89 27.76
C THR D 131 1.49 -30.94 26.30
N ALA D 132 0.69 -31.60 25.46
CA ALA D 132 0.96 -31.72 24.02
C ALA D 132 -0.34 -31.68 23.24
N VAL D 133 -0.29 -31.11 22.05
CA VAL D 133 -1.39 -31.18 21.06
C VAL D 133 -0.83 -31.74 19.76
N PHE D 134 -1.56 -32.70 19.19
CA PHE D 134 -1.25 -33.31 17.88
C PHE D 134 -2.46 -33.10 16.97
N GLY D 135 -2.22 -32.58 15.78
CA GLY D 135 -3.21 -32.49 14.72
C GLY D 135 -3.78 -31.08 14.58
N LYS D 136 -5.09 -31.00 14.40
CA LYS D 136 -5.80 -29.76 14.01
C LYS D 136 -5.90 -28.82 15.22
N TRP D 137 -5.47 -27.57 15.04
CA TRP D 137 -5.56 -26.54 16.10
C TRP D 137 -6.84 -25.71 15.88
N HIS D 138 -6.85 -24.90 14.82
CA HIS D 138 -8.02 -24.10 14.39
C HIS D 138 -8.46 -23.08 15.45
N LEU D 139 -7.53 -22.65 16.31
CA LEU D 139 -7.82 -21.63 17.33
C LEU D 139 -6.96 -20.37 17.08
N GLY D 140 -6.54 -20.19 15.82
CA GLY D 140 -5.91 -18.95 15.32
C GLY D 140 -4.63 -19.29 14.58
N ASP D 141 -4.38 -18.59 13.47
CA ASP D 141 -3.22 -18.84 12.57
C ASP D 141 -2.02 -17.96 12.92
N ALA D 142 -2.23 -16.76 13.47
CA ALA D 142 -1.10 -15.88 13.84
C ALA D 142 -0.25 -16.56 14.92
N ASP D 143 1.03 -16.18 14.98
CA ASP D 143 2.02 -16.69 15.97
C ASP D 143 1.47 -16.57 17.40
N ARG D 144 0.78 -15.48 17.74
CA ARG D 144 0.32 -15.21 19.13
C ARG D 144 -0.73 -16.24 19.55
N PHE D 145 -1.37 -16.94 18.61
CA PHE D 145 -2.46 -17.93 18.88
C PHE D 145 -1.89 -19.36 18.93
N HIS D 146 -0.58 -19.49 18.72
CA HIS D 146 0.11 -20.80 18.61
C HIS D 146 -0.09 -21.62 19.88
N PRO D 147 -0.29 -22.95 19.78
CA PRO D 147 -0.44 -23.79 20.96
C PRO D 147 0.66 -23.61 22.03
N LEU D 148 1.89 -23.35 21.63
CA LEU D 148 3.03 -23.20 22.58
C LEU D 148 2.94 -21.88 23.35
N LYS D 149 2.05 -20.95 22.93
CA LYS D 149 1.72 -19.74 23.73
C LYS D 149 0.46 -19.97 24.57
N ARG D 150 -0.24 -21.10 24.38
CA ARG D 150 -1.59 -21.33 24.98
C ARG D 150 -1.56 -22.54 25.92
N GLY D 151 -0.41 -22.84 26.52
CA GLY D 151 -0.29 -23.82 27.61
C GLY D 151 0.12 -25.22 27.14
N PHE D 152 0.57 -25.37 25.90
CA PHE D 152 1.10 -26.65 25.36
C PHE D 152 2.62 -26.56 25.26
N ASP D 153 3.32 -27.58 25.77
CA ASP D 153 4.80 -27.71 25.66
C ASP D 153 5.14 -28.18 24.24
N THR D 154 4.33 -29.06 23.66
CA THR D 154 4.69 -29.80 22.42
C THR D 154 3.53 -29.72 21.43
N PHE D 155 3.86 -29.62 20.15
CA PHE D 155 2.89 -29.56 19.02
C PHE D 155 3.45 -30.36 17.86
N LEU D 156 2.65 -31.23 17.26
CA LEU D 156 2.84 -31.63 15.84
C LEU D 156 1.47 -31.60 15.18
N GLY D 157 1.24 -30.65 14.27
CA GLY D 157 -0.07 -30.50 13.65
C GLY D 157 -0.09 -29.29 12.74
N PHE D 158 -1.28 -28.73 12.51
CA PHE D 158 -1.47 -27.59 11.59
C PHE D 158 -2.37 -26.57 12.29
N ARG D 159 -2.07 -25.29 12.06
CA ARG D 159 -2.74 -24.16 12.73
C ARG D 159 -4.19 -24.07 12.27
N GLY D 160 -4.47 -24.41 11.00
CA GLY D 160 -5.73 -24.10 10.32
C GLY D 160 -6.81 -25.15 10.54
N GLY D 161 -7.72 -25.24 9.57
CA GLY D 161 -9.02 -25.93 9.73
C GLY D 161 -9.13 -27.20 8.90
N ASP D 162 -8.33 -27.34 7.84
CA ASP D 162 -8.36 -28.57 6.99
C ASP D 162 -7.07 -28.67 6.18
N ARG D 163 -6.68 -29.89 5.82
CA ARG D 163 -5.46 -30.11 4.99
C ARG D 163 -5.47 -31.54 4.44
N SER D 164 -4.60 -31.76 3.46
CA SER D 164 -4.36 -33.08 2.82
C SER D 164 -3.87 -34.08 3.87
N TYR D 165 -4.29 -35.34 3.73
CA TYR D 165 -3.81 -36.49 4.54
C TYR D 165 -2.43 -36.95 4.05
N PHE D 166 -1.96 -36.42 2.93
CA PHE D 166 -0.60 -36.70 2.39
C PHE D 166 0.20 -35.41 2.26
N ASN D 167 1.51 -35.56 2.01
CA ASN D 167 2.46 -34.43 1.90
C ASN D 167 2.04 -33.52 0.74
N TYR D 168 2.16 -32.21 0.95
CA TYR D 168 2.12 -31.17 -0.10
C TYR D 168 3.50 -31.18 -0.78
N SER D 169 3.55 -30.98 -2.09
CA SER D 169 4.80 -30.72 -2.86
C SER D 169 5.37 -29.35 -2.50
N GLU D 170 6.65 -29.10 -2.81
CA GLU D 170 7.33 -27.78 -2.68
C GLU D 170 6.50 -26.73 -3.43
N GLN D 171 6.03 -27.06 -4.64
CA GLN D 171 5.27 -26.12 -5.52
C GLN D 171 3.92 -25.75 -4.86
N GLU D 172 3.22 -26.72 -4.27
CA GLU D 172 1.91 -26.47 -3.60
C GLU D 172 2.11 -25.52 -2.41
CA GLY D 176 -0.91 -21.65 -2.22
C GLY D 176 -1.26 -20.18 -2.08
N ASN D 177 -2.54 -19.86 -1.89
CA ASN D 177 -3.00 -18.47 -1.61
C ASN D 177 -2.41 -18.03 -0.27
N LYS D 178 -2.69 -16.79 0.15
CA LYS D 178 -2.09 -16.15 1.35
C LYS D 178 -2.55 -16.86 2.65
N HIS D 179 -3.62 -17.65 2.62
CA HIS D 179 -4.16 -18.38 3.81
C HIS D 179 -3.61 -19.81 3.89
N PHE D 180 -3.01 -20.33 2.81
CA PHE D 180 -2.57 -21.74 2.65
C PHE D 180 -1.56 -22.15 3.74
N PHE D 181 -0.73 -21.23 4.24
CA PHE D 181 0.37 -21.54 5.20
C PHE D 181 -0.19 -22.24 6.44
N ASP D 182 -1.47 -22.03 6.80
CA ASP D 182 -2.07 -22.60 8.02
C ASP D 182 -2.31 -24.11 7.84
N LYS D 183 -2.12 -24.65 6.63
CA LYS D 183 -2.32 -26.09 6.35
C LYS D 183 -1.01 -26.85 6.52
N LYS D 184 0.12 -26.17 6.68
CA LYS D 184 1.46 -26.83 6.68
C LYS D 184 1.66 -27.55 8.01
N LEU D 185 2.13 -28.81 7.95
CA LEU D 185 2.39 -29.60 9.19
C LEU D 185 3.63 -29.02 9.85
N GLU D 186 3.55 -28.85 11.17
CA GLU D 186 4.45 -28.00 11.96
C GLU D 186 4.82 -28.72 13.24
N ARG D 187 6.11 -28.75 13.57
CA ARG D 187 6.61 -29.28 14.86
C ARG D 187 6.92 -28.10 15.77
N ASP D 188 6.36 -28.09 16.96
CA ASP D 188 6.56 -27.00 17.96
C ASP D 188 6.37 -25.66 17.22
N PHE D 189 7.29 -24.71 17.35
CA PHE D 189 7.07 -23.29 16.93
C PHE D 189 7.80 -23.05 15.61
N GLY D 190 7.08 -23.28 14.50
CA GLY D 190 7.50 -22.90 13.13
C GLY D 190 8.51 -23.85 12.49
N ASN D 191 8.66 -25.08 12.96
CA ASN D 191 9.52 -26.12 12.31
C ASN D 191 8.65 -26.92 11.35
N TYR D 192 8.62 -26.53 10.07
CA TYR D 192 7.67 -27.09 9.08
C TYR D 192 8.27 -28.37 8.51
N GLU D 193 7.45 -29.43 8.44
CA GLU D 193 7.86 -30.80 8.03
C GLU D 193 6.61 -31.56 7.59
N GLU D 194 6.48 -31.84 6.29
CA GLU D 194 5.29 -32.52 5.73
C GLU D 194 5.26 -33.97 6.22
N PRO D 195 4.06 -34.59 6.31
CA PRO D 195 3.96 -35.96 6.80
C PRO D 195 4.62 -36.94 5.80
N LYS D 196 5.37 -37.91 6.31
CA LYS D 196 6.10 -38.94 5.50
C LYS D 196 5.15 -40.11 5.20
N GLU D 197 4.00 -40.14 5.86
CA GLU D 197 3.04 -41.27 5.85
C GLU D 197 1.63 -40.65 5.91
N TYR D 198 0.58 -41.44 5.69
CA TYR D 198 -0.83 -41.02 5.88
C TYR D 198 -0.95 -40.25 7.20
N LEU D 199 -1.50 -39.03 7.15
CA LEU D 199 -1.44 -38.07 8.28
C LEU D 199 -2.07 -38.69 9.54
N THR D 200 -3.20 -39.40 9.41
CA THR D 200 -3.89 -40.00 10.58
C THR D 200 -2.91 -40.90 11.35
N ASP D 201 -2.14 -41.73 10.63
CA ASP D 201 -1.14 -42.64 11.26
C ASP D 201 -0.01 -41.81 11.86
N VAL D 202 0.42 -40.74 11.21
CA VAL D 202 1.51 -39.87 11.76
C VAL D 202 1.07 -39.34 13.14
N LEU D 203 -0.16 -38.81 13.23
CA LEU D 203 -0.63 -38.15 14.47
C LEU D 203 -0.73 -39.19 15.61
N GLY D 204 -1.31 -40.36 15.34
CA GLY D 204 -1.45 -41.43 16.33
C GLY D 204 -0.08 -41.94 16.83
N LYS D 205 0.86 -42.17 15.92
CA LYS D 205 2.23 -42.64 16.27
C LYS D 205 2.96 -41.58 17.06
N GLU D 206 2.79 -40.29 16.73
CA GLU D 206 3.48 -39.21 17.48
C GLU D 206 2.92 -39.14 18.90
N ALA D 207 1.59 -39.24 19.07
CA ALA D 207 0.96 -39.28 20.40
C ALA D 207 1.51 -40.47 21.20
N ALA D 208 1.62 -41.66 20.58
CA ALA D 208 2.14 -42.89 21.22
C ALA D 208 3.61 -42.69 21.65
N LYS D 209 4.44 -42.08 20.81
CA LYS D 209 5.85 -41.76 21.15
C LYS D 209 5.89 -40.81 22.35
N TYR D 210 5.00 -39.82 22.40
CA TYR D 210 4.95 -38.82 23.50
C TYR D 210 4.65 -39.54 24.82
N ILE D 211 3.71 -40.50 24.80
CA ILE D 211 3.37 -41.30 26.01
C ILE D 211 4.63 -42.04 26.48
N GLU D 212 5.30 -42.74 25.56
CA GLU D 212 6.55 -43.49 25.82
C GLU D 212 7.57 -42.55 26.49
N GLN D 213 7.82 -41.38 25.89
CA GLN D 213 8.84 -40.40 26.37
C GLN D 213 8.47 -39.83 27.76
N ASN D 214 7.18 -39.78 28.11
CA ASN D 214 6.71 -39.05 29.31
C ASN D 214 6.01 -40.01 30.29
N LYS D 215 6.30 -41.30 30.19
CA LYS D 215 5.55 -42.37 30.92
C LYS D 215 5.71 -42.26 32.44
N ASP D 216 6.73 -41.57 32.94
CA ASP D 216 7.07 -41.51 34.39
C ASP D 216 6.46 -40.28 35.07
N GLU D 217 5.74 -39.40 34.35
CA GLU D 217 5.19 -38.13 34.90
C GLU D 217 3.79 -37.90 34.34
N PRO D 218 2.94 -37.11 35.04
CA PRO D 218 1.60 -36.79 34.54
C PRO D 218 1.69 -36.04 33.21
N PHE D 219 0.92 -36.47 32.21
CA PHE D 219 0.86 -35.80 30.89
C PHE D 219 -0.60 -35.64 30.47
N PHE D 220 -0.80 -34.62 29.65
CA PHE D 220 -2.06 -34.29 28.97
C PHE D 220 -1.79 -34.27 27.47
N ILE D 221 -2.50 -35.10 26.72
CA ILE D 221 -2.43 -35.13 25.23
C ILE D 221 -3.80 -34.75 24.68
N TYR D 222 -3.80 -33.73 23.83
CA TYR D 222 -4.95 -33.32 23.00
C TYR D 222 -4.66 -33.82 21.59
N LEU D 223 -5.30 -34.94 21.24
CA LEU D 223 -5.09 -35.60 19.93
C LEU D 223 -6.27 -35.20 19.04
N ALA D 224 -6.07 -34.14 18.26
CA ALA D 224 -7.11 -33.53 17.41
C ALA D 224 -6.91 -34.03 15.96
N PHE D 225 -7.46 -35.19 15.63
CA PHE D 225 -7.34 -35.74 14.26
C PHE D 225 -8.04 -34.80 13.28
N ASN D 226 -7.52 -34.67 12.05
CA ASN D 226 -8.32 -34.04 10.98
C ASN D 226 -9.31 -35.06 10.42
N ALA D 227 -9.06 -36.38 10.57
CA ALA D 227 -10.06 -37.42 10.22
C ALA D 227 -11.35 -37.13 10.98
N VAL D 228 -12.52 -37.16 10.33
CA VAL D 228 -12.77 -37.60 8.96
C VAL D 228 -13.24 -36.42 8.10
N HIS D 229 -12.61 -35.27 8.26
CA HIS D 229 -12.84 -34.06 7.43
C HIS D 229 -12.34 -34.30 6.00
N THR D 230 -12.98 -33.64 5.03
CA THR D 230 -12.47 -33.50 3.65
C THR D 230 -11.07 -32.92 3.72
N PRO D 231 -10.18 -33.17 2.73
CA PRO D 231 -10.49 -33.97 1.55
C PRO D 231 -10.52 -35.48 1.83
N LEU D 232 -11.32 -36.20 1.03
CA LEU D 232 -11.58 -37.65 1.19
C LEU D 232 -10.39 -38.42 0.60
N GLU D 233 -9.32 -38.52 1.39
CA GLU D 233 -8.06 -39.20 1.00
C GLU D 233 -7.83 -40.30 2.03
N SER D 234 -7.43 -41.47 1.56
CA SER D 234 -7.29 -42.68 2.41
C SER D 234 -6.01 -43.43 2.03
N ASP D 235 -5.54 -44.26 2.97
CA ASP D 235 -4.54 -45.32 2.70
C ASP D 235 -5.19 -46.31 1.73
N PRO D 236 -4.59 -46.59 0.55
CA PRO D 236 -5.14 -47.60 -0.37
C PRO D 236 -5.47 -48.95 0.29
N LYS D 237 -4.67 -49.38 1.28
CA LYS D 237 -4.89 -50.66 2.00
C LYS D 237 -6.19 -50.58 2.81
N ASP D 238 -6.56 -49.40 3.32
CA ASP D 238 -7.86 -49.20 4.04
C ASP D 238 -9.01 -49.20 3.04
N LEU D 239 -8.85 -48.54 1.89
CA LEU D 239 -9.89 -48.52 0.82
C LEU D 239 -10.26 -49.96 0.44
N ALA D 240 -9.26 -50.84 0.34
CA ALA D 240 -9.36 -52.24 -0.15
C ALA D 240 -10.12 -53.10 0.86
N LYS D 241 -10.32 -52.65 2.11
CA LYS D 241 -11.11 -53.38 3.13
C LYS D 241 -12.62 -53.14 2.94
N PHE D 242 -13.03 -52.27 2.02
CA PHE D 242 -14.46 -51.90 1.84
C PHE D 242 -14.88 -52.07 0.38
N PRO D 243 -14.71 -53.28 -0.20
CA PRO D 243 -15.00 -53.52 -1.62
C PRO D 243 -16.49 -53.33 -1.97
N ASN D 244 -17.39 -53.47 -1.00
CA ASN D 244 -18.86 -53.37 -1.21
C ASN D 244 -19.37 -51.92 -1.17
N LEU D 245 -18.55 -50.98 -0.70
CA LEU D 245 -18.92 -49.55 -0.67
C LEU D 245 -18.37 -48.85 -1.91
N THR D 246 -19.01 -47.75 -2.31
CA THR D 246 -18.62 -46.96 -3.51
C THR D 246 -18.51 -45.47 -3.13
N GLY D 247 -17.73 -44.72 -3.91
CA GLY D 247 -17.68 -43.25 -3.89
C GLY D 247 -17.26 -42.73 -2.51
N LYS D 248 -17.92 -41.65 -2.06
CA LYS D 248 -17.52 -40.90 -0.85
C LYS D 248 -17.65 -41.80 0.38
N ARG D 249 -18.68 -42.64 0.44
CA ARG D 249 -18.95 -43.55 1.58
C ARG D 249 -17.78 -44.54 1.73
N LYS D 250 -17.23 -45.06 0.64
CA LYS D 250 -16.06 -45.98 0.67
C LYS D 250 -14.86 -45.25 1.28
N GLU D 251 -14.61 -44.01 0.87
CA GLU D 251 -13.50 -43.16 1.38
C GLU D 251 -13.71 -42.93 2.88
N LEU D 252 -14.93 -42.61 3.29
CA LEU D 252 -15.23 -42.36 4.72
C LEU D 252 -14.94 -43.62 5.54
N ALA D 253 -15.37 -44.78 5.08
CA ALA D 253 -15.12 -46.09 5.72
C ALA D 253 -13.62 -46.27 5.96
N ALA D 254 -12.81 -46.03 4.92
CA ALA D 254 -11.33 -46.18 4.99
C ALA D 254 -10.75 -45.16 5.97
N MET D 255 -11.22 -43.91 5.91
CA MET D 255 -10.71 -42.80 6.77
C MET D 255 -11.06 -43.12 8.23
N THR D 256 -12.25 -43.66 8.47
CA THR D 256 -12.77 -44.05 9.80
C THR D 256 -11.93 -45.22 10.35
N LEU D 257 -11.62 -46.22 9.50
CA LEU D 257 -10.73 -47.34 9.90
C LEU D 257 -9.36 -46.78 10.32
N GLY D 258 -8.83 -45.80 9.58
CA GLY D 258 -7.54 -45.14 9.90
C GLY D 258 -7.62 -44.40 11.23
N LEU D 259 -8.67 -43.62 11.45
CA LEU D 259 -8.93 -42.90 12.73
C LEU D 259 -8.91 -43.91 13.88
N ASP D 260 -9.61 -45.02 13.71
CA ASP D 260 -9.74 -46.07 14.76
C ASP D 260 -8.37 -46.72 15.01
N ARG D 261 -7.62 -47.00 13.95
CA ARG D 261 -6.28 -47.65 14.04
C ARG D 261 -5.31 -46.71 14.78
N ALA D 262 -5.29 -45.43 14.42
CA ALA D 262 -4.36 -44.43 14.99
C ALA D 262 -4.72 -44.21 16.47
N SER D 263 -6.00 -44.17 16.80
CA SER D 263 -6.50 -44.12 18.20
C SER D 263 -5.96 -45.37 18.93
N GLY D 264 -6.01 -46.53 18.28
CA GLY D 264 -5.46 -47.80 18.77
C GLY D 264 -3.99 -47.70 19.16
N TYR D 265 -3.14 -47.01 18.39
CA TYR D 265 -1.71 -46.87 18.76
C TYR D 265 -1.59 -46.26 20.17
N VAL D 266 -2.43 -45.26 20.45
CA VAL D 266 -2.41 -44.51 21.73
C VAL D 266 -2.96 -45.42 22.85
N LEU D 267 -4.13 -46.02 22.65
CA LEU D 267 -4.78 -46.88 23.66
C LEU D 267 -3.88 -48.09 23.96
N ASP D 268 -3.25 -48.67 22.93
CA ASP D 268 -2.36 -49.86 23.07
C ASP D 268 -1.10 -49.45 23.84
N LYS D 269 -0.56 -48.26 23.61
CA LYS D 269 0.65 -47.81 24.32
C LYS D 269 0.34 -47.62 25.82
N LEU D 270 -0.79 -47.03 26.17
CA LEU D 270 -1.21 -46.88 27.60
C LEU D 270 -1.28 -48.27 28.27
N LYS D 271 -1.92 -49.24 27.60
CA LYS D 271 -2.13 -50.61 28.11
C LYS D 271 -0.76 -51.28 28.31
N GLU D 272 0.10 -51.24 27.28
CA GLU D 272 1.44 -51.91 27.25
C GLU D 272 2.32 -51.37 28.39
N LEU D 273 2.24 -50.07 28.70
CA LEU D 273 3.10 -49.45 29.74
C LEU D 273 2.44 -49.51 31.13
N GLY D 274 1.24 -50.08 31.26
CA GLY D 274 0.52 -50.15 32.54
C GLY D 274 0.14 -48.75 33.04
N LEU D 275 -0.29 -47.87 32.13
CA LEU D 275 -0.71 -46.49 32.45
C LEU D 275 -2.22 -46.30 32.35
N ASP D 276 -2.95 -47.23 31.72
CA ASP D 276 -4.37 -46.99 31.38
C ASP D 276 -5.23 -46.94 32.64
N ASP D 277 -4.89 -47.65 33.73
CA ASP D 277 -5.75 -47.67 34.94
C ASP D 277 -5.93 -46.25 35.46
N ASN D 278 -4.84 -45.47 35.49
CA ASN D 278 -4.88 -44.08 36.01
C ASN D 278 -4.67 -43.09 34.88
N THR D 279 -5.27 -43.33 33.72
CA THR D 279 -5.39 -42.37 32.61
C THR D 279 -6.88 -42.12 32.34
N ILE D 280 -7.27 -40.85 32.24
CA ILE D 280 -8.59 -40.45 31.71
C ILE D 280 -8.46 -40.40 30.20
N VAL D 281 -9.16 -41.28 29.49
CA VAL D 281 -9.28 -41.21 28.01
C VAL D 281 -10.68 -40.71 27.67
N VAL D 282 -10.72 -39.66 26.87
CA VAL D 282 -11.98 -39.11 26.30
C VAL D 282 -11.92 -39.31 24.79
N PHE D 283 -13.00 -39.80 24.20
CA PHE D 283 -13.20 -39.76 22.75
C PHE D 283 -14.45 -38.93 22.46
N SER D 284 -14.30 -37.91 21.62
CA SER D 284 -15.46 -37.16 21.09
C SER D 284 -15.11 -36.58 19.72
N ASN D 285 -15.92 -35.64 19.27
CA ASN D 285 -16.03 -35.20 17.85
C ASN D 285 -16.39 -33.70 17.90
N ASP D 286 -15.84 -32.87 17.02
CA ASP D 286 -15.90 -31.39 17.13
C ASP D 286 -17.30 -30.89 16.75
N ASN D 287 -18.02 -31.61 15.89
CA ASN D 287 -19.37 -31.21 15.43
C ASN D 287 -20.01 -32.39 14.71
N GLY D 288 -21.31 -32.31 14.43
CA GLY D 288 -22.06 -33.35 13.71
C GLY D 288 -21.53 -33.55 12.29
N GLY D 289 -21.88 -34.67 11.67
CA GLY D 289 -21.34 -35.06 10.35
C GLY D 289 -21.89 -34.17 9.24
N PRO D 290 -21.04 -33.61 8.33
CA PRO D 290 -21.51 -32.92 7.14
C PRO D 290 -21.87 -33.95 6.07
N SER D 291 -23.10 -34.45 6.12
CA SER D 291 -23.55 -35.63 5.33
C SER D 291 -23.34 -35.39 3.83
N ASP D 292 -23.39 -34.15 3.36
CA ASP D 292 -23.25 -33.78 1.91
C ASP D 292 -21.79 -33.72 1.48
N LYS D 293 -20.84 -33.66 2.42
CA LYS D 293 -19.39 -33.47 2.09
C LYS D 293 -18.61 -34.79 2.22
N ASN D 294 -18.80 -35.55 3.30
CA ASN D 294 -17.89 -36.69 3.59
C ASN D 294 -18.69 -37.99 3.77
N ALA D 295 -19.97 -37.98 3.36
CA ALA D 295 -20.93 -39.12 3.39
C ALA D 295 -21.15 -39.60 4.82
N SER D 296 -20.89 -38.73 5.81
CA SER D 296 -21.14 -39.05 7.24
C SER D 296 -22.64 -39.25 7.42
N ASN D 297 -23.01 -40.10 8.37
CA ASN D 297 -24.42 -40.47 8.68
C ASN D 297 -24.65 -40.20 10.17
N ASN D 298 -25.62 -39.34 10.50
CA ASN D 298 -25.89 -38.93 11.89
C ASN D 298 -27.03 -39.75 12.51
N ALA D 299 -27.33 -40.93 11.97
CA ALA D 299 -28.46 -41.77 12.45
C ALA D 299 -28.33 -41.97 13.97
N PRO D 300 -29.43 -41.91 14.75
CA PRO D 300 -30.79 -41.68 14.24
C PRO D 300 -31.24 -40.22 14.17
N LEU D 301 -30.30 -39.27 14.13
CA LEU D 301 -30.61 -37.82 14.29
C LEU D 301 -30.93 -37.16 12.95
N ALA D 302 -31.74 -36.10 13.01
CA ALA D 302 -31.94 -35.16 11.89
C ALA D 302 -30.81 -34.14 11.89
N GLY D 303 -30.48 -33.59 10.73
CA GLY D 303 -29.53 -32.47 10.60
C GLY D 303 -28.09 -32.95 10.51
N THR D 304 -27.18 -31.97 10.57
CA THR D 304 -25.77 -32.11 10.17
C THR D 304 -24.96 -31.01 10.84
N LYS D 305 -23.66 -31.07 10.61
CA LYS D 305 -22.73 -29.92 10.74
C LYS D 305 -23.44 -28.62 10.35
N SER D 306 -23.21 -27.57 11.15
CA SER D 306 -23.53 -26.14 10.88
C SER D 306 -25.03 -25.87 11.02
N ASN D 307 -25.84 -26.83 11.51
CA ASN D 307 -27.20 -26.52 12.01
C ASN D 307 -27.32 -27.04 13.44
N GLN D 308 -28.37 -26.63 14.16
CA GLN D 308 -28.51 -26.86 15.63
C GLN D 308 -29.61 -27.89 15.90
N LEU D 309 -30.04 -28.63 14.89
CA LEU D 309 -30.71 -29.94 15.09
C LEU D 309 -29.71 -30.87 15.81
N GLU D 310 -30.21 -31.92 16.44
CA GLU D 310 -29.37 -32.86 17.24
C GLU D 310 -28.19 -33.35 16.39
N GLY D 311 -28.42 -33.53 15.09
CA GLY D 311 -27.41 -34.04 14.14
C GLY D 311 -26.19 -33.14 14.04
N GLY D 312 -26.31 -31.86 14.41
CA GLY D 312 -25.16 -30.93 14.38
C GLY D 312 -24.46 -30.80 15.72
N ILE D 313 -25.16 -30.96 16.83
CA ILE D 313 -24.64 -30.57 18.17
C ILE D 313 -24.44 -31.79 19.07
N ARG D 314 -25.13 -32.90 18.83
CA ARG D 314 -24.96 -34.15 19.63
C ARG D 314 -23.86 -34.99 18.97
N VAL D 315 -22.90 -35.47 19.76
CA VAL D 315 -21.69 -36.15 19.23
C VAL D 315 -21.43 -37.43 20.01
N PRO D 316 -20.72 -38.40 19.41
CA PRO D 316 -20.18 -39.54 20.16
C PRO D 316 -19.31 -38.96 21.28
N PHE D 317 -19.38 -39.57 22.46
CA PHE D 317 -18.77 -39.02 23.69
C PHE D 317 -18.51 -40.19 24.66
N LEU D 318 -17.25 -40.56 24.81
CA LEU D 318 -16.79 -41.66 25.71
C LEU D 318 -15.83 -41.09 26.75
N ILE D 319 -15.97 -41.55 27.99
CA ILE D 319 -14.91 -41.34 29.02
C ILE D 319 -14.55 -42.69 29.65
N SER D 320 -13.27 -43.02 29.65
CA SER D 320 -12.72 -44.22 30.34
C SER D 320 -11.70 -43.76 31.40
N TRP D 321 -11.84 -44.28 32.61
CA TRP D 321 -10.91 -44.05 33.74
C TRP D 321 -11.08 -45.22 34.70
N PRO D 322 -10.40 -46.36 34.45
CA PRO D 322 -10.67 -47.61 35.17
C PRO D 322 -10.66 -47.50 36.69
N LYS D 323 -9.83 -46.63 37.27
CA LYS D 323 -9.79 -46.46 38.75
C LYS D 323 -11.12 -45.91 39.28
N HIS D 324 -11.94 -45.21 38.46
CA HIS D 324 -13.14 -44.51 38.99
C HIS D 324 -14.43 -44.76 38.18
N ILE D 325 -14.35 -45.27 36.97
CA ILE D 325 -15.55 -45.40 36.11
C ILE D 325 -15.75 -46.88 35.75
N LYS D 326 -16.94 -47.39 36.03
CA LYS D 326 -17.35 -48.79 35.79
C LYS D 326 -17.34 -49.05 34.27
N PRO D 327 -16.81 -50.19 33.80
CA PRO D 327 -16.80 -50.50 32.37
C PRO D 327 -18.21 -50.87 31.90
N GLY D 328 -18.50 -50.68 30.61
CA GLY D 328 -19.76 -51.05 29.95
C GLY D 328 -20.95 -50.23 30.43
N SER D 329 -20.71 -49.05 30.99
CA SER D 329 -21.77 -48.20 31.57
C SER D 329 -22.23 -47.16 30.53
N THR D 330 -23.43 -46.64 30.72
CA THR D 330 -24.01 -45.54 29.92
C THR D 330 -24.51 -44.47 30.88
N TYR D 331 -24.42 -43.22 30.47
CA TYR D 331 -24.97 -42.06 31.20
C TYR D 331 -25.87 -41.30 30.23
N ASP D 332 -27.11 -41.01 30.66
CA ASP D 332 -28.21 -40.64 29.72
C ASP D 332 -28.65 -39.19 29.92
N TYR D 333 -28.13 -38.44 30.90
CA TYR D 333 -28.45 -36.99 31.02
C TYR D 333 -27.50 -36.22 30.11
N PRO D 334 -27.92 -35.06 29.55
CA PRO D 334 -27.04 -34.25 28.72
C PRO D 334 -25.74 -33.81 29.42
N VAL D 335 -24.64 -33.93 28.70
CA VAL D 335 -23.30 -33.42 29.10
C VAL D 335 -22.73 -32.63 27.92
N SER D 336 -21.67 -31.88 28.18
CA SER D 336 -21.08 -30.94 27.21
C SER D 336 -19.57 -31.11 27.21
N THR D 337 -18.95 -30.85 26.06
CA THR D 337 -17.49 -30.66 25.97
C THR D 337 -17.07 -29.55 26.94
N LEU D 338 -17.97 -28.61 27.28
CA LEU D 338 -17.66 -27.53 28.26
C LEU D 338 -17.33 -28.15 29.62
N ASP D 339 -17.79 -29.37 29.89
CA ASP D 339 -17.57 -30.08 31.19
C ASP D 339 -16.15 -30.65 31.27
N LEU D 340 -15.43 -30.77 30.14
CA LEU D 340 -14.16 -31.53 30.14
C LEU D 340 -13.06 -30.76 30.89
N LEU D 341 -12.98 -29.42 30.72
CA LEU D 341 -11.95 -28.65 31.48
C LEU D 341 -12.13 -28.84 33.00
N PRO D 342 -13.30 -28.54 33.61
CA PRO D 342 -13.47 -28.72 35.06
C PRO D 342 -13.33 -30.18 35.51
N THR D 343 -13.74 -31.15 34.69
CA THR D 343 -13.57 -32.60 34.96
C THR D 343 -12.07 -32.91 35.05
N PHE D 344 -11.29 -32.51 34.06
CA PHE D 344 -9.82 -32.72 34.00
C PHE D 344 -9.17 -32.01 35.18
N TYR D 345 -9.55 -30.76 35.44
CA TYR D 345 -8.89 -29.91 36.46
C TYR D 345 -9.11 -30.50 37.85
N SER D 346 -10.33 -30.98 38.14
CA SER D 346 -10.69 -31.64 39.43
C SER D 346 -9.84 -32.92 39.59
N ALA D 347 -9.73 -33.73 38.55
CA ALA D 347 -8.95 -34.98 38.52
C ALA D 347 -7.47 -34.68 38.78
N ALA D 348 -6.99 -33.53 38.28
CA ALA D 348 -5.59 -33.06 38.43
C ALA D 348 -5.38 -32.40 39.79
N LYS D 349 -6.38 -32.46 40.69
CA LYS D 349 -6.31 -31.98 42.11
C LYS D 349 -6.32 -30.44 42.15
N GLY D 350 -6.85 -29.80 41.09
CA GLY D 350 -6.97 -28.34 41.03
C GLY D 350 -8.01 -27.83 42.04
N LYS D 351 -7.69 -26.73 42.73
CA LYS D 351 -8.56 -26.11 43.78
C LYS D 351 -8.73 -24.62 43.50
N ALA D 352 -8.29 -24.11 42.35
CA ALA D 352 -8.38 -22.67 41.97
C ALA D 352 -9.01 -22.53 40.57
N LEU D 353 -10.19 -23.13 40.38
CA LEU D 353 -10.99 -23.05 39.12
C LEU D 353 -11.54 -21.63 38.97
N GLY D 354 -11.32 -20.95 37.84
CA GLY D 354 -11.95 -19.65 37.53
C GLY D 354 -13.45 -19.68 37.85
N SER D 355 -14.02 -18.56 38.33
CA SER D 355 -15.46 -18.40 38.66
C SER D 355 -16.31 -18.32 37.37
N ASP D 356 -15.67 -18.15 36.21
CA ASP D 356 -16.34 -17.88 34.91
C ASP D 356 -16.61 -19.20 34.14
N ILE D 357 -16.41 -20.38 34.73
CA ILE D 357 -16.48 -21.68 33.98
C ILE D 357 -17.94 -22.12 33.89
N ASP D 358 -18.38 -22.54 32.69
CA ASP D 358 -19.78 -22.94 32.41
C ASP D 358 -19.95 -24.46 32.54
N GLY D 359 -18.88 -25.23 32.33
CA GLY D 359 -18.92 -26.69 32.52
C GLY D 359 -18.96 -27.07 33.99
N VAL D 360 -19.29 -28.31 34.29
CA VAL D 360 -19.19 -28.89 35.66
C VAL D 360 -18.28 -30.13 35.61
N ASP D 361 -17.69 -30.49 36.75
CA ASP D 361 -16.98 -31.76 36.99
C ASP D 361 -17.98 -32.90 36.89
N LEU D 362 -17.80 -33.80 35.92
CA LEU D 362 -18.76 -34.88 35.62
C LEU D 362 -18.60 -36.08 36.58
N LEU D 363 -17.48 -36.22 37.28
CA LEU D 363 -17.18 -37.51 37.97
C LEU D 363 -18.27 -37.84 39.00
N PRO D 364 -18.71 -36.90 39.87
CA PRO D 364 -19.78 -37.20 40.83
C PRO D 364 -21.09 -37.64 40.16
N TYR D 365 -21.39 -37.12 38.97
CA TYR D 365 -22.61 -37.46 38.21
C TYR D 365 -22.45 -38.87 37.64
N ILE D 366 -21.30 -39.14 37.02
CA ILE D 366 -21.00 -40.48 36.42
C ILE D 366 -21.09 -41.54 37.54
N GLN D 367 -20.56 -41.23 38.73
CA GLN D 367 -20.48 -42.20 39.87
C GLN D 367 -21.82 -42.33 40.59
N GLY D 368 -22.80 -41.48 40.30
CA GLY D 368 -24.13 -41.50 40.94
C GLY D 368 -24.11 -40.85 42.31
N GLU D 369 -23.05 -40.12 42.68
CA GLU D 369 -23.00 -39.35 43.95
C GLU D 369 -23.94 -38.14 43.83
N ASN D 370 -24.06 -37.57 42.63
CA ASN D 370 -24.99 -36.45 42.31
C ASN D 370 -25.98 -36.99 41.27
N THR D 371 -27.25 -37.13 41.66
CA THR D 371 -28.29 -37.78 40.81
C THR D 371 -29.05 -36.73 39.99
N ALA D 372 -28.74 -35.45 40.16
CA ALA D 372 -29.32 -34.35 39.34
C ALA D 372 -28.71 -34.33 37.94
N ARG D 373 -29.31 -33.55 37.07
CA ARG D 373 -28.78 -33.24 35.71
C ARG D 373 -27.55 -32.35 35.87
N PRO D 374 -26.43 -32.68 35.20
CA PRO D 374 -25.28 -31.79 35.15
C PRO D 374 -25.65 -30.38 34.63
N HIS D 375 -26.60 -30.34 33.67
CA HIS D 375 -27.08 -29.10 33.00
C HIS D 375 -28.59 -29.23 32.78
N LYS D 376 -29.37 -28.58 33.63
CA LYS D 376 -30.81 -28.37 33.42
C LYS D 376 -31.01 -27.55 32.13
N VAL D 377 -30.25 -26.47 31.95
CA VAL D 377 -30.43 -25.52 30.83
C VAL D 377 -29.14 -25.49 30.02
N MET D 378 -29.25 -25.65 28.70
CA MET D 378 -28.10 -25.57 27.77
C MET D 378 -28.48 -24.66 26.60
N TYR D 379 -27.47 -24.04 25.99
CA TYR D 379 -27.66 -22.99 24.96
C TYR D 379 -26.76 -23.24 23.77
N TRP D 380 -27.25 -22.84 22.61
CA TRP D 380 -26.46 -22.77 21.35
C TRP D 380 -26.85 -21.48 20.64
N LYS D 381 -25.90 -20.90 19.93
CA LYS D 381 -26.18 -19.65 19.18
C LYS D 381 -25.15 -19.44 18.08
N LYS D 382 -25.65 -19.13 16.89
CA LYS D 382 -24.92 -18.52 15.76
C LYS D 382 -25.88 -17.49 15.16
N GLU D 383 -25.62 -16.21 15.42
CA GLU D 383 -26.42 -15.07 14.88
C GLU D 383 -27.87 -15.27 15.33
N ASN D 384 -28.81 -15.36 14.40
CA ASN D 384 -30.27 -15.48 14.67
C ASN D 384 -30.63 -16.93 15.05
N ARG D 385 -29.81 -17.91 14.64
CA ARG D 385 -30.06 -19.34 14.97
C ARG D 385 -29.59 -19.60 16.40
N ALA D 386 -30.50 -20.04 17.25
CA ALA D 386 -30.18 -20.31 18.66
C ALA D 386 -31.10 -21.41 19.17
N VAL D 387 -30.64 -22.06 20.23
CA VAL D 387 -31.38 -23.14 20.93
C VAL D 387 -31.27 -22.86 22.42
N ILE D 388 -32.40 -23.03 23.11
CA ILE D 388 -32.38 -23.23 24.59
C ILE D 388 -33.02 -24.60 24.85
N ARG D 389 -32.30 -25.40 25.63
CA ARG D 389 -32.79 -26.70 26.13
C ARG D 389 -32.99 -26.57 27.62
N ASP D 390 -34.16 -27.01 28.10
CA ASP D 390 -34.56 -26.98 29.54
C ASP D 390 -35.08 -28.39 29.85
N ASN D 391 -34.32 -29.17 30.62
CA ASN D 391 -34.57 -30.62 30.83
C ASN D 391 -34.58 -31.25 29.44
N ASP D 392 -35.72 -31.79 28.97
CA ASP D 392 -35.78 -32.45 27.64
C ASP D 392 -36.53 -31.58 26.61
N TRP D 393 -37.00 -30.39 27.00
CA TRP D 393 -37.60 -29.40 26.06
C TRP D 393 -36.50 -28.69 25.27
N LYS D 394 -36.62 -28.64 23.95
CA LYS D 394 -35.66 -27.94 23.07
C LYS D 394 -36.43 -26.90 22.23
N LEU D 395 -36.18 -25.62 22.47
CA LEU D 395 -36.71 -24.49 21.65
C LEU D 395 -35.63 -24.10 20.64
N ILE D 396 -35.97 -24.15 19.35
CA ILE D 396 -35.07 -23.77 18.22
C ILE D 396 -35.60 -22.49 17.58
N ARG D 397 -34.79 -21.44 17.59
CA ARG D 397 -35.08 -20.15 16.92
C ARG D 397 -34.37 -20.13 15.57
N TYR D 398 -35.06 -19.64 14.56
CA TYR D 398 -34.55 -19.52 13.16
C TYR D 398 -34.81 -18.11 12.64
N PRO D 399 -34.06 -17.67 11.62
CA PRO D 399 -34.33 -16.39 10.97
C PRO D 399 -35.47 -16.46 9.94
N ASP D 400 -35.81 -17.66 9.46
CA ASP D 400 -36.65 -17.84 8.24
C ASP D 400 -37.90 -18.68 8.49
N ARG D 401 -38.25 -18.98 9.74
CA ARG D 401 -39.46 -19.77 10.07
C ARG D 401 -39.76 -19.60 11.53
N PRO D 402 -41.02 -19.84 11.97
CA PRO D 402 -41.38 -19.78 13.38
C PRO D 402 -40.51 -20.72 14.23
N ALA D 403 -40.27 -20.33 15.47
CA ALA D 403 -39.51 -21.10 16.47
C ALA D 403 -40.24 -22.43 16.69
N GLU D 404 -39.48 -23.52 16.85
CA GLU D 404 -40.03 -24.89 17.01
C GLU D 404 -39.68 -25.39 18.40
N LEU D 405 -40.55 -26.23 18.97
CA LEU D 405 -40.35 -26.82 20.31
C LEU D 405 -40.40 -28.35 20.18
N TYR D 406 -39.38 -29.03 20.70
CA TYR D 406 -39.28 -30.50 20.68
C TYR D 406 -39.20 -31.03 22.11
N ASP D 407 -39.83 -32.19 22.32
CA ASP D 407 -39.62 -33.03 23.51
C ASP D 407 -38.63 -34.14 23.13
N LEU D 408 -37.35 -33.99 23.52
CA LEU D 408 -36.28 -34.91 23.08
C LEU D 408 -36.43 -36.26 23.79
N SER D 409 -37.18 -36.33 24.90
CA SER D 409 -37.42 -37.62 25.61
C SER D 409 -38.28 -38.55 24.74
N SER D 410 -39.10 -38.02 23.82
CA SER D 410 -39.99 -38.86 22.97
C SER D 410 -39.73 -38.65 21.47
N ASP D 411 -38.84 -37.73 21.07
CA ASP D 411 -38.73 -37.28 19.66
C ASP D 411 -37.28 -36.90 19.39
N ILE D 412 -36.40 -37.90 19.47
CA ILE D 412 -34.93 -37.74 19.27
C ILE D 412 -34.67 -37.10 17.91
N SER D 413 -35.55 -37.34 16.92
CA SER D 413 -35.36 -36.93 15.51
C SER D 413 -36.03 -35.58 15.19
N GLU D 414 -36.64 -34.93 16.18
CA GLU D 414 -37.16 -33.54 16.08
C GLU D 414 -38.13 -33.44 14.88
N GLN D 415 -39.10 -34.35 14.80
CA GLN D 415 -40.09 -34.39 13.70
C GLN D 415 -41.45 -33.83 14.16
N THR D 416 -41.71 -33.73 15.46
CA THR D 416 -43.03 -33.33 15.99
C THR D 416 -42.92 -32.00 16.74
N ASP D 417 -43.24 -30.91 16.04
CA ASP D 417 -43.19 -29.53 16.57
C ASP D 417 -44.34 -29.38 17.57
N LEU D 418 -44.04 -28.99 18.81
CA LEU D 418 -45.02 -28.88 19.91
C LEU D 418 -45.25 -27.41 20.30
N ALA D 419 -44.76 -26.46 19.49
CA ALA D 419 -44.79 -25.01 19.82
C ALA D 419 -46.25 -24.55 19.96
N ALA D 420 -47.12 -24.93 19.02
CA ALA D 420 -48.55 -24.52 18.98
C ALA D 420 -49.27 -24.99 20.25
N LYS D 421 -48.91 -26.15 20.79
CA LYS D 421 -49.63 -26.82 21.90
C LYS D 421 -49.04 -26.40 23.25
N ASN D 422 -47.93 -25.65 23.26
CA ASN D 422 -47.24 -25.26 24.52
C ASN D 422 -46.84 -23.80 24.44
N PRO D 423 -47.78 -22.86 24.22
CA PRO D 423 -47.42 -21.48 23.94
C PRO D 423 -46.79 -20.76 25.14
N GLU D 424 -47.22 -21.08 26.37
CA GLU D 424 -46.66 -20.45 27.59
C GLU D 424 -45.19 -20.89 27.76
N ARG D 425 -44.90 -22.18 27.55
CA ARG D 425 -43.51 -22.70 27.69
C ARG D 425 -42.61 -22.07 26.60
N VAL D 426 -43.10 -21.98 25.36
CA VAL D 426 -42.37 -21.29 24.25
C VAL D 426 -41.97 -19.88 24.71
N LYS D 427 -42.90 -19.12 25.29
CA LYS D 427 -42.65 -17.72 25.71
C LYS D 427 -41.62 -17.66 26.85
N THR D 428 -41.74 -18.53 27.85
N THR D 428 -41.74 -18.53 27.85
CA THR D 428 -40.82 -18.53 29.02
CA THR D 428 -40.82 -18.54 29.03
C THR D 428 -39.42 -18.92 28.54
C THR D 428 -39.41 -18.93 28.54
N MET D 429 -39.32 -19.90 27.63
CA MET D 429 -38.00 -20.39 27.12
C MET D 429 -37.34 -19.32 26.22
N PHE D 430 -38.14 -18.63 25.39
CA PHE D 430 -37.71 -17.44 24.60
C PHE D 430 -37.07 -16.38 25.52
N LYS D 431 -37.70 -16.06 26.66
CA LYS D 431 -37.20 -15.02 27.60
C LYS D 431 -35.87 -15.48 28.21
N SER D 432 -35.77 -16.76 28.62
CA SER D 432 -34.55 -17.38 29.20
C SER D 432 -33.41 -17.35 28.18
N LEU D 433 -33.71 -17.67 26.91
CA LEU D 433 -32.70 -17.64 25.82
C LEU D 433 -32.14 -16.22 25.71
N PHE D 434 -33.00 -15.20 25.62
CA PHE D 434 -32.56 -13.79 25.45
C PHE D 434 -31.75 -13.32 26.67
N GLU D 435 -32.16 -13.71 27.88
CA GLU D 435 -31.42 -13.40 29.13
C GLU D 435 -29.97 -13.93 29.01
N TRP D 436 -29.78 -15.15 28.50
CA TRP D 436 -28.43 -15.70 28.29
C TRP D 436 -27.70 -14.92 27.19
N GLU D 437 -28.38 -14.59 26.09
CA GLU D 437 -27.79 -13.80 24.96
C GLU D 437 -27.24 -12.46 25.46
N LEU D 438 -27.90 -11.81 26.43
CA LEU D 438 -27.42 -10.54 27.05
C LEU D 438 -26.11 -10.72 27.85
N THR D 439 -25.69 -11.94 28.15
CA THR D 439 -24.40 -12.18 28.87
C THR D 439 -23.25 -12.35 27.87
N LEU D 440 -23.52 -12.36 26.57
CA LEU D 440 -22.53 -12.63 25.51
C LEU D 440 -21.94 -11.34 24.97
N GLU D 441 -20.71 -11.41 24.46
CA GLU D 441 -20.10 -10.34 23.65
C GLU D 441 -20.69 -10.39 22.25
N ARG D 442 -20.55 -9.30 21.51
CA ARG D 442 -20.78 -9.28 20.06
C ARG D 442 -19.68 -10.11 19.43
N PRO D 443 -19.95 -10.74 18.26
CA PRO D 443 -18.94 -11.54 17.57
C PRO D 443 -17.69 -10.75 17.18
N ARG D 444 -16.53 -11.40 17.15
CA ARG D 444 -15.24 -10.75 16.82
C ARG D 444 -14.97 -10.81 15.30
N TRP D 445 -15.71 -11.66 14.58
CA TRP D 445 -15.58 -11.81 13.11
C TRP D 445 -16.91 -12.37 12.59
N LEU D 446 -17.19 -12.14 11.32
CA LEU D 446 -18.49 -12.49 10.69
C LEU D 446 -18.22 -13.15 9.34
N LEU D 447 -18.92 -14.24 9.09
CA LEU D 447 -18.94 -14.97 7.79
C LEU D 447 -19.59 -14.10 6.73
N LYS D 448 -19.23 -14.33 5.46
CA LYS D 448 -20.00 -13.80 4.31
C LYS D 448 -21.45 -14.22 4.49
N ARG D 449 -22.38 -13.36 4.08
CA ARG D 449 -23.85 -13.58 4.24
C ARG D 449 -24.26 -14.90 3.57
N LYS D 450 -23.67 -15.29 2.45
CA LYS D 450 -24.16 -16.46 1.65
C LYS D 450 -24.09 -17.76 2.47
N TYR D 451 -23.22 -17.88 3.47
CA TYR D 451 -23.06 -19.15 4.25
C TYR D 451 -24.29 -19.45 5.10
N GLU D 452 -25.08 -18.45 5.45
CA GLU D 452 -26.33 -18.67 6.23
C GLU D 452 -27.35 -19.37 5.33
N LYS D 453 -27.40 -19.05 4.04
CA LYS D 453 -28.28 -19.76 3.08
C LYS D 453 -27.83 -21.22 3.00
N TYR D 454 -26.52 -21.46 2.83
CA TYR D 454 -25.96 -22.84 2.77
C TYR D 454 -26.33 -23.62 4.04
N ASP D 455 -26.12 -23.01 5.22
CA ASP D 455 -26.36 -23.69 6.52
C ASP D 455 -27.84 -24.10 6.61
N ILE D 456 -28.76 -23.21 6.25
CA ILE D 456 -30.22 -23.49 6.36
C ILE D 456 -30.66 -24.51 5.29
N ASP D 457 -30.18 -24.37 4.06
CA ASP D 457 -30.55 -25.29 2.95
C ASP D 457 -30.04 -26.71 3.27
N ARG D 458 -28.82 -26.86 3.81
CA ARG D 458 -28.32 -28.19 4.21
C ARG D 458 -29.20 -28.78 5.32
N MET D 459 -29.58 -27.97 6.30
CA MET D 459 -30.49 -28.40 7.39
C MET D 459 -31.79 -28.95 6.77
N ASP D 460 -32.36 -28.25 5.80
CA ASP D 460 -33.65 -28.66 5.17
C ASP D 460 -33.44 -29.94 4.35
N LYS D 461 -32.31 -30.09 3.67
CA LYS D 461 -31.97 -31.33 2.91
C LYS D 461 -31.93 -32.53 3.87
N TYR D 462 -31.47 -32.35 5.11
CA TYR D 462 -31.30 -33.45 6.08
C TYR D 462 -32.29 -33.28 7.22
N ARG D 463 -33.51 -32.80 6.93
CA ARG D 463 -34.51 -32.48 7.97
C ARG D 463 -35.13 -33.77 8.52
N LEU D 464 -35.13 -34.84 7.73
CA LEU D 464 -35.70 -36.15 8.13
C LEU D 464 -34.65 -36.87 8.97
N PRO D 465 -35.06 -37.83 9.84
CA PRO D 465 -34.12 -38.64 10.60
C PRO D 465 -33.20 -39.43 9.66
N ALA D 466 -31.89 -39.44 9.93
CA ALA D 466 -30.95 -40.36 9.24
C ALA D 466 -31.20 -41.79 9.75
N THR D 467 -30.88 -42.80 8.96
CA THR D 467 -30.99 -44.23 9.36
C THR D 467 -29.70 -44.95 8.97
N GLN D 468 -29.32 -45.97 9.74
CA GLN D 468 -28.15 -46.85 9.46
C GLN D 468 -28.38 -47.55 8.13
N PRO D 469 -27.36 -47.64 7.25
CA PRO D 469 -27.47 -48.42 6.01
CA ALA E 22 27.87 -50.49 5.13
C ALA E 22 28.70 -49.36 4.47
N SER E 23 29.39 -49.68 3.39
CA SER E 23 30.39 -48.81 2.71
C SER E 23 29.66 -47.93 1.68
N LYS E 24 30.10 -46.68 1.49
CA LYS E 24 29.64 -45.81 0.37
C LYS E 24 29.93 -46.50 -0.96
N PRO E 25 28.93 -46.69 -1.85
CA PRO E 25 29.18 -47.34 -3.13
C PRO E 25 29.90 -46.44 -4.15
N ASN E 26 30.67 -47.04 -5.05
CA ASN E 26 31.15 -46.34 -6.27
C ASN E 26 29.93 -46.09 -7.15
N ILE E 27 30.01 -45.07 -7.99
CA ILE E 27 28.89 -44.69 -8.90
C ILE E 27 29.50 -44.49 -10.28
N VAL E 28 28.98 -45.21 -11.28
CA VAL E 28 29.41 -45.03 -12.69
C VAL E 28 28.15 -44.76 -13.51
N LEU E 29 28.03 -43.54 -14.02
CA LEU E 29 26.89 -43.13 -14.88
C LEU E 29 27.38 -43.11 -16.32
N ILE E 30 26.92 -44.09 -17.12
CA ILE E 30 27.26 -44.21 -18.56
C ILE E 30 26.08 -43.60 -19.32
N PHE E 31 26.37 -42.56 -20.09
CA PHE E 31 25.33 -41.71 -20.73
C PHE E 31 25.68 -41.62 -22.21
N ALA E 32 24.93 -42.31 -23.06
CA ALA E 32 25.11 -42.29 -24.53
C ALA E 32 24.45 -41.01 -25.07
N ASP E 33 24.68 -40.73 -26.34
CA ASP E 33 24.19 -39.54 -27.08
C ASP E 33 23.39 -40.04 -28.30
N ASP E 34 22.13 -39.62 -28.44
CA ASP E 34 21.34 -39.76 -29.71
C ASP E 34 21.08 -41.23 -30.06
N ALA E 35 21.07 -42.15 -29.09
CA ALA E 35 20.79 -43.58 -29.35
C ALA E 35 19.27 -43.78 -29.57
N GLY E 36 18.93 -44.69 -30.46
CA GLY E 36 17.55 -45.12 -30.66
C GLY E 36 17.03 -45.93 -29.49
N PHE E 37 15.78 -45.72 -29.11
CA PHE E 37 15.12 -46.50 -28.03
C PHE E 37 15.24 -48.00 -28.29
N GLY E 38 15.13 -48.43 -29.55
CA GLY E 38 15.10 -49.87 -29.88
C GLY E 38 16.47 -50.42 -30.25
N ASP E 39 17.55 -49.64 -30.12
CA ASP E 39 18.83 -49.98 -30.80
C ASP E 39 19.82 -50.61 -29.80
N PHE E 40 19.31 -51.45 -28.91
CA PHE E 40 20.11 -52.25 -27.95
C PHE E 40 19.47 -53.64 -27.88
N GLY E 41 20.28 -54.68 -27.70
CA GLY E 41 19.79 -56.05 -27.47
C GLY E 41 18.70 -56.09 -26.39
N PHE E 42 18.94 -55.44 -25.25
CA PHE E 42 18.04 -55.46 -24.07
C PHE E 42 16.75 -54.67 -24.35
N GLN E 43 16.72 -53.88 -25.42
CA GLN E 43 15.55 -53.08 -25.87
C GLN E 43 14.82 -53.79 -27.02
N GLY E 44 15.33 -54.95 -27.48
CA GLY E 44 14.67 -55.79 -28.50
C GLY E 44 15.33 -55.73 -29.88
N SER E 45 16.53 -55.15 -30.03
CA SER E 45 17.24 -55.19 -31.34
C SER E 45 17.76 -56.61 -31.60
N THR E 46 17.54 -57.14 -32.80
CA THR E 46 18.23 -58.37 -33.30
C THR E 46 19.31 -57.95 -34.30
N GLN E 47 19.17 -56.78 -34.91
CA GLN E 47 20.10 -56.29 -35.96
C GLN E 47 21.40 -55.77 -35.32
N LEU E 48 21.31 -55.03 -34.22
CA LEU E 48 22.49 -54.41 -33.57
C LEU E 48 22.96 -55.31 -32.43
N LYS E 49 24.24 -55.21 -32.07
CA LYS E 49 24.88 -56.09 -31.08
C LYS E 49 25.39 -55.20 -29.94
N THR E 50 24.89 -55.43 -28.72
CA THR E 50 25.36 -54.75 -27.49
C THR E 50 25.51 -55.80 -26.40
N PRO E 51 26.42 -56.79 -26.54
CA PRO E 51 26.54 -57.88 -25.57
C PRO E 51 26.89 -57.41 -24.15
N ASN E 52 27.80 -56.43 -24.00
CA ASN E 52 28.24 -55.96 -22.66
C ASN E 52 27.06 -55.26 -21.96
N LEU E 53 26.32 -54.40 -22.66
CA LEU E 53 25.18 -53.67 -22.07
C LEU E 53 24.00 -54.62 -21.84
N ASP E 54 23.85 -55.67 -22.66
CA ASP E 54 22.80 -56.71 -22.44
C ASP E 54 23.09 -57.44 -21.12
N LYS E 55 24.37 -57.73 -20.84
CA LYS E 55 24.79 -58.37 -19.56
C LYS E 55 24.54 -57.40 -18.41
N LEU E 56 24.84 -56.10 -18.59
CA LEU E 56 24.53 -55.08 -17.56
C LEU E 56 23.01 -55.13 -17.26
N ALA E 57 22.16 -55.11 -18.29
CA ALA E 57 20.70 -55.15 -18.10
C ALA E 57 20.31 -56.41 -17.28
N GLN E 58 20.88 -57.56 -17.60
CA GLN E 58 20.58 -58.86 -16.91
C GLN E 58 21.07 -58.81 -15.46
N SER E 59 22.11 -58.02 -15.14
CA SER E 59 22.69 -57.89 -13.79
C SER E 59 21.83 -57.02 -12.86
N GLY E 60 20.85 -56.28 -13.38
CA GLY E 60 20.13 -55.26 -12.60
C GLY E 60 18.70 -55.07 -13.05
N VAL E 61 18.21 -53.83 -12.95
CA VAL E 61 16.80 -53.51 -13.30
C VAL E 61 16.80 -52.69 -14.60
N ARG E 62 15.89 -53.05 -15.50
CA ARG E 62 15.62 -52.33 -16.76
C ARG E 62 14.31 -51.55 -16.58
N PHE E 63 14.35 -50.25 -16.85
CA PHE E 63 13.15 -49.37 -16.78
C PHE E 63 12.51 -49.33 -18.16
N THR E 64 11.22 -49.67 -18.25
CA THR E 64 10.47 -49.72 -19.53
C THR E 64 9.93 -48.32 -19.85
N GLN E 65 9.89 -47.43 -18.85
CA GLN E 65 9.38 -46.04 -18.95
C GLN E 65 10.38 -45.10 -18.27
N GLY E 66 11.64 -45.10 -18.74
CA GLY E 66 12.69 -44.17 -18.28
C GLY E 66 12.69 -42.93 -19.18
N TYR E 67 12.71 -41.73 -18.59
CA TYR E 67 12.61 -40.44 -19.33
C TYR E 67 13.79 -39.53 -19.03
N VAL E 68 14.21 -38.79 -20.05
CA VAL E 68 15.06 -37.58 -19.90
C VAL E 68 14.12 -36.38 -19.64
N SER E 69 14.70 -35.25 -19.22
CA SER E 69 13.95 -34.02 -18.86
C SER E 69 13.80 -33.11 -20.08
N ASP E 70 14.40 -33.48 -21.22
CA ASP E 70 14.18 -32.78 -22.52
C ASP E 70 14.57 -33.70 -23.68
N SER E 71 14.07 -33.40 -24.88
CA SER E 71 14.31 -34.18 -26.12
C SER E 71 15.59 -33.75 -26.85
N THR E 72 16.42 -32.90 -26.23
CA THR E 72 17.74 -32.47 -26.75
C THR E 72 18.79 -32.47 -25.64
N SER E 73 20.06 -32.51 -26.04
CA SER E 73 21.25 -32.84 -25.22
C SER E 73 21.43 -31.87 -24.06
N GLY E 74 21.57 -30.58 -24.35
CA GLY E 74 22.00 -29.57 -23.36
C GLY E 74 21.03 -29.54 -22.19
N PRO E 75 19.74 -29.24 -22.43
CA PRO E 75 18.74 -29.19 -21.36
C PRO E 75 18.59 -30.53 -20.62
N SER E 76 18.68 -31.64 -21.35
CA SER E 76 18.63 -33.00 -20.74
C SER E 76 19.78 -33.14 -19.73
N ARG E 77 20.99 -32.77 -20.12
CA ARG E 77 22.19 -32.87 -19.25
C ARG E 77 22.08 -31.90 -18.09
N ALA E 78 21.49 -30.72 -18.28
CA ALA E 78 21.31 -29.73 -17.21
C ALA E 78 20.37 -30.30 -16.13
N GLY E 79 19.28 -30.95 -16.54
CA GLY E 79 18.36 -31.67 -15.65
C GLY E 79 19.08 -32.79 -14.91
N LEU E 80 19.77 -33.66 -15.63
CA LEU E 80 20.53 -34.80 -15.07
C LEU E 80 21.49 -34.29 -13.99
N MET E 81 22.27 -33.26 -14.31
CA MET E 81 23.37 -32.79 -13.44
C MET E 81 22.82 -32.11 -12.18
N THR E 82 21.57 -31.65 -12.16
CA THR E 82 21.02 -30.82 -11.05
C THR E 82 19.90 -31.52 -10.28
N GLY E 83 19.30 -32.59 -10.84
CA GLY E 83 18.10 -33.21 -10.25
C GLY E 83 16.89 -32.29 -10.31
N LYS E 84 16.91 -31.28 -11.18
CA LYS E 84 15.88 -30.22 -11.24
C LYS E 84 15.37 -30.09 -12.67
N TYR E 85 14.09 -29.73 -12.82
CA TYR E 85 13.55 -29.22 -14.11
C TYR E 85 14.42 -28.02 -14.51
N GLN E 86 15.21 -28.19 -15.57
CA GLN E 86 16.23 -27.22 -16.03
C GLN E 86 15.57 -25.89 -16.44
N GLN E 87 14.29 -25.91 -16.78
CA GLN E 87 13.54 -24.66 -17.17
C GLN E 87 13.39 -23.76 -15.93
N ARG E 88 13.49 -24.32 -14.73
CA ARG E 88 13.36 -23.53 -13.49
C ARG E 88 14.53 -22.53 -13.37
N PHE E 89 15.67 -22.80 -14.00
CA PHE E 89 16.81 -21.86 -14.02
C PHE E 89 17.10 -21.40 -15.47
N GLY E 90 16.10 -21.48 -16.34
CA GLY E 90 16.13 -20.83 -17.66
C GLY E 90 16.91 -21.60 -18.70
N TYR E 91 17.21 -22.86 -18.47
CA TYR E 91 17.98 -23.70 -19.42
C TYR E 91 16.97 -24.48 -20.27
N GLU E 92 16.21 -23.79 -21.11
CA GLU E 92 15.01 -24.36 -21.76
C GLU E 92 15.34 -24.82 -23.17
N GLU E 93 15.99 -23.95 -23.95
CA GLU E 93 16.36 -24.25 -25.37
C GLU E 93 17.80 -24.72 -25.37
N ILE E 94 18.16 -25.53 -26.34
CA ILE E 94 19.53 -26.12 -26.41
C ILE E 94 20.55 -25.03 -26.73
N ASN E 95 21.68 -25.12 -26.04
CA ASN E 95 22.90 -24.31 -26.28
C ASN E 95 23.69 -24.92 -27.46
N VAL E 96 23.55 -24.37 -28.66
CA VAL E 96 24.41 -24.75 -29.82
C VAL E 96 24.99 -23.47 -30.43
N PRO E 97 26.26 -23.14 -30.10
CA PRO E 97 26.92 -21.98 -30.71
C PRO E 97 26.75 -22.02 -32.23
N GLY E 98 26.30 -20.91 -32.83
CA GLY E 98 26.05 -20.79 -34.29
C GLY E 98 24.61 -21.06 -34.66
N PHE E 99 23.80 -21.63 -33.76
CA PHE E 99 22.36 -21.91 -34.01
C PHE E 99 21.48 -20.88 -33.30
N MET E 100 22.07 -19.92 -32.59
CA MET E 100 21.31 -19.05 -31.65
C MET E 100 20.82 -17.78 -32.38
N SER E 101 19.62 -17.32 -32.01
CA SER E 101 19.02 -16.04 -32.47
C SER E 101 20.01 -14.90 -32.25
N GLY E 102 20.08 -13.99 -33.24
CA GLY E 102 20.77 -12.70 -33.12
C GLY E 102 20.30 -11.92 -31.90
N ASN E 103 19.10 -12.21 -31.38
CA ASN E 103 18.51 -11.49 -30.22
C ASN E 103 18.75 -12.25 -28.92
N SER E 104 19.41 -13.41 -28.95
CA SER E 104 19.59 -14.28 -27.75
C SER E 104 20.38 -13.50 -26.68
N ALA E 105 19.95 -13.60 -25.42
CA ALA E 105 20.61 -12.92 -24.26
C ALA E 105 22.07 -13.38 -24.15
N LEU E 106 22.31 -14.67 -24.30
CA LEU E 106 23.65 -15.29 -24.22
C LEU E 106 23.90 -16.05 -25.52
N LYS E 107 25.13 -15.96 -26.02
CA LYS E 107 25.59 -16.65 -27.26
C LYS E 107 26.95 -17.28 -26.98
N GLY E 108 27.39 -18.16 -27.89
CA GLY E 108 28.75 -18.74 -27.91
C GLY E 108 29.10 -19.32 -26.56
N ALA E 109 30.23 -18.90 -26.01
CA ALA E 109 30.84 -19.49 -24.80
C ALA E 109 30.04 -19.12 -23.54
N ASP E 110 29.16 -18.13 -23.60
CA ASP E 110 28.43 -17.59 -22.41
C ASP E 110 27.21 -18.44 -22.07
N MET E 111 26.76 -19.30 -22.98
CA MET E 111 25.64 -20.24 -22.67
C MET E 111 26.23 -21.38 -21.84
N GLY E 112 25.67 -21.63 -20.66
CA GLY E 112 26.18 -22.69 -19.76
C GLY E 112 25.28 -22.87 -18.58
N LEU E 113 25.44 -23.98 -17.86
CA LEU E 113 24.68 -24.28 -16.62
C LEU E 113 24.88 -23.13 -15.65
N PRO E 114 23.84 -22.39 -15.24
CA PRO E 114 24.00 -21.28 -14.31
C PRO E 114 24.84 -21.67 -13.09
N LEU E 115 25.74 -20.78 -12.70
CA LEU E 115 26.80 -21.05 -11.69
C LEU E 115 26.16 -21.23 -10.31
N ASP E 116 24.93 -20.72 -10.09
CA ASP E 116 24.26 -20.86 -8.78
C ASP E 116 23.67 -22.27 -8.63
N GLN E 117 23.75 -23.14 -9.64
CA GLN E 117 23.21 -24.52 -9.53
C GLN E 117 24.30 -25.45 -9.00
N LYS E 118 23.89 -26.36 -8.12
CA LYS E 118 24.76 -27.40 -7.50
C LYS E 118 24.63 -28.68 -8.32
N THR E 119 25.76 -29.27 -8.70
CA THR E 119 25.78 -30.46 -9.59
C THR E 119 25.86 -31.76 -8.77
N MET E 120 25.58 -32.87 -9.45
CA MET E 120 25.85 -34.25 -9.01
C MET E 120 27.30 -34.35 -8.49
N GLY E 121 28.27 -33.81 -9.24
CA GLY E 121 29.69 -33.74 -8.84
C GLY E 121 29.87 -33.07 -7.49
N ASP E 122 29.30 -31.87 -7.30
CA ASP E 122 29.38 -31.09 -6.04
C ASP E 122 28.86 -31.94 -4.87
N TYR E 123 27.69 -32.56 -5.01
CA TYR E 123 27.01 -33.31 -3.94
C TYR E 123 27.85 -34.53 -3.55
N LEU E 124 28.45 -35.23 -4.51
CA LEU E 124 29.26 -36.45 -4.21
C LEU E 124 30.63 -36.04 -3.67
N LYS E 125 31.21 -34.92 -4.12
CA LYS E 125 32.45 -34.36 -3.50
C LYS E 125 32.21 -34.09 -2.01
N GLU E 126 31.05 -33.54 -1.63
CA GLU E 126 30.66 -33.29 -0.21
C GLU E 126 30.64 -34.61 0.58
N GLN E 127 30.35 -35.74 -0.08
CA GLN E 127 30.28 -37.06 0.58
C GLN E 127 31.64 -37.77 0.49
N GLY E 128 32.69 -37.08 0.06
CA GLY E 128 34.09 -37.54 0.10
C GLY E 128 34.49 -38.36 -1.13
N TYR E 129 33.74 -38.27 -2.23
CA TYR E 129 34.00 -39.01 -3.49
C TYR E 129 35.07 -38.29 -4.31
N LYS E 130 35.94 -39.05 -4.96
CA LYS E 130 36.71 -38.63 -6.16
C LYS E 130 35.71 -38.60 -7.34
N THR E 131 35.74 -37.54 -8.14
CA THR E 131 34.74 -37.29 -9.22
C THR E 131 35.47 -37.05 -10.54
N ALA E 132 34.99 -37.66 -11.61
CA ALA E 132 35.58 -37.52 -12.96
C ALA E 132 34.46 -37.50 -14.00
N VAL E 133 34.68 -36.74 -15.06
CA VAL E 133 33.81 -36.78 -16.27
C VAL E 133 34.70 -37.06 -17.49
N PHE E 134 34.26 -38.00 -18.30
CA PHE E 134 34.92 -38.37 -19.57
C PHE E 134 33.93 -38.15 -20.70
N GLY E 135 34.34 -37.43 -21.73
CA GLY E 135 33.57 -37.30 -22.97
C GLY E 135 32.87 -35.96 -23.06
N LYS E 136 31.63 -36.00 -23.50
CA LYS E 136 30.85 -34.79 -23.89
C LYS E 136 30.38 -34.06 -22.63
N TRP E 137 30.67 -32.76 -22.55
CA TRP E 137 30.24 -31.93 -21.40
C TRP E 137 28.93 -31.22 -21.78
N HIS E 138 29.02 -30.24 -22.69
CA HIS E 138 27.86 -29.52 -23.28
C HIS E 138 27.10 -28.73 -22.22
N LEU E 139 27.75 -28.34 -21.13
CA LEU E 139 27.10 -27.53 -20.07
C LEU E 139 27.81 -26.17 -19.95
N GLY E 140 28.47 -25.73 -21.04
CA GLY E 140 29.03 -24.37 -21.18
C GLY E 140 30.48 -24.44 -21.63
N ASP E 141 30.86 -23.55 -22.54
CA ASP E 141 32.20 -23.54 -23.19
C ASP E 141 33.16 -22.58 -22.49
N ALA E 142 32.69 -21.51 -21.83
CA ALA E 142 33.59 -20.57 -21.11
C ALA E 142 34.26 -21.32 -19.95
N ASP E 143 35.44 -20.85 -19.55
CA ASP E 143 36.26 -21.40 -18.45
C ASP E 143 35.44 -21.57 -17.18
N ARG E 144 34.56 -20.61 -16.85
CA ARG E 144 33.78 -20.64 -15.59
C ARG E 144 32.78 -21.81 -15.57
N PHE E 145 32.45 -22.41 -16.73
CA PHE E 145 31.47 -23.53 -16.84
C PHE E 145 32.19 -24.87 -16.88
N HIS E 146 33.53 -24.85 -16.81
CA HIS E 146 34.39 -26.05 -16.99
C HIS E 146 34.06 -27.08 -15.91
N PRO E 147 34.06 -28.39 -16.23
CA PRO E 147 33.79 -29.43 -15.23
C PRO E 147 34.58 -29.30 -13.93
N LEU E 148 35.85 -28.85 -14.00
CA LEU E 148 36.72 -28.74 -12.80
C LEU E 148 36.28 -27.56 -11.92
N LYS E 149 35.37 -26.70 -12.39
CA LYS E 149 34.72 -25.67 -11.52
C LYS E 149 33.36 -26.17 -11.03
N ARG E 150 32.88 -27.33 -11.51
CA ARG E 150 31.47 -27.76 -11.27
C ARG E 150 31.45 -29.09 -10.51
N GLY E 151 32.48 -29.37 -9.71
CA GLY E 151 32.51 -30.49 -8.76
C GLY E 151 33.20 -31.73 -9.29
N PHE E 152 33.91 -31.65 -10.41
CA PHE E 152 34.72 -32.75 -10.98
C PHE E 152 36.21 -32.49 -10.73
N ASP E 153 36.93 -33.49 -10.22
CA ASP E 153 38.39 -33.45 -10.01
C ASP E 153 39.08 -33.65 -11.36
N THR E 154 38.54 -34.51 -12.22
CA THR E 154 39.25 -35.00 -13.43
C THR E 154 38.32 -34.87 -14.64
N PHE E 155 38.89 -34.55 -15.79
CA PHE E 155 38.19 -34.41 -17.08
C PHE E 155 39.09 -34.95 -18.19
N LEU E 156 38.55 -35.79 -19.06
CA LEU E 156 39.09 -35.95 -20.43
C LEU E 156 37.90 -35.96 -21.36
N GLY E 157 37.74 -34.91 -22.18
CA GLY E 157 36.57 -34.82 -23.05
C GLY E 157 36.59 -33.50 -23.79
N PHE E 158 35.40 -33.07 -24.21
CA PHE E 158 35.28 -31.81 -25.00
C PHE E 158 34.13 -31.00 -24.39
N ARG E 159 34.30 -29.69 -24.35
CA ARG E 159 33.34 -28.76 -23.71
C ARG E 159 32.02 -28.76 -24.47
N GLY E 160 32.05 -28.92 -25.80
CA GLY E 160 30.91 -28.63 -26.68
C GLY E 160 29.96 -29.82 -26.85
N GLY E 161 29.29 -29.89 -28.00
CA GLY E 161 28.10 -30.74 -28.21
C GLY E 161 28.35 -31.87 -29.19
N ASP E 162 29.35 -31.77 -30.06
CA ASP E 162 29.67 -32.86 -31.02
C ASP E 162 31.08 -32.67 -31.55
N ARG E 163 31.72 -33.78 -31.95
CA ARG E 163 33.07 -33.74 -32.53
C ARG E 163 33.38 -35.05 -33.25
N SER E 164 34.45 -35.03 -34.04
CA SER E 164 34.98 -36.22 -34.76
C SER E 164 35.38 -37.32 -33.76
N TYR E 165 35.19 -38.57 -34.14
CA TYR E 165 35.64 -39.78 -33.40
C TYR E 165 37.15 -40.00 -33.64
N PHE E 166 37.76 -39.26 -34.56
CA PHE E 166 39.23 -39.31 -34.81
C PHE E 166 39.83 -37.91 -34.62
N ASN E 167 41.16 -37.84 -34.64
CA ASN E 167 41.93 -36.58 -34.46
C ASN E 167 41.55 -35.61 -35.59
N TYR E 168 41.44 -34.32 -35.24
CA TYR E 168 41.39 -33.20 -36.22
C TYR E 168 42.80 -32.95 -36.77
N SER E 169 42.92 -32.66 -38.07
CA SER E 169 44.22 -32.33 -38.72
C SER E 169 44.67 -30.95 -38.26
N GLU E 170 45.95 -30.61 -38.42
CA GLU E 170 46.51 -29.26 -38.13
C GLU E 170 45.69 -28.20 -38.88
N GLN E 171 45.37 -28.46 -40.16
CA GLN E 171 44.65 -27.51 -41.04
C GLN E 171 43.23 -27.26 -40.51
N GLU E 172 42.52 -28.32 -40.07
CA GLU E 172 41.14 -28.20 -39.54
C GLU E 172 41.17 -27.35 -38.26
N MET E 173 42.16 -27.56 -37.39
CA MET E 173 42.21 -26.86 -36.08
C MET E 173 42.65 -25.41 -36.26
N LYS E 174 43.59 -25.13 -37.18
CA LYS E 174 44.05 -23.76 -37.51
C LYS E 174 42.91 -22.96 -38.15
N ASN E 175 42.02 -23.61 -38.91
CA ASN E 175 41.04 -22.88 -39.78
C ASN E 175 39.62 -22.89 -39.19
N GLY E 176 39.42 -23.45 -38.00
CA GLY E 176 38.08 -23.59 -37.36
C GLY E 176 37.46 -22.24 -37.10
N ASN E 177 36.13 -22.11 -37.20
CA ASN E 177 35.41 -20.86 -36.88
C ASN E 177 35.57 -20.59 -35.37
N LYS E 178 35.03 -19.48 -34.89
CA LYS E 178 35.19 -18.99 -33.50
C LYS E 178 34.56 -19.97 -32.48
N HIS E 179 33.66 -20.87 -32.88
CA HIS E 179 32.97 -21.84 -31.98
C HIS E 179 33.68 -23.19 -31.94
N PHE E 180 34.57 -23.44 -32.92
CA PHE E 180 35.23 -24.75 -33.16
C PHE E 180 36.03 -25.24 -31.93
N PHE E 181 36.59 -24.32 -31.14
CA PHE E 181 37.49 -24.65 -30.00
C PHE E 181 36.81 -25.61 -29.02
N ASP E 182 35.46 -25.60 -28.93
CA ASP E 182 34.73 -26.42 -27.94
C ASP E 182 34.73 -27.90 -28.37
N LYS E 183 35.21 -28.21 -29.57
CA LYS E 183 35.28 -29.60 -30.09
C LYS E 183 36.63 -30.25 -29.71
N LYS E 184 37.60 -29.48 -29.23
CA LYS E 184 39.00 -29.96 -29.03
C LYS E 184 39.03 -30.87 -27.80
N LEU E 185 39.65 -32.05 -27.92
CA LEU E 185 39.79 -32.96 -26.75
C LEU E 185 40.78 -32.36 -25.74
N GLU E 186 40.40 -32.41 -24.47
CA GLU E 186 40.97 -31.61 -23.39
C GLU E 186 41.18 -32.50 -22.16
N ARG E 187 42.36 -32.44 -21.55
CA ARG E 187 42.66 -33.10 -20.26
C ARG E 187 42.61 -32.04 -19.16
N ASP E 188 41.81 -32.29 -18.13
CA ASP E 188 41.65 -31.35 -16.99
C ASP E 188 41.43 -29.94 -17.57
N PHE E 189 42.15 -28.93 -17.09
CA PHE E 189 41.84 -27.48 -17.38
C PHE E 189 42.78 -26.96 -18.47
N GLY E 190 42.36 -27.09 -19.73
CA GLY E 190 42.99 -26.48 -20.91
C GLY E 190 44.22 -27.20 -21.43
N ASN E 191 44.43 -28.48 -21.10
CA ASN E 191 45.54 -29.30 -21.67
C ASN E 191 45.01 -30.03 -22.90
N TYR E 192 45.17 -29.44 -24.08
CA TYR E 192 44.55 -29.93 -25.33
C TYR E 192 45.44 -31.01 -25.93
N GLU E 193 44.83 -32.11 -26.35
CA GLU E 193 45.51 -33.29 -26.95
C GLU E 193 44.48 -34.09 -27.74
N GLU E 194 44.63 -34.18 -29.07
CA GLU E 194 43.67 -34.91 -29.93
C GLU E 194 43.74 -36.42 -29.65
N PRO E 195 42.65 -37.19 -29.86
CA PRO E 195 42.66 -38.61 -29.56
C PRO E 195 43.61 -39.36 -30.50
N LYS E 196 44.38 -40.30 -29.94
CA LYS E 196 45.40 -41.12 -30.67
C LYS E 196 44.72 -42.34 -31.29
N GLU E 197 43.45 -42.58 -30.93
CA GLU E 197 42.69 -43.80 -31.28
C GLU E 197 41.23 -43.37 -31.43
N TYR E 198 40.38 -44.23 -31.97
CA TYR E 198 38.90 -44.06 -32.01
C TYR E 198 38.42 -43.51 -30.67
N LEU E 199 37.70 -42.38 -30.70
CA LEU E 199 37.37 -41.61 -29.47
C LEU E 199 36.60 -42.50 -28.47
N THR E 200 35.64 -43.29 -28.94
CA THR E 200 34.82 -44.14 -28.04
C THR E 200 35.74 -45.06 -27.21
N ASP E 201 36.75 -45.67 -27.84
CA ASP E 201 37.73 -46.53 -27.12
C ASP E 201 38.56 -45.68 -26.15
N VAL E 202 38.97 -44.47 -26.55
CA VAL E 202 39.78 -43.58 -25.67
C VAL E 202 38.98 -43.34 -24.37
N LEU E 203 37.70 -42.96 -24.49
CA LEU E 203 36.89 -42.55 -23.31
C LEU E 203 36.69 -43.75 -22.37
N GLY E 204 36.37 -44.92 -22.90
CA GLY E 204 36.17 -46.16 -22.11
C GLY E 204 37.45 -46.57 -21.38
N LYS E 205 38.59 -46.55 -22.08
CA LYS E 205 39.91 -46.91 -21.49
C LYS E 205 40.29 -45.90 -20.42
N GLU E 206 40.01 -44.61 -20.62
CA GLU E 206 40.36 -43.59 -19.61
C GLU E 206 39.51 -43.80 -18.35
N ALA E 207 38.22 -44.08 -18.50
CA ALA E 207 37.33 -44.40 -17.37
C ALA E 207 37.86 -45.64 -16.61
N ALA E 208 38.27 -46.69 -17.33
CA ALA E 208 38.83 -47.94 -16.77
C ALA E 208 40.13 -47.64 -16.00
N LYS E 209 41.02 -46.80 -16.55
CA LYS E 209 42.27 -46.38 -15.86
C LYS E 209 41.92 -45.66 -14.55
N TYR E 210 40.90 -44.80 -14.58
CA TYR E 210 40.49 -44.00 -13.41
C TYR E 210 40.02 -44.94 -12.30
N ILE E 211 39.25 -45.98 -12.65
CA ILE E 211 38.79 -47.00 -11.67
C ILE E 211 40.01 -47.64 -11.01
N GLU E 212 40.95 -48.11 -11.84
CA GLU E 212 42.22 -48.76 -11.40
C GLU E 212 42.92 -47.82 -10.42
N GLN E 213 43.12 -46.56 -10.79
CA GLN E 213 43.88 -45.54 -10.00
C GLN E 213 43.16 -45.24 -8.66
N ASN E 214 41.83 -45.39 -8.58
CA ASN E 214 41.04 -44.90 -7.43
C ASN E 214 40.29 -46.07 -6.78
N LYS E 215 40.78 -47.30 -6.96
CA LYS E 215 40.04 -48.55 -6.57
C LYS E 215 39.83 -48.65 -5.05
N ASP E 216 40.63 -47.97 -4.24
CA ASP E 216 40.60 -48.11 -2.75
C ASP E 216 39.73 -47.02 -2.09
N GLU E 217 39.11 -46.11 -2.86
CA GLU E 217 38.28 -45.00 -2.30
C GLU E 217 37.00 -44.87 -3.12
N PRO E 218 35.91 -44.31 -2.54
CA PRO E 218 34.67 -44.08 -3.30
C PRO E 218 34.93 -43.11 -4.47
N PHE E 219 34.45 -43.47 -5.65
CA PHE E 219 34.57 -42.61 -6.85
C PHE E 219 33.23 -42.54 -7.58
N PHE E 220 33.07 -41.43 -8.29
CA PHE E 220 31.95 -41.14 -9.20
C PHE E 220 32.54 -40.88 -10.57
N ILE E 221 32.13 -41.66 -11.57
CA ILE E 221 32.51 -41.43 -12.99
C ILE E 221 31.25 -41.13 -13.78
N TYR E 222 31.26 -39.98 -14.45
CA TYR E 222 30.26 -39.60 -15.47
C TYR E 222 30.90 -39.83 -16.82
N LEU E 223 30.53 -40.95 -17.45
CA LEU E 223 31.10 -41.37 -18.75
C LEU E 223 30.09 -40.98 -19.83
N ALA E 224 30.29 -39.80 -20.41
CA ALA E 224 29.37 -39.17 -21.37
C ALA E 224 29.90 -39.39 -22.78
N PHE E 225 29.61 -40.55 -23.37
CA PHE E 225 30.09 -40.88 -24.73
C PHE E 225 29.50 -39.87 -25.72
N ASN E 226 30.24 -39.52 -26.77
CA ASN E 226 29.61 -38.82 -27.92
C ASN E 226 28.89 -39.86 -28.80
N ALA E 227 29.28 -41.14 -28.76
CA ALA E 227 28.56 -42.22 -29.47
C ALA E 227 27.11 -42.19 -28.99
N VAL E 228 26.10 -42.26 -29.88
CA VAL E 228 26.21 -42.52 -31.30
C VAL E 228 25.77 -41.29 -32.11
N HIS E 229 26.19 -40.10 -31.67
CA HIS E 229 25.96 -38.81 -32.36
C HIS E 229 26.76 -38.77 -33.66
N THR E 230 26.26 -38.02 -34.65
CA THR E 230 27.04 -37.63 -35.85
C THR E 230 28.32 -36.94 -35.38
N PRO E 231 29.42 -36.95 -36.17
CA PRO E 231 29.46 -37.61 -37.48
C PRO E 231 29.55 -39.15 -37.40
N LEU E 232 29.05 -39.82 -38.44
CA LEU E 232 28.96 -41.32 -38.51
C LEU E 232 30.34 -41.87 -38.90
N GLU E 233 31.22 -41.97 -37.92
CA GLU E 233 32.61 -42.42 -38.09
C GLU E 233 32.79 -43.65 -37.19
N SER E 234 33.44 -44.67 -37.71
CA SER E 234 33.60 -45.97 -37.02
C SER E 234 35.02 -46.48 -37.19
N ASP E 235 35.41 -47.38 -36.29
CA ASP E 235 36.60 -48.25 -36.46
C ASP E 235 36.32 -49.16 -37.67
N PRO E 236 37.17 -49.18 -38.71
CA PRO E 236 36.97 -50.09 -39.86
C PRO E 236 36.71 -51.56 -39.45
N LYS E 237 37.35 -52.03 -38.38
CA LYS E 237 37.18 -53.42 -37.88
C LYS E 237 35.75 -53.63 -37.38
N ASP E 238 35.10 -52.58 -36.83
CA ASP E 238 33.68 -52.65 -36.38
C ASP E 238 32.76 -52.63 -37.61
N LEU E 239 33.06 -51.79 -38.61
CA LEU E 239 32.27 -51.74 -39.86
C LEU E 239 32.21 -53.14 -40.49
N ALA E 240 33.33 -53.86 -40.46
CA ALA E 240 33.53 -55.16 -41.14
C ALA E 240 32.71 -56.27 -40.44
N LYS E 241 32.20 -56.03 -39.23
CA LYS E 241 31.33 -56.99 -38.51
C LYS E 241 29.88 -56.90 -39.00
N PHE E 242 29.54 -55.95 -39.88
CA PHE E 242 28.14 -55.74 -40.35
C PHE E 242 28.08 -55.75 -41.87
N PRO E 243 28.55 -56.83 -42.53
CA PRO E 243 28.59 -56.90 -43.99
C PRO E 243 27.21 -56.83 -44.66
N ASN E 244 26.15 -57.23 -43.96
CA ASN E 244 24.76 -57.28 -44.48
C ASN E 244 24.04 -55.94 -44.34
N LEU E 245 24.59 -54.99 -43.59
CA LEU E 245 23.99 -53.61 -43.46
C LEU E 245 24.68 -52.67 -44.45
N THR E 246 23.98 -51.61 -44.85
CA THR E 246 24.46 -50.60 -45.82
C THR E 246 24.27 -49.18 -45.24
N GLY E 247 25.07 -48.23 -45.73
CA GLY E 247 24.91 -46.78 -45.52
C GLY E 247 24.96 -46.43 -44.05
N LYS E 248 24.09 -45.51 -43.63
CA LYS E 248 24.12 -44.87 -42.27
C LYS E 248 23.85 -45.94 -41.20
N ARG E 249 22.96 -46.88 -41.49
CA ARG E 249 22.61 -47.98 -40.55
C ARG E 249 23.83 -48.86 -40.27
N LYS E 250 24.66 -49.16 -41.27
CA LYS E 250 25.91 -49.94 -41.09
C LYS E 250 26.86 -49.17 -40.16
N GLU E 251 27.01 -47.86 -40.35
CA GLU E 251 27.87 -46.99 -39.50
C GLU E 251 27.32 -47.00 -38.07
N LEU E 252 26.01 -46.89 -37.91
CA LEU E 252 25.40 -46.85 -36.56
C LEU E 252 25.69 -48.19 -35.84
N ALA E 253 25.53 -49.31 -36.55
CA ALA E 253 25.82 -50.66 -36.01
C ALA E 253 27.25 -50.71 -35.47
N ALA E 254 28.22 -50.23 -36.25
CA ALA E 254 29.66 -50.23 -35.89
C ALA E 254 29.87 -49.31 -34.69
N MET E 255 29.26 -48.13 -34.70
CA MET E 255 29.43 -47.12 -33.61
C MET E 255 28.82 -47.68 -32.32
N THR E 256 27.69 -48.38 -32.43
CA THR E 256 26.98 -49.01 -31.29
C THR E 256 27.82 -50.15 -30.72
N LEU E 257 28.43 -50.97 -31.58
CA LEU E 257 29.36 -52.04 -31.15
C LEU E 257 30.52 -51.41 -30.37
N GLY E 258 31.07 -50.29 -30.85
CA GLY E 258 32.15 -49.55 -30.16
C GLY E 258 31.71 -49.02 -28.80
N LEU E 259 30.53 -48.41 -28.73
CA LEU E 259 29.92 -47.91 -27.46
C LEU E 259 29.83 -49.08 -26.47
N ASP E 260 29.34 -50.21 -26.92
CA ASP E 260 29.15 -51.42 -26.09
C ASP E 260 30.51 -51.95 -25.61
N ARG E 261 31.50 -51.98 -26.50
CA ARG E 261 32.88 -52.47 -26.19
C ARG E 261 33.52 -51.55 -25.15
N ALA E 262 33.42 -50.24 -25.32
CA ALA E 262 34.06 -49.23 -24.43
C ALA E 262 33.37 -49.29 -23.06
N SER E 263 32.05 -49.45 -23.03
CA SER E 263 31.29 -49.68 -21.78
C SER E 263 31.83 -50.96 -21.13
N GLY E 264 32.08 -52.00 -21.92
CA GLY E 264 32.70 -53.27 -21.49
C GLY E 264 34.04 -53.06 -20.76
N TYR E 265 34.91 -52.16 -21.21
CA TYR E 265 36.20 -51.90 -20.51
C TYR E 265 35.93 -51.52 -19.06
N VAL E 266 34.92 -50.68 -18.85
CA VAL E 266 34.56 -50.15 -17.50
C VAL E 266 33.93 -51.27 -16.67
N LEU E 267 32.92 -51.96 -17.21
CA LEU E 267 32.19 -53.03 -16.49
C LEU E 267 33.18 -54.17 -16.16
N ASP E 268 34.08 -54.51 -17.08
CA ASP E 268 35.08 -55.60 -16.91
C ASP E 268 36.10 -55.20 -15.84
N LYS E 269 36.50 -53.92 -15.78
CA LYS E 269 37.46 -53.45 -14.75
C LYS E 269 36.82 -53.53 -13.37
N LEU E 270 35.55 -53.13 -13.21
CA LEU E 270 34.84 -53.25 -11.90
C LEU E 270 34.82 -54.73 -11.45
N LYS E 271 34.47 -55.64 -12.37
CA LYS E 271 34.36 -57.11 -12.10
C LYS E 271 35.74 -57.63 -11.67
N GLU E 272 36.78 -57.34 -12.47
CA GLU E 272 38.17 -57.84 -12.28
C GLU E 272 38.72 -57.37 -10.91
N LEU E 273 38.39 -56.15 -10.47
CA LEU E 273 38.93 -55.61 -9.19
C LEU E 273 38.01 -55.95 -8.02
N GLY E 274 36.90 -56.68 -8.23
CA GLY E 274 35.96 -57.01 -7.16
C GLY E 274 35.27 -55.78 -6.60
N LEU E 275 34.89 -54.83 -7.47
CA LEU E 275 34.23 -53.56 -7.08
C LEU E 275 32.76 -53.54 -7.51
N ASP E 276 32.32 -54.42 -8.40
CA ASP E 276 30.98 -54.28 -9.03
C ASP E 276 29.86 -54.52 -8.00
N ASP E 277 30.08 -55.35 -6.95
CA ASP E 277 29.00 -55.64 -5.98
C ASP E 277 28.50 -54.34 -5.34
N ASN E 278 29.43 -53.46 -4.98
CA ASN E 278 29.10 -52.18 -4.31
C ASN E 278 29.42 -51.01 -5.23
N THR E 279 29.10 -51.16 -6.53
CA THR E 279 29.10 -50.02 -7.49
C THR E 279 27.68 -49.90 -8.05
N ILE E 280 27.15 -48.68 -8.08
CA ILE E 280 25.91 -48.36 -8.82
C ILE E 280 26.34 -48.04 -10.25
N VAL E 281 25.92 -48.87 -11.20
CA VAL E 281 26.11 -48.57 -12.65
C VAL E 281 24.76 -48.18 -13.23
N VAL E 282 24.74 -47.01 -13.85
CA VAL E 282 23.54 -46.54 -14.60
C VAL E 282 23.95 -46.47 -16.07
N PHE E 283 23.11 -47.01 -16.94
CA PHE E 283 23.21 -46.77 -18.40
C PHE E 283 21.95 -46.04 -18.87
N SER E 284 22.13 -44.90 -19.50
CA SER E 284 21.02 -44.19 -20.18
C SER E 284 21.56 -43.38 -21.35
N ASN E 285 20.74 -42.46 -21.85
CA ASN E 285 20.86 -41.83 -23.18
C ASN E 285 20.29 -40.41 -23.04
N ASP E 286 20.91 -39.41 -23.67
CA ASP E 286 20.62 -37.98 -23.40
C ASP E 286 19.28 -37.58 -24.02
N ASN E 287 18.86 -38.23 -25.10
CA ASN E 287 17.58 -37.91 -25.79
C ASN E 287 17.26 -39.03 -26.77
N GLY E 288 16.05 -39.06 -27.31
CA GLY E 288 15.62 -40.06 -28.30
C GLY E 288 16.44 -39.99 -29.58
N GLY E 289 16.40 -41.04 -30.41
CA GLY E 289 17.25 -41.16 -31.61
C GLY E 289 16.83 -40.17 -32.69
N PRO E 290 17.77 -39.41 -33.30
CA PRO E 290 17.45 -38.60 -34.47
C PRO E 290 17.47 -39.49 -35.72
N SER E 291 16.34 -40.13 -36.01
CA SER E 291 16.24 -41.21 -37.02
C SER E 291 16.71 -40.74 -38.40
N ASP E 292 16.59 -39.44 -38.71
CA ASP E 292 16.97 -38.84 -40.03
C ASP E 292 18.48 -38.57 -40.09
N LYS E 293 19.19 -38.57 -38.96
CA LYS E 293 20.63 -38.17 -38.92
C LYS E 293 21.55 -39.38 -38.77
N ASN E 294 21.25 -40.32 -37.89
CA ASN E 294 22.22 -41.40 -37.55
C ASN E 294 21.57 -42.78 -37.73
N ALA E 295 20.42 -42.83 -38.41
CA ALA E 295 19.65 -44.07 -38.75
C ALA E 295 19.19 -44.76 -37.47
N SER E 296 19.13 -44.05 -36.34
CA SER E 296 18.64 -44.59 -35.05
C SER E 296 17.16 -44.96 -35.23
N ASN E 297 16.73 -45.99 -34.51
CA ASN E 297 15.36 -46.55 -34.58
C ASN E 297 14.77 -46.55 -33.17
N ASN E 298 13.67 -45.84 -32.97
CA ASN E 298 13.04 -45.66 -31.63
C ASN E 298 11.93 -46.69 -31.40
N ALA E 299 11.90 -47.80 -32.14
CA ALA E 299 10.83 -48.82 -32.02
C ALA E 299 10.67 -49.22 -30.55
N PRO E 300 9.43 -49.40 -30.04
CA PRO E 300 8.20 -49.25 -30.82
C PRO E 300 7.57 -47.84 -30.83
N LEU E 301 8.35 -46.81 -30.52
CA LEU E 301 7.82 -45.44 -30.28
C LEU E 301 7.72 -44.63 -31.57
N ALA E 302 6.77 -43.69 -31.58
CA ALA E 302 6.68 -42.60 -32.58
C ALA E 302 7.63 -41.47 -32.18
N GLY E 303 8.12 -40.72 -33.16
CA GLY E 303 8.91 -39.50 -32.93
C GLY E 303 10.38 -39.78 -32.74
N THR E 304 11.12 -38.74 -32.35
CA THR E 304 12.59 -38.66 -32.43
C THR E 304 13.09 -37.60 -31.47
N LYS E 305 14.41 -37.49 -31.37
CA LYS E 305 15.11 -36.29 -30.87
C LYS E 305 14.34 -35.02 -31.27
N SER E 306 14.25 -34.08 -30.33
CA SER E 306 13.81 -32.67 -30.48
C SER E 306 12.29 -32.58 -30.66
N ASN E 307 11.54 -33.68 -30.51
CA ASN E 307 10.08 -33.59 -30.29
C ASN E 307 9.73 -34.35 -29.00
N GLN E 308 8.52 -34.17 -28.50
CA GLN E 308 8.08 -34.62 -27.16
C GLN E 308 7.11 -35.80 -27.28
N LEU E 309 7.00 -36.40 -28.46
CA LEU E 309 6.49 -37.80 -28.58
C LEU E 309 7.42 -38.72 -27.78
N GLU E 310 6.95 -39.90 -27.40
CA GLU E 310 7.71 -40.85 -26.56
C GLU E 310 9.11 -41.07 -27.16
N GLY E 311 9.19 -41.10 -28.49
CA GLY E 311 10.43 -41.35 -29.23
C GLY E 311 11.53 -40.32 -28.94
N GLY E 312 11.16 -39.13 -28.44
CA GLY E 312 12.14 -38.09 -28.11
C GLY E 312 12.53 -38.07 -26.63
N ILE E 313 11.66 -38.51 -25.74
CA ILE E 313 11.82 -38.27 -24.28
C ILE E 313 12.00 -39.58 -23.52
N ARG E 314 11.52 -40.72 -24.07
CA ARG E 314 11.70 -42.05 -23.42
C ARG E 314 13.02 -42.65 -23.90
N VAL E 315 13.85 -43.13 -22.97
CA VAL E 315 15.23 -43.58 -23.30
C VAL E 315 15.50 -44.92 -22.64
N PRO E 316 16.46 -45.71 -23.19
CA PRO E 316 16.98 -46.88 -22.50
C PRO E 316 17.51 -46.41 -21.14
N PHE E 317 17.28 -47.21 -20.11
CA PHE E 317 17.53 -46.80 -18.71
C PHE E 317 17.74 -48.06 -17.88
N LEU E 318 18.98 -48.31 -17.46
CA LEU E 318 19.38 -49.48 -16.64
C LEU E 318 19.99 -48.99 -15.34
N ILE E 319 19.67 -49.66 -14.22
CA ILE E 319 20.45 -49.50 -12.96
C ILE E 319 20.87 -50.89 -12.48
N SER E 320 22.16 -51.06 -12.20
CA SER E 320 22.71 -52.28 -11.56
C SER E 320 23.41 -51.88 -10.27
N TRP E 321 23.12 -52.59 -9.19
CA TRP E 321 23.76 -52.44 -7.86
C TRP E 321 23.54 -53.76 -7.11
N PRO E 322 24.41 -54.77 -7.37
CA PRO E 322 24.14 -56.13 -6.90
C PRO E 322 23.80 -56.26 -5.41
N LYS E 323 24.37 -55.42 -4.54
CA LYS E 323 24.08 -55.47 -3.08
C LYS E 323 22.62 -55.16 -2.80
N HIS E 324 21.90 -54.42 -3.67
CA HIS E 324 20.53 -53.94 -3.34
C HIS E 324 19.50 -54.14 -4.46
N ILE E 325 19.90 -54.47 -5.68
CA ILE E 325 18.92 -54.61 -6.79
C ILE E 325 18.97 -56.02 -7.36
N LYS E 326 17.81 -56.67 -7.46
CA LYS E 326 17.65 -58.06 -7.96
C LYS E 326 18.04 -58.10 -9.44
N PRO E 327 18.83 -59.09 -9.90
CA PRO E 327 19.19 -59.19 -11.32
C PRO E 327 17.97 -59.66 -12.14
N GLY E 328 17.94 -59.30 -13.43
CA GLY E 328 16.91 -59.74 -14.40
C GLY E 328 15.57 -59.09 -14.14
N SER E 329 15.50 -58.00 -13.38
CA SER E 329 14.22 -57.37 -12.97
C SER E 329 13.86 -56.23 -13.93
N THR E 330 12.58 -55.86 -13.95
CA THR E 330 12.05 -54.72 -14.73
C THR E 330 11.20 -53.87 -13.79
N TYR E 331 11.20 -52.57 -14.02
CA TYR E 331 10.35 -51.60 -13.28
C TYR E 331 9.57 -50.79 -14.32
N ASP E 332 8.24 -50.72 -14.16
CA ASP E 332 7.33 -50.33 -15.26
C ASP E 332 6.65 -48.98 -14.99
N TYR E 333 6.83 -48.33 -13.83
CA TYR E 333 6.31 -46.96 -13.61
C TYR E 333 7.31 -45.96 -14.18
N PRO E 334 6.85 -44.76 -14.66
CA PRO E 334 7.77 -43.74 -15.15
C PRO E 334 8.82 -43.28 -14.13
N VAL E 335 10.07 -43.19 -14.59
CA VAL E 335 11.20 -42.62 -13.83
C VAL E 335 11.91 -41.61 -14.72
N SER E 336 12.77 -40.80 -14.11
CA SER E 336 13.43 -39.66 -14.79
C SER E 336 14.92 -39.68 -14.49
N THR E 337 15.71 -39.17 -15.41
CA THR E 337 17.13 -38.81 -15.14
C THR E 337 17.17 -37.84 -13.96
N LEU E 338 16.10 -37.06 -13.73
CA LEU E 338 16.03 -36.12 -12.58
C LEU E 338 16.17 -36.89 -11.26
N ASP E 339 15.84 -38.17 -11.26
CA ASP E 339 15.88 -39.03 -10.05
C ASP E 339 17.31 -39.47 -9.72
N LEU E 340 18.26 -39.33 -10.64
CA LEU E 340 19.60 -39.93 -10.47
C LEU E 340 20.38 -39.18 -9.39
N LEU E 341 20.34 -37.85 -9.35
CA LEU E 341 21.07 -37.09 -8.29
C LEU E 341 20.60 -37.51 -6.89
N PRO E 342 19.29 -37.45 -6.53
CA PRO E 342 18.87 -37.88 -5.19
C PRO E 342 19.10 -39.37 -4.91
N THR E 343 19.00 -40.23 -5.92
CA THR E 343 19.30 -41.69 -5.81
C THR E 343 20.78 -41.86 -5.43
N PHE E 344 21.69 -41.22 -6.17
CA PHE E 344 23.14 -41.26 -5.92
C PHE E 344 23.44 -40.69 -4.53
N TYR E 345 22.84 -39.54 -4.21
CA TYR E 345 23.17 -38.79 -2.96
C TYR E 345 22.73 -39.62 -1.74
N SER E 346 21.56 -40.25 -1.80
CA SER E 346 21.04 -41.14 -0.72
C SER E 346 22.00 -42.32 -0.55
N ALA E 347 22.43 -42.95 -1.64
CA ALA E 347 23.36 -44.10 -1.64
C ALA E 347 24.70 -43.68 -1.03
N ALA E 348 25.12 -42.42 -1.25
CA ALA E 348 26.37 -41.84 -0.73
C ALA E 348 26.20 -41.37 0.72
N LYS E 349 25.06 -41.67 1.37
CA LYS E 349 24.78 -41.41 2.81
C LYS E 349 24.55 -39.91 3.03
N GLY E 350 24.16 -39.17 1.97
CA GLY E 350 23.86 -37.73 2.07
C GLY E 350 22.61 -37.47 2.89
N LYS E 351 22.64 -36.46 3.76
CA LYS E 351 21.50 -36.10 4.65
C LYS E 351 21.11 -34.62 4.49
N ALA E 352 21.72 -33.90 3.54
CA ALA E 352 21.50 -32.45 3.31
C ALA E 352 21.17 -32.17 1.84
N LEU E 353 20.17 -32.87 1.30
CA LEU E 353 19.67 -32.69 -0.10
C LEU E 353 18.92 -31.36 -0.17
N GLY E 354 19.27 -30.50 -1.14
CA GLY E 354 18.53 -29.25 -1.43
C GLY E 354 17.03 -29.46 -1.41
N SER E 355 16.23 -28.50 -0.91
CA SER E 355 14.74 -28.53 -0.89
C SER E 355 14.16 -28.38 -2.31
N ASP E 356 14.99 -27.94 -3.27
CA ASP E 356 14.56 -27.55 -4.63
C ASP E 356 14.66 -28.74 -5.61
N ILE E 357 14.92 -29.98 -5.16
CA ILE E 357 15.18 -31.14 -6.06
C ILE E 357 13.83 -31.70 -6.54
N ASP E 358 13.71 -31.96 -7.84
CA ASP E 358 12.48 -32.46 -8.48
C ASP E 358 12.50 -34.00 -8.58
N GLY E 359 13.68 -34.60 -8.66
CA GLY E 359 13.85 -36.06 -8.65
C GLY E 359 13.54 -36.66 -7.29
N VAL E 360 13.33 -37.97 -7.23
CA VAL E 360 13.20 -38.74 -5.96
C VAL E 360 14.25 -39.85 -5.95
N ASP E 361 14.63 -40.30 -4.75
CA ASP E 361 15.46 -41.51 -4.53
C ASP E 361 14.66 -42.74 -5.03
N LEU E 362 15.17 -43.44 -6.04
CA LEU E 362 14.45 -44.56 -6.67
C LEU E 362 14.56 -45.87 -5.87
N LEU E 363 15.52 -46.00 -4.97
CA LEU E 363 15.84 -47.35 -4.39
C LEU E 363 14.62 -47.93 -3.68
N PRO E 364 13.88 -47.18 -2.82
CA PRO E 364 12.68 -47.73 -2.18
C PRO E 364 11.60 -48.21 -3.18
N TYR E 365 11.50 -47.54 -4.33
CA TYR E 365 10.54 -47.91 -5.39
C TYR E 365 11.01 -49.19 -6.08
N ILE E 366 12.30 -49.24 -6.46
CA ILE E 366 12.92 -50.44 -7.10
C ILE E 366 12.73 -51.65 -6.17
N GLN E 367 12.95 -51.48 -4.87
CA GLN E 367 12.92 -52.57 -3.86
C GLN E 367 11.48 -52.96 -3.49
N GLY E 368 10.48 -52.17 -3.91
CA GLY E 368 9.05 -52.43 -3.60
C GLY E 368 8.68 -52.00 -2.19
N GLU E 369 9.52 -51.24 -1.50
CA GLU E 369 9.19 -50.63 -0.17
C GLU E 369 8.13 -49.54 -0.38
N ASN E 370 8.20 -48.82 -1.50
CA ASN E 370 7.23 -47.78 -1.90
C ASN E 370 6.56 -48.26 -3.19
N THR E 371 5.27 -48.59 -3.13
CA THR E 371 4.51 -49.20 -4.25
C THR E 371 3.82 -48.10 -5.09
N ALA E 372 3.93 -46.84 -4.68
CA ALA E 372 3.37 -45.70 -5.43
C ALA E 372 4.24 -45.40 -6.66
N ARG E 373 3.72 -44.56 -7.56
CA ARG E 373 4.48 -44.00 -8.70
C ARG E 373 5.52 -43.02 -8.16
N PRO E 374 6.79 -43.14 -8.61
CA PRO E 374 7.79 -42.11 -8.29
C PRO E 374 7.35 -40.71 -8.70
N HIS E 375 6.64 -40.61 -9.84
CA HIS E 375 6.14 -39.34 -10.45
C HIS E 375 4.75 -39.58 -11.02
N LYS E 376 3.72 -39.16 -10.30
CA LYS E 376 2.33 -39.12 -10.82
C LYS E 376 2.28 -38.13 -12.00
N VAL E 377 2.87 -36.95 -11.81
CA VAL E 377 2.83 -35.86 -12.82
C VAL E 377 4.26 -35.57 -13.30
N MET E 378 4.45 -35.53 -14.61
CA MET E 378 5.76 -35.20 -15.25
C MET E 378 5.50 -34.16 -16.34
N TYR E 379 6.52 -33.35 -16.60
CA TYR E 379 6.42 -32.18 -17.50
C TYR E 379 7.58 -32.15 -18.48
N TRP E 380 7.31 -31.64 -19.67
CA TRP E 380 8.33 -31.28 -20.68
C TRP E 380 7.93 -29.94 -21.28
N LYS E 381 8.92 -29.14 -21.68
CA LYS E 381 8.62 -27.84 -22.31
C LYS E 381 9.83 -27.33 -23.11
N LYS E 382 9.54 -26.91 -24.34
N LYS E 382 9.54 -26.92 -24.35
CA LYS E 382 10.40 -26.06 -25.21
CA LYS E 382 10.40 -26.08 -25.21
C LYS E 382 9.48 -25.04 -25.86
C LYS E 382 9.48 -25.04 -25.86
N GLU E 383 9.50 -23.80 -25.37
CA GLU E 383 8.67 -22.68 -25.91
C GLU E 383 7.20 -23.10 -25.85
N ASN E 384 6.50 -23.15 -26.98
CA ASN E 384 5.05 -23.45 -27.08
C ASN E 384 4.82 -24.96 -27.01
N ARG E 385 5.82 -25.79 -27.32
CA ARG E 385 5.70 -27.26 -27.22
C ARG E 385 5.89 -27.68 -25.77
N ALA E 386 4.89 -28.34 -25.21
CA ALA E 386 4.95 -28.79 -23.81
C ALA E 386 4.08 -30.05 -23.66
N VAL E 387 4.41 -30.82 -22.63
CA VAL E 387 3.70 -32.06 -22.27
C VAL E 387 3.45 -32.03 -20.77
N ILE E 388 2.25 -32.42 -20.39
CA ILE E 388 1.95 -32.86 -19.00
C ILE E 388 1.47 -34.29 -19.07
N ARG E 389 2.10 -35.13 -18.27
CA ARG E 389 1.69 -36.52 -18.07
C ARG E 389 1.18 -36.66 -16.64
N ASP E 390 0.01 -37.30 -16.51
CA ASP E 390 -0.69 -37.54 -15.22
C ASP E 390 -1.07 -39.01 -15.21
N ASN E 391 -0.42 -39.82 -14.37
CA ASN E 391 -0.48 -41.31 -14.45
C ASN E 391 -0.11 -41.69 -15.87
N ASP E 392 -1.02 -42.26 -16.66
CA ASP E 392 -0.70 -42.71 -18.05
C ASP E 392 -1.37 -41.80 -19.09
N TRP E 393 -2.04 -40.72 -18.67
CA TRP E 393 -2.56 -39.67 -19.59
C TRP E 393 -1.41 -38.74 -20.01
N LYS E 394 -1.30 -38.46 -21.29
CA LYS E 394 -0.27 -37.53 -21.84
C LYS E 394 -0.98 -36.48 -22.69
N LEU E 395 -0.95 -35.22 -22.25
CA LEU E 395 -1.44 -34.04 -23.01
C LEU E 395 -0.23 -33.38 -23.68
N ILE E 396 -0.28 -33.27 -25.00
CA ILE E 396 0.77 -32.63 -25.83
C ILE E 396 0.22 -31.34 -26.42
N ARG E 397 0.88 -30.22 -26.09
CA ARG E 397 0.55 -28.87 -26.61
C ARG E 397 1.53 -28.57 -27.75
N TYR E 398 1.02 -27.97 -28.81
CA TYR E 398 1.77 -27.59 -30.04
C TYR E 398 1.46 -26.14 -30.41
N PRO E 399 2.37 -25.48 -31.16
CA PRO E 399 2.07 -24.16 -31.71
C PRO E 399 1.18 -24.17 -32.95
N ASP E 400 1.07 -25.31 -33.65
CA ASP E 400 0.57 -25.39 -35.05
C ASP E 400 -0.60 -26.36 -35.21
N ARG E 401 -1.16 -26.88 -34.12
CA ARG E 401 -2.30 -27.84 -34.19
C ARG E 401 -2.92 -27.92 -32.81
N PRO E 402 -4.20 -28.36 -32.71
CA PRO E 402 -4.85 -28.53 -31.40
C PRO E 402 -4.05 -29.50 -30.51
N ALA E 403 -4.14 -29.30 -29.20
CA ALA E 403 -3.54 -30.17 -28.18
C ALA E 403 -4.08 -31.59 -28.34
N GLU E 404 -3.24 -32.61 -28.16
CA GLU E 404 -3.63 -34.04 -28.32
C GLU E 404 -3.52 -34.71 -26.94
N LEU E 405 -4.35 -35.73 -26.72
CA LEU E 405 -4.38 -36.49 -25.45
C LEU E 405 -4.20 -37.98 -25.78
N TYR E 406 -3.24 -38.62 -25.12
CA TYR E 406 -2.92 -40.06 -25.30
C TYR E 406 -3.07 -40.80 -23.98
N ASP E 407 -3.59 -42.02 -24.07
CA ASP E 407 -3.53 -43.01 -22.97
C ASP E 407 -2.36 -43.95 -23.25
N LEU E 408 -1.22 -43.74 -22.59
CA LEU E 408 0.03 -44.49 -22.86
C LEU E 408 -0.13 -45.94 -22.39
N SER E 409 -1.07 -46.24 -21.49
CA SER E 409 -1.30 -47.62 -21.01
C SER E 409 -1.86 -48.50 -22.15
N SER E 410 -2.53 -47.91 -23.15
CA SER E 410 -3.14 -48.69 -24.28
C SER E 410 -2.62 -48.23 -25.65
N ASP E 411 -1.75 -47.22 -25.70
CA ASP E 411 -1.37 -46.57 -26.99
C ASP E 411 0.06 -46.02 -26.86
N ILE E 412 1.02 -46.92 -26.70
CA ILE E 412 2.46 -46.57 -26.49
C ILE E 412 2.94 -45.70 -27.66
N SER E 413 2.36 -45.87 -28.85
CA SER E 413 2.84 -45.23 -30.10
C SER E 413 2.07 -43.94 -30.42
N GLU E 414 1.15 -43.52 -29.54
CA GLU E 414 0.49 -42.19 -29.60
C GLU E 414 -0.19 -42.01 -30.97
N GLN E 415 -0.98 -43.00 -31.39
CA GLN E 415 -1.69 -43.00 -32.70
C GLN E 415 -3.17 -42.64 -32.52
N THR E 416 -3.72 -42.73 -31.30
CA THR E 416 -5.19 -42.55 -31.06
C THR E 416 -5.41 -41.33 -30.16
N ASP E 417 -5.70 -40.19 -30.77
CA ASP E 417 -5.95 -38.90 -30.06
C ASP E 417 -7.30 -39.02 -29.36
N LEU E 418 -7.32 -38.78 -28.04
CA LEU E 418 -8.52 -38.94 -27.19
C LEU E 418 -9.02 -37.57 -26.71
N ALA E 419 -8.49 -36.47 -27.24
CA ALA E 419 -8.78 -35.09 -26.76
C ALA E 419 -10.29 -34.79 -26.91
N ALA E 420 -10.86 -35.08 -28.08
CA ALA E 420 -12.27 -34.80 -28.41
C ALA E 420 -13.22 -35.54 -27.45
N LYS E 421 -12.84 -36.74 -27.00
CA LYS E 421 -13.70 -37.63 -26.18
C LYS E 421 -13.47 -37.38 -24.68
N ASN E 422 -12.50 -36.55 -24.31
CA ASN E 422 -12.17 -36.30 -22.89
C ASN E 422 -11.94 -34.81 -22.66
N PRO E 423 -12.91 -33.94 -23.01
CA PRO E 423 -12.67 -32.49 -23.01
C PRO E 423 -12.41 -31.93 -21.60
N GLU E 424 -13.08 -32.47 -20.56
CA GLU E 424 -12.89 -31.99 -19.17
C GLU E 424 -11.44 -32.30 -18.73
N ARG E 425 -10.93 -33.50 -19.01
CA ARG E 425 -9.56 -33.90 -18.61
C ARG E 425 -8.54 -33.03 -19.37
N VAL E 426 -8.74 -32.80 -20.67
CA VAL E 426 -7.89 -31.88 -21.48
C VAL E 426 -7.81 -30.53 -20.77
N LYS E 427 -8.93 -29.97 -20.33
CA LYS E 427 -8.97 -28.62 -19.70
C LYS E 427 -8.23 -28.65 -18.35
N THR E 428 -8.45 -29.66 -17.51
CA THR E 428 -7.82 -29.74 -16.17
C THR E 428 -6.30 -29.91 -16.35
N MET E 429 -5.88 -30.73 -17.33
CA MET E 429 -4.43 -30.99 -17.57
C MET E 429 -3.74 -29.73 -18.14
N PHE E 430 -4.41 -29.00 -19.03
CA PHE E 430 -3.98 -27.67 -19.53
C PHE E 430 -3.71 -26.72 -18.37
N LYS E 431 -4.62 -26.62 -17.39
CA LYS E 431 -4.47 -25.71 -16.22
C LYS E 431 -3.25 -26.12 -15.39
N SER E 432 -3.09 -27.42 -15.12
CA SER E 432 -1.95 -28.01 -14.37
C SER E 432 -0.62 -27.71 -15.09
N LEU E 433 -0.58 -27.87 -16.41
CA LEU E 433 0.60 -27.56 -17.23
C LEU E 433 1.00 -26.09 -17.03
N PHE E 434 0.04 -25.17 -17.19
CA PHE E 434 0.32 -23.71 -17.08
C PHE E 434 0.77 -23.36 -15.66
N GLU E 435 0.17 -23.97 -14.63
CA GLU E 435 0.56 -23.79 -13.21
C GLU E 435 2.05 -24.15 -13.06
N TRP E 436 2.51 -25.25 -13.67
CA TRP E 436 3.94 -25.62 -13.60
C TRP E 436 4.79 -24.59 -14.39
N GLU E 437 4.31 -24.15 -15.56
CA GLU E 437 5.02 -23.15 -16.40
C GLU E 437 5.26 -21.86 -15.62
N LEU E 438 4.33 -21.45 -14.75
CA LEU E 438 4.46 -20.23 -13.90
C LEU E 438 5.56 -20.39 -12.84
N THR E 439 6.09 -21.60 -12.59
CA THR E 439 7.20 -21.79 -11.63
C THR E 439 8.56 -21.69 -12.35
N LEU E 440 8.57 -21.53 -13.67
CA LEU E 440 9.83 -21.54 -14.49
C LEU E 440 10.34 -20.11 -14.69
N GLU E 441 11.66 -19.98 -14.89
CA GLU E 441 12.28 -18.73 -15.39
C GLU E 441 12.02 -18.63 -16.88
N ARG E 442 12.19 -17.43 -17.41
CA ARG E 442 12.26 -17.22 -18.88
C ARG E 442 13.58 -17.83 -19.34
N PRO E 443 13.66 -18.30 -20.60
CA PRO E 443 14.90 -18.88 -21.13
C PRO E 443 16.09 -17.91 -21.11
N ARG E 444 17.30 -18.41 -20.93
CA ARG E 444 18.54 -17.58 -20.89
C ARG E 444 19.12 -17.38 -22.29
N TRP E 445 18.70 -18.19 -23.26
CA TRP E 445 19.16 -18.13 -24.67
C TRP E 445 18.08 -18.72 -25.55
N LEU E 446 18.05 -18.32 -26.80
CA LEU E 446 16.97 -18.68 -27.75
C LEU E 446 17.59 -19.10 -29.09
N LEU E 447 17.12 -20.21 -29.62
CA LEU E 447 17.47 -20.72 -30.96
C LEU E 447 16.96 -19.77 -32.03
N LYS E 448 17.60 -19.79 -33.19
CA LYS E 448 17.04 -19.19 -34.42
C LYS E 448 15.64 -19.78 -34.64
N ARG E 449 14.74 -18.98 -35.17
CA ARG E 449 13.32 -19.36 -35.36
C ARG E 449 13.23 -20.61 -36.26
N LYS E 450 14.11 -20.76 -37.25
CA LYS E 450 13.95 -21.83 -38.28
C LYS E 450 13.99 -23.23 -37.63
N TYR E 451 14.63 -23.42 -36.48
CA TYR E 451 14.78 -24.76 -35.85
C TYR E 451 13.42 -25.31 -35.39
N GLU E 452 12.44 -24.45 -35.11
CA GLU E 452 11.09 -24.91 -34.68
C GLU E 452 10.40 -25.57 -35.88
N LYS E 453 10.60 -25.05 -37.09
CA LYS E 453 10.05 -25.70 -38.31
C LYS E 453 10.70 -27.10 -38.46
N TYR E 454 12.02 -27.17 -38.33
CA TYR E 454 12.76 -28.45 -38.44
C TYR E 454 12.23 -29.45 -37.39
N ASP E 455 12.09 -29.01 -36.13
CA ASP E 455 11.65 -29.90 -35.02
C ASP E 455 10.25 -30.46 -35.34
N ILE E 456 9.33 -29.62 -35.78
CA ILE E 456 7.92 -30.06 -36.08
C ILE E 456 7.89 -30.94 -37.32
N ASP E 457 8.61 -30.58 -38.38
CA ASP E 457 8.64 -31.35 -39.65
C ASP E 457 9.23 -32.74 -39.39
N ARG E 458 10.30 -32.85 -38.61
CA ARG E 458 10.89 -34.17 -38.30
C ARG E 458 9.87 -35.00 -37.50
N MET E 459 9.17 -34.38 -36.55
CA MET E 459 8.12 -35.07 -35.76
C MET E 459 7.09 -35.68 -36.72
N ASP E 460 6.65 -34.89 -37.71
CA ASP E 460 5.58 -35.34 -38.65
C ASP E 460 6.12 -36.45 -39.57
N LYS E 461 7.38 -36.38 -39.98
CA LYS E 461 8.03 -37.44 -40.78
C LYS E 461 8.02 -38.77 -40.00
N TYR E 462 8.18 -38.73 -38.68
CA TYR E 462 8.31 -39.95 -37.84
C TYR E 462 7.08 -40.08 -36.93
N ARG E 463 5.91 -39.70 -37.45
CA ARG E 463 4.66 -39.66 -36.65
C ARG E 463 4.14 -41.09 -36.44
N LEU E 464 4.45 -42.03 -37.34
CA LEU E 464 4.00 -43.46 -37.24
C LEU E 464 4.92 -44.19 -36.27
N PRO E 465 4.46 -45.31 -35.66
CA PRO E 465 5.31 -46.10 -34.77
C PRO E 465 6.52 -46.65 -35.54
N ALA E 466 7.72 -46.57 -34.97
CA ALA E 466 8.92 -47.23 -35.54
C ALA E 466 8.78 -48.73 -35.27
N THR E 467 9.40 -49.57 -36.08
CA THR E 467 9.40 -51.05 -35.90
C THR E 467 10.82 -51.57 -36.04
N GLN E 468 11.16 -52.65 -35.34
CA GLN E 468 12.47 -53.33 -35.44
C GLN E 468 12.66 -53.83 -36.87
N PRO E 469 13.85 -53.63 -37.48
CA PRO E 469 14.11 -54.14 -38.83
C PRO E 469 14.56 -55.62 -38.79
C ALA F 22 -40.13 23.64 -15.66
N SER F 23 -39.58 24.63 -14.98
CA SER F 23 -38.15 24.74 -14.62
C SER F 23 -37.87 24.00 -13.29
N LYS F 24 -36.58 23.75 -13.04
CA LYS F 24 -36.12 22.91 -11.91
C LYS F 24 -36.55 23.54 -10.60
N PRO F 25 -37.29 22.82 -9.71
CA PRO F 25 -37.74 23.42 -8.45
C PRO F 25 -36.61 23.48 -7.41
N ASN F 26 -36.70 24.44 -6.49
CA ASN F 26 -35.86 24.39 -5.27
C ASN F 26 -36.37 23.21 -4.41
N ILE F 27 -35.50 22.67 -3.57
CA ILE F 27 -35.87 21.53 -2.69
C ILE F 27 -35.38 21.87 -1.29
N VAL F 28 -36.29 21.82 -0.31
CA VAL F 28 -35.95 22.06 1.12
C VAL F 28 -36.45 20.85 1.90
N LEU F 29 -35.53 20.06 2.44
CA LEU F 29 -35.85 18.90 3.31
C LEU F 29 -35.63 19.30 4.77
N ILE F 30 -36.72 19.46 5.50
CA ILE F 30 -36.68 19.78 6.96
C ILE F 30 -36.87 18.46 7.71
N PHE F 31 -35.89 18.09 8.52
CA PHE F 31 -35.81 16.74 9.12
C PHE F 31 -35.56 16.93 10.62
N ALA F 32 -36.59 16.68 11.43
CA ALA F 32 -36.50 16.80 12.89
C ALA F 32 -35.83 15.53 13.45
N ASP F 33 -35.53 15.54 14.75
CA ASP F 33 -34.84 14.46 15.49
C ASP F 33 -35.75 14.05 16.66
N ASP F 34 -36.12 12.79 16.78
CA ASP F 34 -36.74 12.19 18.00
C ASP F 34 -38.11 12.82 18.31
N ALA F 35 -38.83 13.34 17.32
CA ALA F 35 -40.17 13.92 17.54
C ALA F 35 -41.20 12.79 17.70
N GLY F 36 -42.19 13.01 18.57
CA GLY F 36 -43.34 12.10 18.72
C GLY F 36 -44.25 12.15 17.50
N PHE F 37 -44.77 11.00 17.07
CA PHE F 37 -45.74 10.92 15.97
C PHE F 37 -46.92 11.87 16.20
N GLY F 38 -47.40 12.01 17.45
CA GLY F 38 -48.61 12.79 17.77
C GLY F 38 -48.32 14.21 18.18
N ASP F 39 -47.07 14.67 18.10
CA ASP F 39 -46.63 15.90 18.80
C ASP F 39 -46.50 17.08 17.82
N PHE F 40 -47.46 17.17 16.90
CA PHE F 40 -47.62 18.28 15.94
C PHE F 40 -49.10 18.54 15.79
N GLY F 41 -49.50 19.79 15.61
CA GLY F 41 -50.91 20.16 15.36
C GLY F 41 -51.50 19.33 14.23
N PHE F 42 -50.80 19.17 13.11
CA PHE F 42 -51.31 18.46 11.89
C PHE F 42 -51.40 16.94 12.16
N GLN F 43 -50.79 16.45 13.25
CA GLN F 43 -50.83 15.03 13.69
C GLN F 43 -51.86 14.85 14.82
N GLY F 44 -52.52 15.92 15.27
CA GLY F 44 -53.62 15.86 16.25
C GLY F 44 -53.28 16.43 17.62
N SER F 45 -52.11 17.04 17.84
CA SER F 45 -51.78 17.62 19.17
C SER F 45 -52.61 18.88 19.42
N THR F 46 -53.21 19.03 20.59
CA THR F 46 -53.77 20.34 21.07
C THR F 46 -52.83 20.91 22.13
N GLN F 47 -52.01 20.08 22.76
CA GLN F 47 -51.13 20.49 23.89
C GLN F 47 -49.87 21.17 23.34
N LEU F 48 -49.28 20.66 22.27
CA LEU F 48 -48.09 21.28 21.63
C LEU F 48 -48.56 22.18 20.49
N LYS F 49 -47.78 23.22 20.19
CA LYS F 49 -48.16 24.27 19.21
C LYS F 49 -47.11 24.25 18.09
N THR F 50 -47.55 23.99 16.86
CA THR F 50 -46.69 24.02 15.64
C THR F 50 -47.43 24.74 14.53
N PRO F 51 -47.72 26.06 14.69
CA PRO F 51 -48.53 26.78 13.71
C PRO F 51 -47.91 26.85 12.30
N ASN F 52 -46.59 27.04 12.20
CA ASN F 52 -45.91 27.14 10.88
C ASN F 52 -45.96 25.80 10.15
N LEU F 53 -45.72 24.68 10.86
CA LEU F 53 -45.73 23.34 10.22
C LEU F 53 -47.16 22.92 9.93
N ASP F 54 -48.14 23.38 10.73
CA ASP F 54 -49.58 23.11 10.45
C ASP F 54 -49.97 23.77 9.12
N LYS F 55 -49.49 25.00 8.88
CA LYS F 55 -49.73 25.72 7.61
C LYS F 55 -49.03 24.98 6.47
N LEU F 56 -47.80 24.50 6.69
CA LEU F 56 -47.11 23.67 5.67
C LEU F 56 -47.99 22.45 5.31
N ALA F 57 -48.50 21.72 6.31
CA ALA F 57 -49.36 20.53 6.07
C ALA F 57 -50.55 20.93 5.20
N GLN F 58 -51.20 22.06 5.52
CA GLN F 58 -52.41 22.55 4.82
C GLN F 58 -52.06 22.94 3.38
N SER F 59 -50.83 23.38 3.12
CA SER F 59 -50.35 23.84 1.78
C SER F 59 -50.09 22.66 0.83
N GLY F 60 -50.04 21.41 1.31
CA GLY F 60 -49.60 20.28 0.46
C GLY F 60 -50.24 18.96 0.86
N VAL F 61 -49.48 17.87 0.74
CA VAL F 61 -50.00 16.51 1.04
C VAL F 61 -49.39 16.03 2.35
N ARG F 62 -50.23 15.48 3.22
CA ARG F 62 -49.86 14.81 4.49
C ARG F 62 -49.96 13.30 4.26
N PHE F 63 -48.88 12.58 4.54
CA PHE F 63 -48.82 11.11 4.43
C PHE F 63 -49.18 10.53 5.81
N THR F 64 -50.18 9.66 5.83
CA THR F 64 -50.70 9.06 7.09
C THR F 64 -49.85 7.82 7.44
N GLN F 65 -49.10 7.30 6.47
CA GLN F 65 -48.25 6.08 6.62
C GLN F 65 -46.87 6.36 6.01
N GLY F 66 -46.19 7.40 6.51
CA GLY F 66 -44.81 7.73 6.13
C GLY F 66 -43.83 7.03 7.05
N TYR F 67 -42.81 6.37 6.49
CA TYR F 67 -41.84 5.56 7.26
C TYR F 67 -40.40 6.04 7.05
N VAL F 68 -39.60 5.93 8.09
CA VAL F 68 -38.11 5.95 8.01
C VAL F 68 -37.65 4.50 7.75
N SER F 69 -36.39 4.33 7.38
CA SER F 69 -35.77 3.02 7.04
C SER F 69 -35.18 2.36 8.30
N ASP F 70 -35.21 3.03 9.44
CA ASP F 70 -34.79 2.46 10.74
C ASP F 70 -35.35 3.30 11.89
N SER F 71 -35.41 2.70 13.09
CA SER F 71 -35.99 3.31 14.31
C SER F 71 -34.94 4.12 15.09
N THR F 72 -33.74 4.32 14.52
CA THR F 72 -32.65 5.16 15.11
C THR F 72 -32.03 6.04 14.02
N SER F 73 -31.34 7.09 14.46
CA SER F 73 -30.91 8.28 13.68
C SER F 73 -29.95 7.90 12.54
N GLY F 74 -28.83 7.28 12.88
CA GLY F 74 -27.72 7.06 11.92
C GLY F 74 -28.19 6.25 10.71
N PRO F 75 -28.70 5.02 10.93
CA PRO F 75 -29.19 4.18 9.83
C PRO F 75 -30.34 4.82 9.06
N SER F 76 -31.23 5.53 9.77
CA SER F 76 -32.35 6.26 9.14
C SER F 76 -31.78 7.28 8.15
N ARG F 77 -30.80 8.07 8.58
CA ARG F 77 -30.18 9.12 7.75
C ARG F 77 -29.40 8.50 6.59
N ALA F 78 -28.78 7.34 6.80
CA ALA F 78 -28.02 6.62 5.74
C ALA F 78 -28.99 6.20 4.62
N GLY F 79 -30.16 5.68 4.99
CA GLY F 79 -31.25 5.35 4.04
C GLY F 79 -31.74 6.58 3.30
N LEU F 80 -32.08 7.64 4.05
CA LEU F 80 -32.58 8.92 3.47
C LEU F 80 -31.58 9.44 2.44
N MET F 81 -30.30 9.48 2.81
CA MET F 81 -29.26 10.13 1.98
C MET F 81 -28.96 9.31 0.72
N THR F 82 -29.27 8.01 0.69
CA THR F 82 -28.87 7.11 -0.42
C THR F 82 -30.05 6.60 -1.26
N GLY F 83 -31.28 6.69 -0.76
CA GLY F 83 -32.45 6.07 -1.41
C GLY F 83 -32.37 4.55 -1.39
N LYS F 84 -31.56 3.98 -0.49
CA LYS F 84 -31.27 2.53 -0.45
C LYS F 84 -31.51 2.00 0.98
N TYR F 85 -31.95 0.75 1.10
CA TYR F 85 -31.89 0.01 2.38
C TYR F 85 -30.43 0.03 2.86
N GLN F 86 -30.18 0.75 3.94
CA GLN F 86 -28.81 1.03 4.46
C GLN F 86 -28.11 -0.28 4.88
N GLN F 87 -28.86 -1.33 5.19
CA GLN F 87 -28.28 -2.64 5.59
C GLN F 87 -27.56 -3.27 4.36
N ARG F 88 -27.92 -2.85 3.15
CA ARG F 88 -27.29 -3.38 1.92
C ARG F 88 -25.79 -3.00 1.89
N PHE F 89 -25.39 -1.91 2.54
CA PHE F 89 -23.96 -1.49 2.62
C PHE F 89 -23.50 -1.54 4.09
N GLY F 90 -24.16 -2.34 4.93
CA GLY F 90 -23.64 -2.71 6.26
C GLY F 90 -23.92 -1.66 7.32
N TYR F 91 -24.76 -0.67 7.04
CA TYR F 91 -25.05 0.44 8.00
C TYR F 91 -26.31 0.04 8.79
N GLU F 92 -26.21 -0.95 9.64
CA GLU F 92 -27.39 -1.62 10.24
C GLU F 92 -27.63 -1.12 11.65
N GLU F 93 -26.60 -1.09 12.48
CA GLU F 93 -26.67 -0.62 13.89
C GLU F 93 -26.23 0.84 13.92
N ILE F 94 -26.73 1.58 14.91
CA ILE F 94 -26.44 3.04 15.01
C ILE F 94 -24.96 3.26 15.37
N ASN F 95 -24.38 4.25 14.72
CA ASN F 95 -23.02 4.79 15.00
C ASN F 95 -23.11 5.78 16.17
N VAL F 96 -22.79 5.35 17.39
CA VAL F 96 -22.64 6.27 18.56
C VAL F 96 -21.29 6.00 19.20
N PRO F 97 -20.29 6.86 18.92
CA PRO F 97 -18.98 6.74 19.56
C PRO F 97 -19.16 6.59 21.08
N GLY F 98 -18.52 5.60 21.69
CA GLY F 98 -18.62 5.33 23.14
C GLY F 98 -19.68 4.28 23.47
N PHE F 99 -20.58 3.95 22.56
CA PHE F 99 -21.66 2.95 22.77
C PHE F 99 -21.30 1.63 22.05
N MET F 100 -20.16 1.58 21.36
CA MET F 100 -19.83 0.48 20.43
C MET F 100 -19.09 -0.65 21.19
N SER F 101 -19.38 -1.90 20.81
CA SER F 101 -18.69 -3.12 21.30
C SER F 101 -17.16 -2.95 21.15
N GLY F 102 -16.42 -3.40 22.16
CA GLY F 102 -14.94 -3.54 22.08
C GLY F 102 -14.53 -4.42 20.91
N ASN F 103 -15.45 -5.25 20.40
CA ASN F 103 -15.18 -6.17 19.25
C ASN F 103 -15.61 -5.53 17.92
N SER F 104 -16.16 -4.31 17.92
CA SER F 104 -16.71 -3.66 16.69
C SER F 104 -15.60 -3.49 15.64
N ALA F 105 -15.87 -3.80 14.38
CA ALA F 105 -14.93 -3.66 13.24
C ALA F 105 -14.46 -2.19 13.14
N LEU F 106 -15.39 -1.25 13.25
CA LEU F 106 -15.12 0.20 13.17
C LEU F 106 -15.64 0.86 14.45
N LYS F 107 -14.88 1.82 14.95
CA LYS F 107 -15.18 2.59 16.17
C LYS F 107 -14.95 4.07 15.90
N GLY F 108 -15.47 4.91 16.80
CA GLY F 108 -15.22 6.37 16.82
C GLY F 108 -15.42 7.00 15.47
N ALA F 109 -14.41 7.70 14.97
CA ALA F 109 -14.50 8.57 13.79
C ALA F 109 -14.60 7.71 12.51
N ASP F 110 -14.28 6.41 12.57
CA ASP F 110 -14.20 5.53 11.38
C ASP F 110 -15.59 4.99 11.00
N MET F 111 -16.59 5.13 11.88
CA MET F 111 -17.99 4.76 11.55
C MET F 111 -18.54 5.89 10.69
N GLY F 112 -19.04 5.58 9.50
CA GLY F 112 -19.59 6.60 8.59
C GLY F 112 -20.21 5.97 7.36
N LEU F 113 -21.01 6.74 6.63
CA LEU F 113 -21.63 6.30 5.37
C LEU F 113 -20.53 5.83 4.43
N PRO F 114 -20.50 4.54 4.01
CA PRO F 114 -19.43 4.08 3.12
C PRO F 114 -19.25 5.01 1.90
N LEU F 115 -17.98 5.25 1.56
CA LEU F 115 -17.59 6.30 0.59
C LEU F 115 -18.05 5.94 -0.82
N ASP F 116 -18.32 4.67 -1.10
CA ASP F 116 -18.77 4.22 -2.44
C ASP F 116 -20.27 4.52 -2.61
N GLN F 117 -20.97 5.05 -1.61
CA GLN F 117 -22.42 5.37 -1.75
C GLN F 117 -22.58 6.80 -2.28
N LYS F 118 -23.56 6.98 -3.16
CA LYS F 118 -23.91 8.28 -3.79
C LYS F 118 -25.05 8.90 -2.99
N THR F 119 -24.91 10.17 -2.61
CA THR F 119 -25.90 10.86 -1.77
C THR F 119 -26.90 11.67 -2.61
N MET F 120 -28.00 12.06 -1.95
CA MET F 120 -28.98 13.06 -2.41
C MET F 120 -28.23 14.32 -2.90
N GLY F 121 -27.26 14.80 -2.12
CA GLY F 121 -26.39 15.94 -2.48
C GLY F 121 -25.69 15.71 -3.80
N ASP F 122 -25.02 14.57 -3.97
CA ASP F 122 -24.30 14.22 -5.23
C ASP F 122 -25.27 14.28 -6.41
N TYR F 123 -26.44 13.67 -6.31
CA TYR F 123 -27.43 13.56 -7.42
C TYR F 123 -27.96 14.96 -7.80
N LEU F 124 -28.21 15.83 -6.83
CA LEU F 124 -28.73 17.20 -7.11
C LEU F 124 -27.60 18.11 -7.61
N LYS F 125 -26.36 17.94 -7.13
CA LYS F 125 -25.17 18.64 -7.71
C LYS F 125 -25.06 18.31 -9.21
N GLU F 126 -25.27 17.05 -9.61
CA GLU F 126 -25.24 16.59 -11.04
C GLU F 126 -26.28 17.35 -11.84
N GLN F 127 -27.40 17.74 -11.22
CA GLN F 127 -28.52 18.44 -11.90
C GLN F 127 -28.34 19.97 -11.78
N GLY F 128 -27.19 20.44 -11.30
CA GLY F 128 -26.77 21.86 -11.32
C GLY F 128 -27.26 22.63 -10.10
N TYR F 129 -27.63 21.94 -9.02
CA TYR F 129 -28.13 22.57 -7.76
C TYR F 129 -26.95 23.01 -6.91
N LYS F 130 -27.09 24.16 -6.26
CA LYS F 130 -26.35 24.53 -5.03
C LYS F 130 -26.91 23.68 -3.88
N THR F 131 -26.04 23.09 -3.07
CA THR F 131 -26.44 22.11 -2.03
C THR F 131 -25.87 22.55 -0.69
N ALA F 132 -26.69 22.49 0.35
CA ALA F 132 -26.29 22.88 1.72
C ALA F 132 -26.95 21.96 2.74
N VAL F 133 -26.23 21.68 3.81
CA VAL F 133 -26.76 20.97 5.00
C VAL F 133 -26.53 21.84 6.23
N PHE F 134 -27.56 21.99 7.04
CA PHE F 134 -27.53 22.73 8.32
C PHE F 134 -27.95 21.76 9.42
N GLY F 135 -27.16 21.69 10.48
CA GLY F 135 -27.52 20.96 11.70
C GLY F 135 -26.83 19.61 11.76
N LYS F 136 -27.58 18.60 12.18
CA LYS F 136 -27.04 17.28 12.56
C LYS F 136 -26.65 16.49 11.30
N TRP F 137 -25.42 16.00 11.27
CA TRP F 137 -24.94 15.17 10.14
C TRP F 137 -25.12 13.69 10.52
N HIS F 138 -24.30 13.20 11.43
CA HIS F 138 -24.36 11.84 12.02
C HIS F 138 -24.12 10.76 10.95
N LEU F 139 -23.40 11.09 9.87
CA LEU F 139 -23.04 10.11 8.82
C LEU F 139 -21.51 9.93 8.75
N GLY F 140 -20.83 10.20 9.87
CA GLY F 140 -19.40 9.90 10.06
C GLY F 140 -18.65 11.12 10.55
N ASP F 141 -17.73 10.92 11.50
CA ASP F 141 -16.97 12.02 12.16
C ASP F 141 -15.61 12.28 11.48
N ALA F 142 -15.00 11.29 10.85
CA ALA F 142 -13.68 11.49 10.17
C ALA F 142 -13.86 12.48 9.02
N ASP F 143 -12.80 13.19 8.65
CA ASP F 143 -12.78 14.19 7.55
C ASP F 143 -13.35 13.59 6.25
N ARG F 144 -13.05 12.33 5.94
CA ARG F 144 -13.47 11.71 4.67
C ARG F 144 -15.00 11.57 4.59
N PHE F 145 -15.71 11.64 5.73
CA PHE F 145 -17.19 11.48 5.81
C PHE F 145 -17.90 12.83 5.84
N HIS F 146 -17.12 13.91 5.77
CA HIS F 146 -17.63 15.30 5.92
C HIS F 146 -18.64 15.61 4.83
N PRO F 147 -19.73 16.37 5.11
CA PRO F 147 -20.70 16.74 4.09
C PRO F 147 -20.10 17.35 2.80
N LEU F 148 -19.03 18.12 2.93
CA LEU F 148 -18.39 18.79 1.75
C LEU F 148 -17.65 17.77 0.89
N LYS F 149 -17.47 16.52 1.35
CA LYS F 149 -16.97 15.41 0.49
C LYS F 149 -18.14 14.59 -0.05
N ARG F 150 -19.38 14.84 0.40
CA ARG F 150 -20.53 13.95 0.11
C ARG F 150 -21.62 14.71 -0.64
N GLY F 151 -21.24 15.72 -1.42
CA GLY F 151 -22.13 16.39 -2.39
C GLY F 151 -22.76 17.66 -1.88
N PHE F 152 -22.30 18.20 -0.75
CA PHE F 152 -22.77 19.48 -0.16
C PHE F 152 -21.70 20.56 -0.38
N ASP F 153 -22.11 21.72 -0.91
CA ASP F 153 -21.23 22.92 -1.09
C ASP F 153 -21.03 23.58 0.27
N THR F 154 -22.09 23.62 1.10
CA THR F 154 -22.12 24.44 2.33
C THR F 154 -22.60 23.59 3.51
N PHE F 155 -22.03 23.84 4.67
CA PHE F 155 -22.35 23.17 5.95
C PHE F 155 -22.31 24.20 7.07
N LEU F 156 -23.34 24.24 7.91
CA LEU F 156 -23.20 24.78 9.28
C LEU F 156 -23.93 23.80 10.19
N GLY F 157 -23.18 23.05 10.99
CA GLY F 157 -23.78 22.03 11.86
C GLY F 157 -22.72 21.28 12.61
N PHE F 158 -23.03 20.05 13.01
CA PHE F 158 -22.11 19.24 13.83
C PHE F 158 -22.07 17.84 13.22
N ARG F 159 -20.89 17.23 13.24
CA ARG F 159 -20.65 15.93 12.60
C ARG F 159 -21.42 14.82 13.33
N GLY F 160 -21.57 14.93 14.64
CA GLY F 160 -22.02 13.83 15.51
C GLY F 160 -23.54 13.72 15.63
N GLY F 161 -24.01 13.18 16.74
CA GLY F 161 -25.41 12.72 16.89
C GLY F 161 -26.23 13.53 17.89
N ASP F 162 -25.60 14.28 18.77
CA ASP F 162 -26.34 15.12 19.74
C ASP F 162 -25.37 16.19 20.30
N ARG F 163 -25.93 17.33 20.71
CA ARG F 163 -25.16 18.42 21.31
C ARG F 163 -26.10 19.40 22.02
N SER F 164 -25.50 20.29 22.81
CA SER F 164 -26.21 21.37 23.53
C SER F 164 -26.85 22.33 22.53
N TYR F 165 -28.03 22.85 22.89
CA TYR F 165 -28.73 23.92 22.13
C TYR F 165 -28.06 25.28 22.37
N PHE F 166 -27.13 25.37 23.32
CA PHE F 166 -26.36 26.62 23.58
C PHE F 166 -24.87 26.35 23.40
N ASN F 167 -24.10 27.43 23.36
CA ASN F 167 -22.62 27.40 23.19
C ASN F 167 -21.99 26.61 24.34
N TYR F 168 -20.99 25.79 23.99
CA TYR F 168 -20.02 25.18 24.93
C TYR F 168 -19.03 26.26 25.32
N SER F 169 -18.63 26.31 26.59
CA SER F 169 -17.53 27.18 27.11
C SER F 169 -16.19 26.65 26.60
N GLU F 170 -15.12 27.47 26.68
CA GLU F 170 -13.72 27.06 26.39
C GLU F 170 -13.37 25.82 27.22
N GLN F 171 -13.75 25.80 28.51
CA GLN F 171 -13.43 24.71 29.46
C GLN F 171 -14.13 23.41 29.03
N GLU F 172 -15.39 23.48 28.60
CA GLU F 172 -16.16 22.28 28.17
C GLU F 172 -15.50 21.69 26.92
N MET F 173 -15.04 22.53 25.98
CA MET F 173 -14.47 22.06 24.69
C MET F 173 -13.05 21.50 24.93
N LYS F 174 -12.25 22.14 25.79
CA LYS F 174 -10.89 21.68 26.18
C LYS F 174 -10.98 20.34 26.94
N ASN F 175 -12.04 20.10 27.72
CA ASN F 175 -12.08 18.98 28.71
C ASN F 175 -12.99 17.84 28.21
N GLY F 176 -13.50 17.90 26.99
CA GLY F 176 -14.37 16.82 26.46
C GLY F 176 -13.61 15.52 26.30
N ASN F 177 -14.27 14.36 26.37
CA ASN F 177 -13.64 13.04 26.07
C ASN F 177 -13.24 13.04 24.58
N LYS F 178 -12.61 11.96 24.11
CA LYS F 178 -12.00 11.89 22.75
C LYS F 178 -13.08 11.91 21.65
N HIS F 179 -14.35 11.67 21.98
CA HIS F 179 -15.48 11.65 21.00
C HIS F 179 -16.21 13.00 20.96
N PHE F 180 -15.96 13.87 21.96
CA PHE F 180 -16.68 15.15 22.17
C PHE F 180 -16.54 16.09 20.96
N PHE F 181 -15.43 16.04 20.22
CA PHE F 181 -15.14 16.98 19.10
C PHE F 181 -16.27 16.97 18.07
N ASP F 182 -17.01 15.85 17.94
CA ASP F 182 -18.06 15.72 16.90
C ASP F 182 -19.29 16.55 17.28
N LYS F 183 -19.32 17.12 18.49
CA LYS F 183 -20.46 17.97 18.96
C LYS F 183 -20.21 19.44 18.59
N LYS F 184 -19.00 19.81 18.16
CA LYS F 184 -18.63 21.24 17.95
C LYS F 184 -19.31 21.77 16.71
N LEU F 185 -19.93 22.95 16.79
CA LEU F 185 -20.60 23.59 15.63
C LEU F 185 -19.51 24.08 14.67
N GLU F 186 -19.71 23.80 13.39
CA GLU F 186 -18.67 23.84 12.34
C GLU F 186 -19.24 24.50 11.09
N ARG F 187 -18.49 25.44 10.53
CA ARG F 187 -18.84 26.09 9.24
C ARG F 187 -17.96 25.45 8.15
N ASP F 188 -18.59 24.93 7.10
CA ASP F 188 -17.89 24.28 5.97
C ASP F 188 -16.89 23.28 6.57
N PHE F 189 -15.62 23.30 6.15
CA PHE F 189 -14.63 22.23 6.45
C PHE F 189 -13.70 22.70 7.57
N GLY F 190 -14.10 22.43 8.82
CA GLY F 190 -13.23 22.59 10.01
C GLY F 190 -13.15 24.02 10.55
N ASN F 191 -14.06 24.92 10.19
CA ASN F 191 -14.11 26.30 10.76
C ASN F 191 -15.05 26.28 11.97
N TYR F 192 -14.53 26.08 13.17
CA TYR F 192 -15.34 25.83 14.38
C TYR F 192 -15.77 27.17 14.96
N GLU F 193 -17.05 27.30 15.29
CA GLU F 193 -17.66 28.53 15.84
C GLU F 193 -18.95 28.13 16.57
N GLU F 194 -18.99 28.31 17.89
CA GLU F 194 -20.15 27.92 18.73
C GLU F 194 -21.34 28.81 18.40
N PRO F 195 -22.58 28.33 18.60
CA PRO F 195 -23.76 29.13 18.27
C PRO F 195 -23.86 30.36 19.20
N LYS F 196 -24.22 31.51 18.63
CA LYS F 196 -24.33 32.81 19.34
C LYS F 196 -25.70 32.96 19.98
N GLU F 197 -26.62 32.05 19.66
CA GLU F 197 -28.00 32.03 20.22
C GLU F 197 -28.48 30.58 20.25
N TYR F 198 -29.69 30.35 20.75
CA TYR F 198 -30.38 29.04 20.75
C TYR F 198 -30.16 28.36 19.41
N LEU F 199 -29.64 27.13 19.43
CA LEU F 199 -29.15 26.44 18.21
C LEU F 199 -30.28 26.31 17.19
N THR F 200 -31.50 25.98 17.60
CA THR F 200 -32.63 25.79 16.67
C THR F 200 -32.83 27.08 15.86
N ASP F 201 -32.80 28.24 16.52
CA ASP F 201 -32.92 29.56 15.82
C ASP F 201 -31.71 29.75 14.88
N VAL F 202 -30.51 29.38 15.30
CA VAL F 202 -29.30 29.58 14.45
C VAL F 202 -29.49 28.80 13.15
N LEU F 203 -29.92 27.54 13.24
CA LEU F 203 -30.00 26.66 12.04
C LEU F 203 -31.05 27.19 11.07
N GLY F 204 -32.23 27.57 11.56
CA GLY F 204 -33.31 28.12 10.73
C GLY F 204 -32.90 29.42 10.06
N LYS F 205 -32.27 30.34 10.79
CA LYS F 205 -31.80 31.65 10.23
C LYS F 205 -30.70 31.40 9.20
N GLU F 206 -29.82 30.45 9.42
CA GLU F 206 -28.70 30.20 8.45
C GLU F 206 -29.31 29.62 7.16
N ALA F 207 -30.27 28.70 7.27
CA ALA F 207 -31.01 28.17 6.10
C ALA F 207 -31.69 29.30 5.34
N ALA F 208 -32.36 30.22 6.04
CA ALA F 208 -33.06 31.38 5.43
C ALA F 208 -32.04 32.30 4.72
N LYS F 209 -30.89 32.58 5.32
CA LYS F 209 -29.80 33.37 4.68
C LYS F 209 -29.32 32.68 3.39
N TYR F 210 -29.21 31.35 3.40
CA TYR F 210 -28.74 30.56 2.24
C TYR F 210 -29.75 30.74 1.10
N ILE F 211 -31.04 30.69 1.40
CA ILE F 211 -32.11 30.90 0.39
C ILE F 211 -31.93 32.30 -0.22
N GLU F 212 -31.80 33.31 0.63
CA GLU F 212 -31.59 34.73 0.22
C GLU F 212 -30.40 34.80 -0.74
N GLN F 213 -29.25 34.24 -0.35
CA GLN F 213 -27.98 34.31 -1.12
C GLN F 213 -28.12 33.58 -2.47
N ASN F 214 -28.98 32.56 -2.57
CA ASN F 214 -29.00 31.64 -3.74
C ASN F 214 -30.37 31.70 -4.43
N LYS F 215 -31.13 32.77 -4.22
CA LYS F 215 -32.56 32.89 -4.64
C LYS F 215 -32.73 32.83 -6.16
N ASP F 216 -31.69 33.14 -6.96
CA ASP F 216 -31.82 33.23 -8.44
C ASP F 216 -31.43 31.91 -9.13
N GLU F 217 -31.05 30.87 -8.38
CA GLU F 217 -30.62 29.57 -8.97
C GLU F 217 -31.23 28.42 -8.16
N PRO F 218 -31.37 27.22 -8.76
CA PRO F 218 -31.87 26.06 -8.04
C PRO F 218 -30.96 25.70 -6.86
N PHE F 219 -31.56 25.48 -5.71
CA PHE F 219 -30.83 25.07 -4.48
C PHE F 219 -31.58 23.94 -3.80
N PHE F 220 -30.79 23.15 -3.08
CA PHE F 220 -31.22 22.04 -2.20
C PHE F 220 -30.70 22.35 -0.80
N ILE F 221 -31.62 22.44 0.16
CA ILE F 221 -31.26 22.61 1.59
C ILE F 221 -31.75 21.38 2.37
N TYR F 222 -30.81 20.73 3.05
CA TYR F 222 -31.08 19.66 4.04
C TYR F 222 -30.94 20.31 5.42
N LEU F 223 -32.08 20.63 6.02
CA LEU F 223 -32.13 21.30 7.35
C LEU F 223 -32.43 20.21 8.37
N ALA F 224 -31.36 19.71 8.99
CA ALA F 224 -31.39 18.59 9.95
C ALA F 224 -31.33 19.16 11.36
N PHE F 225 -32.48 19.56 11.92
CA PHE F 225 -32.53 20.10 13.30
C PHE F 225 -32.09 19.01 14.28
N ASN F 226 -31.41 19.40 15.36
CA ASN F 226 -31.22 18.47 16.50
C ASN F 226 -32.51 18.48 17.34
N ALA F 227 -33.35 19.52 17.28
CA ALA F 227 -34.68 19.54 17.94
C ALA F 227 -35.46 18.33 17.42
N VAL F 228 -36.10 17.53 18.29
CA VAL F 228 -36.29 17.76 19.72
C VAL F 228 -35.57 16.69 20.54
N HIS F 229 -34.33 16.37 20.13
CA HIS F 229 -33.42 15.45 20.83
C HIS F 229 -32.96 16.07 22.15
N THR F 230 -32.68 15.22 23.14
CA THR F 230 -31.94 15.61 24.38
C THR F 230 -30.63 16.26 23.96
N PRO F 231 -30.05 17.17 24.78
CA PRO F 231 -30.60 17.56 26.08
C PRO F 231 -31.81 18.51 25.99
N LEU F 232 -32.67 18.48 26.99
CA LEU F 232 -33.94 19.24 27.03
C LEU F 232 -33.63 20.69 27.43
N GLU F 233 -33.20 21.47 26.48
CA GLU F 233 -32.78 22.89 26.66
C GLU F 233 -33.63 23.71 25.73
N SER F 234 -34.14 24.83 26.24
CA SER F 234 -35.12 25.67 25.51
C SER F 234 -34.75 27.14 25.67
N ASP F 235 -35.27 27.94 24.74
CA ASP F 235 -35.31 29.42 24.85
C ASP F 235 -36.22 29.73 26.02
N PRO F 236 -35.77 30.48 27.05
CA PRO F 236 -36.64 30.82 28.18
C PRO F 236 -37.98 31.45 27.77
N LYS F 237 -38.00 32.24 26.69
CA LYS F 237 -39.25 32.88 26.20
C LYS F 237 -40.24 31.82 25.70
N ASP F 238 -39.75 30.70 25.17
CA ASP F 238 -40.61 29.57 24.75
C ASP F 238 -41.11 28.80 25.99
N LEU F 239 -40.24 28.59 26.98
CA LEU F 239 -40.63 27.91 28.26
C LEU F 239 -41.80 28.67 28.90
N ALA F 240 -41.76 29.99 28.84
CA ALA F 240 -42.70 30.91 29.50
C ALA F 240 -44.08 30.87 28.83
N LYS F 241 -44.19 30.29 27.63
CA LYS F 241 -45.49 30.13 26.93
C LYS F 241 -46.23 28.88 27.44
N PHE F 242 -45.64 28.05 28.30
CA PHE F 242 -46.24 26.77 28.77
C PHE F 242 -46.26 26.71 30.29
N PRO F 243 -46.82 27.73 30.99
CA PRO F 243 -46.76 27.80 32.45
C PRO F 243 -47.48 26.65 33.15
N ASN F 244 -48.51 26.04 32.53
CA ASN F 244 -49.32 24.96 33.18
C ASN F 244 -48.78 23.59 32.77
N LEU F 245 -47.69 23.47 32.00
CA LEU F 245 -46.98 22.17 31.82
C LEU F 245 -45.81 22.10 32.79
N THR F 246 -45.39 20.88 33.13
CA THR F 246 -44.31 20.62 34.11
C THR F 246 -43.28 19.64 33.52
N GLY F 247 -42.06 19.72 34.04
CA GLY F 247 -40.97 18.76 33.81
C GLY F 247 -40.62 18.67 32.34
N LYS F 248 -40.35 17.45 31.90
CA LYS F 248 -39.79 17.17 30.55
C LYS F 248 -40.82 17.58 29.48
N ARG F 249 -42.12 17.38 29.73
CA ARG F 249 -43.19 17.75 28.76
C ARG F 249 -43.18 19.25 28.51
N LYS F 250 -42.98 20.08 29.55
CA LYS F 250 -42.87 21.55 29.40
C LYS F 250 -41.68 21.91 28.48
N GLU F 251 -40.53 21.27 28.69
CA GLU F 251 -39.30 21.50 27.89
C GLU F 251 -39.57 21.08 26.44
N LEU F 252 -40.23 19.94 26.24
CA LEU F 252 -40.54 19.46 24.86
C LEU F 252 -41.45 20.47 24.16
N ALA F 253 -42.47 20.97 24.84
CA ALA F 253 -43.40 22.00 24.32
C ALA F 253 -42.61 23.21 23.82
N ALA F 254 -41.69 23.71 24.65
CA ALA F 254 -40.86 24.89 24.31
C ALA F 254 -39.94 24.55 23.12
N MET F 255 -39.32 23.38 23.14
CA MET F 255 -38.37 22.95 22.08
C MET F 255 -39.12 22.80 20.76
N THR F 256 -40.35 22.27 20.82
CA THR F 256 -41.23 22.06 19.65
C THR F 256 -41.66 23.42 19.08
N LEU F 257 -42.02 24.37 19.95
CA LEU F 257 -42.33 25.76 19.51
C LEU F 257 -41.14 26.36 18.79
N GLY F 258 -39.92 26.15 19.29
CA GLY F 258 -38.67 26.60 18.67
C GLY F 258 -38.46 25.97 17.30
N LEU F 259 -38.62 24.65 17.21
CA LEU F 259 -38.53 23.88 15.94
C LEU F 259 -39.49 24.50 14.91
N ASP F 260 -40.72 24.75 15.33
CA ASP F 260 -41.79 25.29 14.46
C ASP F 260 -41.43 26.70 14.02
N ARG F 261 -40.93 27.53 14.92
CA ARG F 261 -40.55 28.95 14.62
C ARG F 261 -39.37 28.96 13.62
N ALA F 262 -38.35 28.12 13.84
CA ALA F 262 -37.14 28.08 12.99
C ALA F 262 -37.53 27.56 11.60
N SER F 263 -38.41 26.56 11.53
CA SER F 263 -39.01 26.07 10.26
C SER F 263 -39.71 27.25 9.57
N GLY F 264 -40.45 28.03 10.35
CA GLY F 264 -41.12 29.28 9.89
C GLY F 264 -40.15 30.27 9.24
N TYR F 265 -38.94 30.47 9.75
CA TYR F 265 -37.96 31.40 9.11
C TYR F 265 -37.74 30.98 7.66
N VAL F 266 -37.61 29.67 7.43
CA VAL F 266 -37.32 29.10 6.09
C VAL F 266 -38.55 29.25 5.20
N LEU F 267 -39.71 28.79 5.68
CA LEU F 267 -40.98 28.84 4.91
C LEU F 267 -41.33 30.30 4.59
N ASP F 268 -41.13 31.21 5.54
CA ASP F 268 -41.45 32.67 5.37
C ASP F 268 -40.47 33.29 4.36
N LYS F 269 -39.21 32.88 4.34
CA LYS F 269 -38.23 33.41 3.34
C LYS F 269 -38.64 32.96 1.92
N LEU F 270 -39.02 31.70 1.74
CA LEU F 270 -39.52 31.20 0.42
C LEU F 270 -40.73 32.04 -0.03
N LYS F 271 -41.68 32.28 0.86
CA LYS F 271 -42.93 33.05 0.58
C LYS F 271 -42.56 34.48 0.18
N GLU F 272 -41.73 35.15 0.99
CA GLU F 272 -41.32 36.57 0.84
C GLU F 272 -40.61 36.79 -0.51
N LEU F 273 -39.81 35.81 -0.96
CA LEU F 273 -39.03 35.95 -2.22
C LEU F 273 -39.82 35.41 -3.41
N GLY F 274 -41.04 34.92 -3.22
CA GLY F 274 -41.86 34.33 -4.31
C GLY F 274 -41.20 33.08 -4.90
N LEU F 275 -40.66 32.23 -4.02
CA LEU F 275 -39.99 30.96 -4.40
C LEU F 275 -40.84 29.73 -4.02
N ASP F 276 -41.84 29.87 -3.16
CA ASP F 276 -42.49 28.68 -2.55
C ASP F 276 -43.33 27.94 -3.60
N ASP F 277 -43.87 28.61 -4.62
CA ASP F 277 -44.73 27.94 -5.63
C ASP F 277 -43.93 26.83 -6.30
N ASN F 278 -42.67 27.08 -6.65
CA ASN F 278 -41.81 26.10 -7.34
C ASN F 278 -40.67 25.65 -6.40
N THR F 279 -40.99 25.44 -5.12
CA THR F 279 -40.10 24.75 -4.15
C THR F 279 -40.81 23.51 -3.65
N ILE F 280 -40.10 22.37 -3.63
CA ILE F 280 -40.56 21.16 -2.92
C ILE F 280 -40.10 21.31 -1.48
N VAL F 281 -41.04 21.42 -0.56
CA VAL F 281 -40.73 21.40 0.90
C VAL F 281 -41.19 20.05 1.44
N VAL F 282 -40.27 19.35 2.10
CA VAL F 282 -40.57 18.10 2.82
C VAL F 282 -40.33 18.39 4.30
N PHE F 283 -41.28 17.96 5.13
CA PHE F 283 -41.06 17.85 6.59
C PHE F 283 -41.18 16.41 7.01
N SER F 284 -40.14 15.89 7.66
CA SER F 284 -40.22 14.57 8.33
C SER F 284 -39.31 14.55 9.56
N ASN F 285 -39.04 13.35 10.06
CA ASN F 285 -38.49 13.07 11.41
C ASN F 285 -37.63 11.82 11.28
N ASP F 286 -36.48 11.74 11.95
CA ASP F 286 -35.45 10.70 11.70
C ASP F 286 -35.89 9.35 12.28
N ASN F 287 -36.72 9.35 13.33
CA ASN F 287 -37.19 8.12 13.99
C ASN F 287 -38.33 8.50 14.95
N GLY F 288 -39.05 7.51 15.46
CA GLY F 288 -40.16 7.70 16.41
C GLY F 288 -39.67 8.34 17.71
N GLY F 289 -40.60 8.87 18.51
CA GLY F 289 -40.26 9.62 19.73
C GLY F 289 -39.72 8.70 20.82
N PRO F 290 -38.60 9.04 21.49
CA PRO F 290 -38.15 8.32 22.69
C PRO F 290 -38.93 8.83 23.89
N SER F 291 -40.10 8.23 24.13
CA SER F 291 -41.11 8.73 25.10
C SER F 291 -40.49 8.86 26.51
N ASP F 292 -39.50 8.03 26.85
CA ASP F 292 -38.86 8.00 28.20
C ASP F 292 -37.79 9.10 28.33
N LYS F 293 -37.33 9.70 27.23
CA LYS F 293 -36.19 10.66 27.25
C LYS F 293 -36.68 12.10 27.10
N ASN F 294 -37.58 12.39 26.17
CA ASN F 294 -37.92 13.80 25.84
C ASN F 294 -39.43 14.02 25.96
N ALA F 295 -40.14 13.11 26.60
CA ALA F 295 -41.61 13.16 26.88
C ALA F 295 -42.40 13.18 25.56
N SER F 296 -41.80 12.74 24.45
CA SER F 296 -42.48 12.65 23.15
C SER F 296 -43.64 11.65 23.27
N ASN F 297 -44.69 11.86 22.50
CA ASN F 297 -45.93 11.04 22.52
C ASN F 297 -46.19 10.59 21.08
N ASN F 298 -46.24 9.28 20.85
CA ASN F 298 -46.38 8.69 19.50
C ASN F 298 -47.83 8.34 19.21
N ALA F 299 -48.80 8.94 19.89
CA ALA F 299 -50.24 8.64 19.68
C ALA F 299 -50.59 8.75 18.20
N PRO F 300 -51.40 7.85 17.62
CA PRO F 300 -52.03 6.74 18.35
C PRO F 300 -51.23 5.42 18.39
N LEU F 301 -49.91 5.47 18.17
CA LEU F 301 -49.07 4.27 17.92
C LEU F 301 -48.52 3.70 19.23
N ALA F 302 -48.26 2.40 19.20
CA ALA F 302 -47.48 1.71 20.27
C ALA F 302 -46.00 1.86 19.96
N GLY F 303 -45.16 1.83 20.97
CA GLY F 303 -43.69 1.80 20.80
C GLY F 303 -43.08 3.19 20.64
N THR F 304 -41.78 3.21 20.29
CA THR F 304 -40.90 4.37 20.44
C THR F 304 -39.70 4.20 19.51
N LYS F 305 -38.86 5.22 19.49
CA LYS F 305 -37.45 5.13 19.07
C LYS F 305 -36.86 3.76 19.46
N SER F 306 -36.11 3.17 18.51
CA SER F 306 -35.21 1.99 18.69
C SER F 306 -36.00 0.71 18.81
N ASN F 307 -37.32 0.71 18.60
CA ASN F 307 -38.08 -0.54 18.34
C ASN F 307 -38.85 -0.39 17.02
N GLN F 308 -39.37 -1.50 16.48
CA GLN F 308 -39.93 -1.55 15.10
C GLN F 308 -41.45 -1.70 15.14
N LEU F 309 -42.06 -1.47 16.29
CA LEU F 309 -43.50 -1.10 16.37
C LEU F 309 -43.69 0.21 15.58
N GLU F 310 -44.92 0.50 15.17
CA GLU F 310 -45.23 1.68 14.31
C GLU F 310 -44.65 2.94 14.97
N GLY F 311 -44.67 3.00 16.31
CA GLY F 311 -44.19 4.15 17.10
C GLY F 311 -42.73 4.48 16.85
N GLY F 312 -41.93 3.50 16.38
CA GLY F 312 -40.51 3.73 16.10
C GLY F 312 -40.22 4.06 14.65
N ILE F 313 -41.05 3.59 13.70
CA ILE F 313 -40.68 3.62 12.26
C ILE F 313 -41.64 4.52 11.48
N ARG F 314 -42.87 4.75 11.95
CA ARG F 314 -43.84 5.65 11.28
C ARG F 314 -43.61 7.07 11.80
N VAL F 315 -43.50 8.05 10.89
CA VAL F 315 -43.11 9.43 11.26
C VAL F 315 -44.04 10.41 10.58
N PRO F 316 -44.16 11.64 11.14
CA PRO F 316 -44.81 12.74 10.44
C PRO F 316 -44.07 12.93 9.12
N PHE F 317 -44.81 13.20 8.05
CA PHE F 317 -44.30 13.18 6.66
C PHE F 317 -45.19 14.08 5.82
N LEU F 318 -44.68 15.25 5.43
CA LEU F 318 -45.38 16.26 4.61
C LEU F 318 -44.58 16.53 3.34
N ILE F 319 -45.26 16.68 2.20
CA ILE F 319 -44.65 17.27 0.98
C ILE F 319 -45.56 18.40 0.47
N SER F 320 -44.98 19.57 0.26
CA SER F 320 -45.66 20.72 -0.37
C SER F 320 -44.91 21.11 -1.65
N TRP F 321 -45.66 21.29 -2.72
CA TRP F 321 -45.17 21.78 -4.04
C TRP F 321 -46.34 22.40 -4.78
N PRO F 322 -46.67 23.68 -4.47
CA PRO F 322 -47.93 24.28 -4.92
C PRO F 322 -48.22 24.18 -6.42
N LYS F 323 -47.20 24.19 -7.27
CA LYS F 323 -47.39 24.04 -8.74
C LYS F 323 -47.96 22.66 -9.11
N HIS F 324 -47.81 21.62 -8.28
CA HIS F 324 -48.14 20.23 -8.69
C HIS F 324 -48.92 19.44 -7.64
N ILE F 325 -48.97 19.89 -6.39
CA ILE F 325 -49.66 19.09 -5.34
C ILE F 325 -50.76 19.93 -4.75
N LYS F 326 -51.98 19.39 -4.75
CA LYS F 326 -53.22 20.03 -4.25
C LYS F 326 -53.06 20.30 -2.75
N PRO F 327 -53.46 21.49 -2.24
CA PRO F 327 -53.36 21.77 -0.82
C PRO F 327 -54.43 21.00 -0.05
N GLY F 328 -54.17 20.69 1.23
CA GLY F 328 -55.13 20.02 2.13
C GLY F 328 -55.36 18.56 1.75
N SER F 329 -54.44 17.96 1.01
CA SER F 329 -54.61 16.56 0.51
C SER F 329 -53.93 15.58 1.47
N THR F 330 -54.35 14.32 1.41
CA THR F 330 -53.74 13.21 2.17
C THR F 330 -53.43 12.07 1.19
N TYR F 331 -52.37 11.34 1.48
CA TYR F 331 -52.00 10.09 0.78
C TYR F 331 -51.87 8.98 1.81
N ASP F 332 -52.53 7.84 1.61
CA ASP F 332 -52.78 6.85 2.68
C ASP F 332 -52.05 5.52 2.45
N TYR F 333 -51.37 5.31 1.32
CA TYR F 333 -50.53 4.09 1.15
C TYR F 333 -49.16 4.34 1.79
N PRO F 334 -48.45 3.29 2.27
CA PRO F 334 -47.12 3.47 2.84
C PRO F 334 -46.12 4.10 1.87
N VAL F 335 -45.34 5.05 2.38
CA VAL F 335 -44.20 5.68 1.67
C VAL F 335 -43.02 5.68 2.62
N SER F 336 -41.84 5.94 2.09
CA SER F 336 -40.55 5.83 2.82
C SER F 336 -39.72 7.08 2.56
N THR F 337 -38.89 7.44 3.52
CA THR F 337 -37.78 8.40 3.31
C THR F 337 -36.90 7.90 2.16
N LEU F 338 -36.85 6.58 1.92
CA LEU F 338 -36.07 6.00 0.78
C LEU F 338 -36.59 6.56 -0.55
N ASP F 339 -37.83 7.02 -0.59
CA ASP F 339 -38.49 7.56 -1.82
C ASP F 339 -38.03 8.98 -2.11
N LEU F 340 -37.41 9.68 -1.13
CA LEU F 340 -37.17 11.14 -1.30
C LEU F 340 -36.07 11.37 -2.34
N LEU F 341 -34.98 10.60 -2.35
CA LEU F 341 -33.91 10.78 -3.36
C LEU F 341 -34.49 10.67 -4.79
N PRO F 342 -35.15 9.57 -5.19
CA PRO F 342 -35.70 9.47 -6.56
C PRO F 342 -36.79 10.51 -6.86
N THR F 343 -37.59 10.90 -5.86
CA THR F 343 -38.62 11.96 -5.99
C THR F 343 -37.92 13.29 -6.33
N PHE F 344 -36.92 13.66 -5.54
CA PHE F 344 -36.12 14.89 -5.75
C PHE F 344 -35.44 14.86 -7.10
N TYR F 345 -34.80 13.74 -7.42
CA TYR F 345 -33.95 13.62 -8.63
C TYR F 345 -34.85 13.74 -9.88
N SER F 346 -36.02 13.12 -9.90
CA SER F 346 -37.00 13.21 -11.01
C SER F 346 -37.44 14.67 -11.18
N ALA F 347 -37.78 15.35 -10.09
CA ALA F 347 -38.23 16.77 -10.09
C ALA F 347 -37.10 17.66 -10.62
N ALA F 348 -35.84 17.31 -10.34
CA ALA F 348 -34.63 18.01 -10.83
C ALA F 348 -34.28 17.63 -12.29
N LYS F 349 -35.15 16.88 -12.97
CA LYS F 349 -35.05 16.51 -14.42
C LYS F 349 -33.97 15.44 -14.60
N GLY F 350 -33.63 14.69 -13.55
CA GLY F 350 -32.65 13.58 -13.62
C GLY F 350 -33.19 12.43 -14.44
N LYS F 351 -32.36 11.85 -15.31
CA LYS F 351 -32.73 10.74 -16.22
C LYS F 351 -31.77 9.55 -16.06
N ALA F 352 -30.85 9.58 -15.09
CA ALA F 352 -29.83 8.53 -14.86
C ALA F 352 -29.82 8.09 -13.38
N LEU F 353 -31.00 7.70 -12.87
CA LEU F 353 -31.15 7.16 -11.48
C LEU F 353 -30.48 5.79 -11.37
N SER F 355 -29.74 1.91 -10.73
CA SER F 355 -30.56 0.65 -10.74
C SER F 355 -30.63 0.05 -9.32
N ASP F 356 -29.75 0.48 -8.41
CA ASP F 356 -29.65 -0.05 -7.03
C ASP F 356 -30.52 0.77 -6.06
N ILE F 357 -31.37 1.70 -6.54
CA ILE F 357 -32.21 2.57 -5.67
C ILE F 357 -33.46 1.78 -5.26
N ASP F 358 -33.81 1.82 -3.98
CA ASP F 358 -34.95 1.07 -3.39
C ASP F 358 -36.18 1.97 -3.32
N GLY F 359 -36.00 3.29 -3.22
CA GLY F 359 -37.12 4.23 -3.24
C GLY F 359 -37.72 4.37 -4.63
N VAL F 360 -38.92 4.92 -4.72
CA VAL F 360 -39.59 5.25 -6.01
C VAL F 360 -39.93 6.75 -6.01
N ASP F 361 -40.06 7.32 -7.20
CA ASP F 361 -40.56 8.69 -7.42
C ASP F 361 -42.03 8.73 -7.00
N LEU F 362 -42.37 9.53 -5.99
CA LEU F 362 -43.73 9.57 -5.42
C LEU F 362 -44.69 10.43 -6.25
N LEU F 363 -44.21 11.30 -7.12
CA LEU F 363 -45.10 12.33 -7.73
C LEU F 363 -46.25 11.67 -8.51
N PRO F 364 -46.01 10.65 -9.36
CA PRO F 364 -47.12 9.98 -10.06
C PRO F 364 -48.16 9.36 -9.11
N TYR F 365 -47.73 8.88 -7.94
CA TYR F 365 -48.61 8.28 -6.92
C TYR F 365 -49.43 9.40 -6.28
N ILE F 366 -48.76 10.47 -5.85
CA ILE F 366 -49.43 11.64 -5.21
C ILE F 366 -50.49 12.19 -6.17
N GLN F 367 -50.16 12.29 -7.47
CA GLN F 367 -51.04 12.92 -8.50
C GLN F 367 -52.14 11.96 -8.95
N GLY F 368 -52.09 10.68 -8.56
CA GLY F 368 -53.11 9.67 -8.94
C GLY F 368 -52.90 9.14 -10.35
N GLU F 369 -51.74 9.39 -10.99
CA GLU F 369 -51.38 8.75 -12.29
C GLU F 369 -51.13 7.25 -12.05
N ASN F 370 -50.54 6.90 -10.90
CA ASN F 370 -50.25 5.50 -10.51
C ASN F 370 -51.06 5.22 -9.25
N THR F 371 -52.07 4.34 -9.36
CA THR F 371 -53.04 4.06 -8.26
C THR F 371 -52.57 2.85 -7.45
N ALA F 372 -51.47 2.21 -7.81
CA ALA F 372 -50.87 1.09 -7.05
C ALA F 372 -50.15 1.62 -5.81
N ARG F 373 -49.78 0.72 -4.91
CA ARG F 373 -48.93 1.01 -3.75
C ARG F 373 -47.52 1.32 -4.22
N PRO F 374 -46.90 2.42 -3.73
CA PRO F 374 -45.48 2.66 -4.00
C PRO F 374 -44.60 1.49 -3.54
N HIS F 375 -44.97 0.83 -2.44
CA HIS F 375 -44.25 -0.29 -1.80
C HIS F 375 -45.24 -1.35 -1.32
N LYS F 376 -45.42 -2.41 -2.08
CA LYS F 376 -46.17 -3.61 -1.63
C LYS F 376 -45.44 -4.23 -0.42
N VAL F 377 -44.13 -4.38 -0.51
CA VAL F 377 -43.29 -5.06 0.52
C VAL F 377 -42.27 -4.06 1.06
N MET F 378 -42.19 -3.94 2.39
CA MET F 378 -41.23 -3.05 3.09
C MET F 378 -40.56 -3.86 4.19
N TYR F 379 -39.32 -3.48 4.52
CA TYR F 379 -38.44 -4.23 5.44
C TYR F 379 -37.82 -3.30 6.47
N TRP F 380 -37.61 -3.83 7.66
CA TRP F 380 -36.79 -3.20 8.71
C TRP F 380 -35.94 -4.28 9.35
N LYS F 381 -34.74 -3.92 9.81
CA LYS F 381 -33.86 -4.89 10.47
C LYS F 381 -32.81 -4.17 11.32
N LYS F 382 -32.63 -4.67 12.54
CA LYS F 382 -31.48 -4.44 13.44
C LYS F 382 -31.20 -5.79 14.11
N GLU F 383 -30.13 -6.48 13.67
CA GLU F 383 -29.69 -7.77 14.26
C GLU F 383 -30.86 -8.76 14.12
N ASN F 384 -31.36 -9.32 15.23
CA ASN F 384 -32.43 -10.35 15.23
C ASN F 384 -33.81 -9.68 15.12
N ARG F 385 -33.94 -8.39 15.41
CA ARG F 385 -35.22 -7.66 15.29
C ARG F 385 -35.41 -7.25 13.83
N ALA F 386 -36.50 -7.70 13.22
CA ALA F 386 -36.77 -7.40 11.81
C ALA F 386 -38.28 -7.42 11.58
N VAL F 387 -38.69 -6.74 10.53
CA VAL F 387 -40.10 -6.61 10.10
C VAL F 387 -40.13 -6.85 8.60
N ILE F 388 -41.14 -7.59 8.15
CA ILE F 388 -41.58 -7.56 6.73
C ILE F 388 -43.04 -7.15 6.74
N ARG F 389 -43.34 -6.15 5.94
CA ARG F 389 -44.72 -5.69 5.68
C ARG F 389 -45.05 -6.02 4.24
N ASP F 390 -46.20 -6.65 4.03
CA ASP F 390 -46.75 -7.05 2.70
C ASP F 390 -48.19 -6.51 2.64
N ASN F 391 -48.45 -5.51 1.81
CA ASN F 391 -49.72 -4.72 1.82
C ASN F 391 -49.89 -4.21 3.25
N ASP F 392 -50.92 -4.64 3.99
CA ASP F 392 -51.16 -4.15 5.37
C ASP F 392 -50.85 -5.25 6.41
N TRP F 393 -50.32 -6.40 5.99
CA TRP F 393 -49.78 -7.43 6.93
C TRP F 393 -48.38 -7.01 7.41
N LYS F 394 -48.14 -7.05 8.70
CA LYS F 394 -46.83 -6.73 9.32
C LYS F 394 -46.40 -7.92 10.19
N LEU F 395 -45.33 -8.61 9.80
CA LEU F 395 -44.68 -9.69 10.59
C LEU F 395 -43.48 -9.06 11.32
N ILE F 396 -43.48 -9.17 12.65
CA ILE F 396 -42.39 -8.66 13.53
C ILE F 396 -41.66 -9.84 14.16
N ARG F 397 -40.36 -9.95 13.90
CA ARG F 397 -39.46 -10.97 14.48
C ARG F 397 -38.71 -10.33 15.64
N TYR F 398 -38.58 -11.07 16.73
CA TYR F 398 -37.92 -10.66 17.99
C TYR F 398 -36.94 -11.75 18.42
N PRO F 399 -35.92 -11.40 19.22
CA PRO F 399 -35.02 -12.40 19.79
C PRO F 399 -35.59 -13.11 21.02
N ASP F 400 -36.61 -12.53 21.68
CA ASP F 400 -37.04 -12.93 23.06
C ASP F 400 -38.51 -13.34 23.14
N ARG F 401 -39.21 -13.49 22.02
CA ARG F 401 -40.65 -13.87 22.02
C ARG F 401 -41.00 -14.33 20.63
N PRO F 402 -42.09 -15.13 20.46
CA PRO F 402 -42.52 -15.57 19.14
C PRO F 402 -42.83 -14.39 18.22
N ALA F 403 -42.60 -14.56 16.93
CA ALA F 403 -42.90 -13.57 15.88
C ALA F 403 -44.40 -13.24 15.93
N GLU F 404 -44.76 -11.96 15.73
CA GLU F 404 -46.16 -11.47 15.80
C GLU F 404 -46.59 -11.01 14.40
N LEU F 405 -47.87 -11.11 14.09
CA LEU F 405 -48.48 -10.70 12.81
C LEU F 405 -49.61 -9.72 13.10
N TYR F 406 -49.57 -8.55 12.45
CA TYR F 406 -50.57 -7.48 12.59
C TYR F 406 -51.21 -7.21 11.22
N ASP F 407 -52.50 -6.92 11.27
CA ASP F 407 -53.24 -6.27 10.15
C ASP F 407 -53.33 -4.78 10.46
N LEU F 408 -52.47 -3.97 9.84
CA LEU F 408 -52.37 -2.52 10.15
C LEU F 408 -53.62 -1.79 9.65
N SER F 409 -54.37 -2.35 8.71
CA SER F 409 -55.62 -1.72 8.19
C SER F 409 -56.70 -1.71 9.28
N SER F 410 -56.65 -2.61 10.27
CA SER F 410 -57.67 -2.68 11.34
C SER F 410 -57.06 -2.50 12.74
N ASP F 411 -55.73 -2.40 12.87
CA ASP F 411 -55.04 -2.48 14.18
C ASP F 411 -53.77 -1.62 14.12
N ILE F 412 -53.97 -0.31 13.99
CA ILE F 412 -52.86 0.69 13.86
C ILE F 412 -51.92 0.56 15.07
N SER F 413 -52.44 0.14 16.23
CA SER F 413 -51.71 0.13 17.52
C SER F 413 -51.09 -1.24 17.83
N GLU F 414 -51.21 -2.21 16.91
CA GLU F 414 -50.52 -3.53 16.98
C GLU F 414 -50.81 -4.20 18.33
N GLN F 415 -52.11 -4.31 18.68
CA GLN F 415 -52.56 -4.93 19.95
C GLN F 415 -53.12 -6.35 19.69
N THR F 416 -53.46 -6.71 18.45
CA THR F 416 -54.13 -8.01 18.15
C THR F 416 -53.21 -8.87 17.27
N ASP F 417 -52.48 -9.78 17.92
CA ASP F 417 -51.55 -10.72 17.24
C ASP F 417 -52.37 -11.76 16.47
N LEU F 418 -52.12 -11.88 15.17
CA LEU F 418 -52.88 -12.78 14.26
C LEU F 418 -52.01 -13.98 13.82
N ALA F 419 -50.81 -14.15 14.40
CA ALA F 419 -49.82 -15.15 13.95
C ALA F 419 -50.42 -16.57 14.05
N ALA F 420 -51.03 -16.90 15.18
CA ALA F 420 -51.55 -18.26 15.47
C ALA F 420 -52.65 -18.62 14.47
N LYS F 421 -53.43 -17.63 14.00
CA LYS F 421 -54.63 -17.84 13.16
C LYS F 421 -54.26 -17.77 11.67
N ASN F 422 -53.01 -17.42 11.33
CA ASN F 422 -52.57 -17.27 9.92
C ASN F 422 -51.21 -17.94 9.75
N PRO F 423 -51.07 -19.24 10.08
CA PRO F 423 -49.77 -19.88 10.12
C PRO F 423 -49.08 -19.98 8.75
N GLU F 424 -49.85 -20.17 7.66
CA GLU F 424 -49.28 -20.30 6.28
C GLU F 424 -48.69 -18.93 5.90
N ARG F 425 -49.40 -17.83 6.17
CA ARG F 425 -48.92 -16.47 5.81
C ARG F 425 -47.67 -16.13 6.65
N VAL F 426 -47.66 -16.44 7.94
CA VAL F 426 -46.47 -16.27 8.83
C VAL F 426 -45.28 -16.97 8.19
N LYS F 427 -45.43 -18.22 7.72
CA LYS F 427 -44.32 -18.99 7.12
C LYS F 427 -43.84 -18.34 5.83
N THR F 428 -44.76 -17.94 4.94
CA THR F 428 -44.38 -17.34 3.63
C THR F 428 -43.68 -16.00 3.88
N MET F 429 -44.15 -15.21 4.84
CA MET F 429 -43.57 -13.87 5.14
C MET F 429 -42.19 -14.02 5.80
N PHE F 430 -42.02 -15.00 6.68
CA PHE F 430 -40.71 -15.41 7.26
C PHE F 430 -39.70 -15.72 6.14
N LYS F 431 -40.09 -16.51 5.14
CA LYS F 431 -39.19 -16.89 4.01
C LYS F 431 -38.79 -15.64 3.21
N SER F 432 -39.75 -14.77 2.90
CA SER F 432 -39.55 -13.48 2.17
C SER F 432 -38.59 -12.58 2.95
N LEU F 433 -38.78 -12.47 4.27
CA LEU F 433 -37.89 -11.68 5.14
C LEU F 433 -36.45 -12.18 5.00
N PHE F 434 -36.24 -13.48 5.16
CA PHE F 434 -34.88 -14.08 5.10
C PHE F 434 -34.27 -13.90 3.71
N GLU F 435 -35.05 -14.07 2.65
CA GLU F 435 -34.61 -13.83 1.24
C GLU F 435 -34.08 -12.38 1.12
N TRP F 436 -34.74 -11.39 1.70
CA TRP F 436 -34.24 -9.98 1.66
C TRP F 436 -32.96 -9.87 2.52
N GLU F 437 -32.93 -10.51 3.69
CA GLU F 437 -31.74 -10.50 4.59
C GLU F 437 -30.50 -11.04 3.86
N LEU F 438 -30.66 -12.04 2.97
CA LEU F 438 -29.54 -12.61 2.17
C LEU F 438 -28.99 -11.61 1.15
N THR F 439 -29.68 -10.51 0.86
CA THR F 439 -29.16 -9.47 -0.08
C THR F 439 -28.35 -8.40 0.68
N LEU F 440 -28.27 -8.49 2.01
CA LEU F 440 -27.62 -7.46 2.86
C LEU F 440 -26.17 -7.85 3.13
N GLU F 441 -25.33 -6.85 3.37
CA GLU F 441 -23.97 -7.04 3.93
C GLU F 441 -24.09 -7.33 5.42
N ARG F 442 -23.04 -7.91 5.99
CA ARG F 442 -22.90 -8.00 7.45
C ARG F 442 -22.66 -6.58 7.94
N PRO F 443 -23.06 -6.25 9.19
CA PRO F 443 -22.88 -4.90 9.72
C PRO F 443 -21.40 -4.47 9.77
N ARG F 444 -21.15 -3.17 9.63
CA ARG F 444 -19.78 -2.60 9.66
C ARG F 444 -19.34 -2.25 11.08
N TRP F 445 -20.28 -2.16 12.02
CA TRP F 445 -20.01 -1.83 13.44
C TRP F 445 -21.17 -2.37 14.26
N LEU F 446 -20.92 -2.63 15.55
CA LEU F 446 -21.88 -3.29 16.44
C LEU F 446 -21.90 -2.55 17.78
N LEU F 447 -23.10 -2.30 18.29
CA LEU F 447 -23.35 -1.72 19.63
C LEU F 447 -22.91 -2.71 20.72
N LYS F 448 -22.60 -2.16 21.89
CA LYS F 448 -22.48 -2.96 23.13
C LYS F 448 -23.75 -3.78 23.30
N ARG F 449 -23.63 -4.99 23.84
CA ARG F 449 -24.75 -5.93 24.00
C ARG F 449 -25.87 -5.30 24.82
N LYS F 450 -25.56 -4.49 25.85
CA LYS F 450 -26.57 -4.02 26.83
C LYS F 450 -27.66 -3.18 26.13
N TYR F 451 -27.39 -2.56 24.98
CA TYR F 451 -28.38 -1.66 24.32
C TYR F 451 -29.58 -2.47 23.79
N GLU F 452 -29.41 -3.76 23.52
CA GLU F 452 -30.54 -4.61 23.06
C GLU F 452 -31.54 -4.82 24.20
N LYS F 453 -31.06 -4.94 25.44
CA LYS F 453 -31.94 -5.04 26.63
C LYS F 453 -32.73 -3.73 26.74
N TYR F 454 -32.04 -2.59 26.66
CA TYR F 454 -32.67 -1.25 26.74
C TYR F 454 -33.76 -1.11 25.67
N ASP F 455 -33.43 -1.47 24.42
CA ASP F 455 -34.35 -1.34 23.27
C ASP F 455 -35.62 -2.16 23.53
N ILE F 456 -35.47 -3.41 23.98
CA ILE F 456 -36.64 -4.32 24.19
C ILE F 456 -37.44 -3.86 25.43
N ASP F 457 -36.77 -3.48 26.52
CA ASP F 457 -37.45 -3.01 27.76
C ASP F 457 -38.26 -1.75 27.47
N ARG F 458 -37.71 -0.79 26.72
CA ARG F 458 -38.46 0.44 26.41
C ARG F 458 -39.68 0.09 25.52
N MET F 459 -39.51 -0.85 24.59
CA MET F 459 -40.64 -1.30 23.74
C MET F 459 -41.77 -1.84 24.64
N ASP F 460 -41.41 -2.66 25.64
CA ASP F 460 -42.42 -3.28 26.54
C ASP F 460 -43.08 -2.21 27.42
N LYS F 461 -42.31 -1.22 27.87
CA LYS F 461 -42.87 -0.09 28.66
C LYS F 461 -43.93 0.65 27.84
N TYR F 462 -43.76 0.78 26.52
CA TYR F 462 -44.68 1.56 25.66
C TYR F 462 -45.43 0.61 24.72
N ARG F 463 -45.78 -0.59 25.19
CA ARG F 463 -46.40 -1.65 24.34
C ARG F 463 -47.88 -1.30 24.07
N LEU F 464 -48.52 -0.54 24.95
CA LEU F 464 -49.95 -0.13 24.77
C LEU F 464 -49.98 1.07 23.82
N PRO F 465 -51.14 1.34 23.17
CA PRO F 465 -51.27 2.51 22.29
C PRO F 465 -51.07 3.79 23.09
N ALA F 466 -50.28 4.74 22.57
CA ALA F 466 -50.18 6.09 23.17
C ALA F 466 -51.48 6.83 22.84
N THR F 467 -51.86 7.81 23.66
CA THR F 467 -53.06 8.65 23.43
C THR F 467 -52.69 10.12 23.62
N GLN F 468 -53.35 11.02 22.89
CA GLN F 468 -53.24 12.49 23.09
C GLN F 468 -53.65 12.84 24.52
N PRO F 469 -52.91 13.68 25.27
CA PRO F 469 -53.19 13.90 26.68
C PRO F 469 -54.57 14.54 26.99
CA CA G . 16.97 45.85 -1.81
C1 G4S H . 22.73 41.14 -4.66
C2 G4S H . 22.68 41.49 -3.18
C3 G4S H . 21.68 40.62 -2.44
C4 G4S H . 20.32 40.74 -3.13
C5 G4S H . 20.50 40.32 -4.58
C6 G4S H . 19.16 40.35 -5.32
O1 G4S H . 23.63 42.04 -5.33
O2 G4S H . 23.97 41.35 -2.59
O3 G4S H . 21.61 41.02 -1.08
O4 G4S H . 19.83 42.07 -3.13
O5 G4S H . 21.43 41.17 -5.25
O6 G4S H . 19.32 39.82 -6.63
S G4S H . 18.48 42.40 -2.53
O7 G4S H . 17.31 41.70 -3.40
O8 G4S H . 18.31 43.81 -2.52
O9 G4S H . 18.41 41.89 -1.21
C2 9RN I . 21.34 40.46 1.24
C4 9RN I . 23.08 38.97 2.09
C5 9RN I . 22.88 38.18 0.83
C6 9RN I . 21.53 37.49 1.06
O4 9RN I . 23.48 38.14 3.16
O5 9RN I . 22.74 39.10 -0.24
O3 9RN I . 20.87 38.29 2.03
C3 9RN I . 21.66 39.44 2.31
O2 9RN I . 22.15 41.61 1.43
C1 9RN I . 21.56 39.91 -0.17
CL CL J . 24.10 43.51 -0.31
ZN ZN K . -3.02 69.17 -9.45
ZN ZN L . -3.65 70.26 -6.45
C1 EDO M . -3.53 34.29 -6.50
O1 EDO M . -2.40 33.46 -6.26
C2 EDO M . -3.52 35.53 -5.69
O2 EDO M . -2.55 36.50 -6.07
CA CA N . 14.71 8.44 22.11
CL CL O . 8.59 12.75 23.81
C1 G4S P . 7.22 9.98 19.60
C2 G4S P . 7.98 11.00 20.44
C3 G4S P . 8.95 11.79 19.58
C4 G4S P . 9.89 10.83 18.86
C5 G4S P . 9.04 9.83 18.09
C6 G4S P . 9.88 8.79 17.36
O1 G4S P . 6.37 9.20 20.44
O2 G4S P . 7.06 11.87 21.09
O3 G4S P . 9.67 12.67 20.44
O4 G4S P . 10.71 10.13 19.80
O5 G4S P . 8.14 9.13 18.92
O6 G4S P . 9.02 8.06 16.48
S G4S P . 12.21 9.95 19.62
O7 G4S P . 12.46 9.31 18.38
O8 G4S P . 12.87 11.20 19.63
O9 G4S P . 12.74 9.03 20.84
C2 9RN Q . 10.79 14.78 20.71
C4 9RN Q . 9.30 16.69 20.47
C5 9RN Q . 8.71 15.99 19.28
C6 9RN Q . 9.78 16.12 18.22
O4 9RN Q . 9.21 18.10 20.32
O5 9RN Q . 8.59 14.62 19.64
O3 9RN Q . 11.00 16.33 18.94
C3 9RN Q . 10.73 16.24 20.33
O2 9RN Q . 10.45 14.61 22.08
C1 9RN Q . 9.83 13.95 19.83
CA CA R . -1.36 1.62 -22.79
CL CL S . -2.19 -2.52 -16.58
C1 EDO T . 17.39 5.67 -37.39
O1 EDO T . 17.47 4.79 -36.28
C2 EDO T . 16.09 5.61 -38.13
O2 EDO T . 14.89 5.92 -37.39
C1 G4S U . 1.98 0.24 -15.68
C2 G4S U . 1.07 -0.79 -16.36
C3 G4S U . 1.82 -1.58 -17.43
C4 G4S U . 2.51 -0.62 -18.39
C5 G4S U . 3.41 0.31 -17.60
C6 G4S U . 4.08 1.29 -18.55
O1 G4S U . 1.19 1.07 -14.83
O2 G4S U . 0.53 -1.68 -15.38
O3 G4S U . 0.91 -2.45 -18.13
O4 G4S U . 1.55 0.14 -19.09
O5 G4S U . 2.67 1.04 -16.63
O6 G4S U . 5.01 2.09 -17.83
S G4S U . 1.55 0.24 -20.60
O7 G4S U . 2.74 0.84 -21.09
O8 G4S U . 0.28 1.14 -21.03
O9 G4S U . 1.44 -1.07 -21.15
C2 9RN V . 0.59 -4.63 -19.17
C4 9RN V . 1.06 -6.50 -17.68
C5 9RN V . 2.29 -5.74 -17.27
C6 9RN V . 3.21 -5.87 -18.48
O4 9RN V . 1.25 -7.91 -17.57
O5 9RN V . 1.91 -4.38 -17.12
O3 9RN V . 2.35 -6.17 -19.58
C3 9RN V . 1.01 -6.09 -19.13
O2 9RN V . -0.74 -4.49 -18.70
C1 9RN V . 1.53 -3.73 -18.34
CA CA W . -15.34 -29.96 12.01
CL CL X . -19.00 -28.36 5.51
ZN ZN Y . -3.60 -51.61 32.18
ZN ZN Z . -6.33 -52.13 34.03
C1 EDO AA . -3.26 -17.93 28.09
O1 EDO AA . -3.43 -18.96 27.11
C2 EDO AA . -2.28 -16.89 27.71
O2 EDO AA . -2.65 -16.24 26.50
C1 G4S BA . -14.28 -26.57 4.89
C2 G4S BA . -15.67 -26.70 5.49
C3 G4S BA . -15.94 -25.64 6.55
C4 G4S BA . -14.81 -25.62 7.58
C5 G4S BA . -13.50 -25.45 6.84
C6 G4S BA . -12.33 -25.36 7.79
O1 G4S BA . -14.02 -27.66 4.02
O2 G4S BA . -16.65 -26.59 4.46
O3 G4S BA . -17.19 -25.88 7.18
O4 G4S BA . -14.79 -26.84 8.31
O5 G4S BA . -13.31 -26.54 5.92
O6 G4S BA . -11.15 -25.09 7.04
S G4S BA . -14.85 -26.89 9.83
O7 G4S BA . -13.74 -26.19 10.38
O8 G4S BA . -16.04 -26.27 10.30
O9 G4S BA . -14.83 -28.44 10.30
C2 9RN CA . -19.20 -24.88 8.09
C4 9RN CA . -20.42 -23.46 6.56
C5 9RN CA . -19.09 -22.95 6.08
C6 9RN CA . -18.65 -22.04 7.20
O4 9RN CA . -21.43 -22.47 6.38
O5 9RN CA . -18.23 -24.08 6.02
O3 9RN CA . -19.32 -22.50 8.37
C3 9RN CA . -20.09 -23.65 8.01
O2 9RN CA . -19.88 -26.02 7.56
C1 9RN CA . -17.92 -24.64 7.30
CA CA DA . 21.92 -35.83 -28.06
CL CL EA . 19.62 -33.65 -34.81
ZN ZN FA . 32.22 -58.91 -8.62
ZN ZN GA . 29.26 -59.90 -7.56
C1 EDO HA . 29.09 -25.20 -8.25
O1 EDO HA . 29.09 -26.03 -9.42
C2 EDO HA . 29.77 -23.89 -8.48
O2 EDO HA . 29.31 -23.23 -9.67
C1 G4S IA . 24.04 -31.30 -34.29
C2 G4S IA . 22.58 -31.63 -34.01
C3 G4S IA . 22.05 -30.72 -32.91
C4 G4S IA . 22.95 -30.76 -31.68
C5 G4S IA . 24.36 -30.43 -32.08
C6 G4S IA . 25.29 -30.48 -30.87
O1 G4S IA . 24.59 -32.25 -35.20
O2 G4S IA . 21.79 -31.49 -35.19
O3 G4S IA . 20.74 -31.17 -32.59
O4 G4S IA . 22.92 -32.07 -31.12
O5 G4S IA . 24.81 -31.33 -33.10
O6 G4S IA . 26.55 -29.90 -31.18
S G4S IA . 22.52 -32.32 -29.67
O7 G4S IA . 23.47 -31.69 -28.84
O8 G4S IA . 21.23 -31.80 -29.39
O9 G4S IA . 22.59 -33.92 -29.38
C2 9RN JA . 18.51 -30.57 -32.00
C4 9RN JA . 17.46 -29.10 -33.60
C5 9RN JA . 18.75 -28.31 -33.64
C6 9RN JA . 18.72 -27.56 -32.32
O4 9RN JA . 16.34 -28.25 -33.88
O5 9RN JA . 19.82 -29.24 -33.61
O3 9RN JA . 17.91 -28.35 -31.44
C3 9RN JA . 17.46 -29.50 -32.15
O2 9RN JA . 18.17 -31.73 -32.76
C1 9RN JA . 19.88 -30.04 -32.42
CA CA KA . -33.08 10.58 16.53
CL CL LA . -32.81 7.26 23.30
C1 EDO MA . -19.85 9.97 -2.77
O1 EDO MA . -20.54 10.84 -1.87
C2 EDO MA . -18.37 10.05 -2.71
O2 EDO MA . -17.80 9.46 -1.55
C1 G4S NA . -28.29 9.65 22.76
C2 G4S NA . -29.43 8.67 22.47
C3 G4S NA . -29.02 7.69 21.39
C4 G4S NA . -28.54 8.44 20.14
C5 G4S NA . -27.41 9.37 20.57
C6 G4S NA . -26.82 10.14 19.39
O1 G4S NA . -28.72 10.62 23.71
O2 G4S NA . -29.78 7.98 23.67
O3 G4S NA . -30.12 6.84 21.09
O4 G4S NA . -29.59 9.18 19.54
O5 G4S NA . -27.87 10.30 21.57
O6 G4S NA . -25.62 10.81 19.80
S G4S NA . -29.98 9.00 18.07
O7 G4S NA . -28.73 9.42 17.13
O8 G4S NA . -31.12 9.78 17.79
O9 G4S NA . -30.29 7.64 17.86
C2 9RN OA . -30.90 4.64 20.53
C4 9RN OA . -30.23 2.92 22.10
C5 9RN OA . -28.87 3.56 22.12
C6 9RN OA . -28.28 3.17 20.78
O4 9RN OA . -30.11 1.53 22.38
O5 9RN OA . -29.08 4.97 22.13
O3 9RN OA . -29.38 2.93 19.92
C3 9RN OA . -30.58 3.16 20.65
O2 9RN OA . -32.02 4.97 21.34
C1 9RN OA . -29.69 5.47 20.94
#